data_8ETF
#
_entry.id   8ETF
#
_cell.length_a   104.523
_cell.length_b   147.994
_cell.length_c   104.563
_cell.angle_alpha   90.000
_cell.angle_beta   94.820
_cell.angle_gamma   90.000
#
_symmetry.space_group_name_H-M   'P 1 21 1'
#
loop_
_entity.id
_entity.type
_entity.pdbx_description
1 polymer 'Choloylglycine hydrolase'
2 non-polymer '(5R)-1-fluoro-5-[(1R,3aS,3bR,5aR,7R,9aS,9bS,11aR)-7-hydroxy-9a,11a-dimethylhexadecahydro-1H-cyclopenta[a]phenanthren-1-yl]hexan-2-one (non-preferred name)'
3 non-polymer 'NICKEL (II) ION'
4 water water
#
_entity_poly.entity_id   1
_entity_poly.type   'polypeptide(L)'
_entity_poly.pdbx_seq_one_letter_code
;MCTSILYSPKDHYFGRNLDYEIAYGQKVVITPRNYEFKFANLPAEKSHYAMIGIAAVANNTPLYCDAINEKGLGVAGLSF
AGQGKYFPVVEDKKNIASFEFISYILATYETVDQVKENLTDVNISDVSFSKNTPASELHWLVGDKTGKSIVVESDEKGLH
VYDNPVNALTNAPLFPQQLTNLANYAAVVPGQPNNDFLPGVDLKMYSRSLGTHHLPGGMDSESRFVKVCFALNHAPKDSD
EVESVTNFFHILQSVEQVKGMDEVGPNIFEYTMYTSCMNLEKGILYFNCYDDSRISAVDMNKEDLSSSDLIVFDLFKKQD
ISFINHHHHHH
;
_entity_poly.pdbx_strand_id   H,A,B,C,D,E,F,G
#
loop_
_chem_comp.id
_chem_comp.type
_chem_comp.name
_chem_comp.formula
NI non-polymer 'NICKEL (II) ION' 'Ni 2'
WU5 non-polymer '(5R)-1-fluoro-5-[(1R,3aS,3bR,5aR,7R,9aS,9bS,11aR)-7-hydroxy-9a,11a-dimethylhexadecahydro-1H-cyclopenta[a]phenanthren-1-yl]hexan-2-one (non-preferred name)' 'C25 H41 F O2'
#
# COMPACT_ATOMS: atom_id res chain seq x y z
N CYS A 2 9.53 29.64 -3.83
CA CYS A 2 8.23 29.72 -4.50
C CYS A 2 7.72 31.10 -4.88
N THR A 3 6.89 31.06 -5.92
CA THR A 3 6.34 32.20 -6.61
C THR A 3 4.89 31.87 -6.97
N SER A 4 3.97 32.74 -6.62
CA SER A 4 2.56 32.54 -6.94
C SER A 4 2.02 33.75 -7.68
N ILE A 5 1.17 33.53 -8.70
CA ILE A 5 0.60 34.62 -9.49
C ILE A 5 -0.88 34.41 -9.74
N LEU A 6 -1.58 35.53 -9.98
CA LEU A 6 -2.91 35.56 -10.59
C LEU A 6 -2.81 36.30 -11.92
N TYR A 7 -3.21 35.64 -13.00
CA TYR A 7 -3.09 36.12 -14.37
C TYR A 7 -4.48 36.25 -14.97
N SER A 8 -4.78 37.42 -15.57
CA SER A 8 -6.16 37.75 -15.97
C SER A 8 -6.29 38.16 -17.44
N PRO A 9 -5.84 37.33 -18.38
CA PRO A 9 -5.91 37.75 -19.79
C PRO A 9 -7.33 37.80 -20.33
N LYS A 10 -8.21 36.92 -19.85
CA LYS A 10 -9.60 36.83 -20.30
C LYS A 10 -10.33 36.00 -19.27
N ASP A 11 -10.17 34.68 -19.30
CA ASP A 11 -10.36 33.91 -18.08
C ASP A 11 -9.27 34.28 -17.06
N HIS A 12 -9.38 33.72 -15.85
CA HIS A 12 -8.47 33.99 -14.73
C HIS A 12 -7.77 32.72 -14.30
N TYR A 13 -6.44 32.80 -14.15
CA TYR A 13 -5.58 31.67 -13.87
C TYR A 13 -4.77 31.94 -12.62
N PHE A 14 -4.71 30.95 -11.73
CA PHE A 14 -4.09 31.08 -10.42
C PHE A 14 -3.16 29.90 -10.20
N GLY A 15 -1.95 30.15 -9.71
CA GLY A 15 -1.03 29.04 -9.54
C GLY A 15 0.34 29.48 -9.04
N ARG A 16 1.25 28.52 -9.08
CA ARG A 16 2.56 28.79 -8.47
C ARG A 16 3.66 27.83 -8.89
N ASN A 17 4.88 28.24 -8.65
CA ASN A 17 6.02 27.32 -8.80
C ASN A 17 6.29 26.83 -7.38
N LEU A 18 6.51 25.53 -7.19
CA LEU A 18 6.96 25.08 -5.85
C LEU A 18 8.46 24.82 -5.93
N ASP A 19 9.23 25.65 -5.25
CA ASP A 19 10.70 25.54 -5.27
C ASP A 19 11.16 24.99 -3.92
N TYR A 20 11.73 23.80 -3.91
CA TYR A 20 12.26 23.26 -2.64
C TYR A 20 13.31 22.18 -2.91
N GLU A 21 13.92 21.71 -1.84
CA GLU A 21 14.94 20.67 -1.98
C GLU A 21 14.41 19.27 -1.74
N ILE A 22 13.19 19.12 -1.27
CA ILE A 22 12.65 17.79 -0.97
C ILE A 22 11.14 17.84 -1.16
N ALA A 23 10.58 16.75 -1.68
CA ALA A 23 9.15 16.64 -1.92
C ALA A 23 8.44 16.08 -0.69
N TYR A 24 7.14 16.40 -0.57
CA TYR A 24 6.27 15.94 0.51
C TYR A 24 5.16 15.03 -0.02
N GLY A 25 5.46 14.23 -1.04
CA GLY A 25 4.47 13.32 -1.60
C GLY A 25 3.28 14.01 -2.26
N GLN A 26 3.50 15.18 -2.87
CA GLN A 26 2.36 15.92 -3.43
C GLN A 26 1.72 15.17 -4.59
N LYS A 27 0.39 15.30 -4.68
CA LYS A 27 -0.39 14.74 -5.77
C LYS A 27 -1.46 15.76 -6.14
N VAL A 28 -2.09 15.56 -7.31
CA VAL A 28 -3.31 16.31 -7.61
C VAL A 28 -4.45 15.71 -6.79
N VAL A 29 -5.14 16.55 -6.02
CA VAL A 29 -6.20 16.10 -5.13
C VAL A 29 -7.44 16.94 -5.34
N ILE A 30 -8.57 16.30 -5.65
CA ILE A 30 -9.88 16.93 -5.59
C ILE A 30 -10.53 16.54 -4.28
N THR A 31 -11.01 17.54 -3.56
CA THR A 31 -11.84 17.26 -2.38
C THR A 31 -13.28 17.54 -2.76
N PRO A 32 -14.16 16.53 -2.79
CA PRO A 32 -15.55 16.75 -3.17
C PRO A 32 -16.35 17.41 -2.04
N ARG A 33 -17.60 17.74 -2.35
CA ARG A 33 -18.45 18.56 -1.47
C ARG A 33 -18.72 17.91 -0.12
N ASN A 34 -18.75 16.58 -0.07
CA ASN A 34 -19.18 15.89 1.14
C ASN A 34 -18.05 15.14 1.81
N TYR A 35 -16.79 15.38 1.40
CA TYR A 35 -15.69 15.03 2.28
C TYR A 35 -15.83 15.85 3.55
N GLU A 36 -15.67 15.21 4.70
CA GLU A 36 -15.89 15.87 5.96
C GLU A 36 -14.56 16.39 6.48
N PHE A 37 -14.43 17.71 6.56
CA PHE A 37 -13.30 18.35 7.22
C PHE A 37 -13.50 18.32 8.73
N LYS A 38 -12.50 17.83 9.44
CA LYS A 38 -12.46 17.97 10.89
C LYS A 38 -11.45 19.08 11.18
N PHE A 39 -11.96 20.28 11.38
CA PHE A 39 -11.09 21.40 11.72
C PHE A 39 -10.71 21.37 13.19
N ALA A 40 -9.53 21.90 13.49
CA ALA A 40 -8.96 21.74 14.83
C ALA A 40 -9.81 22.43 15.89
N ASN A 41 -10.20 23.68 15.63
CA ASN A 41 -10.87 24.49 16.64
C ASN A 41 -12.09 25.17 16.05
N LEU A 42 -12.68 24.57 15.03
CA LEU A 42 -13.85 25.06 14.35
C LEU A 42 -14.82 23.92 14.15
N PRO A 43 -16.11 24.21 13.96
CA PRO A 43 -17.08 23.13 13.69
C PRO A 43 -16.72 22.36 12.43
N ALA A 44 -17.02 21.06 12.45
CA ALA A 44 -16.81 20.25 11.27
C ALA A 44 -17.79 20.61 10.18
N GLU A 45 -17.34 20.51 8.93
CA GLU A 45 -18.14 20.91 7.77
C GLU A 45 -18.27 19.68 6.88
N LYS A 46 -19.45 19.03 6.96
CA LYS A 46 -19.74 17.85 6.15
C LYS A 46 -20.29 18.19 4.76
N SER A 47 -20.60 19.45 4.49
CA SER A 47 -21.04 19.89 3.16
C SER A 47 -20.49 21.28 2.90
N HIS A 48 -19.82 21.46 1.77
CA HIS A 48 -19.01 22.66 1.50
C HIS A 48 -18.67 22.68 0.01
N TYR A 49 -17.97 23.73 -0.43
CA TYR A 49 -17.54 23.76 -1.82
C TYR A 49 -16.53 22.65 -2.11
N ALA A 50 -16.55 22.15 -3.36
CA ALA A 50 -15.52 21.25 -3.83
C ALA A 50 -14.27 22.06 -4.19
N MET A 51 -13.09 21.44 -4.08
CA MET A 51 -11.88 22.14 -4.53
C MET A 51 -10.97 21.19 -5.27
N ILE A 52 -10.02 21.74 -6.03
CA ILE A 52 -8.97 20.97 -6.68
C ILE A 52 -7.65 21.70 -6.48
N GLY A 53 -6.58 20.96 -6.22
CA GLY A 53 -5.27 21.58 -6.04
C GLY A 53 -4.19 20.53 -5.90
N ILE A 54 -3.04 20.98 -5.44
CA ILE A 54 -1.90 20.13 -5.17
C ILE A 54 -1.80 19.95 -3.68
N ALA A 55 -1.74 18.70 -3.21
CA ALA A 55 -1.74 18.46 -1.77
C ALA A 55 -0.86 17.29 -1.40
N ALA A 56 -0.36 17.33 -0.17
CA ALA A 56 0.03 16.10 0.52
C ALA A 56 -1.21 15.50 1.17
N VAL A 57 -1.30 14.17 1.15
CA VAL A 57 -2.38 13.46 1.82
C VAL A 57 -1.77 12.68 2.98
N ALA A 58 -2.20 12.99 4.19
CA ALA A 58 -1.84 12.24 5.39
C ALA A 58 -3.11 11.92 6.16
N ASN A 59 -3.25 10.66 6.58
CA ASN A 59 -4.42 10.22 7.34
C ASN A 59 -5.73 10.67 6.68
N ASN A 60 -5.86 10.36 5.38
CA ASN A 60 -7.05 10.73 4.59
C ASN A 60 -7.40 12.22 4.74
N THR A 61 -6.38 13.06 4.85
CA THR A 61 -6.60 14.50 5.01
C THR A 61 -5.80 15.23 3.92
N PRO A 62 -6.44 16.13 3.17
CA PRO A 62 -5.68 16.90 2.17
C PRO A 62 -5.01 18.15 2.76
N LEU A 63 -3.68 18.12 2.79
CA LEU A 63 -2.88 19.24 3.26
C LEU A 63 -2.44 20.00 2.01
N TYR A 64 -3.24 20.99 1.59
CA TYR A 64 -3.01 21.65 0.31
C TYR A 64 -1.83 22.61 0.36
N CYS A 65 -1.08 22.65 -0.74
CA CYS A 65 -0.09 23.70 -0.96
C CYS A 65 -0.66 24.86 -1.79
N ASP A 66 -1.61 24.55 -2.67
CA ASP A 66 -2.32 25.53 -3.49
C ASP A 66 -3.52 24.86 -4.13
N ALA A 67 -4.63 25.60 -4.23
CA ALA A 67 -5.88 25.01 -4.68
C ALA A 67 -6.85 26.10 -5.07
N ILE A 68 -7.88 25.70 -5.82
CA ILE A 68 -9.00 26.58 -6.19
C ILE A 68 -10.30 25.84 -5.88
N ASN A 69 -11.38 26.60 -5.66
CA ASN A 69 -12.65 25.93 -5.42
C ASN A 69 -13.56 26.10 -6.63
N GLU A 70 -14.74 25.45 -6.59
CA GLU A 70 -15.65 25.44 -7.73
C GLU A 70 -16.31 26.79 -7.97
N LYS A 71 -16.18 27.74 -7.06
CA LYS A 71 -16.72 29.08 -7.25
C LYS A 71 -15.70 30.06 -7.82
N GLY A 72 -14.45 29.64 -8.04
CA GLY A 72 -13.46 30.51 -8.64
C GLY A 72 -12.63 31.33 -7.66
N LEU A 73 -12.43 30.83 -6.46
CA LEU A 73 -11.50 31.40 -5.48
C LEU A 73 -10.27 30.50 -5.42
N GLY A 74 -9.10 31.09 -5.22
CA GLY A 74 -7.88 30.32 -5.10
C GLY A 74 -7.02 30.85 -3.96
N VAL A 75 -6.27 29.93 -3.35
CA VAL A 75 -5.32 30.24 -2.27
C VAL A 75 -4.06 29.43 -2.51
N ALA A 76 -2.90 30.07 -2.34
CA ALA A 76 -1.60 29.41 -2.38
C ALA A 76 -0.84 29.71 -1.10
N GLY A 77 -0.23 28.69 -0.52
CA GLY A 77 0.59 28.86 0.67
C GLY A 77 2.06 28.80 0.30
N LEU A 78 2.82 29.80 0.74
CA LEU A 78 4.25 29.90 0.43
C LEU A 78 5.03 30.04 1.73
N SER A 79 6.27 29.56 1.71
CA SER A 79 7.10 29.65 2.91
C SER A 79 7.30 31.10 3.34
N PHE A 80 7.26 31.33 4.64
CA PHE A 80 7.43 32.63 5.28
C PHE A 80 8.39 32.50 6.46
N ALA A 81 9.32 31.55 6.37
CA ALA A 81 10.23 31.26 7.48
C ALA A 81 11.04 32.50 7.87
N GLY A 82 11.18 32.72 9.18
CA GLY A 82 11.89 33.86 9.73
C GLY A 82 11.09 35.14 9.81
N GLN A 83 9.91 35.17 9.21
CA GLN A 83 9.03 36.34 9.26
C GLN A 83 7.75 36.06 10.03
N GLY A 84 7.19 34.85 9.88
CA GLY A 84 5.86 34.58 10.37
C GLY A 84 5.84 34.24 11.84
N LYS A 85 4.64 34.31 12.41
CA LYS A 85 4.43 33.90 13.79
C LYS A 85 2.97 33.48 13.93
N TYR A 86 2.73 32.35 14.60
CA TYR A 86 1.39 31.89 14.92
C TYR A 86 1.15 32.03 16.42
N PHE A 87 -0.12 32.03 16.82
CA PHE A 87 -0.46 32.40 18.19
C PHE A 87 -1.34 31.34 18.83
N PRO A 88 -1.32 31.23 20.16
CA PRO A 88 -2.13 30.20 20.81
C PRO A 88 -3.63 30.43 20.59
N VAL A 89 -4.39 29.33 20.55
CA VAL A 89 -5.85 29.39 20.47
C VAL A 89 -6.39 30.37 21.51
N VAL A 90 -7.29 31.26 21.09
CA VAL A 90 -7.90 32.22 22.01
C VAL A 90 -9.40 32.20 21.86
N GLU A 91 -10.10 32.50 22.97
CA GLU A 91 -11.55 32.35 23.03
C GLU A 91 -12.29 33.48 22.32
N ASP A 92 -11.66 34.63 22.13
CA ASP A 92 -12.31 35.80 21.55
C ASP A 92 -12.23 35.83 20.03
N LYS A 93 -11.84 34.74 19.37
CA LYS A 93 -11.57 34.80 17.94
C LYS A 93 -11.87 33.46 17.28
N LYS A 94 -11.91 33.51 15.95
CA LYS A 94 -12.00 32.32 15.12
C LYS A 94 -10.59 31.80 14.87
N ASN A 95 -10.27 30.62 15.42
CA ASN A 95 -8.93 30.06 15.37
C ASN A 95 -8.82 29.10 14.19
N ILE A 96 -7.99 29.45 13.20
CA ILE A 96 -7.71 28.61 12.03
C ILE A 96 -6.26 28.16 12.11
N ALA A 97 -6.03 26.85 12.11
CA ALA A 97 -4.66 26.38 12.12
C ALA A 97 -4.02 26.58 10.76
N SER A 98 -2.71 26.76 10.75
CA SER A 98 -2.05 27.15 9.51
C SER A 98 -2.15 26.04 8.46
N PHE A 99 -2.05 24.77 8.88
CA PHE A 99 -2.06 23.69 7.91
C PHE A 99 -3.44 23.52 7.26
N GLU A 100 -4.49 24.09 7.83
CA GLU A 100 -5.83 23.95 7.29
C GLU A 100 -6.38 25.27 6.74
N PHE A 101 -5.56 26.32 6.62
CA PHE A 101 -6.08 27.61 6.16
C PHE A 101 -6.60 27.53 4.73
N ILE A 102 -5.88 26.87 3.82
CA ILE A 102 -6.38 26.78 2.44
C ILE A 102 -7.70 26.02 2.40
N SER A 103 -7.76 24.85 3.04
CA SER A 103 -8.98 24.05 3.10
C SER A 103 -10.15 24.86 3.60
N TYR A 104 -9.98 25.54 4.73
CA TYR A 104 -11.09 26.24 5.35
C TYR A 104 -11.61 27.36 4.48
N ILE A 105 -10.71 28.20 3.97
CA ILE A 105 -11.11 29.33 3.14
C ILE A 105 -11.82 28.85 1.88
N LEU A 106 -11.28 27.83 1.23
CA LEU A 106 -11.89 27.36 -0.01
C LEU A 106 -13.17 26.56 0.24
N ALA A 107 -13.31 25.96 1.43
CA ALA A 107 -14.53 25.23 1.75
C ALA A 107 -15.72 26.17 1.91
N THR A 108 -15.45 27.41 2.35
CA THR A 108 -16.43 28.27 2.98
C THR A 108 -16.77 29.52 2.18
N TYR A 109 -15.84 30.07 1.40
CA TYR A 109 -16.05 31.37 0.78
C TYR A 109 -15.88 31.29 -0.74
N GLU A 110 -16.34 32.34 -1.42
CA GLU A 110 -16.33 32.40 -2.88
C GLU A 110 -15.51 33.54 -3.46
N THR A 111 -15.25 34.62 -2.73
CA THR A 111 -14.62 35.79 -3.32
C THR A 111 -13.56 36.36 -2.39
N VAL A 112 -12.66 37.15 -2.98
CA VAL A 112 -11.63 37.82 -2.18
C VAL A 112 -12.28 38.78 -1.17
N ASP A 113 -13.30 39.52 -1.61
CA ASP A 113 -14.00 40.44 -0.70
C ASP A 113 -14.60 39.70 0.48
N GLN A 114 -15.18 38.52 0.24
CA GLN A 114 -15.72 37.73 1.32
C GLN A 114 -14.64 37.29 2.29
N VAL A 115 -13.47 36.91 1.78
CA VAL A 115 -12.37 36.54 2.66
C VAL A 115 -11.90 37.74 3.48
N LYS A 116 -11.79 38.93 2.85
CA LYS A 116 -11.37 40.11 3.61
C LYS A 116 -12.32 40.38 4.77
N GLU A 117 -13.63 40.30 4.53
CA GLU A 117 -14.62 40.58 5.56
C GLU A 117 -14.47 39.61 6.75
N ASN A 118 -14.36 38.32 6.45
CA ASN A 118 -14.38 37.31 7.49
C ASN A 118 -13.04 37.06 8.17
N LEU A 119 -11.97 37.72 7.73
CA LEU A 119 -10.70 37.55 8.42
C LEU A 119 -10.52 38.52 9.58
N THR A 120 -11.42 39.50 9.75
CA THR A 120 -11.22 40.51 10.78
C THR A 120 -11.22 39.89 12.18
N ASP A 121 -11.93 38.77 12.36
CA ASP A 121 -12.06 38.17 13.69
C ASP A 121 -11.20 36.92 13.85
N VAL A 122 -10.15 36.76 13.04
CA VAL A 122 -9.47 35.47 12.90
C VAL A 122 -8.10 35.53 13.56
N ASN A 123 -7.71 34.38 14.13
CA ASN A 123 -6.38 34.15 14.66
C ASN A 123 -5.82 32.90 14.00
N ILE A 124 -4.62 33.01 13.42
CA ILE A 124 -3.96 31.84 12.84
C ILE A 124 -3.21 31.16 13.97
N SER A 125 -3.72 30.00 14.40
CA SER A 125 -3.23 29.35 15.60
C SER A 125 -1.96 28.53 15.35
N ASP A 126 -1.27 28.20 16.46
CA ASP A 126 -0.04 27.42 16.43
C ASP A 126 -0.28 25.90 16.46
N VAL A 127 -1.52 25.44 16.28
CA VAL A 127 -1.79 24.01 16.29
C VAL A 127 -1.13 23.35 15.08
N SER A 128 -0.55 22.19 15.30
CA SER A 128 0.06 21.43 14.20
C SER A 128 -0.78 20.21 13.87
N PHE A 129 -0.55 19.66 12.67
CA PHE A 129 -1.37 18.57 12.18
C PHE A 129 -1.18 17.30 13.01
N SER A 130 0.07 17.01 13.41
CA SER A 130 0.39 15.84 14.22
C SER A 130 1.71 16.11 14.94
N LYS A 131 2.02 15.26 15.93
CA LYS A 131 3.33 15.36 16.60
C LYS A 131 4.47 15.16 15.62
N ASN A 132 4.24 14.37 14.57
CA ASN A 132 5.26 14.08 13.57
C ASN A 132 5.43 15.21 12.55
N THR A 133 4.49 16.17 12.48
CA THR A 133 4.51 17.24 11.48
C THR A 133 4.28 18.60 12.14
N PRO A 134 5.36 19.24 12.64
CA PRO A 134 5.24 20.62 13.12
C PRO A 134 4.71 21.57 12.05
N ALA A 135 4.16 22.69 12.50
CA ALA A 135 3.48 23.64 11.63
C ALA A 135 4.52 24.48 10.87
N SER A 136 4.65 24.28 9.57
CA SER A 136 5.64 25.11 8.90
C SER A 136 5.09 26.53 8.72
N GLU A 137 6.02 27.49 8.61
CA GLU A 137 5.70 28.91 8.57
C GLU A 137 5.30 29.33 7.15
N LEU A 138 4.07 29.82 7.00
CA LEU A 138 3.47 30.10 5.71
C LEU A 138 2.88 31.50 5.68
N HIS A 139 2.78 32.08 4.49
CA HIS A 139 1.85 33.16 4.21
C HIS A 139 1.13 32.84 2.90
N TRP A 140 0.02 33.54 2.63
CA TRP A 140 -0.88 33.12 1.56
C TRP A 140 -1.20 34.24 0.58
N LEU A 141 -1.31 33.86 -0.69
CA LEU A 141 -1.94 34.66 -1.73
C LEU A 141 -3.36 34.14 -1.96
N VAL A 142 -4.32 35.06 -2.07
CA VAL A 142 -5.73 34.73 -2.30
C VAL A 142 -6.20 35.53 -3.50
N GLY A 143 -6.74 34.86 -4.52
CA GLY A 143 -7.21 35.56 -5.70
C GLY A 143 -8.53 35.00 -6.19
N ASP A 144 -9.21 35.78 -7.03
CA ASP A 144 -10.47 35.25 -7.59
C ASP A 144 -10.71 35.83 -8.98
N LYS A 145 -11.91 35.58 -9.50
CA LYS A 145 -12.27 35.89 -10.88
C LYS A 145 -12.45 37.38 -11.11
N THR A 146 -12.41 38.22 -10.08
CA THR A 146 -12.41 39.65 -10.35
C THR A 146 -11.05 40.14 -10.81
N GLY A 147 -10.02 39.30 -10.73
CA GLY A 147 -8.69 39.75 -11.12
C GLY A 147 -7.93 40.46 -10.03
N LYS A 148 -8.41 40.44 -8.80
CA LYS A 148 -7.76 41.07 -7.67
C LYS A 148 -7.32 40.00 -6.68
N SER A 149 -6.29 40.31 -5.90
CA SER A 149 -5.78 39.38 -4.92
C SER A 149 -5.51 40.12 -3.62
N ILE A 150 -5.33 39.33 -2.55
CA ILE A 150 -4.89 39.83 -1.26
C ILE A 150 -3.77 38.92 -0.77
N VAL A 151 -2.99 39.44 0.17
CA VAL A 151 -1.91 38.74 0.85
C VAL A 151 -2.28 38.61 2.32
N VAL A 152 -2.17 37.40 2.86
CA VAL A 152 -2.49 37.14 4.26
C VAL A 152 -1.21 36.76 4.99
N GLU A 153 -0.84 37.55 6.00
CA GLU A 153 0.41 37.38 6.72
C GLU A 153 0.15 37.49 8.22
N SER A 154 0.51 36.45 8.96
CA SER A 154 0.53 36.48 10.41
C SER A 154 1.98 36.63 10.87
N ASP A 155 2.30 37.73 11.53
CA ASP A 155 3.68 37.97 11.99
C ASP A 155 3.67 38.41 13.46
N GLU A 156 4.80 38.97 13.90
CA GLU A 156 4.95 39.39 15.30
C GLU A 156 3.84 40.33 15.74
N LYS A 157 3.38 41.21 14.84
CA LYS A 157 2.37 42.20 15.21
C LYS A 157 0.94 41.72 14.97
N GLY A 158 0.76 40.44 14.64
CA GLY A 158 -0.54 39.85 14.45
C GLY A 158 -0.84 39.48 13.02
N LEU A 159 -2.14 39.34 12.73
CA LEU A 159 -2.64 38.99 11.42
C LEU A 159 -2.87 40.26 10.59
N HIS A 160 -2.41 40.24 9.33
CA HIS A 160 -2.53 41.36 8.41
C HIS A 160 -3.07 40.88 7.08
N VAL A 161 -3.91 41.70 6.47
CA VAL A 161 -4.48 41.41 5.16
C VAL A 161 -4.19 42.63 4.28
N TYR A 162 -3.49 42.41 3.16
CA TYR A 162 -3.07 43.49 2.29
C TYR A 162 -3.70 43.33 0.91
N ASP A 163 -4.19 44.42 0.36
CA ASP A 163 -4.52 44.42 -1.06
C ASP A 163 -3.23 44.26 -1.83
N ASN A 164 -3.26 43.45 -2.89
CA ASN A 164 -2.06 43.15 -3.67
C ASN A 164 -2.18 43.76 -5.07
N PRO A 165 -1.60 44.94 -5.33
CA PRO A 165 -1.78 45.57 -6.63
C PRO A 165 -0.98 44.94 -7.76
N VAL A 166 -0.09 43.97 -7.51
CA VAL A 166 0.73 43.35 -8.54
C VAL A 166 0.42 41.88 -8.75
N ASN A 167 -0.47 41.29 -7.93
CA ASN A 167 -1.00 39.95 -8.14
C ASN A 167 0.07 38.87 -8.13
N ALA A 168 1.08 39.02 -7.25
CA ALA A 168 2.16 38.05 -7.15
C ALA A 168 2.66 38.00 -5.71
N LEU A 169 3.31 36.89 -5.36
CA LEU A 169 3.86 36.74 -4.02
C LEU A 169 5.01 35.73 -4.08
N THR A 170 6.06 35.99 -3.30
CA THR A 170 7.14 35.01 -3.08
C THR A 170 7.27 34.72 -1.59
N ASN A 171 8.45 34.87 -1.03
CA ASN A 171 8.71 34.52 0.38
C ASN A 171 8.93 35.83 1.17
N ALA A 172 10.00 35.95 1.93
CA ALA A 172 10.25 37.13 2.74
C ALA A 172 10.81 38.26 1.87
N PRO A 173 10.77 39.51 2.33
CA PRO A 173 10.33 40.04 3.64
C PRO A 173 8.83 40.27 3.72
N LEU A 174 8.38 41.01 4.73
CA LEU A 174 6.96 41.32 4.88
C LEU A 174 6.44 42.01 3.63
N PHE A 175 5.15 41.80 3.33
CA PHE A 175 4.63 42.28 2.05
C PHE A 175 4.74 43.79 1.83
N PRO A 176 4.54 44.67 2.82
CA PRO A 176 4.75 46.10 2.52
C PRO A 176 6.18 46.41 2.08
N GLN A 177 7.17 45.64 2.55
CA GLN A 177 8.54 45.92 2.14
C GLN A 177 8.77 45.47 0.70
N GLN A 178 8.18 44.33 0.33
CA GLN A 178 8.24 43.85 -1.06
C GLN A 178 7.64 44.87 -2.01
N LEU A 179 6.53 45.47 -1.63
CA LEU A 179 5.92 46.49 -2.48
C LEU A 179 6.82 47.71 -2.62
N THR A 180 7.37 48.20 -1.50
CA THR A 180 8.26 49.37 -1.55
C THR A 180 9.48 49.12 -2.43
N ASN A 181 10.07 47.92 -2.35
CA ASN A 181 11.26 47.62 -3.14
C ASN A 181 11.00 47.70 -4.65
N LEU A 182 9.74 47.54 -5.09
CA LEU A 182 9.43 47.63 -6.53
C LEU A 182 9.72 49.01 -7.10
N ALA A 183 9.54 50.06 -6.29
CA ALA A 183 9.82 51.41 -6.76
C ALA A 183 11.29 51.59 -7.12
N ASN A 184 12.16 50.70 -6.63
CA ASN A 184 13.57 50.76 -6.96
C ASN A 184 13.84 50.37 -8.41
N TYR A 185 12.85 49.80 -9.10
CA TYR A 185 12.98 49.34 -10.49
C TYR A 185 12.13 50.18 -11.43
N ALA A 186 11.71 51.37 -11.00
CA ALA A 186 10.73 52.15 -11.73
C ALA A 186 11.26 52.64 -13.08
N ALA A 187 12.56 52.60 -13.30
CA ALA A 187 13.12 53.02 -14.58
C ALA A 187 13.28 51.86 -15.57
N VAL A 188 12.97 50.62 -15.16
CA VAL A 188 13.09 49.47 -16.05
C VAL A 188 12.04 49.57 -17.15
N VAL A 189 12.43 49.25 -18.40
CA VAL A 189 11.51 49.17 -19.53
C VAL A 189 11.87 47.97 -20.40
N PRO A 190 10.88 47.40 -21.06
CA PRO A 190 11.17 46.26 -21.94
C PRO A 190 12.06 46.63 -23.11
N GLY A 191 12.00 47.87 -23.57
CA GLY A 191 12.75 48.27 -24.74
C GLY A 191 14.01 49.05 -24.40
N GLN A 192 14.22 50.15 -25.10
CA GLN A 192 15.39 51.00 -24.96
C GLN A 192 14.99 52.30 -24.26
N PRO A 193 15.69 52.71 -23.23
CA PRO A 193 15.37 54.00 -22.62
C PRO A 193 15.84 55.13 -23.53
N ASN A 194 15.18 56.28 -23.41
CA ASN A 194 15.74 57.48 -24.01
C ASN A 194 16.95 57.92 -23.19
N ASN A 195 17.97 58.44 -23.87
CA ASN A 195 19.19 58.82 -23.14
C ASN A 195 19.01 60.17 -22.48
N ASP A 196 18.50 60.13 -21.25
CA ASP A 196 18.60 61.25 -20.32
C ASP A 196 19.66 60.99 -19.26
N PHE A 197 20.46 59.94 -19.47
CA PHE A 197 21.58 59.61 -18.59
C PHE A 197 22.75 60.55 -18.83
N LEU A 198 23.21 60.64 -20.07
CA LEU A 198 24.26 61.58 -20.48
C LEU A 198 23.76 62.37 -21.69
N PRO A 199 22.95 63.40 -21.46
CA PRO A 199 22.46 64.23 -22.57
C PRO A 199 23.62 64.82 -23.37
N GLY A 200 23.50 64.77 -24.69
CA GLY A 200 24.53 65.25 -25.58
C GLY A 200 25.59 64.24 -25.94
N VAL A 201 25.58 63.06 -25.33
CA VAL A 201 26.50 61.97 -25.69
C VAL A 201 25.70 60.92 -26.46
N ASP A 202 26.29 60.44 -27.57
CA ASP A 202 25.71 59.33 -28.35
C ASP A 202 26.15 58.01 -27.74
N LEU A 203 25.28 57.40 -26.95
CA LEU A 203 25.58 56.10 -26.38
C LEU A 203 25.26 55.04 -27.43
N LYS A 204 26.16 54.06 -27.58
CA LYS A 204 25.93 52.98 -28.54
C LYS A 204 25.03 51.94 -27.88
N MET A 205 23.78 51.87 -28.32
CA MET A 205 22.83 50.91 -27.74
C MET A 205 23.12 49.55 -28.38
N TYR A 206 24.13 48.87 -27.83
CA TYR A 206 24.75 47.73 -28.51
C TYR A 206 23.92 46.46 -28.40
N SER A 207 22.94 46.41 -27.51
CA SER A 207 22.06 45.27 -27.38
C SER A 207 20.62 45.75 -27.37
N ARG A 208 19.73 44.88 -27.82
CA ARG A 208 18.31 45.06 -27.54
C ARG A 208 18.03 44.98 -26.05
N SER A 209 16.95 45.62 -25.63
CA SER A 209 16.42 45.52 -24.27
C SER A 209 17.43 45.98 -23.19
N LEU A 210 18.23 47.01 -23.48
CA LEU A 210 19.08 47.55 -22.41
C LEU A 210 18.22 48.13 -21.28
N GLY A 211 16.94 48.38 -21.55
CA GLY A 211 16.04 48.81 -20.50
C GLY A 211 15.83 47.79 -19.40
N THR A 212 16.19 46.52 -19.64
CA THR A 212 16.06 45.50 -18.62
C THR A 212 17.39 45.10 -18.03
N HIS A 213 18.46 45.86 -18.33
CA HIS A 213 19.78 45.50 -17.82
C HIS A 213 19.83 45.37 -16.29
N HIS A 214 18.98 46.10 -15.55
CA HIS A 214 18.99 46.00 -14.10
C HIS A 214 17.82 45.19 -13.53
N LEU A 215 17.12 44.44 -14.37
CA LEU A 215 16.07 43.53 -13.89
C LEU A 215 16.69 42.36 -13.14
N PRO A 216 16.21 42.04 -11.93
CA PRO A 216 16.85 40.99 -11.11
C PRO A 216 16.70 39.59 -11.69
N GLY A 217 17.78 38.81 -11.60
CA GLY A 217 17.76 37.45 -12.11
C GLY A 217 18.06 36.42 -11.04
N GLY A 218 18.17 36.88 -9.80
CA GLY A 218 18.60 36.01 -8.73
C GLY A 218 17.53 35.00 -8.34
N MET A 219 17.96 33.99 -7.60
CA MET A 219 17.05 33.00 -7.03
C MET A 219 16.50 33.39 -5.67
N ASP A 220 16.93 34.53 -5.11
CA ASP A 220 16.41 34.94 -3.81
C ASP A 220 14.97 35.46 -3.94
N SER A 221 14.32 35.63 -2.78
CA SER A 221 12.89 35.95 -2.75
C SER A 221 12.57 37.33 -3.37
N GLU A 222 13.40 38.34 -3.11
CA GLU A 222 13.10 39.67 -3.65
C GLU A 222 13.32 39.71 -5.16
N SER A 223 14.42 39.09 -5.63
CA SER A 223 14.70 39.08 -7.07
C SER A 223 13.55 38.42 -7.84
N ARG A 224 13.09 37.25 -7.36
CA ARG A 224 12.02 36.57 -8.09
C ARG A 224 10.73 37.40 -8.05
N PHE A 225 10.48 38.11 -6.94
CA PHE A 225 9.25 38.89 -6.84
C PHE A 225 9.26 40.03 -7.86
N VAL A 226 10.39 40.74 -7.95
CA VAL A 226 10.51 41.86 -8.90
C VAL A 226 10.38 41.35 -10.32
N LYS A 227 11.12 40.31 -10.66
CA LYS A 227 11.07 39.84 -12.05
C LYS A 227 9.70 39.29 -12.42
N VAL A 228 9.04 38.53 -11.52
CA VAL A 228 7.74 37.96 -11.91
C VAL A 228 6.67 39.05 -12.04
N CYS A 229 6.72 40.08 -11.18
CA CYS A 229 5.77 41.18 -11.33
C CYS A 229 5.87 41.80 -12.71
N PHE A 230 7.11 41.99 -13.19
CA PHE A 230 7.38 42.49 -14.55
C PHE A 230 6.88 41.53 -15.63
N ALA A 231 7.22 40.25 -15.52
CA ALA A 231 6.76 39.31 -16.56
C ALA A 231 5.22 39.23 -16.58
N LEU A 232 4.60 39.28 -15.42
CA LEU A 232 3.13 39.15 -15.33
C LEU A 232 2.44 40.37 -15.92
N ASN A 233 2.96 41.56 -15.61
CA ASN A 233 2.37 42.81 -16.05
C ASN A 233 2.41 42.97 -17.57
N HIS A 234 3.51 42.55 -18.20
CA HIS A 234 3.70 42.74 -19.63
C HIS A 234 3.26 41.55 -20.48
N ALA A 235 2.73 40.48 -19.87
CA ALA A 235 2.32 39.31 -20.64
C ALA A 235 1.08 39.61 -21.49
N PRO A 236 0.84 38.81 -22.54
CA PRO A 236 -0.29 39.07 -23.43
C PRO A 236 -1.64 38.96 -22.73
N LYS A 237 -2.62 39.64 -23.35
CA LYS A 237 -4.01 39.68 -22.90
C LYS A 237 -4.94 39.24 -24.02
N ASP A 238 -6.22 39.04 -23.67
CA ASP A 238 -7.29 38.72 -24.65
C ASP A 238 -7.04 37.39 -25.36
N SER A 239 -6.41 36.43 -24.71
CA SER A 239 -6.12 35.13 -25.29
C SER A 239 -7.17 34.11 -24.90
N ASP A 240 -7.35 33.09 -25.74
CA ASP A 240 -8.23 31.98 -25.37
C ASP A 240 -7.46 30.96 -24.53
N GLU A 241 -8.05 29.77 -24.34
CA GLU A 241 -7.63 28.89 -23.25
C GLU A 241 -6.19 28.43 -23.42
N VAL A 242 -5.87 27.79 -24.55
CA VAL A 242 -4.55 27.16 -24.66
C VAL A 242 -3.45 28.22 -24.70
N GLU A 243 -3.71 29.36 -25.38
CA GLU A 243 -2.70 30.40 -25.43
C GLU A 243 -2.49 31.02 -24.04
N SER A 244 -3.58 31.19 -23.29
CA SER A 244 -3.49 31.74 -21.93
C SER A 244 -2.68 30.82 -21.01
N VAL A 245 -2.94 29.50 -21.08
CA VAL A 245 -2.17 28.55 -20.28
C VAL A 245 -0.69 28.55 -20.68
N THR A 246 -0.41 28.57 -22.00
CA THR A 246 0.97 28.61 -22.45
C THR A 246 1.71 29.81 -21.86
N ASN A 247 1.13 31.01 -21.97
CA ASN A 247 1.80 32.19 -21.42
C ASN A 247 1.91 32.14 -19.90
N PHE A 248 0.91 31.56 -19.22
CA PHE A 248 1.00 31.44 -17.76
C PHE A 248 2.24 30.66 -17.36
N PHE A 249 2.49 29.51 -18.02
CA PHE A 249 3.68 28.73 -17.69
C PHE A 249 4.96 29.49 -18.01
N HIS A 250 4.99 30.25 -19.11
CA HIS A 250 6.20 31.02 -19.42
C HIS A 250 6.48 32.12 -18.39
N ILE A 251 5.44 32.78 -17.87
CA ILE A 251 5.64 33.79 -16.80
C ILE A 251 6.38 33.16 -15.61
N LEU A 252 5.88 32.02 -15.13
CA LEU A 252 6.53 31.37 -14.01
C LEU A 252 7.88 30.78 -14.38
N GLN A 253 8.09 30.34 -15.62
CA GLN A 253 9.45 29.92 -15.95
C GLN A 253 10.45 31.07 -15.96
N SER A 254 9.99 32.33 -16.04
CA SER A 254 10.94 33.44 -15.97
C SER A 254 11.66 33.51 -14.63
N VAL A 255 11.11 32.87 -13.58
CA VAL A 255 11.77 32.85 -12.28
C VAL A 255 11.97 31.40 -11.82
N GLU A 256 12.15 30.48 -12.75
CA GLU A 256 12.37 29.12 -12.30
C GLU A 256 13.78 28.96 -11.72
N GLN A 257 13.91 27.98 -10.83
CA GLN A 257 15.16 27.66 -10.15
C GLN A 257 15.70 26.34 -10.71
N VAL A 258 16.82 26.41 -11.43
CA VAL A 258 17.47 25.25 -12.04
C VAL A 258 18.37 24.61 -10.99
N LYS A 259 18.48 23.29 -11.03
CA LYS A 259 19.30 22.60 -10.05
C LYS A 259 20.74 23.11 -10.13
N GLY A 260 21.28 23.52 -8.98
CA GLY A 260 22.63 24.04 -8.88
C GLY A 260 22.73 25.53 -8.57
N MET A 261 21.66 26.30 -8.85
CA MET A 261 21.74 27.74 -8.72
C MET A 261 21.37 28.24 -7.33
N ASP A 262 20.64 27.44 -6.54
CA ASP A 262 20.15 27.86 -5.22
C ASP A 262 20.59 26.81 -4.20
N GLU A 263 21.71 27.05 -3.53
CA GLU A 263 22.32 26.05 -2.64
C GLU A 263 21.91 26.32 -1.20
N VAL A 264 21.26 25.35 -0.57
CA VAL A 264 20.68 25.54 0.75
C VAL A 264 21.32 24.64 1.81
N GLY A 265 22.24 23.77 1.40
CA GLY A 265 23.04 22.99 2.29
C GLY A 265 24.11 22.36 1.43
N PRO A 266 25.03 21.59 2.02
CA PRO A 266 26.13 21.01 1.22
C PRO A 266 25.62 20.10 0.10
N ASN A 267 25.76 20.56 -1.14
CA ASN A 267 25.21 19.88 -2.33
C ASN A 267 23.71 19.62 -2.21
N ILE A 268 22.99 20.49 -1.52
CA ILE A 268 21.53 20.43 -1.42
C ILE A 268 20.99 21.64 -2.16
N PHE A 269 20.10 21.45 -3.13
CA PHE A 269 19.63 22.55 -3.96
C PHE A 269 18.11 22.68 -3.93
N GLU A 270 17.63 23.91 -3.71
CA GLU A 270 16.25 24.28 -3.99
C GLU A 270 16.03 24.43 -5.50
N TYR A 271 15.08 23.68 -6.07
CA TYR A 271 14.78 23.81 -7.50
C TYR A 271 13.27 23.79 -7.68
N THR A 272 12.82 24.19 -8.87
CA THR A 272 11.39 24.28 -9.15
C THR A 272 10.84 22.87 -9.37
N MET A 273 10.19 22.32 -8.36
CA MET A 273 9.77 20.93 -8.44
C MET A 273 8.50 20.75 -9.27
N TYR A 274 7.55 21.67 -9.15
CA TYR A 274 6.38 21.61 -10.02
C TYR A 274 5.84 23.01 -10.28
N THR A 275 5.00 23.11 -11.30
CA THR A 275 4.29 24.33 -11.62
C THR A 275 2.83 24.02 -11.86
N SER A 276 1.95 24.74 -11.17
CA SER A 276 0.52 24.56 -11.29
C SER A 276 -0.13 25.82 -11.83
N CYS A 277 -1.17 25.62 -12.64
CA CYS A 277 -1.92 26.67 -13.32
C CYS A 277 -3.39 26.28 -13.29
N MET A 278 -4.21 27.02 -12.55
CA MET A 278 -5.58 26.60 -12.28
C MET A 278 -6.53 27.62 -12.89
N ASN A 279 -7.40 27.18 -13.80
CA ASN A 279 -8.39 28.07 -14.40
C ASN A 279 -9.57 28.26 -13.44
N LEU A 280 -9.75 29.48 -12.96
CA LEU A 280 -10.75 29.77 -11.93
C LEU A 280 -12.17 29.60 -12.46
N GLU A 281 -12.42 30.06 -13.70
CA GLU A 281 -13.76 29.92 -14.28
C GLU A 281 -14.14 28.47 -14.51
N LYS A 282 -13.20 27.66 -14.98
CA LYS A 282 -13.53 26.34 -15.50
C LYS A 282 -13.18 25.20 -14.55
N GLY A 283 -12.42 25.45 -13.48
CA GLY A 283 -12.02 24.41 -12.55
C GLY A 283 -11.07 23.38 -13.11
N ILE A 284 -10.16 23.78 -13.99
CA ILE A 284 -9.21 22.87 -14.61
C ILE A 284 -7.84 23.17 -14.02
N LEU A 285 -7.13 22.12 -13.59
CA LEU A 285 -5.76 22.27 -13.10
C LEU A 285 -4.78 21.75 -14.15
N TYR A 286 -3.93 22.64 -14.66
CA TYR A 286 -2.80 22.30 -15.53
C TYR A 286 -1.51 22.25 -14.71
N PHE A 287 -0.60 21.35 -15.08
CA PHE A 287 0.60 21.20 -14.28
C PHE A 287 1.74 20.58 -15.10
N ASN A 288 2.97 20.87 -14.67
CA ASN A 288 4.12 20.11 -15.12
C ASN A 288 5.12 20.07 -13.96
N CYS A 289 6.27 19.45 -14.18
CA CYS A 289 7.21 19.28 -13.07
C CYS A 289 8.62 19.33 -13.63
N TYR A 290 9.61 19.29 -12.72
CA TYR A 290 10.99 19.43 -13.16
C TYR A 290 11.35 18.37 -14.20
N ASP A 291 10.89 17.14 -13.97
CA ASP A 291 11.27 16.02 -14.84
C ASP A 291 10.39 15.88 -16.07
N ASP A 292 9.24 16.55 -16.15
CA ASP A 292 8.35 16.42 -17.31
C ASP A 292 7.84 17.79 -17.73
N SER A 293 8.27 18.27 -18.91
CA SER A 293 7.84 19.60 -19.34
C SER A 293 6.51 19.58 -20.07
N ARG A 294 6.02 18.41 -20.50
CA ARG A 294 4.70 18.36 -21.09
C ARG A 294 3.65 18.76 -20.05
N ILE A 295 2.71 19.64 -20.45
CA ILE A 295 1.64 20.07 -19.57
C ILE A 295 0.55 19.01 -19.54
N SER A 296 0.11 18.66 -18.32
CA SER A 296 -1.01 17.75 -18.06
C SER A 296 -2.18 18.54 -17.48
N ALA A 297 -3.39 17.97 -17.54
CA ALA A 297 -4.58 18.68 -17.09
C ALA A 297 -5.58 17.74 -16.43
N VAL A 298 -6.15 18.18 -15.30
CA VAL A 298 -7.25 17.49 -14.61
C VAL A 298 -8.43 18.46 -14.52
N ASP A 299 -9.60 18.03 -14.99
CA ASP A 299 -10.80 18.86 -14.93
C ASP A 299 -11.66 18.41 -13.74
N MET A 300 -11.85 19.31 -12.78
CA MET A 300 -12.64 19.01 -11.59
C MET A 300 -14.06 18.56 -11.96
N ASN A 301 -14.64 19.16 -12.99
CA ASN A 301 -16.04 18.99 -13.26
C ASN A 301 -16.37 17.71 -14.01
N LYS A 302 -15.36 16.93 -14.38
CA LYS A 302 -15.54 15.58 -14.91
C LYS A 302 -15.64 14.53 -13.80
N GLU A 303 -15.57 14.94 -12.55
CA GLU A 303 -15.68 14.03 -11.43
C GLU A 303 -17.01 14.24 -10.74
N ASP A 304 -17.41 13.26 -9.94
CA ASP A 304 -18.64 13.35 -9.14
C ASP A 304 -18.36 14.21 -7.92
N LEU A 305 -18.73 15.49 -7.99
CA LEU A 305 -18.44 16.40 -6.89
C LEU A 305 -19.35 16.19 -5.69
N SER A 306 -20.40 15.37 -5.81
CA SER A 306 -21.26 15.02 -4.69
C SER A 306 -20.67 13.94 -3.81
N SER A 307 -19.53 13.38 -4.20
CA SER A 307 -18.87 12.29 -3.50
C SER A 307 -18.33 12.75 -2.14
N SER A 308 -17.72 11.83 -1.42
CA SER A 308 -17.12 12.15 -0.13
C SER A 308 -15.69 11.63 0.05
N ASP A 309 -15.10 11.00 -0.96
CA ASP A 309 -13.74 10.52 -0.86
C ASP A 309 -12.82 11.38 -1.71
N LEU A 310 -11.60 11.63 -1.22
CA LEU A 310 -10.61 12.34 -2.02
C LEU A 310 -10.36 11.59 -3.33
N ILE A 311 -10.29 12.35 -4.42
CA ILE A 311 -9.97 11.82 -5.76
C ILE A 311 -8.57 12.31 -6.12
N VAL A 312 -7.65 11.37 -6.34
CA VAL A 312 -6.23 11.69 -6.39
C VAL A 312 -5.64 11.25 -7.74
N PHE A 313 -4.67 12.03 -8.23
CA PHE A 313 -3.98 11.77 -9.49
C PHE A 313 -2.49 12.07 -9.31
N ASP A 314 -1.66 11.38 -10.09
CA ASP A 314 -0.22 11.61 -10.03
C ASP A 314 0.14 13.01 -10.52
N LEU A 315 1.07 13.64 -9.80
CA LEU A 315 1.64 14.94 -10.17
C LEU A 315 3.00 14.77 -10.83
N PHE A 316 3.96 14.18 -10.12
CA PHE A 316 5.32 14.00 -10.63
C PHE A 316 5.34 12.88 -11.67
N LYS A 317 5.96 13.15 -12.83
CA LYS A 317 5.95 12.24 -13.95
C LYS A 317 7.32 12.21 -14.60
N LYS A 318 7.56 11.19 -15.42
CA LYS A 318 8.80 11.08 -16.18
C LYS A 318 8.72 11.91 -17.46
N GLN A 319 9.90 12.33 -17.96
CA GLN A 319 9.94 13.16 -19.16
C GLN A 319 9.23 12.44 -20.31
N ASP A 320 8.21 13.09 -20.86
CA ASP A 320 7.31 12.48 -21.85
C ASP A 320 7.67 12.99 -23.24
N ILE A 321 8.73 12.39 -23.84
CA ILE A 321 9.28 12.83 -25.11
C ILE A 321 8.48 12.26 -26.27
N SER A 322 8.18 13.10 -27.25
CA SER A 322 7.47 12.67 -28.45
C SER A 322 8.51 12.32 -29.53
N PHE A 323 8.66 11.03 -29.80
CA PHE A 323 9.67 10.57 -30.75
C PHE A 323 9.10 10.62 -32.17
N ILE A 324 9.72 11.42 -33.03
CA ILE A 324 9.10 11.80 -34.28
C ILE A 324 9.32 10.74 -35.37
N ASN A 325 10.50 10.13 -35.41
CA ASN A 325 10.87 9.30 -36.58
C ASN A 325 11.41 7.90 -36.26
N CYS B 2 12.32 -18.86 6.81
CA CYS B 2 11.95 -18.41 5.47
C CYS B 2 10.83 -17.40 5.53
N THR B 3 10.89 -16.47 4.58
CA THR B 3 9.89 -15.42 4.45
C THR B 3 9.59 -15.24 2.97
N SER B 4 8.31 -15.25 2.61
CA SER B 4 7.92 -15.05 1.21
C SER B 4 6.91 -13.91 1.12
N ILE B 5 7.00 -13.12 0.03
CA ILE B 5 6.15 -11.94 -0.19
C ILE B 5 5.67 -11.84 -1.64
N LEU B 6 4.55 -11.13 -1.81
CA LEU B 6 4.05 -10.65 -3.09
C LEU B 6 3.98 -9.12 -3.06
N TYR B 7 4.70 -8.47 -3.96
CA TYR B 7 4.90 -7.02 -3.94
C TYR B 7 4.40 -6.42 -5.24
N SER B 8 3.55 -5.37 -5.15
CA SER B 8 2.74 -4.91 -6.29
C SER B 8 2.86 -3.42 -6.58
N PRO B 9 4.06 -2.90 -6.76
CA PRO B 9 4.18 -1.44 -6.96
C PRO B 9 3.67 -0.97 -8.30
N LYS B 10 3.76 -1.80 -9.34
CA LYS B 10 3.37 -1.52 -10.72
C LYS B 10 3.28 -2.84 -11.45
N ASP B 11 4.42 -3.40 -11.88
CA ASP B 11 4.45 -4.84 -12.06
C ASP B 11 4.35 -5.52 -10.69
N HIS B 12 4.27 -6.85 -10.72
CA HIS B 12 4.08 -7.65 -9.53
C HIS B 12 5.25 -8.61 -9.37
N TYR B 13 5.83 -8.66 -8.17
CA TYR B 13 7.05 -9.39 -7.88
C TYR B 13 6.80 -10.39 -6.76
N PHE B 14 7.28 -11.61 -6.95
CA PHE B 14 7.02 -12.73 -6.05
C PHE B 14 8.34 -13.40 -5.71
N GLY B 15 8.57 -13.68 -4.42
CA GLY B 15 9.85 -14.28 -4.05
C GLY B 15 9.97 -14.52 -2.57
N ARG B 16 11.20 -14.81 -2.14
CA ARG B 16 11.37 -15.32 -0.79
C ARG B 16 12.83 -15.26 -0.38
N ASN B 17 13.02 -15.18 0.94
CA ASN B 17 14.26 -15.54 1.62
C ASN B 17 14.23 -17.03 1.91
N LEU B 18 15.37 -17.70 1.69
CA LEU B 18 15.50 -19.08 2.13
C LEU B 18 16.50 -19.10 3.29
N ASP B 19 15.99 -19.33 4.50
CA ASP B 19 16.74 -19.32 5.75
C ASP B 19 16.94 -20.76 6.22
N TYR B 20 18.18 -21.23 6.29
CA TYR B 20 18.39 -22.61 6.77
C TYR B 20 19.86 -22.77 7.14
N GLU B 21 20.18 -23.91 7.77
CA GLU B 21 21.54 -24.22 8.16
C GLU B 21 22.32 -25.02 7.13
N ILE B 22 21.67 -25.56 6.09
CA ILE B 22 22.37 -26.36 5.10
C ILE B 22 21.66 -26.22 3.76
N ALA B 23 22.43 -26.15 2.67
CA ALA B 23 21.87 -26.04 1.33
C ALA B 23 21.48 -27.40 0.78
N TYR B 24 20.53 -27.40 -0.16
CA TYR B 24 20.06 -28.61 -0.83
C TYR B 24 20.42 -28.65 -2.31
N GLY B 25 21.53 -28.04 -2.70
CA GLY B 25 21.87 -28.04 -4.11
C GLY B 25 20.99 -27.17 -4.98
N GLN B 26 20.42 -26.09 -4.42
CA GLN B 26 19.53 -25.25 -5.19
C GLN B 26 20.25 -24.58 -6.36
N LYS B 27 19.55 -24.50 -7.48
CA LYS B 27 20.01 -23.82 -8.69
C LYS B 27 18.82 -23.10 -9.30
N VAL B 28 19.11 -22.17 -10.21
CA VAL B 28 18.08 -21.60 -11.07
C VAL B 28 17.69 -22.63 -12.12
N VAL B 29 16.40 -22.95 -12.21
CA VAL B 29 15.89 -24.00 -13.10
C VAL B 29 14.70 -23.48 -13.87
N ILE B 30 14.79 -23.50 -15.21
CA ILE B 30 13.66 -23.30 -16.11
C ILE B 30 13.17 -24.67 -16.58
N THR B 31 11.88 -24.93 -16.38
CA THR B 31 11.25 -26.13 -16.91
C THR B 31 10.41 -25.72 -18.11
N PRO B 32 10.76 -26.15 -19.31
CA PRO B 32 10.04 -25.68 -20.51
C PRO B 32 8.74 -26.46 -20.69
N ARG B 33 7.96 -26.06 -21.70
CA ARG B 33 6.58 -26.53 -21.84
C ARG B 33 6.49 -28.04 -22.06
N ASN B 34 7.47 -28.64 -22.72
CA ASN B 34 7.38 -30.04 -23.10
C ASN B 34 8.25 -30.95 -22.25
N TYR B 35 8.80 -30.45 -21.14
CA TYR B 35 9.34 -31.35 -20.14
C TYR B 35 8.21 -32.22 -19.62
N GLU B 36 8.46 -33.52 -19.49
CA GLU B 36 7.41 -34.45 -19.11
C GLU B 36 7.42 -34.64 -17.61
N PHE B 37 6.38 -34.16 -16.93
CA PHE B 37 6.20 -34.39 -15.50
C PHE B 37 5.59 -35.76 -15.25
N LYS B 38 6.20 -36.54 -14.38
CA LYS B 38 5.66 -37.84 -13.98
C LYS B 38 5.15 -37.71 -12.54
N PHE B 39 3.95 -37.17 -12.39
CA PHE B 39 3.35 -36.98 -11.07
C PHE B 39 2.99 -38.34 -10.44
N ALA B 40 3.03 -38.38 -9.11
CA ALA B 40 2.93 -39.66 -8.41
C ALA B 40 1.60 -40.36 -8.64
N ASN B 41 0.49 -39.66 -8.41
CA ASN B 41 -0.84 -40.25 -8.55
C ASN B 41 -1.74 -39.43 -9.46
N LEU B 42 -1.16 -38.80 -10.47
CA LEU B 42 -1.90 -38.00 -11.44
C LEU B 42 -1.36 -38.32 -12.82
N PRO B 43 -2.16 -38.14 -13.87
CA PRO B 43 -1.65 -38.42 -15.22
C PRO B 43 -0.43 -37.57 -15.55
N ALA B 44 0.45 -38.12 -16.38
CA ALA B 44 1.61 -37.37 -16.83
C ALA B 44 1.17 -36.19 -17.69
N GLU B 45 1.94 -35.11 -17.63
CA GLU B 45 1.66 -33.90 -18.37
C GLU B 45 2.82 -33.68 -19.34
N LYS B 46 2.62 -34.06 -20.60
CA LYS B 46 3.66 -33.89 -21.62
C LYS B 46 3.69 -32.48 -22.19
N SER B 47 2.64 -31.68 -21.97
CA SER B 47 2.58 -30.31 -22.48
C SER B 47 1.86 -29.45 -21.45
N HIS B 48 2.41 -28.26 -21.18
CA HIS B 48 2.01 -27.44 -20.04
C HIS B 48 2.72 -26.08 -20.02
N TYR B 49 2.44 -25.27 -19.01
CA TYR B 49 3.07 -23.96 -18.93
C TYR B 49 4.57 -24.09 -18.59
N ALA B 50 5.36 -23.19 -19.15
CA ALA B 50 6.76 -23.14 -18.75
C ALA B 50 6.87 -22.43 -17.40
N MET B 51 7.95 -22.70 -16.68
CA MET B 51 8.16 -22.01 -15.40
C MET B 51 9.65 -21.81 -15.13
N ILE B 52 9.93 -20.86 -14.24
CA ILE B 52 11.29 -20.55 -13.80
C ILE B 52 11.27 -20.35 -12.29
N GLY B 53 12.32 -20.81 -11.63
CA GLY B 53 12.38 -20.73 -10.18
C GLY B 53 13.67 -21.32 -9.66
N ILE B 54 13.74 -21.44 -8.33
CA ILE B 54 14.86 -22.07 -7.63
C ILE B 54 14.46 -23.49 -7.26
N ALA B 55 15.30 -24.46 -7.62
CA ALA B 55 14.96 -25.86 -7.39
C ALA B 55 16.22 -26.67 -7.13
N ALA B 56 16.07 -27.75 -6.36
CA ALA B 56 17.02 -28.84 -6.45
C ALA B 56 16.65 -29.71 -7.65
N VAL B 57 17.65 -30.40 -8.21
CA VAL B 57 17.42 -31.31 -9.33
C VAL B 57 17.88 -32.70 -8.89
N ALA B 58 16.96 -33.65 -8.89
CA ALA B 58 17.29 -35.04 -8.54
C ALA B 58 16.70 -35.95 -9.60
N ASN B 59 17.54 -36.79 -10.21
CA ASN B 59 17.10 -37.73 -11.23
C ASN B 59 16.31 -37.02 -12.31
N ASN B 60 16.88 -35.91 -12.80
CA ASN B 60 16.29 -35.10 -13.87
C ASN B 60 14.86 -34.64 -13.53
N THR B 61 14.61 -34.35 -12.24
CA THR B 61 13.33 -33.84 -11.79
C THR B 61 13.56 -32.55 -11.03
N PRO B 62 12.86 -31.45 -11.38
CA PRO B 62 13.02 -30.20 -10.63
C PRO B 62 12.18 -30.25 -9.36
N LEU B 63 12.84 -30.13 -8.23
CA LEU B 63 12.15 -30.05 -6.94
C LEU B 63 12.21 -28.58 -6.52
N TYR B 64 11.15 -27.83 -6.80
CA TYR B 64 11.16 -26.39 -6.64
C TYR B 64 11.00 -25.98 -5.18
N CYS B 65 11.74 -24.95 -4.79
CA CYS B 65 11.48 -24.25 -3.53
C CYS B 65 10.50 -23.11 -3.75
N ASP B 66 10.62 -22.42 -4.87
CA ASP B 66 9.78 -21.30 -5.25
C ASP B 66 9.92 -21.10 -6.74
N ALA B 67 8.83 -20.71 -7.41
CA ALA B 67 8.86 -20.55 -8.85
C ALA B 67 7.67 -19.72 -9.31
N ILE B 68 7.73 -19.26 -10.56
CA ILE B 68 6.62 -18.64 -11.26
C ILE B 68 6.52 -19.27 -12.64
N ASN B 69 5.33 -19.21 -13.23
CA ASN B 69 5.13 -19.70 -14.59
C ASN B 69 4.95 -18.53 -15.56
N GLU B 70 4.91 -18.87 -16.85
CA GLU B 70 4.85 -17.88 -17.91
C GLU B 70 3.55 -17.09 -17.92
N LYS B 71 2.51 -17.55 -17.22
CA LYS B 71 1.25 -16.82 -17.14
C LYS B 71 1.21 -15.84 -15.97
N GLY B 72 2.22 -15.82 -15.11
CA GLY B 72 2.23 -14.90 -13.98
C GLY B 72 1.63 -15.44 -12.70
N LEU B 73 1.60 -16.74 -12.51
CA LEU B 73 1.26 -17.35 -11.23
C LEU B 73 2.55 -17.69 -10.50
N GLY B 74 2.53 -17.59 -9.17
CA GLY B 74 3.71 -17.90 -8.37
C GLY B 74 3.37 -18.73 -7.16
N VAL B 75 4.30 -19.61 -6.77
CA VAL B 75 4.14 -20.45 -5.59
C VAL B 75 5.48 -20.57 -4.87
N ALA B 76 5.46 -20.43 -3.54
CA ALA B 76 6.63 -20.68 -2.71
C ALA B 76 6.28 -21.71 -1.64
N GLY B 77 7.23 -22.59 -1.36
CA GLY B 77 7.09 -23.58 -0.30
C GLY B 77 8.00 -23.22 0.86
N LEU B 78 7.42 -23.21 2.06
CA LEU B 78 8.12 -22.82 3.27
C LEU B 78 7.86 -23.86 4.34
N SER B 79 8.86 -24.04 5.21
CA SER B 79 8.79 -25.09 6.20
C SER B 79 7.59 -24.89 7.11
N PHE B 80 6.88 -25.99 7.38
CA PHE B 80 5.72 -25.95 8.27
C PHE B 80 5.90 -26.99 9.38
N ALA B 81 7.15 -27.24 9.77
CA ALA B 81 7.46 -28.33 10.70
C ALA B 81 6.71 -28.16 12.01
N GLY B 82 6.13 -29.26 12.51
CA GLY B 82 5.38 -29.26 13.74
C GLY B 82 3.95 -28.81 13.61
N GLN B 83 3.55 -28.28 12.46
CA GLN B 83 2.17 -27.87 12.20
C GLN B 83 1.49 -28.73 11.15
N GLY B 84 2.21 -29.08 10.08
CA GLY B 84 1.62 -29.71 8.94
C GLY B 84 1.36 -31.19 9.12
N LYS B 85 0.46 -31.70 8.27
CA LYS B 85 0.18 -33.12 8.19
C LYS B 85 -0.16 -33.47 6.75
N TYR B 86 0.45 -34.54 6.23
CA TYR B 86 0.11 -35.12 4.95
C TYR B 86 -0.66 -36.43 5.18
N PHE B 87 -1.42 -36.85 4.17
CA PHE B 87 -2.37 -37.95 4.34
C PHE B 87 -2.19 -39.01 3.27
N PRO B 88 -2.47 -40.28 3.61
CA PRO B 88 -2.40 -41.36 2.61
C PRO B 88 -3.21 -41.05 1.36
N VAL B 89 -2.76 -41.60 0.23
CA VAL B 89 -3.51 -41.47 -1.02
C VAL B 89 -4.92 -42.05 -0.84
N VAL B 90 -5.91 -41.32 -1.36
CA VAL B 90 -7.32 -41.73 -1.31
C VAL B 90 -7.91 -41.69 -2.71
N GLU B 91 -8.72 -42.70 -3.05
CA GLU B 91 -9.29 -42.79 -4.38
C GLU B 91 -10.33 -41.70 -4.64
N ASP B 92 -10.93 -41.15 -3.59
CA ASP B 92 -12.04 -40.20 -3.72
C ASP B 92 -11.58 -38.76 -3.91
N LYS B 93 -10.27 -38.50 -3.94
CA LYS B 93 -9.76 -37.14 -4.02
C LYS B 93 -8.65 -37.06 -5.06
N LYS B 94 -8.34 -35.84 -5.50
CA LYS B 94 -7.16 -35.60 -6.32
C LYS B 94 -5.93 -35.49 -5.42
N ASN B 95 -4.97 -36.39 -5.61
CA ASN B 95 -3.82 -36.52 -4.71
C ASN B 95 -2.60 -35.82 -5.31
N ILE B 96 -2.08 -34.82 -4.61
CA ILE B 96 -0.86 -34.12 -5.02
C ILE B 96 0.17 -34.36 -3.95
N ALA B 97 1.33 -34.89 -4.33
CA ALA B 97 2.40 -35.10 -3.37
C ALA B 97 3.01 -33.75 -3.00
N SER B 98 3.51 -33.65 -1.76
CA SER B 98 3.96 -32.34 -1.30
C SER B 98 5.13 -31.84 -2.12
N PHE B 99 6.07 -32.73 -2.46
CA PHE B 99 7.26 -32.29 -3.18
C PHE B 99 6.96 -31.85 -4.61
N GLU B 100 5.80 -32.22 -5.15
CA GLU B 100 5.45 -31.83 -6.50
C GLU B 100 4.38 -30.75 -6.56
N PHE B 101 3.94 -30.23 -5.41
CA PHE B 101 2.82 -29.29 -5.40
C PHE B 101 3.13 -28.03 -6.22
N ILE B 102 4.35 -27.49 -6.11
CA ILE B 102 4.68 -26.29 -6.89
C ILE B 102 4.70 -26.62 -8.38
N SER B 103 5.26 -27.77 -8.75
CA SER B 103 5.34 -28.17 -10.16
C SER B 103 3.94 -28.34 -10.76
N TYR B 104 3.06 -29.02 -10.04
CA TYR B 104 1.71 -29.26 -10.57
C TYR B 104 0.94 -27.96 -10.73
N ILE B 105 0.90 -27.13 -9.69
CA ILE B 105 0.08 -25.92 -9.75
C ILE B 105 0.56 -25.02 -10.87
N LEU B 106 1.88 -24.84 -10.99
CA LEU B 106 2.41 -23.91 -11.99
C LEU B 106 2.28 -24.46 -13.41
N ALA B 107 2.27 -25.79 -13.53
CA ALA B 107 2.10 -26.40 -14.86
C ALA B 107 0.67 -26.24 -15.38
N THR B 108 -0.31 -26.18 -14.47
CA THR B 108 -1.72 -26.35 -14.80
C THR B 108 -2.55 -25.07 -14.74
N TYR B 109 -2.32 -24.17 -13.77
CA TYR B 109 -3.19 -23.03 -13.55
C TYR B 109 -2.51 -21.70 -13.87
N GLU B 110 -3.35 -20.66 -14.01
CA GLU B 110 -2.93 -19.31 -14.34
C GLU B 110 -3.17 -18.30 -13.24
N THR B 111 -4.20 -18.48 -12.40
CA THR B 111 -4.57 -17.45 -11.44
C THR B 111 -4.81 -18.03 -10.06
N VAL B 112 -4.74 -17.13 -9.06
CA VAL B 112 -5.00 -17.52 -7.69
C VAL B 112 -6.45 -18.02 -7.55
N ASP B 113 -7.40 -17.37 -8.23
CA ASP B 113 -8.80 -17.79 -8.12
C ASP B 113 -9.00 -19.19 -8.68
N GLN B 114 -8.36 -19.47 -9.82
CA GLN B 114 -8.38 -20.81 -10.40
C GLN B 114 -7.81 -21.84 -9.43
N VAL B 115 -6.70 -21.50 -8.76
CA VAL B 115 -6.08 -22.42 -7.81
C VAL B 115 -7.03 -22.69 -6.66
N LYS B 116 -7.66 -21.64 -6.12
CA LYS B 116 -8.56 -21.82 -5.00
C LYS B 116 -9.72 -22.76 -5.36
N GLU B 117 -10.34 -22.54 -6.53
CA GLU B 117 -11.47 -23.39 -6.94
C GLU B 117 -11.05 -24.84 -7.12
N ASN B 118 -9.88 -25.08 -7.70
CA ASN B 118 -9.45 -26.44 -8.03
C ASN B 118 -8.76 -27.16 -6.89
N LEU B 119 -8.68 -26.56 -5.70
CA LEU B 119 -8.10 -27.25 -4.54
C LEU B 119 -9.16 -27.82 -3.61
N THR B 120 -10.44 -27.62 -3.91
CA THR B 120 -11.50 -28.09 -3.03
C THR B 120 -11.53 -29.61 -2.90
N ASP B 121 -11.22 -30.36 -3.95
CA ASP B 121 -11.26 -31.81 -3.86
C ASP B 121 -9.86 -32.44 -3.72
N VAL B 122 -8.86 -31.64 -3.32
CA VAL B 122 -7.47 -32.07 -3.34
C VAL B 122 -7.07 -32.65 -1.99
N ASN B 123 -6.28 -33.71 -2.03
CA ASN B 123 -5.56 -34.24 -0.87
C ASN B 123 -4.06 -34.03 -1.07
N ILE B 124 -3.37 -33.48 -0.07
CA ILE B 124 -1.91 -33.42 -0.10
C ILE B 124 -1.38 -34.72 0.50
N SER B 125 -0.77 -35.56 -0.33
CA SER B 125 -0.44 -36.91 0.07
C SER B 125 0.92 -36.98 0.76
N ASP B 126 1.15 -38.11 1.43
CA ASP B 126 2.39 -38.37 2.15
C ASP B 126 3.45 -39.05 1.29
N VAL B 127 3.29 -39.06 -0.03
CA VAL B 127 4.25 -39.70 -0.92
C VAL B 127 5.53 -38.87 -0.96
N SER B 128 6.68 -39.54 -0.78
CA SER B 128 7.98 -38.88 -0.86
C SER B 128 8.60 -39.05 -2.24
N PHE B 129 9.58 -38.18 -2.53
CA PHE B 129 10.22 -38.21 -3.84
C PHE B 129 10.96 -39.53 -4.08
N SER B 130 11.67 -40.02 -3.07
CA SER B 130 12.22 -41.35 -3.08
C SER B 130 11.96 -41.96 -1.71
N LYS B 131 12.04 -43.29 -1.62
CA LYS B 131 12.03 -43.92 -0.31
C LYS B 131 13.20 -43.45 0.55
N ASN B 132 14.15 -42.71 -0.03
CA ASN B 132 15.36 -42.24 0.63
C ASN B 132 15.40 -40.71 0.78
N THR B 133 14.35 -40.01 0.34
CA THR B 133 14.22 -38.56 0.50
C THR B 133 12.86 -38.28 1.11
N PRO B 134 12.70 -38.49 2.42
CA PRO B 134 11.39 -38.29 3.07
C PRO B 134 10.86 -36.86 2.87
N ALA B 135 9.53 -36.75 2.91
CA ALA B 135 8.88 -35.51 2.47
C ALA B 135 9.00 -34.43 3.53
N SER B 136 9.66 -33.33 3.19
CA SER B 136 9.77 -32.25 4.15
C SER B 136 8.41 -31.55 4.30
N GLU B 137 8.11 -31.14 5.53
CA GLU B 137 6.82 -30.55 5.85
C GLU B 137 6.76 -29.09 5.41
N LEU B 138 5.80 -28.77 4.56
CA LEU B 138 5.72 -27.49 3.87
C LEU B 138 4.32 -26.91 4.01
N HIS B 139 4.23 -25.58 3.86
CA HIS B 139 3.00 -24.92 3.44
C HIS B 139 3.39 -23.90 2.40
N TRP B 140 2.40 -23.32 1.71
CA TRP B 140 2.65 -22.61 0.45
C TRP B 140 1.97 -21.24 0.44
N LEU B 141 2.67 -20.26 -0.15
CA LEU B 141 2.11 -18.98 -0.57
C LEU B 141 1.90 -19.02 -2.08
N VAL B 142 0.71 -18.63 -2.53
CA VAL B 142 0.37 -18.56 -3.95
C VAL B 142 -0.08 -17.14 -4.26
N GLY B 143 0.56 -16.50 -5.25
CA GLY B 143 0.18 -15.17 -5.65
C GLY B 143 0.22 -15.02 -7.15
N ASP B 144 -0.37 -13.92 -7.63
CA ASP B 144 -0.49 -13.71 -9.07
C ASP B 144 -0.55 -12.22 -9.38
N LYS B 145 -0.65 -11.91 -10.68
CA LYS B 145 -0.65 -10.53 -11.14
C LYS B 145 -1.88 -9.75 -10.75
N THR B 146 -2.88 -10.35 -10.08
CA THR B 146 -3.96 -9.51 -9.56
C THR B 146 -3.57 -8.84 -8.27
N GLY B 147 -2.36 -9.09 -7.74
CA GLY B 147 -1.96 -8.54 -6.47
C GLY B 147 -2.57 -9.21 -5.27
N LYS B 148 -3.22 -10.36 -5.45
CA LYS B 148 -3.81 -11.11 -4.36
C LYS B 148 -3.03 -12.40 -4.15
N SER B 149 -3.13 -12.95 -2.95
CA SER B 149 -2.46 -14.20 -2.64
C SER B 149 -3.34 -15.04 -1.73
N ILE B 150 -3.01 -16.34 -1.68
CA ILE B 150 -3.65 -17.28 -0.76
C ILE B 150 -2.55 -18.09 -0.08
N VAL B 151 -2.95 -18.73 1.03
CA VAL B 151 -2.08 -19.61 1.81
C VAL B 151 -2.71 -21.01 1.80
N VAL B 152 -1.91 -22.00 1.44
CA VAL B 152 -2.34 -23.38 1.37
C VAL B 152 -1.68 -24.14 2.52
N GLU B 153 -2.50 -24.73 3.39
CA GLU B 153 -1.97 -25.38 4.58
C GLU B 153 -2.70 -26.70 4.79
N SER B 154 -1.92 -27.76 4.91
CA SER B 154 -2.42 -29.09 5.24
C SER B 154 -2.01 -29.39 6.66
N ASP B 155 -2.99 -29.51 7.56
CA ASP B 155 -2.72 -29.84 8.94
C ASP B 155 -3.58 -31.00 9.44
N GLU B 156 -3.63 -31.18 10.77
CA GLU B 156 -4.34 -32.31 11.37
C GLU B 156 -5.81 -32.33 10.96
N LYS B 157 -6.38 -31.18 10.61
CA LYS B 157 -7.77 -31.07 10.22
C LYS B 157 -7.96 -31.03 8.70
N GLY B 158 -6.95 -31.43 7.93
CA GLY B 158 -7.08 -31.50 6.48
C GLY B 158 -6.54 -30.28 5.78
N LEU B 159 -7.00 -30.10 4.55
CA LEU B 159 -6.48 -29.04 3.69
C LEU B 159 -7.29 -27.76 3.87
N HIS B 160 -6.59 -26.64 4.08
CA HIS B 160 -7.20 -25.32 4.18
C HIS B 160 -6.57 -24.36 3.19
N VAL B 161 -7.40 -23.49 2.63
CA VAL B 161 -6.97 -22.46 1.70
C VAL B 161 -7.49 -21.14 2.27
N TYR B 162 -6.58 -20.22 2.57
CA TYR B 162 -6.92 -18.96 3.20
C TYR B 162 -6.63 -17.79 2.26
N ASP B 163 -7.53 -16.82 2.18
CA ASP B 163 -7.15 -15.55 1.55
C ASP B 163 -6.10 -14.85 2.40
N ASN B 164 -5.13 -14.22 1.74
CA ASN B 164 -4.02 -13.63 2.50
C ASN B 164 -4.03 -12.11 2.33
N PRO B 165 -4.59 -11.37 3.29
CA PRO B 165 -4.72 -9.91 3.13
C PRO B 165 -3.41 -9.17 3.24
N VAL B 166 -2.34 -9.79 3.71
CA VAL B 166 -1.06 -9.10 3.91
C VAL B 166 0.02 -9.56 2.94
N ASN B 167 -0.22 -10.59 2.12
CA ASN B 167 0.66 -10.93 1.01
C ASN B 167 2.03 -11.40 1.49
N ALA B 168 2.09 -12.07 2.64
CA ALA B 168 3.35 -12.56 3.18
C ALA B 168 3.11 -13.86 3.94
N LEU B 169 4.18 -14.58 4.22
CA LEU B 169 4.09 -15.86 4.90
C LEU B 169 5.46 -16.20 5.46
N THR B 170 5.48 -16.83 6.64
CA THR B 170 6.71 -17.38 7.18
C THR B 170 6.43 -18.85 7.50
N ASN B 171 6.60 -19.26 8.75
CA ASN B 171 6.56 -20.66 9.14
C ASN B 171 5.38 -20.88 10.07
N ALA B 172 5.61 -21.48 11.23
CA ALA B 172 4.51 -21.69 12.19
C ALA B 172 4.19 -20.39 12.93
N PRO B 173 3.02 -20.28 13.55
CA PRO B 173 1.91 -21.26 13.68
C PRO B 173 0.93 -21.28 12.51
N LEU B 174 -0.27 -21.86 12.70
CA LEU B 174 -1.27 -21.91 11.64
C LEU B 174 -1.61 -20.49 11.19
N PHE B 175 -1.96 -20.36 9.92
CA PHE B 175 -2.15 -19.02 9.35
C PHE B 175 -3.20 -18.18 10.07
N PRO B 176 -4.35 -18.70 10.50
CA PRO B 176 -5.29 -17.84 11.24
C PRO B 176 -4.69 -17.23 12.48
N GLN B 177 -3.80 -17.97 13.17
CA GLN B 177 -3.13 -17.44 14.35
C GLN B 177 -2.16 -16.31 13.99
N GLN B 178 -1.43 -16.44 12.87
CA GLN B 178 -0.53 -15.39 12.45
C GLN B 178 -1.28 -14.10 12.19
N LEU B 179 -2.46 -14.20 11.57
CA LEU B 179 -3.24 -12.99 11.31
C LEU B 179 -3.76 -12.37 12.60
N THR B 180 -4.23 -13.19 13.53
CA THR B 180 -4.69 -12.65 14.81
C THR B 180 -3.60 -11.89 15.53
N ASN B 181 -2.38 -12.47 15.55
CA ASN B 181 -1.24 -11.84 16.22
C ASN B 181 -0.91 -10.47 15.65
N LEU B 182 -1.20 -10.22 14.37
CA LEU B 182 -0.94 -8.90 13.80
C LEU B 182 -1.68 -7.79 14.54
N ALA B 183 -2.89 -8.05 15.05
CA ALA B 183 -3.65 -7.02 15.72
C ALA B 183 -2.98 -6.55 17.00
N ASN B 184 -2.08 -7.36 17.55
CA ASN B 184 -1.30 -6.98 18.73
C ASN B 184 -0.36 -5.81 18.45
N TYR B 185 -0.10 -5.48 17.18
CA TYR B 185 0.82 -4.41 16.81
C TYR B 185 0.08 -3.24 16.16
N ALA B 186 -1.22 -3.13 16.39
CA ALA B 186 -2.04 -2.16 15.67
C ALA B 186 -1.68 -0.71 15.99
N ALA B 187 -0.98 -0.46 17.09
CA ALA B 187 -0.58 0.89 17.46
C ALA B 187 0.76 1.31 16.86
N VAL B 188 1.44 0.41 16.14
CA VAL B 188 2.71 0.74 15.51
C VAL B 188 2.49 1.74 14.39
N VAL B 189 3.35 2.75 14.29
CA VAL B 189 3.36 3.66 13.15
C VAL B 189 4.80 3.93 12.76
N PRO B 190 5.03 4.27 11.48
CA PRO B 190 6.41 4.53 11.04
C PRO B 190 6.99 5.82 11.59
N GLY B 191 6.17 6.79 12.00
CA GLY B 191 6.74 7.99 12.57
C GLY B 191 6.57 8.10 14.07
N GLN B 192 6.08 9.25 14.52
CA GLN B 192 5.86 9.48 15.93
C GLN B 192 4.38 9.40 16.25
N PRO B 193 3.99 8.73 17.33
CA PRO B 193 2.58 8.75 17.71
C PRO B 193 2.23 10.07 18.40
N ASN B 194 0.94 10.39 18.37
CA ASN B 194 0.45 11.43 19.26
C ASN B 194 0.44 10.91 20.70
N ASN B 195 0.85 11.76 21.63
CA ASN B 195 0.89 11.33 23.03
C ASN B 195 -0.50 11.26 23.67
N ASP B 196 -1.17 10.11 23.50
CA ASP B 196 -2.34 9.75 24.28
C ASP B 196 -1.99 8.75 25.39
N PHE B 197 -0.71 8.43 25.52
CA PHE B 197 -0.21 7.61 26.63
C PHE B 197 -0.37 8.33 27.96
N LEU B 198 0.28 9.49 28.11
CA LEU B 198 0.22 10.27 29.35
C LEU B 198 -0.24 11.68 29.03
N PRO B 199 -1.52 11.84 28.73
CA PRO B 199 -2.03 13.17 28.36
C PRO B 199 -1.72 14.19 29.44
N GLY B 200 -1.33 15.39 29.02
CA GLY B 200 -0.92 16.41 29.96
C GLY B 200 0.52 16.37 30.37
N VAL B 201 1.29 15.36 29.95
CA VAL B 201 2.72 15.27 30.21
C VAL B 201 3.46 15.47 28.89
N ASP B 202 4.53 16.24 28.92
CA ASP B 202 5.29 16.48 27.69
C ASP B 202 6.39 15.43 27.61
N LEU B 203 6.21 14.45 26.74
CA LEU B 203 7.17 13.36 26.57
C LEU B 203 8.11 13.74 25.44
N LYS B 204 9.39 13.88 25.74
CA LYS B 204 10.35 14.24 24.70
C LYS B 204 10.59 13.07 23.76
N MET B 205 10.31 13.27 22.48
CA MET B 205 10.53 12.24 21.48
C MET B 205 12.01 12.25 21.09
N TYR B 206 12.83 11.55 21.87
CA TYR B 206 14.28 11.66 21.80
C TYR B 206 14.87 10.99 20.55
N SER B 207 14.09 10.17 19.85
CA SER B 207 14.55 9.45 18.66
C SER B 207 13.46 9.52 17.60
N ARG B 208 13.87 9.46 16.34
CA ARG B 208 12.90 9.28 15.27
C ARG B 208 12.30 7.88 15.35
N SER B 209 11.08 7.74 14.81
CA SER B 209 10.41 6.45 14.66
C SER B 209 10.19 5.76 16.00
N LEU B 210 9.87 6.53 17.04
CA LEU B 210 9.48 5.84 18.28
C LEU B 210 8.20 5.07 18.09
N GLY B 211 7.44 5.33 17.02
CA GLY B 211 6.27 4.54 16.71
C GLY B 211 6.57 3.09 16.38
N THR B 212 7.83 2.77 16.02
CA THR B 212 8.23 1.40 15.74
C THR B 212 8.98 0.75 16.90
N HIS B 213 8.94 1.36 18.09
CA HIS B 213 9.76 0.83 19.18
C HIS B 213 9.37 -0.60 19.57
N HIS B 214 8.12 -1.01 19.34
CA HIS B 214 7.71 -2.37 19.66
C HIS B 214 7.58 -3.26 18.42
N LEU B 215 8.10 -2.82 17.29
CA LEU B 215 8.16 -3.67 16.09
C LEU B 215 9.12 -4.84 16.32
N PRO B 216 8.72 -6.09 16.03
CA PRO B 216 9.58 -7.25 16.33
C PRO B 216 10.80 -7.37 15.42
N GLY B 217 11.94 -7.70 16.02
CA GLY B 217 13.19 -7.89 15.28
C GLY B 217 13.80 -9.27 15.44
N GLY B 218 13.06 -10.17 16.07
CA GLY B 218 13.54 -11.51 16.30
C GLY B 218 13.67 -12.31 15.00
N MET B 219 14.31 -13.47 15.14
CA MET B 219 14.55 -14.40 14.05
C MET B 219 13.47 -15.47 13.98
N ASP B 220 12.59 -15.52 14.97
CA ASP B 220 11.51 -16.50 15.03
C ASP B 220 10.43 -16.15 14.01
N SER B 221 9.60 -17.18 13.72
CA SER B 221 8.59 -17.12 12.66
C SER B 221 7.61 -15.97 12.85
N GLU B 222 7.07 -15.78 14.07
CA GLU B 222 6.10 -14.70 14.28
C GLU B 222 6.73 -13.33 14.13
N SER B 223 7.94 -13.15 14.68
CA SER B 223 8.61 -11.85 14.60
C SER B 223 8.86 -11.46 13.14
N ARG B 224 9.40 -12.39 12.35
CA ARG B 224 9.65 -12.09 10.95
C ARG B 224 8.35 -11.81 10.19
N PHE B 225 7.28 -12.52 10.51
CA PHE B 225 6.00 -12.26 9.85
C PHE B 225 5.50 -10.84 10.13
N VAL B 226 5.47 -10.45 11.41
CA VAL B 226 4.98 -9.10 11.75
C VAL B 226 5.82 -8.05 11.05
N LYS B 227 7.15 -8.18 11.14
CA LYS B 227 7.99 -7.12 10.59
C LYS B 227 7.89 -7.07 9.07
N VAL B 228 7.85 -8.23 8.39
CA VAL B 228 7.85 -8.17 6.92
C VAL B 228 6.50 -7.64 6.43
N CYS B 229 5.41 -7.92 7.15
CA CYS B 229 4.12 -7.37 6.76
C CYS B 229 4.17 -5.85 6.76
N PHE B 230 4.83 -5.27 7.78
CA PHE B 230 4.96 -3.82 7.90
C PHE B 230 5.83 -3.27 6.78
N ALA B 231 7.03 -3.84 6.61
CA ALA B 231 7.94 -3.33 5.58
C ALA B 231 7.32 -3.42 4.18
N LEU B 232 6.57 -4.49 3.91
CA LEU B 232 5.92 -4.68 2.62
C LEU B 232 4.79 -3.67 2.41
N ASN B 233 3.97 -3.45 3.45
CA ASN B 233 2.85 -2.53 3.35
C ASN B 233 3.33 -1.09 3.07
N HIS B 234 4.45 -0.67 3.68
CA HIS B 234 4.86 0.72 3.61
C HIS B 234 5.86 0.99 2.49
N ALA B 235 6.25 -0.04 1.73
CA ALA B 235 7.24 0.11 0.67
C ALA B 235 6.74 1.04 -0.45
N PRO B 236 7.64 1.64 -1.22
CA PRO B 236 7.21 2.57 -2.29
C PRO B 236 6.35 1.88 -3.34
N LYS B 237 5.54 2.69 -4.02
CA LYS B 237 4.70 2.20 -5.10
C LYS B 237 5.04 2.95 -6.39
N ASP B 238 4.48 2.49 -7.51
CA ASP B 238 4.56 3.18 -8.81
C ASP B 238 5.98 3.28 -9.33
N SER B 239 6.84 2.31 -9.04
CA SER B 239 8.23 2.32 -9.48
C SER B 239 8.39 1.49 -10.75
N ASP B 240 9.42 1.83 -11.54
CA ASP B 240 9.77 1.02 -12.70
C ASP B 240 10.62 -0.17 -12.27
N GLU B 241 11.14 -0.91 -13.26
CA GLU B 241 11.67 -2.25 -13.02
C GLU B 241 12.80 -2.25 -11.99
N VAL B 242 13.89 -1.51 -12.27
CA VAL B 242 15.08 -1.63 -11.41
C VAL B 242 14.79 -1.08 -10.02
N GLU B 243 14.05 0.03 -9.93
CA GLU B 243 13.67 0.56 -8.63
C GLU B 243 12.82 -0.44 -7.84
N SER B 244 11.91 -1.14 -8.53
CA SER B 244 11.03 -2.11 -7.87
C SER B 244 11.81 -3.29 -7.31
N VAL B 245 12.65 -3.88 -8.16
CA VAL B 245 13.51 -4.98 -7.74
C VAL B 245 14.35 -4.55 -6.55
N THR B 246 14.92 -3.34 -6.62
CA THR B 246 15.76 -2.84 -5.54
C THR B 246 14.99 -2.79 -4.22
N ASN B 247 13.79 -2.20 -4.23
CA ASN B 247 12.98 -2.13 -3.01
C ASN B 247 12.58 -3.51 -2.52
N PHE B 248 12.30 -4.43 -3.45
CA PHE B 248 11.90 -5.80 -3.07
C PHE B 248 13.00 -6.46 -2.24
N PHE B 249 14.26 -6.36 -2.69
CA PHE B 249 15.33 -6.99 -1.92
C PHE B 249 15.46 -6.35 -0.54
N HIS B 250 15.28 -5.02 -0.47
CA HIS B 250 15.34 -4.34 0.82
C HIS B 250 14.21 -4.81 1.75
N ILE B 251 13.02 -5.05 1.21
CA ILE B 251 11.91 -5.54 2.05
C ILE B 251 12.32 -6.83 2.72
N LEU B 252 12.91 -7.74 1.97
CA LEU B 252 13.24 -9.04 2.54
C LEU B 252 14.49 -8.97 3.40
N GLN B 253 15.39 -8.02 3.12
CA GLN B 253 16.53 -7.82 4.01
C GLN B 253 16.13 -7.28 5.38
N SER B 254 14.95 -6.68 5.54
CA SER B 254 14.54 -6.22 6.87
C SER B 254 14.33 -7.39 7.83
N VAL B 255 14.19 -8.61 7.31
CA VAL B 255 14.04 -9.79 8.16
C VAL B 255 15.09 -10.84 7.79
N GLU B 256 16.25 -10.40 7.33
CA GLU B 256 17.30 -11.36 7.05
C GLU B 256 17.90 -11.91 8.35
N GLN B 257 18.44 -13.12 8.26
CA GLN B 257 19.06 -13.80 9.40
C GLN B 257 20.58 -13.88 9.21
N VAL B 258 21.31 -13.20 10.08
CA VAL B 258 22.77 -13.19 10.05
C VAL B 258 23.31 -14.43 10.74
N LYS B 259 24.45 -14.95 10.25
CA LYS B 259 25.10 -16.08 10.92
C LYS B 259 25.42 -15.73 12.36
N GLY B 260 24.94 -16.56 13.30
CA GLY B 260 25.16 -16.39 14.72
C GLY B 260 23.92 -16.02 15.50
N MET B 261 22.90 -15.47 14.84
CA MET B 261 21.71 -14.94 15.50
C MET B 261 20.64 -16.00 15.75
N ASP B 262 20.62 -17.11 14.97
CA ASP B 262 19.54 -18.12 15.07
C ASP B 262 20.18 -19.50 15.18
N GLU B 263 20.30 -20.00 16.41
CA GLU B 263 20.91 -21.30 16.69
C GLU B 263 19.85 -22.39 16.69
N VAL B 264 20.04 -23.41 15.83
CA VAL B 264 19.07 -24.49 15.69
C VAL B 264 19.65 -25.85 16.03
N GLY B 265 20.91 -25.91 16.45
CA GLY B 265 21.54 -27.11 16.94
C GLY B 265 22.85 -26.69 17.57
N PRO B 266 23.60 -27.63 18.16
CA PRO B 266 24.86 -27.24 18.81
C PRO B 266 25.84 -26.56 17.85
N ASN B 267 25.97 -25.23 17.99
CA ASN B 267 26.80 -24.41 17.11
C ASN B 267 26.40 -24.54 15.64
N ILE B 268 25.10 -24.74 15.39
CA ILE B 268 24.54 -24.83 14.06
C ILE B 268 23.53 -23.69 13.90
N PHE B 269 23.66 -22.93 12.81
CA PHE B 269 22.97 -21.64 12.69
C PHE B 269 22.19 -21.58 11.40
N GLU B 270 20.94 -21.13 11.51
CA GLU B 270 20.09 -20.87 10.35
C GLU B 270 20.38 -19.44 9.89
N TYR B 271 20.63 -19.26 8.58
CA TYR B 271 20.95 -17.94 8.05
C TYR B 271 20.29 -17.82 6.68
N THR B 272 20.19 -16.58 6.19
CA THR B 272 19.54 -16.32 4.90
C THR B 272 20.47 -16.73 3.76
N MET B 273 20.17 -17.87 3.14
CA MET B 273 21.06 -18.48 2.16
C MET B 273 20.96 -17.82 0.81
N TYR B 274 19.73 -17.48 0.41
CA TYR B 274 19.50 -16.83 -0.87
C TYR B 274 18.19 -16.06 -0.78
N THR B 275 18.07 -15.06 -1.65
CA THR B 275 16.87 -14.28 -1.83
C THR B 275 16.49 -14.30 -3.29
N SER B 276 15.25 -14.64 -3.60
CA SER B 276 14.78 -14.65 -4.98
C SER B 276 13.68 -13.62 -5.16
N CYS B 277 13.61 -13.05 -6.37
CA CYS B 277 12.62 -12.04 -6.74
C CYS B 277 12.20 -12.29 -8.18
N MET B 278 10.96 -12.70 -8.41
CA MET B 278 10.51 -13.01 -9.78
C MET B 278 9.43 -12.06 -10.25
N ASN B 279 9.67 -11.43 -11.40
CA ASN B 279 8.70 -10.52 -12.03
C ASN B 279 7.65 -11.34 -12.75
N LEU B 280 6.41 -11.25 -12.27
CA LEU B 280 5.35 -12.11 -12.78
C LEU B 280 4.99 -11.77 -14.22
N GLU B 281 5.03 -10.48 -14.59
CA GLU B 281 4.67 -10.04 -15.93
C GLU B 281 5.71 -10.47 -16.96
N LYS B 282 6.98 -10.47 -16.59
CA LYS B 282 8.07 -10.57 -17.55
C LYS B 282 8.86 -11.86 -17.47
N GLY B 283 8.62 -12.70 -16.48
CA GLY B 283 9.34 -13.96 -16.39
C GLY B 283 10.82 -13.83 -16.13
N ILE B 284 11.24 -12.85 -15.34
CA ILE B 284 12.64 -12.63 -14.99
C ILE B 284 12.83 -12.96 -13.51
N LEU B 285 13.81 -13.81 -13.22
CA LEU B 285 14.20 -14.14 -11.86
C LEU B 285 15.46 -13.35 -11.51
N TYR B 286 15.39 -12.54 -10.46
CA TYR B 286 16.54 -11.86 -9.87
C TYR B 286 16.93 -12.57 -8.58
N PHE B 287 18.22 -12.65 -8.29
CA PHE B 287 18.63 -13.38 -7.09
C PHE B 287 19.96 -12.85 -6.56
N ASN B 288 20.17 -13.04 -5.25
CA ASN B 288 21.50 -12.93 -4.66
C ASN B 288 21.55 -13.97 -3.55
N CYS B 289 22.66 -14.01 -2.80
CA CYS B 289 22.86 -15.05 -1.80
C CYS B 289 23.72 -14.50 -0.68
N TYR B 290 23.85 -15.29 0.39
CA TYR B 290 24.58 -14.77 1.55
C TYR B 290 25.98 -14.30 1.17
N ASP B 291 26.61 -15.03 0.24
CA ASP B 291 28.01 -14.78 -0.11
C ASP B 291 28.20 -13.80 -1.26
N ASP B 292 27.14 -13.36 -1.94
CA ASP B 292 27.29 -12.42 -3.07
C ASP B 292 26.13 -11.43 -3.03
N SER B 293 26.38 -10.18 -2.66
CA SER B 293 25.26 -9.26 -2.57
C SER B 293 24.85 -8.69 -3.93
N ARG B 294 25.70 -8.77 -4.94
CA ARG B 294 25.30 -8.33 -6.28
C ARG B 294 24.06 -9.10 -6.75
N ILE B 295 23.11 -8.38 -7.35
CA ILE B 295 21.93 -9.00 -7.91
C ILE B 295 22.24 -9.56 -9.29
N SER B 296 21.83 -10.80 -9.53
CA SER B 296 21.90 -11.51 -10.81
C SER B 296 20.50 -11.70 -11.39
N ALA B 297 20.40 -11.91 -12.72
CA ALA B 297 19.10 -11.99 -13.39
C ALA B 297 19.11 -13.04 -14.48
N VAL B 298 18.04 -13.84 -14.53
CA VAL B 298 17.80 -14.82 -15.59
C VAL B 298 16.42 -14.55 -16.18
N ASP B 299 16.35 -14.36 -17.50
CA ASP B 299 15.09 -14.12 -18.19
C ASP B 299 14.60 -15.41 -18.84
N MET B 300 13.45 -15.90 -18.39
CA MET B 300 12.86 -17.12 -18.94
C MET B 300 12.67 -17.03 -20.45
N ASN B 301 12.28 -15.87 -20.95
CA ASN B 301 11.85 -15.72 -22.33
C ASN B 301 12.99 -15.64 -23.32
N LYS B 302 14.23 -15.61 -22.86
CA LYS B 302 15.37 -15.71 -23.74
C LYS B 302 15.77 -17.16 -23.99
N GLU B 303 15.01 -18.12 -23.49
CA GLU B 303 15.25 -19.54 -23.72
C GLU B 303 14.18 -20.12 -24.64
N ASP B 304 14.44 -21.32 -25.14
CA ASP B 304 13.49 -22.00 -26.02
C ASP B 304 12.45 -22.70 -25.15
N LEU B 305 11.31 -22.03 -24.92
CA LEU B 305 10.33 -22.60 -24.01
C LEU B 305 9.61 -23.79 -24.60
N SER B 306 9.67 -23.99 -25.92
CA SER B 306 9.08 -25.17 -26.53
C SER B 306 9.94 -26.42 -26.38
N SER B 307 11.09 -26.31 -25.70
CA SER B 307 12.04 -27.41 -25.54
C SER B 307 11.52 -28.46 -24.57
N SER B 308 12.38 -29.45 -24.28
CA SER B 308 12.03 -30.58 -23.42
C SER B 308 12.99 -30.83 -22.26
N ASP B 309 14.13 -30.15 -22.21
CA ASP B 309 15.11 -30.40 -21.16
C ASP B 309 15.13 -29.24 -20.17
N LEU B 310 15.44 -29.57 -18.92
CA LEU B 310 15.64 -28.54 -17.91
C LEU B 310 16.82 -27.65 -18.32
N ILE B 311 16.67 -26.35 -18.09
CA ILE B 311 17.72 -25.36 -18.34
C ILE B 311 18.15 -24.79 -17.00
N VAL B 312 19.42 -24.97 -16.61
CA VAL B 312 19.84 -24.64 -15.26
C VAL B 312 21.01 -23.66 -15.27
N PHE B 313 21.07 -22.85 -14.20
CA PHE B 313 22.10 -21.85 -13.99
C PHE B 313 22.52 -21.85 -12.54
N ASP B 314 23.76 -21.43 -12.27
CA ASP B 314 24.24 -21.37 -10.89
C ASP B 314 23.47 -20.32 -10.10
N LEU B 315 23.16 -20.66 -8.84
CA LEU B 315 22.53 -19.73 -7.90
C LEU B 315 23.55 -19.18 -6.90
N PHE B 316 24.27 -20.07 -6.19
CA PHE B 316 25.24 -19.63 -5.21
C PHE B 316 26.55 -19.21 -5.89
N LYS B 317 27.04 -18.02 -5.51
CA LYS B 317 28.19 -17.38 -6.13
C LYS B 317 29.08 -16.78 -5.05
N LYS B 318 30.33 -16.47 -5.43
CA LYS B 318 31.24 -15.77 -4.54
C LYS B 318 31.02 -14.27 -4.61
N GLN B 319 31.48 -13.57 -3.58
CA GLN B 319 31.26 -12.13 -3.48
C GLN B 319 31.89 -11.41 -4.65
N ASP B 320 31.08 -10.65 -5.39
CA ASP B 320 31.50 -10.07 -6.66
C ASP B 320 31.81 -8.60 -6.46
N ILE B 321 33.02 -8.34 -5.93
CA ILE B 321 33.42 -6.99 -5.53
C ILE B 321 33.91 -6.22 -6.75
N SER B 322 33.45 -4.98 -6.89
CA SER B 322 33.88 -4.08 -7.95
C SER B 322 35.04 -3.23 -7.43
N PHE B 323 36.26 -3.52 -7.87
CA PHE B 323 37.43 -2.77 -7.40
C PHE B 323 37.56 -1.52 -8.24
N ILE B 324 37.53 -0.36 -7.59
CA ILE B 324 37.41 0.92 -8.29
C ILE B 324 38.78 1.46 -8.75
N ASN B 325 39.84 1.18 -8.03
CA ASN B 325 41.14 1.78 -8.36
C ASN B 325 42.32 0.79 -8.32
N CYS C 2 19.27 35.47 -28.43
CA CYS C 2 19.68 34.09 -28.64
C CYS C 2 20.79 33.72 -27.68
N THR C 3 20.76 32.47 -27.28
CA THR C 3 21.69 31.92 -26.31
C THR C 3 22.05 30.51 -26.73
N SER C 4 23.35 30.22 -26.86
CA SER C 4 23.81 28.88 -27.24
C SER C 4 24.78 28.36 -26.20
N ILE C 5 24.71 27.05 -25.93
CA ILE C 5 25.54 26.41 -24.92
C ILE C 5 26.03 25.03 -25.38
N LEU C 6 27.17 24.63 -24.82
CA LEU C 6 27.67 23.26 -24.85
C LEU C 6 27.67 22.74 -23.41
N TYR C 7 26.97 21.62 -23.20
CA TYR C 7 26.80 21.00 -21.89
C TYR C 7 27.37 19.59 -21.91
N SER C 8 28.17 19.25 -20.89
CA SER C 8 28.99 18.03 -20.89
C SER C 8 28.80 17.17 -19.66
N PRO C 9 27.56 16.76 -19.33
CA PRO C 9 27.39 15.95 -18.12
C PRO C 9 27.99 14.56 -18.22
N LYS C 10 28.06 14.00 -19.44
CA LYS C 10 28.50 12.62 -19.65
C LYS C 10 28.63 12.40 -21.15
N ASP C 11 27.51 12.25 -21.85
CA ASP C 11 27.47 12.64 -23.25
C ASP C 11 27.55 14.17 -23.35
N HIS C 12 27.59 14.68 -24.57
CA HIS C 12 27.75 16.11 -24.81
C HIS C 12 26.58 16.63 -25.63
N TYR C 13 26.05 17.80 -25.23
CA TYR C 13 24.83 18.36 -25.78
C TYR C 13 25.08 19.79 -26.21
N PHE C 14 24.67 20.10 -27.44
CA PHE C 14 24.90 21.38 -28.10
C PHE C 14 23.56 21.92 -28.56
N GLY C 15 23.28 23.19 -28.27
CA GLY C 15 22.01 23.75 -28.70
C GLY C 15 21.86 25.21 -28.33
N ARG C 16 20.65 25.72 -28.50
CA ARG C 16 20.43 27.16 -28.42
C ARG C 16 18.96 27.46 -28.21
N ASN C 17 18.70 28.62 -27.59
CA ASN C 17 17.43 29.32 -27.69
C ASN C 17 17.47 30.20 -28.93
N LEU C 18 16.37 30.24 -29.67
CA LEU C 18 16.25 31.21 -30.75
C LEU C 18 15.20 32.21 -30.30
N ASP C 19 15.67 33.41 -29.94
CA ASP C 19 14.82 34.54 -29.53
C ASP C 19 14.71 35.55 -30.67
N TYR C 20 13.50 35.83 -31.13
CA TYR C 20 13.32 36.85 -32.17
C TYR C 20 11.84 37.22 -32.22
N GLU C 21 11.52 38.21 -33.07
CA GLU C 21 10.15 38.70 -33.19
C GLU C 21 9.38 38.07 -34.34
N ILE C 22 10.04 37.29 -35.18
CA ILE C 22 9.39 36.74 -36.38
C ILE C 22 10.15 35.50 -36.82
N ALA C 23 9.40 34.51 -37.30
CA ALA C 23 9.97 33.24 -37.71
C ALA C 23 10.43 33.33 -39.17
N TYR C 24 11.39 32.48 -39.53
CA TYR C 24 11.94 32.43 -40.88
C TYR C 24 11.68 31.07 -41.55
N GLY C 25 10.56 30.44 -41.21
CA GLY C 25 10.21 29.15 -41.79
C GLY C 25 11.09 28.01 -41.32
N GLN C 26 11.62 28.09 -40.11
CA GLN C 26 12.53 27.04 -39.63
C GLN C 26 11.80 25.72 -39.50
N LYS C 27 12.54 24.64 -39.76
CA LYS C 27 12.08 23.27 -39.66
C LYS C 27 13.27 22.42 -39.23
N VAL C 28 13.02 21.18 -38.81
CA VAL C 28 14.11 20.24 -38.61
C VAL C 28 14.56 19.74 -39.98
N VAL C 29 15.85 19.81 -40.27
CA VAL C 29 16.40 19.43 -41.57
C VAL C 29 17.59 18.51 -41.37
N ILE C 30 17.49 17.29 -41.90
CA ILE C 30 18.65 16.42 -42.07
C ILE C 30 19.20 16.61 -43.48
N THR C 31 20.50 16.89 -43.58
CA THR C 31 21.18 16.92 -44.87
C THR C 31 22.02 15.66 -44.96
N PRO C 32 21.67 14.73 -45.85
CA PRO C 32 22.41 13.46 -45.94
C PRO C 32 23.76 13.64 -46.62
N ARG C 33 24.55 12.57 -46.60
CA ARG C 33 25.94 12.63 -47.05
C ARG C 33 26.06 13.01 -48.50
N ASN C 34 25.07 12.67 -49.33
CA ASN C 34 25.21 12.85 -50.77
C ASN C 34 24.39 14.00 -51.33
N TYR C 35 23.77 14.82 -50.48
CA TYR C 35 23.27 16.11 -50.95
C TYR C 35 24.45 16.94 -51.40
N GLU C 36 24.32 17.62 -52.52
CA GLU C 36 25.44 18.31 -53.12
C GLU C 36 25.39 19.78 -52.73
N PHE C 37 26.38 20.21 -51.95
CA PHE C 37 26.51 21.61 -51.58
C PHE C 37 27.16 22.37 -52.73
N LYS C 38 26.52 23.46 -53.14
CA LYS C 38 27.10 24.37 -54.12
C LYS C 38 27.53 25.63 -53.38
N PHE C 39 28.75 25.60 -52.83
CA PHE C 39 29.26 26.73 -52.08
C PHE C 39 29.61 27.88 -53.01
N ALA C 40 29.43 29.11 -52.52
CA ALA C 40 29.50 30.29 -53.38
C ALA C 40 30.86 30.42 -54.06
N ASN C 41 31.95 30.19 -53.32
CA ASN C 41 33.29 30.45 -53.86
C ASN C 41 34.27 29.35 -53.50
N LEU C 42 33.76 28.14 -53.26
CA LEU C 42 34.54 26.97 -52.91
C LEU C 42 34.12 25.80 -53.80
N PRO C 43 34.98 24.81 -53.97
CA PRO C 43 34.59 23.61 -54.72
C PRO C 43 33.33 22.97 -54.16
N ALA C 44 32.43 22.55 -55.05
CA ALA C 44 31.23 21.83 -54.64
C ALA C 44 31.61 20.53 -53.93
N GLU C 45 30.79 20.16 -52.96
CA GLU C 45 30.97 18.92 -52.21
C GLU C 45 29.74 18.06 -52.44
N LYS C 46 29.89 16.97 -53.20
CA LYS C 46 28.81 16.02 -53.44
C LYS C 46 28.86 14.83 -52.49
N SER C 47 29.92 14.71 -51.68
CA SER C 47 30.05 13.67 -50.67
C SER C 47 30.70 14.30 -49.45
N HIS C 48 30.09 14.13 -48.28
CA HIS C 48 30.48 14.87 -47.08
C HIS C 48 29.79 14.25 -45.87
N TYR C 49 30.08 14.78 -44.68
CA TYR C 49 29.41 14.28 -43.49
C TYR C 49 27.93 14.67 -43.51
N ALA C 50 27.10 13.78 -42.98
CA ALA C 50 25.70 14.10 -42.77
C ALA C 50 25.55 15.00 -41.54
N MET C 51 24.44 15.72 -41.49
CA MET C 51 24.18 16.65 -40.40
C MET C 51 22.69 16.80 -40.15
N ILE C 52 22.35 17.29 -38.95
CA ILE C 52 20.98 17.52 -38.53
C ILE C 52 20.93 18.82 -37.74
N GLY C 53 19.88 19.61 -37.96
CA GLY C 53 19.68 20.81 -37.18
C GLY C 53 18.41 21.51 -37.57
N ILE C 54 18.34 22.79 -37.20
CA ILE C 54 17.20 23.66 -37.50
C ILE C 54 17.61 24.58 -38.62
N ALA C 55 16.79 24.64 -39.68
CA ALA C 55 17.15 25.44 -40.83
C ALA C 55 15.91 25.95 -41.52
N ALA C 56 16.07 27.06 -42.23
CA ALA C 56 15.16 27.44 -43.30
C ALA C 56 15.55 26.69 -44.56
N VAL C 57 14.57 26.44 -45.43
CA VAL C 57 14.83 25.79 -46.73
C VAL C 57 14.42 26.74 -47.85
N ALA C 58 15.37 27.08 -48.71
CA ALA C 58 15.13 28.00 -49.82
C ALA C 58 15.73 27.41 -51.08
N ASN C 59 14.92 27.18 -52.10
CA ASN C 59 15.40 26.64 -53.37
C ASN C 59 16.22 25.36 -53.11
N ASN C 60 15.66 24.49 -52.28
CA ASN C 60 16.29 23.22 -51.94
C ASN C 60 17.71 23.41 -51.42
N THR C 61 17.91 24.45 -50.61
CA THR C 61 19.18 24.69 -49.95
C THR C 61 18.88 24.82 -48.45
N PRO C 62 19.54 24.05 -47.58
CA PRO C 62 19.34 24.22 -46.13
C PRO C 62 20.17 25.39 -45.65
N LEU C 63 19.52 26.34 -45.00
CA LEU C 63 20.16 27.53 -44.44
C LEU C 63 20.02 27.35 -42.92
N TYR C 64 21.08 26.81 -42.31
CA TYR C 64 21.01 26.35 -40.94
C TYR C 64 21.13 27.51 -39.96
N CYS C 65 20.39 27.38 -38.87
CA CYS C 65 20.48 28.24 -37.69
C CYS C 65 21.48 27.65 -36.69
N ASP C 66 21.45 26.34 -36.54
CA ASP C 66 22.26 25.54 -35.63
C ASP C 66 22.11 24.08 -36.03
N ALA C 67 23.22 23.33 -35.96
CA ALA C 67 23.19 21.94 -36.39
C ALA C 67 24.41 21.23 -35.82
N ILE C 68 24.38 19.89 -35.91
CA ILE C 68 25.51 19.04 -35.55
C ILE C 68 25.72 18.04 -36.68
N ASN C 69 26.94 17.52 -36.78
CA ASN C 69 27.17 16.51 -37.81
C ASN C 69 27.34 15.13 -37.18
N GLU C 70 27.44 14.11 -38.05
CA GLU C 70 27.51 12.72 -37.63
C GLU C 70 28.78 12.37 -36.84
N LYS C 71 29.79 13.23 -36.84
CA LYS C 71 31.03 12.99 -36.11
C LYS C 71 31.08 13.64 -34.73
N GLY C 72 30.08 14.44 -34.36
CA GLY C 72 30.08 15.06 -33.05
C GLY C 72 30.55 16.51 -33.00
N LEU C 73 30.58 17.21 -34.12
CA LEU C 73 30.84 18.64 -34.20
C LEU C 73 29.50 19.38 -34.27
N GLY C 74 29.42 20.54 -33.60
CA GLY C 74 28.22 21.37 -33.69
C GLY C 74 28.58 22.83 -33.91
N VAL C 75 27.70 23.53 -34.62
CA VAL C 75 27.86 24.96 -34.88
C VAL C 75 26.51 25.66 -34.75
N ALA C 76 26.49 26.81 -34.09
CA ALA C 76 25.29 27.63 -34.01
C ALA C 76 25.60 29.05 -34.43
N GLY C 77 24.68 29.66 -35.17
CA GLY C 77 24.81 31.04 -35.59
C GLY C 77 23.85 31.90 -34.78
N LEU C 78 24.38 32.99 -34.24
CA LEU C 78 23.67 33.95 -33.42
C LEU C 78 23.90 35.35 -33.97
N SER C 79 22.90 36.20 -33.81
CA SER C 79 22.97 37.55 -34.33
C SER C 79 24.13 38.33 -33.71
N PHE C 80 24.80 39.10 -34.54
CA PHE C 80 25.96 39.88 -34.16
C PHE C 80 25.80 41.28 -34.71
N ALA C 81 24.54 41.69 -34.88
CA ALA C 81 24.22 42.97 -35.53
C ALA C 81 24.85 44.13 -34.79
N GLY C 82 25.46 45.04 -35.55
CA GLY C 82 26.15 46.18 -35.00
C GLY C 82 27.58 45.91 -34.63
N GLN C 83 28.00 44.65 -34.58
CA GLN C 83 29.38 44.31 -34.26
C GLN C 83 30.13 43.66 -35.42
N GLY C 84 29.44 42.89 -36.24
CA GLY C 84 30.12 42.10 -37.24
C GLY C 84 30.44 42.86 -38.50
N LYS C 85 31.35 42.29 -39.28
CA LYS C 85 31.65 42.81 -40.61
C LYS C 85 32.04 41.65 -41.50
N TYR C 86 31.50 41.63 -42.72
CA TYR C 86 31.83 40.69 -43.76
C TYR C 86 32.64 41.42 -44.83
N PHE C 87 33.40 40.67 -45.63
CA PHE C 87 34.40 41.28 -46.49
C PHE C 87 34.30 40.77 -47.91
N PRO C 88 34.68 41.59 -48.89
CA PRO C 88 34.64 41.13 -50.29
C PRO C 88 35.49 39.90 -50.51
N VAL C 89 35.06 39.07 -51.48
CA VAL C 89 35.84 37.89 -51.86
C VAL C 89 37.24 38.31 -52.29
N VAL C 90 38.26 37.57 -51.85
CA VAL C 90 39.66 37.82 -52.20
C VAL C 90 40.34 36.52 -52.63
N GLU C 91 41.38 36.67 -53.46
CA GLU C 91 42.07 35.50 -54.04
C GLU C 91 43.01 34.83 -53.04
N ASP C 92 43.56 35.58 -52.10
CA ASP C 92 44.54 35.04 -51.16
C ASP C 92 43.91 34.30 -49.97
N LYS C 93 42.61 34.00 -50.00
CA LYS C 93 41.95 33.41 -48.83
C LYS C 93 40.95 32.35 -49.27
N LYS C 94 40.57 31.48 -48.33
CA LYS C 94 39.41 30.61 -48.52
C LYS C 94 38.16 31.39 -48.14
N ASN C 95 37.25 31.61 -49.09
CA ASN C 95 36.10 32.49 -48.87
C ASN C 95 34.85 31.67 -48.52
N ILE C 96 34.33 31.85 -47.30
CA ILE C 96 33.09 31.21 -46.87
C ILE C 96 32.05 32.30 -46.66
N ALA C 97 30.93 32.20 -47.38
CA ALA C 97 29.85 33.14 -47.18
C ALA C 97 29.19 32.88 -45.83
N SER C 98 28.65 33.93 -45.24
CA SER C 98 28.14 33.79 -43.88
C SER C 98 26.97 32.82 -43.81
N PHE C 99 26.08 32.83 -44.82
CA PHE C 99 24.90 31.98 -44.76
C PHE C 99 25.23 30.50 -44.88
N GLU C 100 26.42 30.16 -45.37
CA GLU C 100 26.78 28.78 -45.62
C GLU C 100 27.85 28.30 -44.64
N PHE C 101 28.22 29.12 -43.65
CA PHE C 101 29.32 28.78 -42.76
C PHE C 101 29.03 27.49 -41.99
N ILE C 102 27.82 27.38 -41.43
CA ILE C 102 27.48 26.18 -40.67
C ILE C 102 27.54 24.94 -41.56
N SER C 103 26.95 25.02 -42.76
CA SER C 103 26.97 23.88 -43.68
C SER C 103 28.39 23.50 -44.06
N TYR C 104 29.22 24.49 -44.38
CA TYR C 104 30.57 24.18 -44.84
C TYR C 104 31.38 23.52 -43.73
N ILE C 105 31.37 24.11 -42.52
CA ILE C 105 32.14 23.53 -41.42
C ILE C 105 31.66 22.12 -41.09
N LEU C 106 30.34 21.93 -41.00
CA LEU C 106 29.83 20.61 -40.62
C LEU C 106 30.02 19.59 -41.74
N ALA C 107 30.04 20.03 -43.00
CA ALA C 107 30.25 19.07 -44.08
C ALA C 107 31.69 18.57 -44.14
N THR C 108 32.63 19.31 -43.55
CA THR C 108 34.06 19.18 -43.82
C THR C 108 34.91 18.77 -42.63
N TYR C 109 34.53 19.13 -41.40
CA TYR C 109 35.42 18.91 -40.26
C TYR C 109 34.74 18.09 -39.18
N GLU C 110 35.56 17.53 -38.30
CA GLU C 110 35.09 16.66 -37.22
C GLU C 110 35.27 17.27 -35.84
N THR C 111 36.29 18.10 -35.63
CA THR C 111 36.64 18.55 -34.28
C THR C 111 36.88 20.04 -34.25
N VAL C 112 36.78 20.59 -33.03
CA VAL C 112 37.07 22.01 -32.81
C VAL C 112 38.52 22.33 -33.19
N ASP C 113 39.46 21.47 -32.76
CA ASP C 113 40.86 21.69 -33.13
C ASP C 113 41.04 21.76 -34.64
N GLN C 114 40.33 20.90 -35.36
CA GLN C 114 40.43 20.88 -36.81
C GLN C 114 39.87 22.17 -37.40
N VAL C 115 38.74 22.65 -36.86
CA VAL C 115 38.19 23.92 -37.30
C VAL C 115 39.18 25.04 -37.03
N LYS C 116 39.78 25.04 -35.84
CA LYS C 116 40.71 26.10 -35.47
C LYS C 116 41.90 26.15 -36.42
N GLU C 117 42.47 24.99 -36.76
CA GLU C 117 43.60 24.93 -37.69
C GLU C 117 43.22 25.46 -39.05
N ASN C 118 41.99 25.19 -39.50
CA ASN C 118 41.60 25.47 -40.87
C ASN C 118 40.92 26.82 -41.06
N LEU C 119 40.80 27.62 -40.01
CA LEU C 119 40.27 28.97 -40.16
C LEU C 119 41.36 30.01 -40.30
N THR C 120 42.63 29.60 -40.19
CA THR C 120 43.74 30.54 -40.28
C THR C 120 43.73 31.33 -41.58
N ASP C 121 43.29 30.74 -42.68
CA ASP C 121 43.34 31.41 -43.98
C ASP C 121 41.94 31.73 -44.53
N VAL C 122 40.95 31.97 -43.66
CA VAL C 122 39.56 32.08 -44.08
C VAL C 122 39.14 33.55 -44.08
N ASN C 123 38.33 33.91 -45.07
CA ASN C 123 37.63 35.19 -45.15
C ASN C 123 36.13 34.89 -45.10
N ILE C 124 35.43 35.50 -44.15
CA ILE C 124 33.97 35.41 -44.14
C ILE C 124 33.46 36.46 -45.11
N SER C 125 32.92 36.02 -46.24
CA SER C 125 32.62 36.94 -47.32
C SER C 125 31.25 37.61 -47.15
N ASP C 126 31.05 38.68 -47.90
CA ASP C 126 29.81 39.45 -47.93
C ASP C 126 28.79 38.91 -48.92
N VAL C 127 29.01 37.73 -49.50
CA VAL C 127 28.07 37.19 -50.48
C VAL C 127 26.79 36.77 -49.78
N SER C 128 25.65 37.05 -50.39
CA SER C 128 24.35 36.70 -49.81
C SER C 128 23.72 35.57 -50.62
N PHE C 129 22.70 34.94 -50.02
CA PHE C 129 22.08 33.77 -50.65
C PHE C 129 21.37 34.12 -51.96
N SER C 130 20.77 35.30 -52.07
CA SER C 130 20.20 35.78 -53.32
C SER C 130 20.30 37.30 -53.34
N LYS C 131 20.12 37.88 -54.52
CA LYS C 131 20.04 39.35 -54.64
C LYS C 131 18.97 39.93 -53.73
N ASN C 132 17.98 39.11 -53.36
CA ASN C 132 16.81 39.58 -52.62
C ASN C 132 16.76 39.04 -51.19
N THR C 133 17.85 38.44 -50.71
CA THR C 133 17.95 37.95 -49.33
C THR C 133 19.27 38.45 -48.75
N PRO C 134 19.30 39.68 -48.23
CA PRO C 134 20.56 40.23 -47.69
C PRO C 134 21.11 39.37 -46.56
N ALA C 135 22.43 39.39 -46.40
CA ALA C 135 23.11 38.49 -45.48
C ALA C 135 22.99 39.00 -44.05
N SER C 136 22.29 38.24 -43.20
CA SER C 136 22.18 38.65 -41.81
C SER C 136 23.55 38.56 -41.11
N GLU C 137 23.73 39.37 -40.07
CA GLU C 137 25.03 39.51 -39.42
C GLU C 137 25.12 38.51 -38.27
N LEU C 138 26.11 37.61 -38.31
CA LEU C 138 26.17 36.49 -37.39
C LEU C 138 27.57 36.34 -36.79
N HIS C 139 27.63 35.70 -35.63
CA HIS C 139 28.85 35.09 -35.13
C HIS C 139 28.47 33.68 -34.64
N TRP C 140 29.46 32.82 -34.40
CA TRP C 140 29.18 31.39 -34.26
C TRP C 140 29.85 30.82 -33.02
N LEU C 141 29.16 29.87 -32.41
CA LEU C 141 29.72 28.98 -31.40
C LEU C 141 29.98 27.62 -32.04
N VAL C 142 31.19 27.08 -31.83
CA VAL C 142 31.58 25.78 -32.35
C VAL C 142 31.99 24.92 -31.16
N GLY C 143 31.35 23.76 -30.99
CA GLY C 143 31.67 22.86 -29.91
C GLY C 143 31.76 21.43 -30.40
N ASP C 144 32.33 20.56 -29.56
CA ASP C 144 32.45 19.15 -29.93
C ASP C 144 32.51 18.29 -28.66
N LYS C 145 32.70 16.98 -28.86
CA LYS C 145 32.66 16.00 -27.77
C LYS C 145 33.86 16.06 -26.86
N THR C 146 34.86 16.91 -27.12
CA THR C 146 35.89 17.13 -26.12
C THR C 146 35.39 18.00 -24.97
N GLY C 147 34.16 18.49 -25.06
CA GLY C 147 33.67 19.44 -24.09
C GLY C 147 34.26 20.83 -24.22
N LYS C 148 34.96 21.11 -25.32
CA LYS C 148 35.53 22.43 -25.53
C LYS C 148 34.85 23.11 -26.71
N SER C 149 34.97 24.43 -26.76
CA SER C 149 34.28 25.22 -27.77
C SER C 149 35.11 26.44 -28.13
N ILE C 150 34.78 27.03 -29.27
CA ILE C 150 35.43 28.25 -29.75
C ILE C 150 34.35 29.20 -30.23
N VAL C 151 34.69 30.47 -30.29
CA VAL C 151 33.84 31.53 -30.80
C VAL C 151 34.48 32.10 -32.04
N VAL C 152 33.71 32.19 -33.12
CA VAL C 152 34.18 32.69 -34.40
C VAL C 152 33.48 34.02 -34.66
N GLU C 153 34.28 35.08 -34.82
CA GLU C 153 33.73 36.42 -34.94
C GLU C 153 34.48 37.14 -36.05
N SER C 154 33.75 37.71 -36.99
CA SER C 154 34.32 38.53 -38.05
C SER C 154 33.85 39.96 -37.80
N ASP C 155 34.78 40.86 -37.49
CA ASP C 155 34.43 42.25 -37.18
C ASP C 155 35.30 43.20 -38.01
N GLU C 156 35.37 44.46 -37.59
CA GLU C 156 36.11 45.49 -38.31
C GLU C 156 37.60 45.18 -38.42
N LYS C 157 38.17 44.39 -37.50
CA LYS C 157 39.58 44.03 -37.56
C LYS C 157 39.83 42.65 -38.16
N GLY C 158 38.84 42.04 -38.79
CA GLY C 158 39.01 40.78 -39.48
C GLY C 158 38.39 39.61 -38.74
N LEU C 159 38.85 38.42 -39.09
CA LEU C 159 38.34 37.19 -38.51
C LEU C 159 39.09 36.86 -37.23
N HIS C 160 38.35 36.57 -36.15
CA HIS C 160 38.93 36.19 -34.88
C HIS C 160 38.36 34.85 -34.43
N VAL C 161 39.21 34.03 -33.80
CA VAL C 161 38.81 32.73 -33.26
C VAL C 161 39.27 32.68 -31.82
N TYR C 162 38.33 32.56 -30.88
CA TYR C 162 38.62 32.61 -29.45
C TYR C 162 38.32 31.26 -28.80
N ASP C 163 39.23 30.80 -27.94
CA ASP C 163 38.86 29.71 -27.04
C ASP C 163 37.76 30.17 -26.10
N ASN C 164 36.76 29.30 -25.87
CA ASN C 164 35.63 29.71 -25.06
C ASN C 164 35.63 28.98 -23.72
N PRO C 165 36.13 29.58 -22.64
CA PRO C 165 36.23 28.86 -21.36
C PRO C 165 34.90 28.68 -20.65
N VAL C 166 33.82 29.33 -21.08
CA VAL C 166 32.53 29.16 -20.40
C VAL C 166 31.50 28.43 -21.24
N ASN C 167 31.82 28.08 -22.49
CA ASN C 167 30.98 27.21 -23.31
C ASN C 167 29.58 27.78 -23.55
N ALA C 168 29.50 29.11 -23.67
CA ALA C 168 28.23 29.78 -23.94
C ALA C 168 28.48 30.95 -24.85
N LEU C 169 27.41 31.45 -25.47
CA LEU C 169 27.51 32.63 -26.33
C LEU C 169 26.13 33.27 -26.47
N THR C 170 26.10 34.60 -26.53
CA THR C 170 24.87 35.30 -26.89
C THR C 170 25.12 36.25 -28.07
N ASN C 171 24.82 37.53 -27.94
CA ASN C 171 24.89 38.47 -29.06
C ASN C 171 26.06 39.42 -28.80
N ALA C 172 25.90 40.75 -28.89
CA ALA C 172 26.97 41.71 -28.64
C ALA C 172 27.26 41.82 -27.14
N PRO C 173 28.43 42.37 -26.74
CA PRO C 173 29.51 42.94 -27.54
C PRO C 173 30.52 41.89 -28.02
N LEU C 174 31.69 42.32 -28.49
CA LEU C 174 32.74 41.41 -28.93
C LEU C 174 33.12 40.45 -27.82
N PHE C 175 33.50 39.23 -28.19
CA PHE C 175 33.61 38.17 -27.18
C PHE C 175 34.59 38.48 -26.05
N PRO C 176 35.75 39.12 -26.27
CA PRO C 176 36.60 39.45 -25.11
C PRO C 176 35.92 40.35 -24.09
N GLN C 177 35.06 41.26 -24.54
CA GLN C 177 34.32 42.11 -23.63
C GLN C 177 33.34 41.30 -22.80
N GLN C 178 32.66 40.33 -23.42
CA GLN C 178 31.78 39.44 -22.68
C GLN C 178 32.53 38.72 -21.57
N LEU C 179 33.76 38.27 -21.85
CA LEU C 179 34.51 37.54 -20.83
C LEU C 179 34.95 38.46 -19.71
N THR C 180 35.43 39.66 -20.05
CA THR C 180 35.83 40.62 -19.03
C THR C 180 34.68 40.94 -18.09
N ASN C 181 33.49 41.16 -18.66
CA ASN C 181 32.30 41.49 -17.86
C ASN C 181 32.00 40.42 -16.83
N LEU C 182 32.39 39.16 -17.08
CA LEU C 182 32.10 38.09 -16.13
C LEU C 182 32.74 38.36 -14.78
N ALA C 183 33.94 38.93 -14.77
CA ALA C 183 34.65 39.21 -13.52
C ALA C 183 33.88 40.17 -12.63
N ASN C 184 32.97 40.96 -13.20
CA ASN C 184 32.14 41.83 -12.39
C ASN C 184 31.19 41.07 -11.47
N TYR C 185 31.00 39.76 -11.70
CA TYR C 185 30.06 38.95 -10.93
C TYR C 185 30.79 37.90 -10.09
N ALA C 186 32.09 38.11 -9.86
CA ALA C 186 32.91 37.10 -9.20
C ALA C 186 32.50 36.83 -7.76
N ALA C 187 31.75 37.71 -7.10
CA ALA C 187 31.30 37.45 -5.73
C ALA C 187 30.01 36.64 -5.66
N VAL C 188 29.33 36.39 -6.77
CA VAL C 188 28.08 35.64 -6.76
C VAL C 188 28.34 34.22 -6.28
N VAL C 189 27.48 33.71 -5.39
CA VAL C 189 27.49 32.29 -5.02
C VAL C 189 26.06 31.78 -4.98
N PRO C 190 25.85 30.48 -5.26
CA PRO C 190 24.48 29.94 -5.24
C PRO C 190 23.86 29.91 -3.86
N GLY C 191 24.65 29.91 -2.80
CA GLY C 191 24.11 29.89 -1.45
C GLY C 191 24.20 31.24 -0.77
N GLN C 192 24.66 31.25 0.48
CA GLN C 192 24.81 32.45 1.28
C GLN C 192 26.28 32.85 1.40
N PRO C 193 26.59 34.12 1.22
CA PRO C 193 27.98 34.55 1.44
C PRO C 193 28.28 34.67 2.93
N ASN C 194 29.57 34.60 3.25
CA ASN C 194 30.03 35.04 4.56
C ASN C 194 29.99 36.57 4.66
N ASN C 195 29.56 37.08 5.81
CA ASN C 195 29.40 38.53 6.00
C ASN C 195 30.76 39.18 6.27
N ASP C 196 31.49 39.44 5.20
CA ASP C 196 32.62 40.35 5.26
C ASP C 196 32.23 41.75 4.80
N PHE C 197 30.92 41.96 4.58
CA PHE C 197 30.39 43.27 4.18
C PHE C 197 30.41 44.24 5.36
N LEU C 198 29.74 43.90 6.45
CA LEU C 198 29.76 44.70 7.69
C LEU C 198 30.22 43.79 8.84
N PRO C 199 31.53 43.56 8.96
CA PRO C 199 32.05 42.79 10.09
C PRO C 199 31.60 43.37 11.43
N GLY C 200 31.24 42.50 12.36
CA GLY C 200 30.75 42.90 13.64
C GLY C 200 29.25 43.09 13.70
N VAL C 201 28.59 43.29 12.57
CA VAL C 201 27.14 43.47 12.52
C VAL C 201 26.50 42.13 12.15
N ASP C 202 25.39 41.79 12.80
CA ASP C 202 24.69 40.55 12.50
C ASP C 202 23.61 40.83 11.46
N LEU C 203 23.84 40.41 10.22
CA LEU C 203 22.91 40.62 9.12
C LEU C 203 22.02 39.38 8.98
N LYS C 204 20.72 39.52 9.23
CA LYS C 204 19.81 38.39 9.11
C LYS C 204 19.68 37.98 7.64
N MET C 205 19.95 36.71 7.37
CA MET C 205 19.86 36.20 6.00
C MET C 205 18.41 35.81 5.73
N TYR C 206 17.60 36.83 5.37
CA TYR C 206 16.13 36.69 5.39
C TYR C 206 15.61 35.82 4.23
N SER C 207 16.41 35.59 3.21
CA SER C 207 16.03 34.76 2.08
C SER C 207 17.14 33.76 1.78
N ARG C 208 16.74 32.60 1.24
CA ARG C 208 17.71 31.71 0.65
C ARG C 208 18.38 32.39 -0.54
N SER C 209 19.62 32.01 -0.81
CA SER C 209 20.34 32.35 -2.03
C SER C 209 20.56 33.86 -2.16
N LEU C 210 20.85 34.53 -1.02
CA LEU C 210 21.20 35.94 -1.13
C LEU C 210 22.51 36.12 -1.90
N GLY C 211 23.28 35.05 -2.08
CA GLY C 211 24.44 35.13 -2.92
C GLY C 211 24.13 35.37 -4.39
N THR C 212 22.90 35.17 -4.83
CA THR C 212 22.55 35.44 -6.21
C THR C 212 21.78 36.75 -6.38
N HIS C 213 21.76 37.59 -5.34
CA HIS C 213 20.93 38.79 -5.38
C HIS C 213 21.33 39.75 -6.50
N HIS C 214 22.60 39.74 -6.91
CA HIS C 214 23.03 40.59 -8.01
C HIS C 214 23.22 39.83 -9.33
N LEU C 215 22.72 38.60 -9.44
CA LEU C 215 22.76 37.85 -10.71
C LEU C 215 21.82 38.51 -11.73
N PRO C 216 22.26 38.77 -12.97
CA PRO C 216 21.39 39.52 -13.91
C PRO C 216 20.24 38.68 -14.43
N GLY C 217 19.07 39.32 -14.59
CA GLY C 217 17.89 38.63 -15.12
C GLY C 217 17.29 39.35 -16.30
N GLY C 218 17.99 40.36 -16.81
CA GLY C 218 17.49 41.09 -17.95
C GLY C 218 17.49 40.25 -19.22
N MET C 219 16.79 40.76 -20.24
CA MET C 219 16.75 40.11 -21.55
C MET C 219 17.85 40.54 -22.50
N ASP C 220 18.65 41.52 -22.10
CA ASP C 220 19.72 42.00 -22.96
C ASP C 220 20.84 40.96 -23.04
N SER C 221 21.75 41.18 -23.98
CA SER C 221 22.75 40.18 -24.36
C SER C 221 23.72 39.89 -23.22
N GLU C 222 24.22 40.94 -22.55
CA GLU C 222 25.14 40.71 -21.44
C GLU C 222 24.45 40.03 -20.27
N SER C 223 23.23 40.44 -19.95
CA SER C 223 22.50 39.82 -18.83
C SER C 223 22.33 38.31 -19.04
N ARG C 224 21.88 37.93 -20.25
CA ARG C 224 21.67 36.51 -20.53
C ARG C 224 22.99 35.76 -20.53
N PHE C 225 24.07 36.38 -21.04
CA PHE C 225 25.34 35.68 -21.07
C PHE C 225 25.81 35.33 -19.65
N VAL C 226 25.76 36.31 -18.74
CA VAL C 226 26.22 36.09 -17.38
C VAL C 226 25.37 35.02 -16.70
N LYS C 227 24.04 35.12 -16.85
CA LYS C 227 23.17 34.16 -16.17
C LYS C 227 23.35 32.76 -16.73
N VAL C 228 23.43 32.61 -18.05
CA VAL C 228 23.52 31.26 -18.56
C VAL C 228 24.87 30.63 -18.22
N CYS C 229 25.95 31.43 -18.16
CA CYS C 229 27.24 30.90 -17.75
C CYS C 229 27.15 30.29 -16.37
N PHE C 230 26.46 30.99 -15.46
CA PHE C 230 26.25 30.50 -14.10
C PHE C 230 25.42 29.22 -14.09
N ALA C 231 24.27 29.24 -14.76
CA ALA C 231 23.39 28.07 -14.77
C ALA C 231 24.09 26.86 -15.37
N LEU C 232 24.89 27.08 -16.41
CA LEU C 232 25.56 25.97 -17.08
C LEU C 232 26.68 25.41 -16.22
N ASN C 233 27.45 26.30 -15.58
CA ASN C 233 28.56 25.88 -14.72
C ASN C 233 28.08 25.01 -13.56
N HIS C 234 26.91 25.30 -13.00
CA HIS C 234 26.45 24.66 -11.77
C HIS C 234 25.45 23.54 -12.01
N ALA C 235 25.16 23.20 -13.28
CA ALA C 235 24.18 22.18 -13.58
C ALA C 235 24.72 20.80 -13.19
N PRO C 236 23.83 19.82 -13.00
CA PRO C 236 24.30 18.50 -12.58
C PRO C 236 25.20 17.83 -13.63
N LYS C 237 25.98 16.86 -13.15
CA LYS C 237 26.90 16.09 -13.98
C LYS C 237 26.60 14.61 -13.82
N ASP C 238 27.17 13.80 -14.72
CA ASP C 238 27.14 12.33 -14.62
C ASP C 238 25.73 11.76 -14.76
N SER C 239 24.92 12.38 -15.62
CA SER C 239 23.53 11.99 -15.77
C SER C 239 23.35 11.15 -17.04
N ASP C 240 22.33 10.29 -17.03
CA ASP C 240 21.97 9.52 -18.21
C ASP C 240 21.17 10.39 -19.18
N GLU C 241 20.76 9.80 -20.30
CA GLU C 241 20.29 10.57 -21.46
C GLU C 241 19.11 11.48 -21.11
N VAL C 242 18.01 10.91 -20.60
CA VAL C 242 16.81 11.71 -20.43
C VAL C 242 17.02 12.79 -19.37
N GLU C 243 17.77 12.46 -18.31
CA GLU C 243 17.99 13.44 -17.26
C GLU C 243 18.93 14.55 -17.75
N SER C 244 19.86 14.23 -18.65
CA SER C 244 20.75 15.26 -19.21
C SER C 244 19.97 16.21 -20.09
N VAL C 245 19.14 15.66 -20.99
CA VAL C 245 18.29 16.49 -21.85
C VAL C 245 17.38 17.38 -21.00
N THR C 246 16.78 16.80 -19.95
CA THR C 246 15.92 17.59 -19.05
C THR C 246 16.68 18.76 -18.45
N ASN C 247 17.87 18.52 -17.92
CA ASN C 247 18.63 19.62 -17.32
C ASN C 247 19.06 20.63 -18.36
N PHE C 248 19.32 20.19 -19.59
CA PHE C 248 19.75 21.10 -20.65
C PHE C 248 18.68 22.11 -20.97
N PHE C 249 17.41 21.66 -21.08
CA PHE C 249 16.32 22.60 -21.35
C PHE C 249 16.13 23.57 -20.20
N HIS C 250 16.31 23.11 -18.96
CA HIS C 250 16.21 24.03 -17.82
C HIS C 250 17.32 25.09 -17.83
N ILE C 251 18.56 24.72 -18.21
CA ILE C 251 19.61 25.72 -18.31
C ILE C 251 19.19 26.83 -19.25
N LEU C 252 18.69 26.47 -20.43
CA LEU C 252 18.29 27.48 -21.39
C LEU C 252 17.01 28.20 -20.95
N GLN C 253 16.14 27.56 -20.16
CA GLN C 253 14.97 28.29 -19.68
C GLN C 253 15.35 29.33 -18.63
N SER C 254 16.51 29.21 -17.99
CA SER C 254 16.93 30.24 -17.06
C SER C 254 17.12 31.58 -17.75
N VAL C 255 17.23 31.61 -19.07
CA VAL C 255 17.36 32.88 -19.79
C VAL C 255 16.30 32.99 -20.88
N GLU C 256 15.13 32.36 -20.68
CA GLU C 256 14.14 32.49 -21.74
C GLU C 256 13.51 33.88 -21.73
N GLN C 257 12.95 34.25 -22.86
CA GLN C 257 12.34 35.55 -23.09
C GLN C 257 10.83 35.37 -23.24
N VAL C 258 10.06 35.83 -22.24
CA VAL C 258 8.60 35.77 -22.30
C VAL C 258 8.05 36.90 -23.17
N LYS C 259 6.98 36.62 -23.91
CA LYS C 259 6.35 37.68 -24.70
C LYS C 259 6.01 38.89 -23.82
N GLY C 260 6.47 40.08 -24.23
CA GLY C 260 6.22 41.32 -23.51
C GLY C 260 7.43 41.92 -22.81
N MET C 261 8.45 41.11 -22.54
CA MET C 261 9.59 41.52 -21.71
C MET C 261 10.70 42.19 -22.51
N ASP C 262 10.78 41.93 -23.81
CA ASP C 262 11.87 42.41 -24.67
C ASP C 262 11.24 43.12 -25.88
N GLU C 263 11.17 44.45 -25.83
CA GLU C 263 10.54 45.24 -26.88
C GLU C 263 11.58 45.76 -27.86
N VAL C 264 11.44 45.40 -29.14
CA VAL C 264 12.44 45.70 -30.15
C VAL C 264 11.89 46.58 -31.26
N GLY C 265 10.61 46.93 -31.18
CA GLY C 265 9.99 47.91 -32.03
C GLY C 265 8.69 48.31 -31.38
N PRO C 266 7.94 49.25 -31.98
CA PRO C 266 6.65 49.64 -31.40
C PRO C 266 5.70 48.46 -31.21
N ASN C 267 5.52 48.02 -29.95
CA ASN C 267 4.73 46.83 -29.62
C ASN C 267 5.17 45.58 -30.37
N ILE C 268 6.46 45.46 -30.69
CA ILE C 268 7.03 44.28 -31.34
C ILE C 268 7.98 43.63 -30.35
N PHE C 269 7.80 42.33 -30.08
CA PHE C 269 8.52 41.69 -28.99
C PHE C 269 9.38 40.53 -29.47
N GLU C 270 10.61 40.47 -28.97
CA GLU C 270 11.46 39.31 -29.13
C GLU C 270 11.16 38.31 -28.02
N TYR C 271 10.89 37.05 -28.39
CA TYR C 271 10.59 36.01 -27.42
C TYR C 271 11.28 34.71 -27.84
N THR C 272 11.36 33.75 -26.93
CA THR C 272 12.06 32.49 -27.19
C THR C 272 11.17 31.60 -28.08
N MET C 273 11.44 31.58 -29.40
CA MET C 273 10.53 30.87 -30.27
C MET C 273 10.77 29.37 -30.31
N TYR C 274 12.02 28.92 -30.17
CA TYR C 274 12.26 27.49 -30.05
C TYR C 274 13.55 27.28 -29.29
N THR C 275 13.67 26.07 -28.76
CA THR C 275 14.86 25.59 -28.07
C THR C 275 15.28 24.27 -28.68
N SER C 276 16.56 24.15 -29.04
CA SER C 276 17.11 22.91 -29.59
C SER C 276 18.22 22.38 -28.70
N CYS C 277 18.34 21.06 -28.67
CA CYS C 277 19.32 20.34 -27.86
C CYS C 277 19.77 19.11 -28.64
N MET C 278 21.01 19.08 -29.09
CA MET C 278 21.47 17.94 -29.89
C MET C 278 22.60 17.17 -29.23
N ASN C 279 22.41 15.85 -29.14
CA ASN C 279 23.38 14.92 -28.56
C ASN C 279 24.46 14.64 -29.59
N LEU C 280 25.68 15.07 -29.30
CA LEU C 280 26.78 14.95 -30.26
C LEU C 280 27.18 13.50 -30.49
N GLU C 281 27.17 12.68 -29.43
CA GLU C 281 27.52 11.26 -29.54
C GLU C 281 26.51 10.48 -30.37
N LYS C 282 25.22 10.82 -30.25
CA LYS C 282 24.15 9.98 -30.75
C LYS C 282 23.43 10.55 -31.96
N GLY C 283 23.70 11.80 -32.32
CA GLY C 283 23.00 12.44 -33.42
C GLY C 283 21.50 12.55 -33.25
N ILE C 284 21.03 12.87 -32.04
CA ILE C 284 19.60 13.05 -31.78
C ILE C 284 19.34 14.53 -31.53
N LEU C 285 18.33 15.07 -32.20
CA LEU C 285 17.88 16.44 -32.01
C LEU C 285 16.61 16.42 -31.19
N TYR C 286 16.67 17.03 -30.00
CA TYR C 286 15.52 17.30 -29.13
C TYR C 286 15.12 18.77 -29.25
N PHE C 287 13.81 19.04 -29.18
CA PHE C 287 13.38 20.42 -29.41
C PHE C 287 12.03 20.67 -28.77
N ASN C 288 11.78 21.93 -28.38
CA ASN C 288 10.42 22.41 -28.15
C ASN C 288 10.32 23.83 -28.67
N CYS C 289 9.17 24.47 -28.47
CA CYS C 289 8.96 25.82 -29.01
C CYS C 289 8.07 26.60 -28.05
N TYR C 290 7.86 27.89 -28.35
CA TYR C 290 7.09 28.73 -27.42
C TYR C 290 5.70 28.15 -27.20
N ASP C 291 5.10 27.60 -28.26
CA ASP C 291 3.72 27.12 -28.14
C ASP C 291 3.60 25.68 -27.66
N ASP C 292 4.68 24.92 -27.55
CA ASP C 292 4.57 23.51 -27.16
C ASP C 292 5.73 23.18 -26.23
N SER C 293 5.44 22.96 -24.95
CA SER C 293 6.52 22.69 -24.03
C SER C 293 6.92 21.23 -24.01
N ARG C 294 6.09 20.34 -24.57
CA ARG C 294 6.50 18.95 -24.67
C ARG C 294 7.75 18.83 -25.56
N ILE C 295 8.73 18.04 -25.14
CA ILE C 295 9.96 17.88 -25.90
C ILE C 295 9.72 16.84 -26.99
N SER C 296 10.16 17.14 -28.22
CA SER C 296 10.12 16.21 -29.33
C SER C 296 11.55 15.81 -29.74
N ALA C 297 11.69 14.67 -30.43
CA ALA C 297 13.02 14.17 -30.76
C ALA C 297 13.05 13.55 -32.15
N VAL C 298 14.10 13.86 -32.92
CA VAL C 298 14.36 13.26 -34.22
C VAL C 298 15.75 12.66 -34.19
N ASP C 299 15.86 11.39 -34.58
CA ASP C 299 17.14 10.67 -34.55
C ASP C 299 17.69 10.59 -35.97
N MET C 300 18.84 11.24 -36.18
CA MET C 300 19.41 11.31 -37.53
C MET C 300 19.75 9.93 -38.07
N ASN C 301 20.10 8.99 -37.20
CA ASN C 301 20.58 7.68 -37.59
C ASN C 301 19.47 6.70 -37.91
N LYS C 302 18.22 7.09 -37.74
CA LYS C 302 17.08 6.30 -38.21
C LYS C 302 16.70 6.60 -39.64
N GLU C 303 17.43 7.50 -40.31
CA GLU C 303 17.16 7.84 -41.70
C GLU C 303 18.26 7.29 -42.61
N ASP C 304 18.02 7.41 -43.91
CA ASP C 304 18.99 6.96 -44.91
C ASP C 304 20.00 8.07 -45.16
N LEU C 305 21.14 7.96 -44.51
CA LEU C 305 22.15 9.01 -44.60
C LEU C 305 22.96 8.93 -45.88
N SER C 306 22.75 7.89 -46.70
CA SER C 306 23.45 7.79 -47.97
C SER C 306 22.68 8.42 -49.12
N SER C 307 21.52 9.04 -48.85
CA SER C 307 20.70 9.61 -49.90
C SER C 307 21.19 11.01 -50.25
N SER C 308 20.47 11.70 -51.13
CA SER C 308 20.88 13.04 -51.55
C SER C 308 19.75 14.07 -51.45
N ASP C 309 18.61 13.71 -50.89
CA ASP C 309 17.52 14.66 -50.70
C ASP C 309 17.46 15.11 -49.25
N LEU C 310 17.03 16.36 -49.05
CA LEU C 310 16.82 16.86 -47.69
C LEU C 310 15.64 16.11 -47.05
N ILE C 311 15.79 15.79 -45.77
CA ILE C 311 14.72 15.17 -44.98
C ILE C 311 14.26 16.16 -43.92
N VAL C 312 12.97 16.49 -43.93
CA VAL C 312 12.45 17.62 -43.16
C VAL C 312 11.34 17.14 -42.22
N PHE C 313 11.27 17.74 -41.02
CA PHE C 313 10.23 17.50 -40.05
C PHE C 313 9.76 18.83 -39.49
N ASP C 314 8.50 18.88 -39.07
CA ASP C 314 7.98 20.11 -38.48
C ASP C 314 8.69 20.43 -37.17
N LEU C 315 9.02 21.70 -36.96
CA LEU C 315 9.55 22.22 -35.70
C LEU C 315 8.45 22.84 -34.84
N PHE C 316 7.78 23.87 -35.35
CA PHE C 316 6.76 24.57 -34.57
C PHE C 316 5.49 23.72 -34.46
N LYS C 317 4.96 23.60 -33.24
CA LYS C 317 3.87 22.70 -32.95
C LYS C 317 2.88 23.38 -32.01
N LYS C 318 1.64 22.89 -32.01
CA LYS C 318 0.66 23.39 -31.05
C LYS C 318 0.85 22.69 -29.70
N GLN C 319 0.30 23.31 -28.66
CA GLN C 319 0.48 22.83 -27.29
C GLN C 319 -0.12 21.43 -27.15
N ASP C 320 0.69 20.51 -26.66
CA ASP C 320 0.35 19.10 -26.64
C ASP C 320 0.01 18.72 -25.20
N ILE C 321 -1.23 18.98 -24.82
CA ILE C 321 -1.67 18.79 -23.43
C ILE C 321 -2.12 17.36 -23.22
N SER C 322 -1.68 16.78 -22.09
CA SER C 322 -2.03 15.43 -21.71
C SER C 322 -3.22 15.50 -20.74
N PHE C 323 -4.41 15.16 -21.24
CA PHE C 323 -5.62 15.23 -20.40
C PHE C 323 -5.76 13.96 -19.59
N ILE C 324 -5.73 14.10 -18.26
CA ILE C 324 -5.54 12.94 -17.40
C ILE C 324 -6.87 12.21 -17.17
N ASN C 325 -7.90 12.93 -16.74
CA ASN C 325 -9.17 12.30 -16.35
C ASN C 325 -10.22 12.46 -17.45
N HIS C 326 -9.91 11.82 -18.59
CA HIS C 326 -10.78 11.89 -19.75
C HIS C 326 -12.04 11.02 -19.61
N HIS C 327 -12.00 10.00 -18.74
CA HIS C 327 -13.11 9.07 -18.53
C HIS C 327 -13.56 8.41 -19.85
N HIS C 328 -12.59 8.08 -20.69
CA HIS C 328 -12.94 7.36 -21.92
C HIS C 328 -13.30 5.92 -21.63
N HIS C 329 -12.75 5.38 -20.55
CA HIS C 329 -13.01 4.01 -20.09
C HIS C 329 -12.75 3.02 -21.23
N HIS C 330 -11.49 3.00 -21.69
CA HIS C 330 -10.99 2.08 -22.69
C HIS C 330 -10.81 0.67 -22.10
N CYS D 2 21.41 6.25 11.99
CA CYS D 2 22.72 5.67 11.73
C CYS D 2 23.22 4.71 12.80
N THR D 3 24.08 3.80 12.35
CA THR D 3 24.59 2.71 13.15
C THR D 3 26.04 2.48 12.78
N SER D 4 26.93 2.46 13.76
CA SER D 4 28.35 2.30 13.51
C SER D 4 28.91 1.18 14.37
N ILE D 5 29.78 0.35 13.79
CA ILE D 5 30.38 -0.81 14.49
C ILE D 5 31.89 -0.89 14.23
N LEU D 6 32.58 -1.60 15.15
CA LEU D 6 33.92 -2.13 14.99
C LEU D 6 33.85 -3.64 15.09
N TYR D 7 34.25 -4.34 14.03
CA TYR D 7 34.14 -5.80 13.92
C TYR D 7 35.53 -6.40 13.88
N SER D 8 35.82 -7.40 14.72
CA SER D 8 37.20 -7.89 14.89
C SER D 8 37.35 -9.40 14.67
N PRO D 9 36.99 -9.92 13.50
CA PRO D 9 37.12 -11.37 13.30
C PRO D 9 38.57 -11.82 13.21
N LYS D 10 39.45 -10.99 12.66
CA LYS D 10 40.85 -11.33 12.42
C LYS D 10 41.59 -10.03 12.08
N ASP D 11 41.45 -9.55 10.85
CA ASP D 11 41.61 -8.11 10.67
C ASP D 11 40.48 -7.39 11.40
N HIS D 12 40.52 -6.06 11.36
CA HIS D 12 39.60 -5.20 12.09
C HIS D 12 38.92 -4.25 11.11
N TYR D 13 37.58 -4.21 11.17
CA TYR D 13 36.76 -3.50 10.21
C TYR D 13 35.87 -2.49 10.94
N PHE D 14 35.87 -1.26 10.45
CA PHE D 14 35.19 -0.12 11.06
C PHE D 14 34.30 0.51 10.02
N GLY D 15 33.07 0.85 10.40
CA GLY D 15 32.16 1.43 9.40
C GLY D 15 30.78 1.71 9.97
N ARG D 16 29.84 1.98 9.05
CA ARG D 16 28.55 2.52 9.48
C ARG D 16 27.54 2.48 8.36
N ASN D 17 26.27 2.38 8.78
CA ASN D 17 25.12 2.74 7.95
C ASN D 17 24.89 4.23 8.07
N LEU D 18 24.64 4.88 6.94
CA LEU D 18 24.16 6.26 6.99
C LEU D 18 22.68 6.24 6.65
N ASP D 19 21.84 6.58 7.64
CA ASP D 19 20.38 6.59 7.52
C ASP D 19 19.88 8.03 7.56
N TYR D 20 19.26 8.48 6.48
CA TYR D 20 18.72 9.84 6.47
C TYR D 20 17.74 9.99 5.32
N GLU D 21 17.10 11.16 5.26
CA GLU D 21 16.11 11.42 4.21
C GLU D 21 16.68 12.21 3.04
N ILE D 22 17.90 12.72 3.15
CA ILE D 22 18.47 13.51 2.06
C ILE D 22 19.99 13.40 2.11
N ALA D 23 20.59 13.34 0.93
CA ALA D 23 22.02 13.19 0.77
C ALA D 23 22.70 14.56 0.80
N TYR D 24 23.96 14.57 1.27
CA TYR D 24 24.79 15.78 1.33
C TYR D 24 25.93 15.74 0.31
N GLY D 25 25.70 15.14 -0.85
CA GLY D 25 26.76 15.05 -1.85
C GLY D 25 27.96 14.23 -1.42
N GLN D 26 27.74 13.17 -0.64
CA GLN D 26 28.86 12.38 -0.14
C GLN D 26 29.54 11.63 -1.29
N LYS D 27 30.85 11.47 -1.15
CA LYS D 27 31.69 10.76 -2.10
C LYS D 27 32.78 10.06 -1.29
N VAL D 28 33.48 9.13 -1.92
CA VAL D 28 34.69 8.54 -1.32
C VAL D 28 35.83 9.55 -1.45
N VAL D 29 36.45 9.92 -0.33
CA VAL D 29 37.50 10.92 -0.33
C VAL D 29 38.73 10.38 0.38
N ILE D 30 39.86 10.34 -0.33
CA ILE D 30 41.18 10.16 0.27
C ILE D 30 41.80 11.53 0.46
N THR D 31 42.21 11.84 1.70
CA THR D 31 42.96 13.04 1.98
C THR D 31 44.41 12.66 2.18
N PRO D 32 45.32 13.02 1.27
CA PRO D 32 46.71 12.56 1.36
C PRO D 32 47.49 13.34 2.40
N ARG D 33 48.76 12.95 2.57
CA ARG D 33 49.54 13.39 3.73
C ARG D 33 49.80 14.89 3.75
N ASN D 34 49.84 15.52 2.58
CA ASN D 34 50.25 16.92 2.48
C ASN D 34 49.12 17.83 2.04
N TYR D 35 47.87 17.37 2.10
CA TYR D 35 46.75 18.30 2.06
C TYR D 35 46.80 19.15 3.32
N GLU D 36 46.64 20.47 3.17
CA GLU D 36 46.78 21.36 4.30
C GLU D 36 45.43 21.56 4.98
N PHE D 37 45.33 21.08 6.21
CA PHE D 37 44.18 21.38 7.04
C PHE D 37 44.32 22.76 7.65
N LYS D 38 43.31 23.60 7.48
CA LYS D 38 43.21 24.87 8.18
C LYS D 38 42.13 24.67 9.26
N PHE D 39 42.54 24.19 10.43
CA PHE D 39 41.60 24.01 11.52
C PHE D 39 41.14 25.37 12.05
N ALA D 40 40.00 25.37 12.75
CA ALA D 40 39.39 26.63 13.15
C ALA D 40 40.23 27.36 14.19
N ASN D 41 40.59 26.68 15.28
CA ASN D 41 41.28 27.30 16.41
C ASN D 41 42.50 26.48 16.81
N LEU D 42 43.19 25.93 15.83
CA LEU D 42 44.35 25.09 16.05
C LEU D 42 45.38 25.38 14.97
N PRO D 43 46.67 25.11 15.24
CA PRO D 43 47.70 25.38 14.24
C PRO D 43 47.52 24.51 13.00
N ALA D 44 47.72 25.13 11.84
CA ALA D 44 47.53 24.43 10.58
C ALA D 44 48.49 23.25 10.48
N GLU D 45 47.99 22.14 9.92
CA GLU D 45 48.76 20.91 9.76
C GLU D 45 48.94 20.65 8.27
N LYS D 46 50.17 20.86 7.77
CA LYS D 46 50.51 20.61 6.38
C LYS D 46 51.14 19.24 6.15
N SER D 47 51.44 18.51 7.22
CA SER D 47 51.95 17.15 7.11
C SER D 47 51.29 16.32 8.21
N HIS D 48 50.68 15.20 7.84
CA HIS D 48 49.81 14.47 8.74
C HIS D 48 49.55 13.09 8.14
N TYR D 49 48.82 12.26 8.89
CA TYR D 49 48.46 10.94 8.40
C TYR D 49 47.48 11.07 7.24
N ALA D 50 47.64 10.20 6.25
CA ALA D 50 46.67 10.05 5.18
C ALA D 50 45.40 9.35 5.69
N MET D 51 44.30 9.54 4.99
CA MET D 51 43.04 8.99 5.46
C MET D 51 42.09 8.78 4.29
N ILE D 52 41.13 7.87 4.49
CA ILE D 52 40.13 7.53 3.48
C ILE D 52 38.79 7.36 4.20
N GLY D 53 37.73 7.86 3.59
CA GLY D 53 36.40 7.73 4.17
C GLY D 53 35.36 8.34 3.26
N ILE D 54 34.18 8.60 3.82
CA ILE D 54 33.07 9.19 3.09
C ILE D 54 32.93 10.63 3.55
N ALA D 55 32.85 11.57 2.61
CA ALA D 55 32.85 12.97 2.99
C ALA D 55 32.01 13.78 2.01
N ALA D 56 31.42 14.87 2.51
CA ALA D 56 31.00 15.96 1.65
C ALA D 56 32.20 16.85 1.39
N VAL D 57 32.39 17.27 0.14
CA VAL D 57 33.46 18.20 -0.17
C VAL D 57 32.84 19.57 -0.37
N ALA D 58 33.36 20.57 0.34
CA ALA D 58 32.88 21.95 0.25
C ALA D 58 34.08 22.88 0.30
N ASN D 59 34.22 23.73 -0.71
CA ASN D 59 35.34 24.66 -0.79
C ASN D 59 36.66 23.92 -0.56
N ASN D 60 36.84 22.83 -1.32
CA ASN D 60 38.04 21.99 -1.26
C ASN D 60 38.42 21.58 0.16
N THR D 61 37.41 21.27 0.98
CA THR D 61 37.63 20.78 2.33
C THR D 61 36.86 19.48 2.50
N PRO D 62 37.47 18.42 3.08
CA PRO D 62 36.71 17.20 3.35
C PRO D 62 36.00 17.26 4.69
N LEU D 63 34.69 17.19 4.65
CA LEU D 63 33.84 17.17 5.84
C LEU D 63 33.39 15.72 5.99
N TYR D 64 34.15 14.94 6.77
CA TYR D 64 33.97 13.49 6.82
C TYR D 64 32.73 13.10 7.61
N CYS D 65 32.04 12.06 7.16
CA CYS D 65 31.01 11.40 7.96
C CYS D 65 31.60 10.24 8.75
N ASP D 66 32.57 9.55 8.15
CA ASP D 66 33.29 8.41 8.74
C ASP D 66 34.56 8.16 7.93
N ALA D 67 35.63 7.80 8.62
CA ALA D 67 36.90 7.63 7.95
C ALA D 67 37.87 6.87 8.84
N ILE D 68 38.91 6.33 8.19
CA ILE D 68 40.04 5.70 8.87
C ILE D 68 41.31 6.34 8.33
N ASN D 69 42.40 6.24 9.11
CA ASN D 69 43.69 6.74 8.63
C ASN D 69 44.65 5.58 8.34
N GLU D 70 45.82 5.94 7.80
CA GLU D 70 46.76 4.91 7.34
C GLU D 70 47.35 4.11 8.48
N LYS D 71 47.15 4.52 9.72
CA LYS D 71 47.70 3.84 10.88
C LYS D 71 46.72 2.90 11.55
N GLY D 72 45.47 2.85 11.10
CA GLY D 72 44.50 1.92 11.67
C GLY D 72 43.61 2.50 12.74
N LEU D 73 43.44 3.82 12.79
CA LEU D 73 42.48 4.48 13.65
C LEU D 73 41.23 4.84 12.85
N GLY D 74 40.06 4.69 13.43
CA GLY D 74 38.83 5.03 12.73
C GLY D 74 37.93 5.88 13.61
N VAL D 75 37.23 6.83 13.00
CA VAL D 75 36.22 7.66 13.66
C VAL D 75 34.98 7.74 12.76
N ALA D 76 33.80 7.65 13.37
CA ALA D 76 32.54 7.89 12.68
C ALA D 76 31.71 8.92 13.47
N GLY D 77 31.06 9.83 12.75
CA GLY D 77 30.19 10.83 13.37
C GLY D 77 28.74 10.48 13.10
N LEU D 78 27.94 10.45 14.19
CA LEU D 78 26.52 10.10 14.10
C LEU D 78 25.68 11.18 14.75
N SER D 79 24.46 11.36 14.24
CA SER D 79 23.59 12.40 14.74
C SER D 79 23.35 12.22 16.24
N PHE D 80 23.34 13.34 16.94
CA PHE D 80 23.10 13.39 18.37
C PHE D 80 22.08 14.47 18.68
N ALA D 81 21.19 14.75 17.72
CA ALA D 81 20.20 15.81 17.87
C ALA D 81 19.40 15.66 19.17
N GLY D 82 19.19 16.78 19.85
CA GLY D 82 18.44 16.80 21.09
C GLY D 82 19.23 16.41 22.33
N GLN D 83 20.43 15.88 22.16
CA GLN D 83 21.24 15.47 23.30
C GLN D 83 22.53 16.25 23.44
N GLY D 84 23.15 16.64 22.34
CA GLY D 84 24.47 17.21 22.39
C GLY D 84 24.47 18.68 22.70
N LYS D 85 25.63 19.17 23.13
CA LYS D 85 25.86 20.59 23.26
C LYS D 85 27.30 20.87 22.88
N TYR D 86 27.51 21.96 22.13
CA TYR D 86 28.83 22.50 21.86
C TYR D 86 29.01 23.81 22.63
N PHE D 87 30.26 24.23 22.82
CA PHE D 87 30.57 25.34 23.70
C PHE D 87 31.40 26.40 22.99
N PRO D 88 31.37 27.64 23.48
CA PRO D 88 32.16 28.69 22.84
C PRO D 88 33.65 28.43 23.01
N VAL D 89 34.44 28.93 22.05
CA VAL D 89 35.89 28.80 22.14
C VAL D 89 36.36 29.35 23.48
N VAL D 90 37.28 28.64 24.13
CA VAL D 90 37.85 29.06 25.40
C VAL D 90 39.38 28.98 25.31
N GLU D 91 40.05 30.01 25.82
CA GLU D 91 41.51 30.06 25.71
C GLU D 91 42.18 28.98 26.54
N ASP D 92 41.51 28.50 27.60
CA ASP D 92 42.10 27.53 28.52
C ASP D 92 42.07 26.09 28.01
N LYS D 93 41.74 25.84 26.74
CA LYS D 93 41.58 24.48 26.27
C LYS D 93 41.99 24.37 24.79
N LYS D 94 42.00 23.12 24.32
CA LYS D 94 42.14 22.84 22.90
C LYS D 94 40.74 22.80 22.28
N ASN D 95 40.49 23.69 21.33
CA ASN D 95 39.16 23.88 20.75
C ASN D 95 39.09 23.20 19.39
N ILE D 96 38.31 22.12 19.31
CA ILE D 96 38.07 21.40 18.07
C ILE D 96 36.63 21.68 17.66
N ALA D 97 36.44 22.19 16.45
CA ALA D 97 35.08 22.37 15.93
C ALA D 97 34.48 21.00 15.57
N SER D 98 33.16 20.90 15.72
CA SER D 98 32.50 19.61 15.53
C SER D 98 32.69 19.08 14.12
N PHE D 99 32.64 19.98 13.12
CA PHE D 99 32.73 19.55 11.73
C PHE D 99 34.12 19.10 11.32
N GLU D 100 35.14 19.35 12.15
CA GLU D 100 36.51 18.97 11.85
C GLU D 100 37.06 17.90 12.80
N PHE D 101 36.24 17.41 13.74
CA PHE D 101 36.71 16.43 14.72
C PHE D 101 37.30 15.18 14.05
N ILE D 102 36.56 14.57 13.12
CA ILE D 102 37.10 13.37 12.45
C ILE D 102 38.44 13.70 11.79
N SER D 103 38.47 14.77 10.98
CA SER D 103 39.70 15.20 10.33
C SER D 103 40.88 15.34 11.30
N TYR D 104 40.65 16.05 12.42
CA TYR D 104 41.77 16.36 13.31
C TYR D 104 42.26 15.12 14.04
N ILE D 105 41.34 14.28 14.52
CA ILE D 105 41.76 13.07 15.21
C ILE D 105 42.56 12.16 14.27
N LEU D 106 42.06 11.99 13.05
CA LEU D 106 42.68 11.06 12.12
C LEU D 106 44.01 11.61 11.58
N ALA D 107 44.15 12.93 11.48
CA ALA D 107 45.41 13.47 10.98
C ALA D 107 46.51 13.35 12.01
N THR D 108 46.15 13.25 13.29
CA THR D 108 47.06 13.52 14.38
C THR D 108 47.42 12.29 15.21
N TYR D 109 46.50 11.31 15.35
CA TYR D 109 46.67 10.24 16.33
C TYR D 109 46.59 8.87 15.66
N GLU D 110 47.04 7.84 16.38
CA GLU D 110 47.09 6.49 15.83
C GLU D 110 46.25 5.47 16.57
N THR D 111 46.00 5.65 17.87
CA THR D 111 45.32 4.62 18.65
C THR D 111 44.25 5.24 19.54
N VAL D 112 43.29 4.39 19.92
CA VAL D 112 42.24 4.78 20.86
C VAL D 112 42.85 5.28 22.18
N ASP D 113 43.85 4.57 22.70
CA ASP D 113 44.45 4.97 23.97
C ASP D 113 45.07 6.36 23.88
N GLN D 114 45.70 6.65 22.75
CA GLN D 114 46.28 7.96 22.54
C GLN D 114 45.20 9.04 22.40
N VAL D 115 44.07 8.70 21.77
CA VAL D 115 42.97 9.66 21.67
C VAL D 115 42.38 9.95 23.05
N LYS D 116 42.19 8.91 23.88
CA LYS D 116 41.69 9.15 25.24
C LYS D 116 42.60 10.09 26.01
N GLU D 117 43.91 9.84 25.94
CA GLU D 117 44.86 10.67 26.68
C GLU D 117 44.81 12.13 26.25
N ASN D 118 44.62 12.38 24.96
CA ASN D 118 44.69 13.74 24.42
C ASN D 118 43.36 14.47 24.38
N LEU D 119 42.26 13.83 24.75
CA LEU D 119 40.96 14.50 24.84
C LEU D 119 40.72 15.11 26.21
N THR D 120 41.63 14.90 27.17
CA THR D 120 41.38 15.38 28.53
C THR D 120 41.26 16.90 28.60
N ASP D 121 41.96 17.62 27.71
CA ASP D 121 41.95 19.08 27.74
C ASP D 121 41.19 19.69 26.55
N VAL D 122 40.25 18.94 25.95
CA VAL D 122 39.63 19.34 24.70
C VAL D 122 38.25 19.94 24.95
N ASN D 123 37.89 20.91 24.12
CA ASN D 123 36.56 21.50 24.10
C ASN D 123 36.01 21.38 22.68
N ILE D 124 34.82 20.80 22.54
CA ILE D 124 34.16 20.74 21.23
C ILE D 124 33.44 22.07 21.02
N SER D 125 33.95 22.86 20.08
CA SER D 125 33.49 24.24 19.98
C SER D 125 32.24 24.34 19.12
N ASP D 126 31.56 25.47 19.22
CA ASP D 126 30.34 25.74 18.48
C ASP D 126 30.59 26.42 17.14
N VAL D 127 31.84 26.48 16.70
CA VAL D 127 32.16 27.01 15.38
C VAL D 127 31.54 26.13 14.30
N SER D 128 30.93 26.77 13.30
CA SER D 128 30.39 26.09 12.13
C SER D 128 31.24 26.39 10.89
N PHE D 129 30.97 25.65 9.82
CA PHE D 129 31.85 25.67 8.67
C PHE D 129 31.65 26.92 7.80
N SER D 130 30.40 27.34 7.59
CA SER D 130 30.09 28.53 6.79
C SER D 130 28.70 29.02 7.17
N LYS D 131 28.31 30.17 6.60
CA LYS D 131 27.04 30.81 6.97
C LYS D 131 25.84 29.96 6.57
N ASN D 132 25.86 29.34 5.39
CA ASN D 132 24.73 28.49 4.98
C ASN D 132 25.00 27.00 5.21
N THR D 133 25.88 26.66 6.15
CA THR D 133 25.95 25.30 6.71
C THR D 133 26.24 25.39 8.21
N PRO D 134 25.22 25.65 9.02
CA PRO D 134 25.39 25.60 10.48
C PRO D 134 25.72 24.19 10.98
N ALA D 135 26.16 24.10 12.23
CA ALA D 135 26.88 22.93 12.73
C ALA D 135 25.91 21.88 13.26
N SER D 136 25.85 20.73 12.60
CA SER D 136 24.91 19.72 13.06
C SER D 136 25.46 18.99 14.29
N GLU D 137 24.55 18.52 15.13
CA GLU D 137 24.86 17.87 16.39
C GLU D 137 25.32 16.42 16.17
N LEU D 138 26.51 16.09 16.67
CA LEU D 138 27.12 14.79 16.44
C LEU D 138 27.66 14.24 17.75
N HIS D 139 27.79 12.91 17.80
CA HIS D 139 28.71 12.24 18.72
C HIS D 139 29.47 11.20 17.91
N TRP D 140 30.56 10.66 18.47
CA TRP D 140 31.52 9.90 17.68
C TRP D 140 31.87 8.57 18.31
N LEU D 141 32.08 7.58 17.45
CA LEU D 141 32.71 6.31 17.80
C LEU D 141 34.14 6.34 17.29
N VAL D 142 35.08 5.90 18.11
CA VAL D 142 36.49 5.81 17.75
C VAL D 142 36.93 4.38 18.02
N GLY D 143 37.51 3.73 17.02
CA GLY D 143 37.99 2.36 17.19
C GLY D 143 39.33 2.16 16.51
N ASP D 144 40.00 1.06 16.89
CA ASP D 144 41.32 0.80 16.31
C ASP D 144 41.61 -0.70 16.28
N LYS D 145 42.84 -1.03 15.86
CA LYS D 145 43.23 -2.42 15.60
C LYS D 145 43.41 -3.22 16.88
N THR D 146 43.28 -2.62 18.07
CA THR D 146 43.17 -3.41 19.29
C THR D 146 41.81 -4.06 19.43
N GLY D 147 40.85 -3.71 18.56
CA GLY D 147 39.50 -4.21 18.71
C GLY D 147 38.73 -3.57 19.86
N LYS D 148 39.20 -2.44 20.38
CA LYS D 148 38.48 -1.68 21.38
C LYS D 148 38.07 -0.32 20.82
N SER D 149 37.07 0.28 21.45
CA SER D 149 36.51 1.53 20.98
C SER D 149 36.12 2.40 22.16
N ILE D 150 35.90 3.68 21.86
CA ILE D 150 35.41 4.67 22.82
C ILE D 150 34.33 5.49 22.14
N VAL D 151 33.48 6.10 22.97
CA VAL D 151 32.43 7.00 22.53
C VAL D 151 32.73 8.40 23.04
N VAL D 152 32.66 9.38 22.15
CA VAL D 152 32.90 10.78 22.49
C VAL D 152 31.59 11.56 22.38
N GLU D 153 31.15 12.12 23.51
CA GLU D 153 29.88 12.82 23.58
C GLU D 153 30.08 14.14 24.31
N SER D 154 29.68 15.23 23.66
CA SER D 154 29.63 16.54 24.29
C SER D 154 28.17 16.89 24.52
N ASP D 155 27.79 17.05 25.79
CA ASP D 155 26.40 17.34 26.15
C ASP D 155 26.40 18.48 27.17
N GLU D 156 25.26 18.70 27.84
CA GLU D 156 25.10 19.82 28.76
C GLU D 156 26.16 19.84 29.85
N LYS D 157 26.59 18.67 30.31
CA LYS D 157 27.59 18.59 31.36
C LYS D 157 29.02 18.59 30.82
N GLY D 158 29.20 18.85 29.52
CA GLY D 158 30.52 18.98 28.93
C GLY D 158 30.94 17.78 28.10
N LEU D 159 32.25 17.58 27.96
CA LEU D 159 32.80 16.51 27.13
C LEU D 159 33.02 15.25 27.96
N HIS D 160 32.57 14.12 27.43
CA HIS D 160 32.74 12.82 28.07
C HIS D 160 33.32 11.83 27.08
N VAL D 161 34.17 10.93 27.59
CA VAL D 161 34.77 9.86 26.80
C VAL D 161 34.50 8.54 27.52
N TYR D 162 33.79 7.63 26.86
CA TYR D 162 33.38 6.38 27.49
C TYR D 162 34.06 5.21 26.80
N ASP D 163 34.55 4.24 27.58
CA ASP D 163 34.92 2.96 27.00
C ASP D 163 33.68 2.28 26.45
N ASN D 164 33.81 1.67 25.27
CA ASN D 164 32.65 1.04 24.65
C ASN D 164 32.79 -0.47 24.66
N PRO D 165 32.17 -1.18 25.62
CA PRO D 165 32.35 -2.64 25.67
C PRO D 165 31.57 -3.42 24.62
N VAL D 166 30.69 -2.80 23.82
CA VAL D 166 29.94 -3.51 22.79
C VAL D 166 30.31 -3.07 21.38
N ASN D 167 31.20 -2.08 21.24
CA ASN D 167 31.78 -1.70 19.94
C ASN D 167 30.74 -1.29 18.90
N ALA D 168 29.68 -0.63 19.36
CA ALA D 168 28.61 -0.18 18.47
C ALA D 168 28.12 1.18 18.95
N LEU D 169 27.46 1.92 18.06
CA LEU D 169 26.88 3.20 18.47
C LEU D 169 25.75 3.58 17.54
N THR D 170 24.69 4.20 18.09
CA THR D 170 23.65 4.77 17.23
C THR D 170 23.43 6.25 17.54
N ASN D 171 22.22 6.65 17.88
CA ASN D 171 21.88 8.06 18.09
C ASN D 171 21.59 8.29 19.58
N ALA D 172 20.49 8.95 19.94
CA ALA D 172 20.14 9.20 21.34
C ALA D 172 19.63 7.91 21.97
N PRO D 173 19.61 7.83 23.31
CA PRO D 173 20.00 8.80 24.34
C PRO D 173 21.50 8.78 24.67
N LEU D 174 21.89 9.39 25.79
CA LEU D 174 23.30 9.44 26.20
C LEU D 174 23.85 8.02 26.38
N PHE D 175 25.14 7.86 26.07
CA PHE D 175 25.70 6.51 26.01
C PHE D 175 25.52 5.70 27.28
N PRO D 176 25.66 6.24 28.49
CA PRO D 176 25.42 5.41 29.67
C PRO D 176 24.01 4.84 29.72
N GLN D 177 23.02 5.56 29.20
CA GLN D 177 21.66 5.02 29.17
C GLN D 177 21.55 3.88 28.17
N GLN D 178 22.22 4.02 27.01
CA GLN D 178 22.18 2.96 26.02
C GLN D 178 22.72 1.66 26.61
N LEU D 179 23.81 1.74 27.37
CA LEU D 179 24.40 0.54 27.94
C LEU D 179 23.51 -0.07 29.02
N THR D 180 22.93 0.77 29.89
CA THR D 180 22.00 0.27 30.90
C THR D 180 20.83 -0.47 30.25
N ASN D 181 20.29 0.09 29.17
CA ASN D 181 19.16 -0.52 28.50
C ASN D 181 19.44 -1.95 28.04
N LEU D 182 20.70 -2.27 27.68
CA LEU D 182 21.05 -3.61 27.21
C LEU D 182 20.72 -4.68 28.24
N ALA D 183 20.79 -4.35 29.53
CA ALA D 183 20.49 -5.32 30.58
C ALA D 183 19.04 -5.76 30.55
N ASN D 184 18.16 -4.96 29.93
CA ASN D 184 16.77 -5.35 29.78
C ASN D 184 16.59 -6.53 28.82
N TYR D 185 17.65 -6.90 28.08
CA TYR D 185 17.59 -7.95 27.10
C TYR D 185 18.47 -9.15 27.48
N ALA D 186 18.89 -9.23 28.75
CA ALA D 186 19.87 -10.23 29.12
C ALA D 186 19.33 -11.66 29.02
N ALA D 187 18.01 -11.84 28.88
CA ALA D 187 17.45 -13.18 28.68
C ALA D 187 17.45 -13.63 27.23
N VAL D 188 17.74 -12.74 26.28
CA VAL D 188 17.73 -13.12 24.86
C VAL D 188 18.82 -14.16 24.60
N VAL D 189 18.48 -15.17 23.79
CA VAL D 189 19.47 -16.14 23.31
C VAL D 189 19.18 -16.47 21.87
N PRO D 190 20.23 -16.82 21.10
CA PRO D 190 20.01 -17.18 19.68
C PRO D 190 19.16 -18.43 19.49
N GLY D 191 19.22 -19.37 20.41
CA GLY D 191 18.45 -20.58 20.24
C GLY D 191 17.15 -20.60 21.02
N GLN D 192 16.90 -21.69 21.75
CA GLN D 192 15.71 -21.89 22.54
C GLN D 192 16.03 -21.72 24.02
N PRO D 193 15.21 -21.02 24.77
CA PRO D 193 15.41 -20.94 26.22
C PRO D 193 14.97 -22.23 26.90
N ASN D 194 15.59 -22.48 28.06
CA ASN D 194 15.08 -23.50 28.97
C ASN D 194 13.84 -22.97 29.66
N ASN D 195 12.83 -23.83 29.82
CA ASN D 195 11.55 -23.33 30.36
C ASN D 195 11.61 -23.28 31.87
N ASP D 196 12.13 -22.17 32.40
CA ASP D 196 11.98 -21.80 33.79
C ASP D 196 10.86 -20.78 33.97
N PHE D 197 10.06 -20.58 32.92
CA PHE D 197 8.94 -19.65 32.92
C PHE D 197 7.73 -20.27 33.62
N LEU D 198 7.27 -21.43 33.13
CA LEU D 198 6.19 -22.21 33.73
C LEU D 198 6.68 -23.63 34.05
N PRO D 199 7.48 -23.78 35.10
CA PRO D 199 8.00 -25.10 35.47
C PRO D 199 6.87 -26.10 35.64
N GLY D 200 7.04 -27.29 35.05
CA GLY D 200 6.03 -28.32 35.11
C GLY D 200 5.03 -28.30 33.98
N VAL D 201 5.06 -27.28 33.13
CA VAL D 201 4.19 -27.18 31.97
C VAL D 201 5.04 -27.40 30.73
N ASP D 202 4.53 -28.23 29.81
CA ASP D 202 5.23 -28.55 28.58
C ASP D 202 4.84 -27.53 27.52
N LEU D 203 5.69 -26.52 27.31
CA LEU D 203 5.44 -25.52 26.29
C LEU D 203 6.01 -26.00 24.96
N LYS D 204 5.18 -25.99 23.91
CA LYS D 204 5.63 -26.42 22.59
C LYS D 204 6.40 -25.29 21.94
N MET D 205 7.70 -25.51 21.72
CA MET D 205 8.52 -24.52 21.04
C MET D 205 8.25 -24.61 19.54
N TYR D 206 7.22 -23.88 19.12
CA TYR D 206 6.62 -24.03 17.80
C TYR D 206 7.47 -23.39 16.68
N SER D 207 8.44 -22.56 17.04
CA SER D 207 9.31 -21.91 16.07
C SER D 207 10.75 -22.02 16.55
N ARG D 208 11.68 -22.03 15.60
CA ARG D 208 13.08 -21.87 15.94
C ARG D 208 13.34 -20.47 16.51
N SER D 209 14.41 -20.35 17.29
CA SER D 209 14.89 -19.06 17.79
C SER D 209 13.84 -18.33 18.63
N LEU D 210 12.99 -19.05 19.40
CA LEU D 210 12.10 -18.32 20.30
C LEU D 210 12.88 -17.51 21.32
N GLY D 211 14.15 -17.82 21.52
CA GLY D 211 15.00 -16.99 22.36
C GLY D 211 15.17 -15.56 21.90
N THR D 212 14.87 -15.24 20.63
CA THR D 212 14.98 -13.88 20.14
C THR D 212 13.63 -13.20 19.97
N HIS D 213 12.56 -13.78 20.51
CA HIS D 213 11.22 -13.21 20.29
C HIS D 213 11.11 -11.76 20.79
N HIS D 214 11.89 -11.37 21.80
CA HIS D 214 11.83 -10.00 22.31
C HIS D 214 13.01 -9.13 21.84
N LEU D 215 13.78 -9.61 20.86
CA LEU D 215 14.81 -8.77 20.23
C LEU D 215 14.17 -7.61 19.48
N PRO D 216 14.66 -6.38 19.67
CA PRO D 216 14.00 -5.21 19.05
C PRO D 216 14.25 -5.15 17.54
N GLY D 217 13.18 -4.89 16.78
CA GLY D 217 13.32 -4.66 15.35
C GLY D 217 12.90 -3.28 14.86
N GLY D 218 12.70 -2.33 15.78
CA GLY D 218 12.29 -1.00 15.36
C GLY D 218 13.37 -0.21 14.65
N MET D 219 12.95 0.85 13.96
CA MET D 219 13.86 1.82 13.33
C MET D 219 14.40 2.86 14.29
N ASP D 220 13.90 2.92 15.52
CA ASP D 220 14.35 3.94 16.46
C ASP D 220 15.76 3.60 16.98
N SER D 221 16.39 4.61 17.61
CA SER D 221 17.82 4.55 17.95
C SER D 221 18.12 3.43 18.95
N GLU D 222 17.27 3.27 19.96
CA GLU D 222 17.51 2.25 20.99
C GLU D 222 17.35 0.85 20.41
N SER D 223 16.31 0.64 19.59
CA SER D 223 16.08 -0.69 19.00
C SER D 223 17.24 -1.11 18.12
N ARG D 224 17.75 -0.20 17.30
CA ARG D 224 18.85 -0.57 16.41
C ARG D 224 20.11 -0.82 17.21
N PHE D 225 20.33 -0.09 18.32
CA PHE D 225 21.52 -0.33 19.13
C PHE D 225 21.49 -1.72 19.77
N VAL D 226 20.37 -2.08 20.38
CA VAL D 226 20.25 -3.40 20.99
C VAL D 226 20.44 -4.49 19.94
N LYS D 227 19.79 -4.36 18.78
CA LYS D 227 19.86 -5.44 17.81
C LYS D 227 21.25 -5.54 17.18
N VAL D 228 21.90 -4.40 16.89
CA VAL D 228 23.21 -4.49 16.26
C VAL D 228 24.24 -5.04 17.25
N CYS D 229 24.09 -4.75 18.54
CA CYS D 229 25.03 -5.28 19.52
C CYS D 229 24.99 -6.79 19.54
N PHE D 230 23.76 -7.33 19.47
CA PHE D 230 23.54 -8.77 19.40
C PHE D 230 24.14 -9.37 18.12
N ALA D 231 23.84 -8.78 16.96
CA ALA D 231 24.33 -9.35 15.70
C ALA D 231 25.86 -9.27 15.62
N LEU D 232 26.44 -8.16 16.10
CA LEU D 232 27.90 -8.01 16.11
C LEU D 232 28.55 -9.05 17.03
N ASN D 233 28.05 -9.17 18.26
CA ASN D 233 28.63 -10.10 19.22
C ASN D 233 28.60 -11.54 18.73
N HIS D 234 27.56 -11.96 18.03
CA HIS D 234 27.41 -13.36 17.65
C HIS D 234 27.93 -13.66 16.25
N ALA D 235 28.54 -12.69 15.57
CA ALA D 235 28.97 -12.91 14.19
C ALA D 235 30.21 -13.82 14.14
N PRO D 236 30.50 -14.41 12.97
CA PRO D 236 31.63 -15.35 12.87
C PRO D 236 32.96 -14.67 13.13
N LYS D 237 33.92 -15.49 13.56
CA LYS D 237 35.29 -15.07 13.82
C LYS D 237 36.26 -15.86 12.95
N ASP D 238 37.51 -15.38 12.89
CA ASP D 238 38.63 -16.10 12.29
C ASP D 238 38.47 -16.28 10.78
N SER D 239 37.93 -15.27 10.11
CA SER D 239 37.65 -15.33 8.68
C SER D 239 38.67 -14.52 7.91
N ASP D 240 38.88 -14.89 6.65
CA ASP D 240 39.73 -14.11 5.77
C ASP D 240 38.96 -12.91 5.21
N GLU D 241 39.56 -12.22 4.24
CA GLU D 241 39.14 -10.87 3.88
C GLU D 241 37.70 -10.84 3.35
N VAL D 242 37.43 -11.59 2.28
CA VAL D 242 36.14 -11.46 1.62
C VAL D 242 35.01 -11.97 2.52
N GLU D 243 35.26 -13.06 3.24
CA GLU D 243 34.28 -13.55 4.23
C GLU D 243 34.01 -12.49 5.31
N SER D 244 35.06 -11.85 5.81
CA SER D 244 34.89 -10.85 6.87
C SER D 244 34.04 -9.67 6.38
N VAL D 245 34.36 -9.16 5.21
CA VAL D 245 33.62 -8.03 4.66
C VAL D 245 32.15 -8.41 4.44
N THR D 246 31.92 -9.61 3.91
CA THR D 246 30.56 -10.10 3.69
C THR D 246 29.76 -10.11 4.99
N ASN D 247 30.32 -10.69 6.04
CA ASN D 247 29.60 -10.70 7.31
C ASN D 247 29.43 -9.29 7.89
N PHE D 248 30.42 -8.40 7.69
CA PHE D 248 30.27 -7.04 8.20
C PHE D 248 29.04 -6.37 7.62
N PHE D 249 28.83 -6.52 6.29
CA PHE D 249 27.65 -5.93 5.66
C PHE D 249 26.37 -6.57 6.16
N HIS D 250 26.38 -7.87 6.46
CA HIS D 250 25.16 -8.50 6.96
C HIS D 250 24.84 -8.02 8.37
N ILE D 251 25.85 -7.80 9.20
CA ILE D 251 25.61 -7.22 10.54
C ILE D 251 24.88 -5.88 10.42
N LEU D 252 25.37 -5.00 9.54
CA LEU D 252 24.71 -3.71 9.40
C LEU D 252 23.36 -3.84 8.70
N GLN D 253 23.18 -4.80 7.79
CA GLN D 253 21.85 -4.96 7.24
C GLN D 253 20.84 -5.46 8.27
N SER D 254 21.26 -6.02 9.39
CA SER D 254 20.23 -6.44 10.35
C SER D 254 19.49 -5.25 10.96
N VAL D 255 19.99 -4.04 10.78
CA VAL D 255 19.33 -2.85 11.31
C VAL D 255 19.16 -1.82 10.20
N GLU D 256 19.06 -2.29 8.96
CA GLU D 256 18.87 -1.32 7.89
C GLU D 256 17.45 -0.78 7.91
N GLN D 257 17.30 0.41 7.35
CA GLN D 257 16.04 1.15 7.35
C GLN D 257 15.54 1.20 5.91
N VAL D 258 14.46 0.47 5.64
CA VAL D 258 13.83 0.38 4.32
C VAL D 258 12.94 1.59 4.11
N LYS D 259 12.85 2.05 2.86
CA LYS D 259 12.00 3.21 2.56
C LYS D 259 10.57 2.92 2.98
N GLY D 260 9.99 3.84 3.74
CA GLY D 260 8.62 3.73 4.22
C GLY D 260 8.50 3.33 5.67
N MET D 261 9.54 2.78 6.27
CA MET D 261 9.41 2.30 7.65
C MET D 261 9.72 3.36 8.69
N ASP D 262 10.46 4.43 8.35
CA ASP D 262 10.84 5.46 9.32
C ASP D 262 10.44 6.83 8.74
N GLU D 263 9.26 7.32 9.13
CA GLU D 263 8.67 8.52 8.55
C GLU D 263 9.03 9.72 9.40
N VAL D 264 9.67 10.71 8.80
CA VAL D 264 10.14 11.88 9.52
C VAL D 264 9.47 13.17 9.06
N GLY D 265 8.60 13.09 8.05
CA GLY D 265 7.79 14.19 7.59
C GLY D 265 6.77 13.59 6.65
N PRO D 266 5.84 14.40 6.12
CA PRO D 266 4.83 13.86 5.21
C PRO D 266 5.40 13.21 3.95
N ASN D 267 5.29 11.88 3.88
CA ASN D 267 5.86 11.06 2.79
C ASN D 267 7.38 11.26 2.67
N ILE D 268 8.03 11.53 3.79
CA ILE D 268 9.48 11.73 3.83
C ILE D 268 10.07 10.71 4.78
N PHE D 269 10.98 9.89 4.29
CA PHE D 269 11.47 8.74 5.03
C PHE D 269 12.98 8.79 5.20
N GLU D 270 13.41 8.39 6.40
CA GLU D 270 14.82 8.16 6.68
C GLU D 270 15.10 6.72 6.25
N TYR D 271 16.10 6.52 5.39
CA TYR D 271 16.39 5.18 4.89
C TYR D 271 17.91 4.99 4.84
N THR D 272 18.37 3.75 4.73
CA THR D 272 19.81 3.50 4.74
C THR D 272 20.39 3.86 3.37
N MET D 273 21.10 4.98 3.32
CA MET D 273 21.49 5.57 2.06
C MET D 273 22.77 4.92 1.55
N TYR D 274 23.73 4.69 2.45
CA TYR D 274 24.94 3.94 2.11
C TYR D 274 25.40 3.15 3.33
N THR D 275 26.25 2.16 3.05
CA THR D 275 26.93 1.38 4.07
C THR D 275 28.42 1.33 3.75
N SER D 276 29.25 1.68 4.72
CA SER D 276 30.71 1.71 4.53
C SER D 276 31.38 0.67 5.42
N CYS D 277 32.46 0.06 4.91
CA CYS D 277 33.22 -0.96 5.65
C CYS D 277 34.69 -0.71 5.38
N MET D 278 35.45 -0.30 6.39
CA MET D 278 36.87 0.00 6.16
C MET D 278 37.78 -0.92 6.97
N ASN D 279 38.69 -1.59 6.25
CA ASN D 279 39.67 -2.47 6.86
C ASN D 279 40.83 -1.65 7.41
N LEU D 280 41.01 -1.71 8.74
CA LEU D 280 41.96 -0.84 9.43
C LEU D 280 43.40 -1.20 9.11
N GLU D 281 43.69 -2.50 8.99
CA GLU D 281 45.05 -2.96 8.67
C GLU D 281 45.46 -2.59 7.26
N LYS D 282 44.53 -2.62 6.30
CA LYS D 282 44.88 -2.55 4.90
C LYS D 282 44.48 -1.24 4.22
N GLY D 283 43.73 -0.37 4.89
CA GLY D 283 43.29 0.88 4.27
C GLY D 283 42.42 0.72 3.04
N ILE D 284 41.54 -0.27 3.05
CA ILE D 284 40.57 -0.45 1.98
C ILE D 284 39.20 -0.05 2.50
N LEU D 285 38.49 0.80 1.74
CA LEU D 285 37.10 1.14 1.99
C LEU D 285 36.18 0.34 1.06
N TYR D 286 35.34 -0.51 1.64
CA TYR D 286 34.29 -1.20 0.90
C TYR D 286 32.95 -0.48 1.13
N PHE D 287 32.09 -0.46 0.10
CA PHE D 287 30.87 0.33 0.24
C PHE D 287 29.79 -0.16 -0.71
N ASN D 288 28.53 0.07 -0.33
CA ASN D 288 27.40 -0.01 -1.25
C ASN D 288 26.36 1.03 -0.83
N CYS D 289 25.23 1.06 -1.51
CA CYS D 289 24.25 2.10 -1.27
C CYS D 289 22.85 1.55 -1.48
N TYR D 290 21.84 2.35 -1.14
CA TYR D 290 20.46 1.88 -1.28
C TYR D 290 20.18 1.38 -2.69
N ASP D 291 20.72 2.09 -3.70
CA ASP D 291 20.40 1.77 -5.09
C ASP D 291 21.30 0.70 -5.70
N ASP D 292 22.43 0.36 -5.09
CA ASP D 292 23.36 -0.64 -5.65
C ASP D 292 23.80 -1.60 -4.54
N SER D 293 23.39 -2.87 -4.63
CA SER D 293 23.77 -3.81 -3.58
C SER D 293 25.15 -4.39 -3.81
N ARG D 294 25.68 -4.34 -5.04
CA ARG D 294 27.04 -4.80 -5.27
C ARG D 294 28.03 -4.00 -4.44
N ILE D 295 28.99 -4.70 -3.84
CA ILE D 295 30.02 -4.05 -3.02
C ILE D 295 31.12 -3.54 -3.93
N SER D 296 31.54 -2.30 -3.72
CA SER D 296 32.69 -1.66 -4.38
C SER D 296 33.79 -1.44 -3.37
N ALA D 297 35.02 -1.20 -3.88
CA ALA D 297 36.18 -1.12 -3.00
C ALA D 297 37.21 -0.13 -3.54
N VAL D 298 37.74 0.73 -2.66
CA VAL D 298 38.81 1.66 -2.99
C VAL D 298 39.96 1.43 -2.01
N ASP D 299 41.16 1.25 -2.56
CA ASP D 299 42.36 0.97 -1.77
C ASP D 299 43.17 2.26 -1.69
N MET D 300 43.24 2.83 -0.48
CA MET D 300 44.04 4.03 -0.22
C MET D 300 45.46 3.88 -0.74
N ASN D 301 46.03 2.69 -0.61
CA ASN D 301 47.45 2.45 -0.84
C ASN D 301 47.79 2.27 -2.31
N LYS D 302 46.83 2.40 -3.21
CA LYS D 302 47.11 2.45 -4.63
C LYS D 302 47.19 3.88 -5.15
N GLU D 303 47.01 4.86 -4.28
CA GLU D 303 47.07 6.27 -4.65
C GLU D 303 48.36 6.87 -4.15
N ASP D 304 48.71 8.04 -4.68
CA ASP D 304 49.90 8.77 -4.25
C ASP D 304 49.61 9.47 -2.92
N LEU D 305 50.00 8.85 -1.82
CA LEU D 305 49.67 9.38 -0.51
C LEU D 305 50.53 10.58 -0.13
N SER D 306 51.59 10.86 -0.90
CA SER D 306 52.44 12.01 -0.66
C SER D 306 51.92 13.26 -1.35
N SER D 307 50.82 13.18 -2.08
CA SER D 307 50.30 14.34 -2.79
C SER D 307 49.59 15.27 -1.81
N SER D 308 48.95 16.32 -2.34
CA SER D 308 48.29 17.30 -1.51
C SER D 308 46.89 17.68 -1.99
N ASP D 309 46.38 17.07 -3.05
CA ASP D 309 45.03 17.30 -3.52
C ASP D 309 44.12 16.15 -3.08
N LEU D 310 42.85 16.45 -2.86
CA LEU D 310 41.90 15.41 -2.49
C LEU D 310 41.66 14.48 -3.68
N ILE D 311 41.58 13.19 -3.41
CA ILE D 311 41.31 12.19 -4.44
C ILE D 311 39.93 11.63 -4.17
N VAL D 312 39.02 11.76 -5.15
CA VAL D 312 37.62 11.46 -4.89
C VAL D 312 37.11 10.42 -5.87
N PHE D 313 36.12 9.64 -5.42
CA PHE D 313 35.47 8.61 -6.22
C PHE D 313 33.98 8.65 -5.92
N ASP D 314 33.19 8.23 -6.91
CA ASP D 314 31.74 8.18 -6.70
C ASP D 314 31.40 7.17 -5.61
N LEU D 315 30.47 7.57 -4.73
CA LEU D 315 29.88 6.70 -3.73
C LEU D 315 28.53 6.14 -4.21
N PHE D 316 27.60 7.02 -4.58
CA PHE D 316 26.28 6.59 -4.99
C PHE D 316 26.29 6.09 -6.43
N LYS D 317 25.75 4.89 -6.65
CA LYS D 317 25.81 4.24 -7.96
C LYS D 317 24.44 3.65 -8.28
N LYS D 318 24.25 3.32 -9.56
CA LYS D 318 23.03 2.65 -10.01
C LYS D 318 23.12 1.14 -9.78
N GLN D 319 21.96 0.49 -9.68
CA GLN D 319 21.93 -0.95 -9.46
C GLN D 319 22.71 -1.69 -10.54
N ASP D 320 23.66 -2.52 -10.14
CA ASP D 320 24.63 -3.14 -11.05
C ASP D 320 24.28 -4.63 -11.19
N ILE D 321 23.36 -4.94 -12.10
CA ILE D 321 22.80 -6.28 -12.23
C ILE D 321 23.65 -7.13 -13.15
N SER D 322 23.90 -8.37 -12.74
CA SER D 322 24.61 -9.35 -13.53
C SER D 322 23.60 -10.16 -14.35
N PHE D 323 23.59 -9.95 -15.67
CA PHE D 323 22.65 -10.63 -16.56
C PHE D 323 23.24 -11.95 -17.03
N ILE D 324 22.59 -13.05 -16.66
CA ILE D 324 23.22 -14.35 -16.67
C ILE D 324 23.09 -15.02 -18.04
N ASN D 325 21.87 -15.14 -18.56
CA ASN D 325 21.66 -15.88 -19.82
C ASN D 325 21.61 -14.91 -21.00
N HIS D 326 22.77 -14.29 -21.26
CA HIS D 326 22.89 -13.32 -22.34
C HIS D 326 22.98 -13.96 -23.73
N HIS D 327 23.36 -15.23 -23.82
CA HIS D 327 23.51 -15.94 -25.09
C HIS D 327 24.42 -15.17 -26.06
N HIS D 328 25.56 -14.72 -25.54
CA HIS D 328 26.56 -14.13 -26.42
C HIS D 328 27.43 -15.20 -27.06
N HIS D 329 27.53 -16.37 -26.43
CA HIS D 329 28.26 -17.51 -26.96
C HIS D 329 29.68 -17.10 -27.37
N HIS D 330 30.34 -16.38 -26.48
CA HIS D 330 31.76 -16.06 -26.65
C HIS D 330 32.60 -17.33 -26.69
N HIS D 331 33.64 -17.32 -27.53
CA HIS D 331 34.51 -18.49 -27.66
C HIS D 331 35.70 -18.37 -26.73
N CYS E 2 -17.15 -22.16 -38.96
CA CYS E 2 -18.07 -23.28 -39.12
C CYS E 2 -19.36 -22.79 -39.80
N THR E 3 -19.73 -21.53 -39.62
CA THR E 3 -20.87 -20.91 -40.32
C THR E 3 -20.48 -19.52 -40.81
N SER E 4 -20.56 -19.29 -42.12
CA SER E 4 -20.21 -18.00 -42.70
C SER E 4 -21.38 -17.45 -43.52
N ILE E 5 -21.57 -16.12 -43.50
CA ILE E 5 -22.67 -15.47 -44.19
C ILE E 5 -22.21 -14.19 -44.89
N LEU E 6 -22.97 -13.81 -45.92
CA LEU E 6 -22.92 -12.49 -46.55
C LEU E 6 -24.30 -11.85 -46.38
N TYR E 7 -24.35 -10.73 -45.67
CA TYR E 7 -25.58 -10.04 -45.28
C TYR E 7 -25.62 -8.68 -45.94
N SER E 8 -26.72 -8.37 -46.63
CA SER E 8 -26.78 -7.22 -47.53
C SER E 8 -27.95 -6.28 -47.25
N PRO E 9 -28.09 -5.77 -46.02
CA PRO E 9 -29.24 -4.89 -45.74
C PRO E 9 -29.12 -3.54 -46.43
N LYS E 10 -27.92 -2.98 -46.55
CA LYS E 10 -27.70 -1.68 -47.18
C LYS E 10 -26.21 -1.58 -47.49
N ASP E 11 -25.38 -1.43 -46.47
CA ASP E 11 -24.01 -1.89 -46.61
C ASP E 11 -24.00 -3.42 -46.64
N HIS E 12 -22.83 -3.99 -46.89
CA HIS E 12 -22.65 -5.42 -47.04
C HIS E 12 -21.69 -5.93 -45.97
N TYR E 13 -22.12 -6.97 -45.26
CA TYR E 13 -21.40 -7.47 -44.09
C TYR E 13 -21.06 -8.93 -44.33
N PHE E 14 -19.80 -9.28 -44.03
CA PHE E 14 -19.26 -10.60 -44.34
C PHE E 14 -18.57 -11.12 -43.10
N GLY E 15 -18.89 -12.35 -42.67
CA GLY E 15 -18.35 -12.81 -41.41
C GLY E 15 -18.70 -14.26 -41.11
N ARG E 16 -18.43 -14.68 -39.88
CA ARG E 16 -18.56 -16.09 -39.58
C ARG E 16 -18.45 -16.31 -38.08
N ASN E 17 -19.06 -17.41 -37.61
CA ASN E 17 -18.74 -18.06 -36.34
C ASN E 17 -17.56 -18.99 -36.58
N LEU E 18 -16.62 -19.03 -35.63
CA LEU E 18 -15.61 -20.10 -35.64
C LEU E 18 -15.89 -21.01 -34.46
N ASP E 19 -16.29 -22.24 -34.77
CA ASP E 19 -16.67 -23.23 -33.77
C ASP E 19 -15.62 -24.34 -33.78
N TYR E 20 -14.97 -24.57 -32.66
CA TYR E 20 -13.98 -25.65 -32.63
C TYR E 20 -13.65 -25.97 -31.18
N GLU E 21 -12.81 -26.99 -31.00
CA GLU E 21 -12.39 -27.38 -29.65
C GLU E 21 -10.94 -27.01 -29.36
N ILE E 22 -10.16 -26.60 -30.37
CA ILE E 22 -8.76 -26.22 -30.21
C ILE E 22 -8.59 -24.79 -30.73
N ALA E 23 -7.80 -24.00 -30.01
CA ALA E 23 -7.46 -22.66 -30.45
C ALA E 23 -6.15 -22.68 -31.24
N TYR E 24 -5.98 -21.68 -32.09
CA TYR E 24 -4.79 -21.59 -32.95
C TYR E 24 -4.10 -20.25 -32.83
N GLY E 25 -4.27 -19.58 -31.69
CA GLY E 25 -3.59 -18.31 -31.46
C GLY E 25 -4.11 -17.18 -32.31
N GLN E 26 -5.39 -17.21 -32.67
CA GLN E 26 -5.94 -16.19 -33.57
C GLN E 26 -5.92 -14.81 -32.92
N LYS E 27 -5.69 -13.81 -33.75
CA LYS E 27 -5.72 -12.42 -33.37
C LYS E 27 -6.36 -11.65 -34.51
N VAL E 28 -6.70 -10.39 -34.27
CA VAL E 28 -7.06 -9.50 -35.36
C VAL E 28 -5.78 -9.05 -36.04
N VAL E 29 -5.75 -9.11 -37.37
CA VAL E 29 -4.52 -8.85 -38.12
C VAL E 29 -4.85 -8.05 -39.37
N ILE E 30 -4.24 -6.87 -39.49
CA ILE E 30 -4.26 -6.09 -40.71
C ILE E 30 -2.96 -6.33 -41.46
N THR E 31 -3.06 -6.67 -42.73
CA THR E 31 -1.90 -6.81 -43.61
C THR E 31 -1.84 -5.63 -44.56
N PRO E 32 -0.88 -4.72 -44.40
CA PRO E 32 -0.86 -3.49 -45.22
C PRO E 32 -0.45 -3.78 -46.64
N ARG E 33 -0.58 -2.75 -47.49
CA ARG E 33 -0.37 -2.92 -48.93
C ARG E 33 1.04 -3.38 -49.27
N ASN E 34 2.02 -3.11 -48.41
CA ASN E 34 3.41 -3.36 -48.77
C ASN E 34 4.07 -4.47 -47.97
N TYR E 35 3.30 -5.21 -47.17
CA TYR E 35 3.84 -6.47 -46.66
C TYR E 35 4.05 -7.41 -47.83
N GLU E 36 5.17 -8.14 -47.80
CA GLU E 36 5.58 -8.94 -48.96
C GLU E 36 5.15 -10.39 -48.74
N PHE E 37 4.21 -10.86 -49.57
CA PHE E 37 3.77 -12.24 -49.54
C PHE E 37 4.77 -13.12 -50.26
N LYS E 38 5.23 -14.17 -49.58
CA LYS E 38 6.11 -15.17 -50.21
C LYS E 38 5.27 -16.43 -50.49
N PHE E 39 4.60 -16.44 -51.65
CA PHE E 39 3.76 -17.58 -52.03
C PHE E 39 4.60 -18.75 -52.54
N ALA E 40 4.12 -19.96 -52.25
CA ALA E 40 4.92 -21.16 -52.47
C ALA E 40 5.24 -21.37 -53.94
N ASN E 41 4.29 -21.10 -54.84
CA ASN E 41 4.48 -21.40 -56.25
C ASN E 41 3.91 -20.31 -57.14
N LEU E 42 3.89 -19.08 -56.64
CA LEU E 42 3.51 -17.90 -57.39
C LEU E 42 4.52 -16.80 -57.14
N PRO E 43 4.66 -15.85 -58.06
CA PRO E 43 5.62 -14.75 -57.85
C PRO E 43 5.25 -13.92 -56.63
N ALA E 44 6.29 -13.43 -55.95
CA ALA E 44 6.10 -12.65 -54.74
C ALA E 44 5.41 -11.32 -55.05
N GLU E 45 4.59 -10.86 -54.10
CA GLU E 45 3.78 -9.66 -54.28
C GLU E 45 4.17 -8.64 -53.21
N LYS E 46 5.00 -7.67 -53.61
CA LYS E 46 5.44 -6.60 -52.71
C LYS E 46 4.45 -5.44 -52.64
N SER E 47 3.54 -5.34 -53.60
CA SER E 47 2.50 -4.32 -53.62
C SER E 47 1.17 -4.97 -53.99
N HIS E 48 0.16 -4.76 -53.14
CA HIS E 48 -1.11 -5.46 -53.28
C HIS E 48 -2.17 -4.73 -52.45
N TYR E 49 -3.41 -5.24 -52.50
CA TYR E 49 -4.46 -4.67 -51.69
C TYR E 49 -4.23 -4.98 -50.21
N ALA E 50 -4.65 -4.05 -49.35
CA ALA E 50 -4.58 -4.27 -47.92
C ALA E 50 -5.82 -5.05 -47.46
N MET E 51 -5.67 -5.76 -46.34
CA MET E 51 -6.75 -6.59 -45.82
C MET E 51 -6.75 -6.56 -44.29
N ILE E 52 -7.89 -6.97 -43.71
CA ILE E 52 -8.08 -7.10 -42.27
C ILE E 52 -8.93 -8.34 -42.00
N GLY E 53 -8.61 -9.06 -40.93
CA GLY E 53 -9.38 -10.25 -40.62
C GLY E 53 -8.89 -10.90 -39.34
N ILE E 54 -9.29 -12.15 -39.16
CA ILE E 54 -8.83 -12.98 -38.06
C ILE E 54 -7.81 -13.95 -38.63
N ALA E 55 -6.63 -13.99 -38.00
CA ALA E 55 -5.53 -14.81 -38.50
C ALA E 55 -4.71 -15.31 -37.32
N ALA E 56 -4.07 -16.46 -37.53
CA ALA E 56 -2.92 -16.85 -36.73
C ALA E 56 -1.68 -16.24 -37.36
N VAL E 57 -0.66 -16.00 -36.55
CA VAL E 57 0.59 -15.41 -37.02
C VAL E 57 1.73 -16.33 -36.65
N ALA E 58 2.50 -16.73 -37.64
CA ALA E 58 3.61 -17.65 -37.44
C ALA E 58 4.71 -17.22 -38.38
N ASN E 59 5.95 -17.17 -37.87
CA ASN E 59 7.09 -16.75 -38.66
C ASN E 59 6.75 -15.52 -39.51
N ASN E 60 6.16 -14.53 -38.84
CA ASN E 60 5.76 -13.26 -39.48
C ASN E 60 4.90 -13.49 -40.73
N THR E 61 4.04 -14.50 -40.69
CA THR E 61 3.11 -14.75 -41.80
C THR E 61 1.69 -14.82 -41.29
N PRO E 62 0.76 -14.08 -41.88
CA PRO E 62 -0.65 -14.17 -41.45
C PRO E 62 -1.32 -15.38 -42.08
N LEU E 63 -1.89 -16.22 -41.23
CA LEU E 63 -2.64 -17.40 -41.65
C LEU E 63 -4.11 -17.08 -41.37
N TYR E 64 -4.78 -16.55 -42.38
CA TYR E 64 -6.14 -16.03 -42.20
C TYR E 64 -7.18 -17.13 -42.12
N CYS E 65 -8.17 -16.88 -41.28
CA CYS E 65 -9.36 -17.69 -41.08
C CYS E 65 -10.51 -17.15 -41.92
N ASP E 66 -10.59 -15.82 -41.99
CA ASP E 66 -11.58 -15.02 -42.69
C ASP E 66 -11.07 -13.59 -42.71
N ALA E 67 -11.31 -12.88 -43.80
CA ALA E 67 -10.82 -11.52 -43.94
C ALA E 67 -11.51 -10.88 -45.13
N ILE E 68 -11.38 -9.55 -45.21
CA ILE E 68 -11.87 -8.74 -46.31
C ILE E 68 -10.72 -7.84 -46.75
N ASN E 69 -10.78 -7.35 -48.00
CA ASN E 69 -9.75 -6.43 -48.46
C ASN E 69 -10.35 -5.04 -48.65
N GLU E 70 -9.50 -4.08 -49.02
CA GLU E 70 -9.93 -2.69 -49.03
C GLU E 70 -10.86 -2.37 -50.19
N LYS E 71 -11.04 -3.28 -51.14
CA LYS E 71 -11.95 -3.06 -52.26
C LYS E 71 -13.35 -3.62 -52.03
N GLY E 72 -13.57 -4.36 -50.95
CA GLY E 72 -14.87 -4.90 -50.65
C GLY E 72 -15.06 -6.35 -51.04
N LEU E 73 -13.99 -7.14 -51.10
CA LEU E 73 -14.04 -8.57 -51.35
C LEU E 73 -13.76 -9.29 -50.04
N GLY E 74 -14.42 -10.42 -49.81
CA GLY E 74 -14.22 -11.17 -48.58
C GLY E 74 -14.12 -12.66 -48.85
N VAL E 75 -13.31 -13.34 -48.02
CA VAL E 75 -13.12 -14.79 -48.09
C VAL E 75 -13.11 -15.35 -46.67
N ALA E 76 -13.77 -16.49 -46.48
CA ALA E 76 -13.79 -17.22 -45.21
C ALA E 76 -13.44 -18.68 -45.47
N GLY E 77 -12.58 -19.26 -44.65
CA GLY E 77 -12.24 -20.66 -44.76
C GLY E 77 -12.94 -21.42 -43.65
N LEU E 78 -13.56 -22.54 -44.01
CA LEU E 78 -14.31 -23.37 -43.08
C LEU E 78 -13.89 -24.82 -43.28
N SER E 79 -13.97 -25.60 -42.20
CA SER E 79 -13.53 -26.99 -42.25
C SER E 79 -14.30 -27.77 -43.31
N PHE E 80 -13.57 -28.60 -44.06
CA PHE E 80 -14.12 -29.48 -45.09
C PHE E 80 -13.63 -30.90 -44.86
N ALA E 81 -13.34 -31.23 -43.60
CA ALA E 81 -12.77 -32.53 -43.25
C ALA E 81 -13.66 -33.67 -43.74
N GLY E 82 -13.03 -34.67 -44.34
CA GLY E 82 -13.74 -35.81 -44.89
C GLY E 82 -14.27 -35.61 -46.28
N GLN E 83 -14.24 -34.39 -46.80
CA GLN E 83 -14.74 -34.10 -48.14
C GLN E 83 -13.66 -33.55 -49.06
N GLY E 84 -12.69 -32.80 -48.54
CA GLY E 84 -11.79 -32.08 -49.40
C GLY E 84 -10.64 -32.94 -49.88
N LYS E 85 -10.01 -32.48 -50.97
CA LYS E 85 -8.77 -33.08 -51.43
C LYS E 85 -7.91 -31.96 -52.04
N TYR E 86 -6.62 -32.01 -51.74
CA TYR E 86 -5.62 -31.14 -52.35
C TYR E 86 -4.74 -31.96 -53.28
N PHE E 87 -4.08 -31.29 -54.22
CA PHE E 87 -3.38 -32.04 -55.25
C PHE E 87 -1.94 -31.57 -55.36
N PRO E 88 -1.03 -32.43 -55.84
CA PRO E 88 0.38 -32.01 -55.99
C PRO E 88 0.53 -30.89 -56.99
N VAL E 89 1.60 -30.11 -56.82
CA VAL E 89 1.89 -29.00 -57.73
C VAL E 89 2.00 -29.55 -59.16
N VAL E 90 1.38 -28.87 -60.11
CA VAL E 90 1.38 -29.32 -61.49
C VAL E 90 1.70 -28.12 -62.39
N GLU E 91 2.42 -28.39 -63.48
CA GLU E 91 2.93 -27.31 -64.33
C GLU E 91 1.84 -26.60 -65.11
N ASP E 92 0.71 -27.26 -65.36
CA ASP E 92 -0.32 -26.68 -66.21
C ASP E 92 -1.19 -25.63 -65.52
N LYS E 93 -0.98 -25.36 -64.23
CA LYS E 93 -1.97 -24.61 -63.45
C LYS E 93 -1.31 -23.49 -62.65
N LYS E 94 -2.16 -22.58 -62.17
CA LYS E 94 -1.83 -21.64 -61.11
C LYS E 94 -2.03 -22.34 -59.76
N ASN E 95 -0.94 -22.63 -59.05
CA ASN E 95 -0.98 -23.46 -57.85
C ASN E 95 -1.07 -22.58 -56.62
N ILE E 96 -2.15 -22.69 -55.86
CA ILE E 96 -2.35 -21.93 -54.63
C ILE E 96 -2.40 -22.91 -53.47
N ALA E 97 -1.58 -22.68 -52.45
CA ALA E 97 -1.62 -23.52 -51.28
C ALA E 97 -2.84 -23.16 -50.44
N SER E 98 -3.37 -24.16 -49.71
CA SER E 98 -4.64 -23.98 -49.03
C SER E 98 -4.54 -22.90 -47.96
N PHE E 99 -3.43 -22.86 -47.21
CA PHE E 99 -3.27 -21.86 -46.14
C PHE E 99 -3.07 -20.45 -46.67
N GLU E 100 -2.80 -20.30 -47.97
CA GLU E 100 -2.54 -19.01 -48.56
C GLU E 100 -3.65 -18.56 -49.51
N PHE E 101 -4.76 -19.31 -49.56
CA PHE E 101 -5.81 -18.99 -50.52
C PHE E 101 -6.47 -17.65 -50.17
N ILE E 102 -6.84 -17.46 -48.91
CA ILE E 102 -7.46 -16.19 -48.52
C ILE E 102 -6.49 -15.04 -48.83
N SER E 103 -5.23 -15.19 -48.44
CA SER E 103 -4.21 -14.16 -48.67
C SER E 103 -4.09 -13.80 -50.14
N TYR E 104 -3.88 -14.80 -51.00
CA TYR E 104 -3.69 -14.53 -52.42
C TYR E 104 -4.91 -13.87 -53.03
N ILE E 105 -6.10 -14.42 -52.76
CA ILE E 105 -7.32 -13.89 -53.39
C ILE E 105 -7.54 -12.43 -52.98
N LEU E 106 -7.43 -12.13 -51.68
CA LEU E 106 -7.66 -10.77 -51.21
C LEU E 106 -6.56 -9.82 -51.67
N ALA E 107 -5.33 -10.33 -51.87
CA ALA E 107 -4.24 -9.49 -52.35
C ALA E 107 -4.45 -9.06 -53.80
N THR E 108 -5.06 -9.93 -54.62
CA THR E 108 -5.03 -9.80 -56.07
C THR E 108 -6.33 -9.30 -56.69
N TYR E 109 -7.49 -9.59 -56.11
CA TYR E 109 -8.74 -9.39 -56.82
C TYR E 109 -9.68 -8.48 -56.05
N GLU E 110 -10.66 -7.93 -56.76
CA GLU E 110 -11.63 -7.03 -56.15
C GLU E 110 -13.06 -7.56 -56.09
N THR E 111 -13.48 -8.37 -57.06
CA THR E 111 -14.89 -8.78 -57.15
C THR E 111 -15.00 -10.31 -57.25
N VAL E 112 -16.20 -10.79 -56.90
CA VAL E 112 -16.50 -12.20 -57.05
C VAL E 112 -16.38 -12.63 -58.50
N ASP E 113 -16.90 -11.82 -59.43
CA ASP E 113 -16.78 -12.14 -60.86
C ASP E 113 -15.33 -12.29 -61.29
N GLN E 114 -14.46 -11.38 -60.83
CA GLN E 114 -13.03 -11.54 -61.07
C GLN E 114 -12.51 -12.88 -60.56
N VAL E 115 -12.91 -13.25 -59.35
CA VAL E 115 -12.43 -14.50 -58.78
C VAL E 115 -12.87 -15.69 -59.63
N LYS E 116 -14.14 -15.69 -60.07
CA LYS E 116 -14.62 -16.75 -60.96
C LYS E 116 -13.78 -16.85 -62.21
N GLU E 117 -13.60 -15.73 -62.92
CA GLU E 117 -12.82 -15.74 -64.15
C GLU E 117 -11.44 -16.33 -63.93
N ASN E 118 -10.85 -16.12 -62.76
CA ASN E 118 -9.45 -16.41 -62.53
C ASN E 118 -9.21 -17.75 -61.85
N LEU E 119 -10.24 -18.45 -61.40
CA LEU E 119 -10.04 -19.75 -60.79
C LEU E 119 -10.04 -20.88 -61.81
N THR E 120 -10.35 -20.61 -63.08
CA THR E 120 -10.44 -21.68 -64.07
C THR E 120 -9.11 -22.41 -64.25
N ASP E 121 -8.00 -21.73 -64.02
CA ASP E 121 -6.67 -22.32 -64.18
C ASP E 121 -6.03 -22.73 -62.85
N VAL E 122 -6.77 -22.66 -61.74
CA VAL E 122 -6.17 -22.79 -60.42
C VAL E 122 -6.17 -24.26 -60.01
N ASN E 123 -5.15 -24.64 -59.23
CA ASN E 123 -5.09 -25.91 -58.53
C ASN E 123 -4.77 -25.63 -57.07
N ILE E 124 -5.60 -26.15 -56.16
CA ILE E 124 -5.33 -26.03 -54.73
C ILE E 124 -4.32 -27.12 -54.36
N SER E 125 -3.11 -26.72 -53.99
CA SER E 125 -2.02 -27.65 -53.81
C SER E 125 -1.99 -28.20 -52.40
N ASP E 126 -1.30 -29.33 -52.25
CA ASP E 126 -1.08 -30.00 -50.98
C ASP E 126 0.10 -29.42 -50.18
N VAL E 127 0.67 -28.29 -50.61
CA VAL E 127 1.76 -27.67 -49.88
C VAL E 127 1.27 -27.23 -48.51
N SER E 128 2.01 -27.59 -47.45
CA SER E 128 1.69 -27.15 -46.10
C SER E 128 2.63 -26.03 -45.66
N PHE E 129 2.24 -25.36 -44.57
CA PHE E 129 3.02 -24.21 -44.08
C PHE E 129 4.32 -24.65 -43.43
N SER E 130 4.27 -25.72 -42.63
CA SER E 130 5.41 -26.16 -41.85
C SER E 130 5.21 -27.62 -41.45
N LYS E 131 6.28 -28.23 -40.94
CA LYS E 131 6.20 -29.59 -40.44
C LYS E 131 5.32 -29.69 -39.20
N ASN E 132 5.16 -28.60 -38.45
CA ASN E 132 4.28 -28.56 -37.30
C ASN E 132 2.89 -28.01 -37.63
N THR E 133 2.64 -27.58 -38.87
CA THR E 133 1.37 -27.01 -39.28
C THR E 133 0.92 -27.69 -40.58
N PRO E 134 0.41 -28.92 -40.49
CA PRO E 134 -0.09 -29.60 -41.68
C PRO E 134 -1.34 -28.92 -42.22
N ALA E 135 -1.64 -29.20 -43.49
CA ALA E 135 -2.61 -28.41 -44.25
C ALA E 135 -4.02 -28.90 -43.96
N SER E 136 -4.70 -28.23 -43.03
CA SER E 136 -6.06 -28.63 -42.68
C SER E 136 -7.01 -28.44 -43.86
N GLU E 137 -8.02 -29.33 -43.94
CA GLU E 137 -8.91 -29.39 -45.09
C GLU E 137 -9.98 -28.31 -44.99
N LEU E 138 -10.06 -27.45 -46.01
CA LEU E 138 -10.91 -26.28 -46.01
C LEU E 138 -11.74 -26.22 -47.29
N HIS E 139 -12.86 -25.48 -47.20
CA HIS E 139 -13.48 -24.91 -48.39
C HIS E 139 -13.81 -23.46 -48.08
N TRP E 140 -14.15 -22.67 -49.10
CA TRP E 140 -14.22 -21.23 -48.92
C TRP E 140 -15.51 -20.62 -49.46
N LEU E 141 -16.01 -19.63 -48.73
CA LEU E 141 -17.03 -18.71 -49.21
C LEU E 141 -16.36 -17.39 -49.60
N VAL E 142 -16.70 -16.89 -50.79
CA VAL E 142 -16.19 -15.62 -51.32
C VAL E 142 -17.39 -14.72 -51.58
N GLY E 143 -17.37 -13.50 -51.04
CA GLY E 143 -18.46 -12.58 -51.27
C GLY E 143 -17.94 -11.17 -51.50
N ASP E 144 -18.80 -10.32 -52.06
CA ASP E 144 -18.40 -8.94 -52.34
C ASP E 144 -19.60 -8.01 -52.22
N LYS E 145 -19.41 -6.74 -52.57
CA LYS E 145 -20.41 -5.70 -52.34
C LYS E 145 -21.55 -5.72 -53.35
N THR E 146 -21.47 -6.56 -54.37
CA THR E 146 -22.65 -6.75 -55.19
C THR E 146 -23.73 -7.57 -54.48
N GLY E 147 -23.44 -8.10 -53.29
CA GLY E 147 -24.39 -8.96 -52.62
C GLY E 147 -24.44 -10.37 -53.15
N LYS E 148 -23.46 -10.78 -53.96
CA LYS E 148 -23.35 -12.14 -54.47
C LYS E 148 -22.19 -12.86 -53.80
N SER E 149 -22.27 -14.19 -53.82
CA SER E 149 -21.21 -15.01 -53.26
C SER E 149 -21.02 -16.27 -54.10
N ILE E 150 -19.85 -16.90 -53.93
CA ILE E 150 -19.53 -18.18 -54.55
C ILE E 150 -18.92 -19.07 -53.50
N VAL E 151 -18.96 -20.38 -53.78
CA VAL E 151 -18.35 -21.41 -52.94
C VAL E 151 -17.22 -22.04 -53.73
N VAL E 152 -16.04 -22.17 -53.09
CA VAL E 152 -14.89 -22.80 -53.72
C VAL E 152 -14.59 -24.10 -52.98
N GLU E 153 -14.63 -25.23 -53.71
CA GLU E 153 -14.43 -26.56 -53.15
C GLU E 153 -13.47 -27.35 -54.03
N SER E 154 -12.43 -27.90 -53.39
CA SER E 154 -11.51 -28.84 -54.02
C SER E 154 -11.80 -30.23 -53.44
N ASP E 155 -12.29 -31.13 -54.27
CA ASP E 155 -12.59 -32.48 -53.76
C ASP E 155 -11.95 -33.54 -54.65
N GLU E 156 -12.31 -34.81 -54.45
CA GLU E 156 -11.72 -35.91 -55.21
C GLU E 156 -11.84 -35.71 -56.72
N LYS E 157 -12.79 -34.90 -57.17
CA LYS E 157 -12.96 -34.66 -58.60
C LYS E 157 -12.39 -33.34 -59.05
N GLY E 158 -11.54 -32.72 -58.25
CA GLY E 158 -10.89 -31.48 -58.64
C GLY E 158 -11.50 -30.25 -57.98
N LEU E 159 -11.25 -29.11 -58.64
CA LEU E 159 -11.69 -27.81 -58.14
C LEU E 159 -13.04 -27.46 -58.75
N HIS E 160 -13.96 -27.00 -57.91
CA HIS E 160 -15.29 -26.57 -58.35
C HIS E 160 -15.59 -25.20 -57.79
N VAL E 161 -16.24 -24.36 -58.60
CA VAL E 161 -16.73 -23.04 -58.18
C VAL E 161 -18.25 -23.02 -58.40
N TYR E 162 -19.00 -22.73 -57.35
CA TYR E 162 -20.46 -22.70 -57.41
C TYR E 162 -20.99 -21.31 -57.12
N ASP E 163 -21.96 -20.86 -57.92
CA ASP E 163 -22.77 -19.73 -57.49
C ASP E 163 -23.58 -20.10 -56.25
N ASN E 164 -23.63 -19.18 -55.30
CA ASN E 164 -24.25 -19.49 -54.00
C ASN E 164 -25.52 -18.69 -53.85
N PRO E 165 -26.70 -19.28 -54.09
CA PRO E 165 -27.94 -18.50 -54.05
C PRO E 165 -28.40 -18.13 -52.66
N VAL E 166 -27.79 -18.65 -51.60
CA VAL E 166 -28.25 -18.40 -50.23
C VAL E 166 -27.24 -17.63 -49.39
N ASN E 167 -26.07 -17.32 -49.94
CA ASN E 167 -25.06 -16.48 -49.29
C ASN E 167 -24.67 -16.97 -47.90
N ALA E 168 -24.51 -18.29 -47.76
CA ALA E 168 -24.12 -18.90 -46.50
C ALA E 168 -23.40 -20.22 -46.78
N LEU E 169 -22.59 -20.64 -45.81
CA LEU E 169 -21.82 -21.88 -45.96
C LEU E 169 -21.51 -22.44 -44.57
N THR E 170 -21.49 -23.78 -44.47
CA THR E 170 -21.01 -24.43 -43.25
C THR E 170 -19.93 -25.45 -43.60
N ASN E 171 -20.09 -26.71 -43.21
CA ASN E 171 -19.06 -27.73 -43.39
C ASN E 171 -19.54 -28.74 -44.42
N ALA E 172 -19.44 -30.04 -44.17
CA ALA E 172 -19.85 -31.08 -45.11
C ALA E 172 -21.37 -31.18 -45.15
N PRO E 173 -21.94 -31.78 -46.21
CA PRO E 173 -21.33 -32.38 -47.41
C PRO E 173 -20.98 -31.40 -48.53
N LEU E 174 -20.76 -31.91 -49.74
CA LEU E 174 -20.47 -31.07 -50.89
C LEU E 174 -21.60 -30.07 -51.10
N PHE E 175 -21.25 -28.89 -51.65
CA PHE E 175 -22.22 -27.81 -51.71
C PHE E 175 -23.49 -28.14 -52.47
N PRO E 176 -23.46 -28.77 -53.65
CA PRO E 176 -24.72 -29.13 -54.32
C PRO E 176 -25.64 -29.99 -53.45
N GLN E 177 -25.09 -30.86 -52.62
CA GLN E 177 -25.91 -31.64 -51.70
C GLN E 177 -26.53 -30.76 -50.63
N GLN E 178 -25.78 -29.76 -50.14
CA GLN E 178 -26.32 -28.80 -49.20
C GLN E 178 -27.53 -28.09 -49.79
N LEU E 179 -27.45 -27.67 -51.06
CA LEU E 179 -28.57 -26.95 -51.68
C LEU E 179 -29.77 -27.86 -51.90
N THR E 180 -29.53 -29.11 -52.30
CA THR E 180 -30.60 -30.08 -52.42
C THR E 180 -31.34 -30.24 -51.09
N ASN E 181 -30.59 -30.41 -50.00
CA ASN E 181 -31.21 -30.59 -48.69
C ASN E 181 -32.12 -29.43 -48.30
N LEU E 182 -31.85 -28.22 -48.79
CA LEU E 182 -32.67 -27.06 -48.45
C LEU E 182 -34.11 -27.26 -48.86
N ALA E 183 -34.32 -27.88 -50.02
CA ALA E 183 -35.67 -28.09 -50.53
C ALA E 183 -36.50 -28.96 -49.60
N ASN E 184 -35.87 -29.76 -48.74
CA ASN E 184 -36.62 -30.56 -47.77
C ASN E 184 -37.35 -29.71 -46.75
N TYR E 185 -37.02 -28.41 -46.66
CA TYR E 185 -37.63 -27.48 -45.71
C TYR E 185 -38.53 -26.46 -46.41
N ALA E 186 -38.97 -26.76 -47.63
CA ALA E 186 -39.71 -25.77 -48.41
C ALA E 186 -41.03 -25.37 -47.77
N ALA E 187 -41.56 -26.16 -46.83
CA ALA E 187 -42.84 -25.80 -46.21
C ALA E 187 -42.68 -24.92 -44.97
N VAL E 188 -41.45 -24.66 -44.52
CA VAL E 188 -41.26 -23.84 -43.32
C VAL E 188 -41.69 -22.41 -43.61
N VAL E 189 -42.40 -21.78 -42.66
CA VAL E 189 -42.70 -20.36 -42.73
C VAL E 189 -42.49 -19.73 -41.36
N PRO E 190 -42.23 -18.41 -41.30
CA PRO E 190 -42.02 -17.76 -39.99
C PRO E 190 -43.30 -17.61 -39.16
N GLY E 191 -44.46 -17.57 -39.80
CA GLY E 191 -45.75 -17.42 -39.12
C GLY E 191 -46.46 -18.74 -38.95
N GLN E 192 -47.78 -18.73 -39.21
CA GLN E 192 -48.62 -19.90 -39.14
C GLN E 192 -48.91 -20.41 -40.54
N PRO E 193 -48.78 -21.70 -40.79
CA PRO E 193 -49.22 -22.24 -42.08
C PRO E 193 -50.75 -22.25 -42.15
N ASN E 194 -51.27 -22.24 -43.37
CA ASN E 194 -52.67 -22.55 -43.58
CA ASN E 194 -52.67 -22.56 -43.59
C ASN E 194 -52.86 -24.05 -43.44
N ASN E 195 -53.97 -24.46 -42.82
CA ASN E 195 -54.21 -25.89 -42.59
C ASN E 195 -54.68 -26.54 -43.89
N ASP E 196 -53.73 -27.02 -44.67
CA ASP E 196 -54.04 -27.92 -45.77
C ASP E 196 -53.60 -29.34 -45.40
N PHE E 197 -53.26 -29.56 -44.13
CA PHE E 197 -52.83 -30.86 -43.65
C PHE E 197 -54.03 -31.74 -43.36
N LEU E 198 -54.99 -31.22 -42.61
CA LEU E 198 -56.25 -31.90 -42.31
C LEU E 198 -57.39 -30.95 -42.65
N PRO E 199 -57.68 -30.75 -43.94
CA PRO E 199 -58.80 -29.88 -44.32
C PRO E 199 -60.10 -30.35 -43.69
N GLY E 200 -60.88 -29.41 -43.18
CA GLY E 200 -62.11 -29.75 -42.49
C GLY E 200 -61.99 -29.90 -40.99
N VAL E 201 -60.77 -30.00 -40.47
CA VAL E 201 -60.51 -30.16 -39.04
C VAL E 201 -59.98 -28.83 -38.52
N ASP E 202 -60.45 -28.41 -37.35
CA ASP E 202 -60.00 -27.16 -36.74
C ASP E 202 -58.77 -27.48 -35.88
N LEU E 203 -57.58 -27.15 -36.38
CA LEU E 203 -56.37 -27.36 -35.61
C LEU E 203 -56.10 -26.08 -34.81
N LYS E 204 -56.10 -26.21 -33.50
CA LYS E 204 -55.79 -25.06 -32.66
C LYS E 204 -54.30 -24.75 -32.75
N MET E 205 -53.98 -23.54 -33.20
CA MET E 205 -52.58 -23.15 -33.33
C MET E 205 -52.13 -22.68 -31.95
N TYR E 206 -51.67 -23.63 -31.13
CA TYR E 206 -51.46 -23.40 -29.70
C TYR E 206 -50.22 -22.55 -29.41
N SER E 207 -49.37 -22.32 -30.40
CA SER E 207 -48.15 -21.53 -30.22
C SER E 207 -47.92 -20.68 -31.46
N ARG E 208 -47.26 -19.53 -31.25
CA ARG E 208 -46.79 -18.74 -32.37
C ARG E 208 -45.71 -19.50 -33.15
N SER E 209 -45.54 -19.11 -34.40
CA SER E 209 -44.52 -19.67 -35.28
C SER E 209 -44.53 -21.19 -35.35
N LEU E 210 -45.73 -21.81 -35.45
CA LEU E 210 -45.74 -23.25 -35.70
C LEU E 210 -45.20 -23.55 -37.10
N GLY E 211 -45.11 -22.53 -37.97
CA GLY E 211 -44.49 -22.74 -39.27
C GLY E 211 -43.01 -23.09 -39.19
N THR E 212 -42.36 -22.84 -38.05
CA THR E 212 -40.96 -23.20 -37.83
C THR E 212 -40.79 -24.45 -36.98
N HIS E 213 -41.85 -25.22 -36.76
CA HIS E 213 -41.73 -26.37 -35.88
C HIS E 213 -40.68 -27.38 -36.36
N HIS E 214 -40.44 -27.49 -37.68
CA HIS E 214 -39.47 -28.44 -38.20
C HIS E 214 -38.14 -27.78 -38.61
N LEU E 215 -37.91 -26.55 -38.20
CA LEU E 215 -36.63 -25.94 -38.52
C LEU E 215 -35.53 -26.58 -37.68
N PRO E 216 -34.38 -26.92 -38.27
CA PRO E 216 -33.32 -27.62 -37.53
C PRO E 216 -32.64 -26.73 -36.50
N GLY E 217 -32.37 -27.29 -35.32
CA GLY E 217 -31.64 -26.56 -34.28
C GLY E 217 -30.41 -27.30 -33.81
N GLY E 218 -29.99 -28.32 -34.57
CA GLY E 218 -28.86 -29.11 -34.16
C GLY E 218 -27.55 -28.43 -34.47
N MET E 219 -26.49 -29.04 -33.95
CA MET E 219 -25.15 -28.48 -34.01
C MET E 219 -24.39 -28.99 -35.22
N ASP E 220 -24.95 -29.96 -35.93
CA ASP E 220 -24.32 -30.56 -37.08
C ASP E 220 -24.39 -29.63 -38.28
N SER E 221 -23.64 -29.98 -39.33
CA SER E 221 -23.37 -29.05 -40.42
C SER E 221 -24.63 -28.74 -41.25
N GLU E 222 -25.42 -29.76 -41.58
CA GLU E 222 -26.64 -29.51 -42.34
C GLU E 222 -27.64 -28.69 -41.54
N SER E 223 -27.79 -28.99 -40.25
CA SER E 223 -28.75 -28.27 -39.42
C SER E 223 -28.42 -26.78 -39.34
N ARG E 224 -27.15 -26.44 -39.05
CA ARG E 224 -26.77 -25.03 -38.99
C ARG E 224 -26.92 -24.35 -40.34
N PHE E 225 -26.65 -25.08 -41.44
CA PHE E 225 -26.80 -24.48 -42.76
C PHE E 225 -28.24 -24.09 -43.02
N VAL E 226 -29.18 -25.03 -42.80
CA VAL E 226 -30.60 -24.75 -43.07
C VAL E 226 -31.08 -23.57 -42.22
N LYS E 227 -30.81 -23.62 -40.92
CA LYS E 227 -31.31 -22.57 -40.04
C LYS E 227 -30.70 -21.22 -40.37
N VAL E 228 -29.39 -21.15 -40.61
CA VAL E 228 -28.81 -19.82 -40.86
C VAL E 228 -29.29 -19.26 -42.18
N CYS E 229 -29.52 -20.11 -43.21
CA CYS E 229 -30.05 -19.63 -44.47
C CYS E 229 -31.39 -18.95 -44.26
N PHE E 230 -32.23 -19.54 -43.42
CA PHE E 230 -33.53 -18.97 -43.06
C PHE E 230 -33.37 -17.67 -42.27
N ALA E 231 -32.55 -17.69 -41.22
CA ALA E 231 -32.36 -16.49 -40.41
C ALA E 231 -31.83 -15.34 -41.25
N LEU E 232 -30.89 -15.64 -42.15
CA LEU E 232 -30.31 -14.62 -43.02
C LEU E 232 -31.35 -14.05 -43.99
N ASN E 233 -32.09 -14.93 -44.67
CA ASN E 233 -33.09 -14.53 -45.65
C ASN E 233 -34.14 -13.59 -45.06
N HIS E 234 -34.55 -13.82 -43.82
CA HIS E 234 -35.65 -13.07 -43.23
C HIS E 234 -35.18 -11.91 -42.35
N ALA E 235 -33.88 -11.68 -42.23
CA ALA E 235 -33.37 -10.60 -41.39
C ALA E 235 -33.79 -9.25 -41.95
N PRO E 236 -33.88 -8.22 -41.11
CA PRO E 236 -34.30 -6.89 -41.58
C PRO E 236 -33.38 -6.34 -42.66
N LYS E 237 -33.91 -5.41 -43.44
CA LYS E 237 -33.18 -4.69 -44.48
C LYS E 237 -33.26 -3.17 -44.25
N ASP E 238 -32.54 -2.43 -45.08
CA ASP E 238 -32.59 -0.95 -45.12
C ASP E 238 -32.22 -0.31 -43.77
N SER E 239 -31.22 -0.88 -43.09
CA SER E 239 -30.82 -0.45 -41.76
C SER E 239 -29.47 0.27 -41.81
N ASP E 240 -29.24 1.13 -40.81
CA ASP E 240 -28.00 1.88 -40.68
C ASP E 240 -26.91 1.00 -40.08
N GLU E 241 -25.73 1.57 -39.85
CA GLU E 241 -24.56 0.76 -39.49
C GLU E 241 -24.76 -0.05 -38.21
N VAL E 242 -25.08 0.61 -37.11
CA VAL E 242 -25.13 -0.09 -35.83
C VAL E 242 -26.30 -1.08 -35.81
N GLU E 243 -27.44 -0.69 -36.38
CA GLU E 243 -28.56 -1.62 -36.47
C GLU E 243 -28.21 -2.87 -37.28
N SER E 244 -27.49 -2.67 -38.38
CA SER E 244 -27.08 -3.77 -39.26
C SER E 244 -26.14 -4.72 -38.55
N VAL E 245 -25.13 -4.17 -37.86
CA VAL E 245 -24.15 -5.02 -37.16
C VAL E 245 -24.83 -5.81 -36.04
N THR E 246 -25.77 -5.19 -35.33
CA THR E 246 -26.48 -5.90 -34.28
C THR E 246 -27.28 -7.07 -34.85
N ASN E 247 -27.96 -6.87 -35.97
CA ASN E 247 -28.73 -7.94 -36.60
C ASN E 247 -27.82 -9.05 -37.12
N PHE E 248 -26.65 -8.68 -37.66
CA PHE E 248 -25.71 -9.69 -38.14
C PHE E 248 -25.29 -10.63 -37.02
N PHE E 249 -24.97 -10.10 -35.84
CA PHE E 249 -24.59 -10.96 -34.72
C PHE E 249 -25.74 -11.86 -34.27
N HIS E 250 -26.97 -11.36 -34.31
CA HIS E 250 -28.11 -12.19 -33.92
C HIS E 250 -28.30 -13.36 -34.89
N ILE E 251 -28.08 -13.12 -36.19
CA ILE E 251 -28.19 -14.22 -37.16
C ILE E 251 -27.25 -15.36 -36.77
N LEU E 252 -25.97 -15.04 -36.53
CA LEU E 252 -25.03 -16.10 -36.20
C LEU E 252 -25.25 -16.65 -34.80
N GLN E 253 -25.79 -15.86 -33.86
CA GLN E 253 -26.11 -16.44 -32.55
C GLN E 253 -27.19 -17.53 -32.66
N SER E 254 -28.13 -17.38 -33.58
CA SER E 254 -29.17 -18.39 -33.71
C SER E 254 -28.61 -19.78 -34.02
N VAL E 255 -27.41 -19.88 -34.60
CA VAL E 255 -26.76 -21.17 -34.85
C VAL E 255 -25.44 -21.31 -34.09
N GLU E 256 -25.31 -20.59 -32.98
CA GLU E 256 -24.13 -20.74 -32.13
C GLU E 256 -24.10 -22.10 -31.43
N GLN E 257 -22.88 -22.54 -31.10
CA GLN E 257 -22.63 -23.81 -30.42
C GLN E 257 -22.22 -23.52 -28.99
N VAL E 258 -23.09 -23.83 -28.05
CA VAL E 258 -22.83 -23.69 -26.62
C VAL E 258 -22.03 -24.88 -26.12
N LYS E 259 -21.16 -24.63 -25.14
CA LYS E 259 -20.33 -25.70 -24.59
C LYS E 259 -21.19 -26.80 -24.00
N GLY E 260 -20.96 -28.03 -24.46
CA GLY E 260 -21.71 -29.18 -24.01
C GLY E 260 -22.66 -29.77 -25.03
N MET E 261 -23.03 -29.00 -26.06
CA MET E 261 -23.97 -29.55 -27.03
C MET E 261 -23.32 -30.26 -28.21
N ASP E 262 -22.03 -30.06 -28.47
CA ASP E 262 -21.32 -30.70 -29.59
C ASP E 262 -20.07 -31.39 -29.04
N GLU E 263 -20.19 -32.67 -28.73
CA GLU E 263 -19.10 -33.42 -28.12
C GLU E 263 -18.28 -34.10 -29.21
N VAL E 264 -16.98 -33.81 -29.25
CA VAL E 264 -16.08 -34.37 -30.27
C VAL E 264 -15.04 -35.30 -29.66
N GLY E 265 -14.99 -35.42 -28.33
CA GLY E 265 -14.10 -36.32 -27.65
C GLY E 265 -14.56 -36.47 -26.23
N PRO E 266 -13.91 -37.33 -25.45
CA PRO E 266 -14.31 -37.50 -24.04
C PRO E 266 -14.21 -36.21 -23.25
N ASN E 267 -15.35 -35.60 -22.92
CA ASN E 267 -15.40 -34.30 -22.25
C ASN E 267 -14.70 -33.21 -23.06
N ILE E 268 -14.72 -33.32 -24.38
CA ILE E 268 -14.14 -32.31 -25.27
C ILE E 268 -15.25 -31.84 -26.20
N PHE E 269 -15.38 -30.52 -26.35
CA PHE E 269 -16.54 -29.93 -27.01
C PHE E 269 -16.14 -28.90 -28.06
N GLU E 270 -16.79 -28.96 -29.23
CA GLU E 270 -16.73 -27.88 -30.20
C GLU E 270 -17.69 -26.79 -29.76
N TYR E 271 -17.22 -25.54 -29.76
CA TYR E 271 -18.05 -24.42 -29.34
C TYR E 271 -17.64 -23.17 -30.11
N THR E 272 -18.52 -22.18 -30.12
CA THR E 272 -18.32 -20.97 -30.91
C THR E 272 -17.27 -20.10 -30.20
N MET E 273 -16.03 -20.15 -30.67
CA MET E 273 -15.01 -19.37 -29.98
C MET E 273 -15.01 -17.90 -30.36
N TYR E 274 -15.34 -17.55 -31.59
CA TYR E 274 -15.49 -16.13 -31.89
C TYR E 274 -16.49 -15.93 -33.01
N THR E 275 -16.95 -14.69 -33.12
CA THR E 275 -17.83 -14.23 -34.18
C THR E 275 -17.26 -12.95 -34.77
N SER E 276 -17.05 -12.93 -36.08
CA SER E 276 -16.52 -11.77 -36.79
C SER E 276 -17.56 -11.23 -37.76
N CYS E 277 -17.61 -9.91 -37.89
CA CYS E 277 -18.53 -9.22 -38.80
C CYS E 277 -17.79 -8.07 -39.45
N MET E 278 -17.76 -8.03 -40.78
CA MET E 278 -16.76 -7.26 -41.51
C MET E 278 -17.49 -6.44 -42.57
N ASN E 279 -17.52 -5.12 -42.39
CA ASN E 279 -18.23 -4.23 -43.32
C ASN E 279 -17.39 -4.02 -44.56
N LEU E 280 -17.91 -4.47 -45.70
CA LEU E 280 -17.14 -4.49 -46.95
C LEU E 280 -16.88 -3.08 -47.47
N GLU E 281 -17.89 -2.19 -47.37
CA GLU E 281 -17.72 -0.83 -47.87
C GLU E 281 -16.74 -0.02 -47.03
N LYS E 282 -16.67 -0.28 -45.73
CA LYS E 282 -15.99 0.60 -44.80
C LYS E 282 -14.72 -0.01 -44.23
N GLY E 283 -14.51 -1.31 -44.39
CA GLY E 283 -13.29 -1.92 -43.88
C GLY E 283 -13.18 -1.98 -42.38
N ILE E 284 -14.31 -2.20 -41.68
CA ILE E 284 -14.33 -2.31 -40.23
C ILE E 284 -14.63 -3.77 -39.86
N LEU E 285 -13.82 -4.32 -38.95
CA LEU E 285 -14.05 -5.65 -38.38
C LEU E 285 -14.64 -5.51 -36.99
N TYR E 286 -15.88 -5.97 -36.82
CA TYR E 286 -16.53 -6.12 -35.52
C TYR E 286 -16.40 -7.56 -35.04
N PHE E 287 -16.25 -7.75 -33.74
CA PHE E 287 -16.02 -9.11 -33.24
C PHE E 287 -16.42 -9.25 -31.78
N ASN E 288 -16.81 -10.48 -31.39
CA ASN E 288 -16.83 -10.86 -29.99
C ASN E 288 -16.43 -12.32 -29.90
N CYS E 289 -16.48 -12.87 -28.70
CA CYS E 289 -15.95 -14.21 -28.49
C CYS E 289 -16.74 -14.89 -27.39
N TYR E 290 -16.46 -16.18 -27.17
CA TYR E 290 -17.26 -16.94 -26.21
C TYR E 290 -17.25 -16.25 -24.83
N ASP E 291 -16.11 -15.71 -24.43
CA ASP E 291 -15.99 -15.19 -23.07
C ASP E 291 -16.43 -13.74 -22.94
N ASP E 292 -16.60 -13.00 -24.04
CA ASP E 292 -16.92 -11.58 -24.02
C ASP E 292 -18.00 -11.33 -25.05
N SER E 293 -19.22 -10.98 -24.59
CA SER E 293 -20.28 -10.66 -25.54
C SER E 293 -20.31 -9.20 -25.98
N ARG E 294 -19.58 -8.29 -25.31
CA ARG E 294 -19.47 -6.94 -25.84
C ARG E 294 -18.79 -6.96 -27.20
N ILE E 295 -19.29 -6.16 -28.13
CA ILE E 295 -18.76 -6.10 -29.48
C ILE E 295 -17.60 -5.10 -29.52
N SER E 296 -16.51 -5.51 -30.15
CA SER E 296 -15.32 -4.68 -30.35
C SER E 296 -15.18 -4.36 -31.84
N ALA E 297 -14.46 -3.28 -32.15
CA ALA E 297 -14.31 -2.84 -33.53
C ALA E 297 -12.89 -2.37 -33.81
N VAL E 298 -12.36 -2.78 -34.97
CA VAL E 298 -11.09 -2.31 -35.52
C VAL E 298 -11.36 -1.77 -36.91
N ASP E 299 -10.99 -0.51 -37.15
CA ASP E 299 -11.15 0.11 -38.46
C ASP E 299 -9.83 0.06 -39.21
N MET E 300 -9.83 -0.66 -40.35
CA MET E 300 -8.64 -0.78 -41.19
C MET E 300 -8.11 0.57 -41.65
N ASN E 301 -8.98 1.54 -41.85
CA ASN E 301 -8.55 2.78 -42.48
C ASN E 301 -7.97 3.79 -41.49
N LYS E 302 -8.02 3.51 -40.19
CA LYS E 302 -7.33 4.36 -39.23
C LYS E 302 -5.86 3.98 -39.07
N GLU E 303 -5.36 3.06 -39.88
CA GLU E 303 -3.96 2.66 -39.87
C GLU E 303 -3.29 3.09 -41.16
N ASP E 304 -1.96 3.13 -41.15
CA ASP E 304 -1.20 3.49 -42.35
C ASP E 304 -1.11 2.26 -43.22
N LEU E 305 -1.91 2.21 -44.28
CA LEU E 305 -1.97 1.04 -45.14
C LEU E 305 -0.83 0.95 -46.14
N SER E 306 0.05 1.94 -46.19
CA SER E 306 1.22 1.88 -47.04
C SER E 306 2.42 1.23 -46.35
N SER E 307 2.32 0.92 -45.07
CA SER E 307 3.40 0.27 -44.33
C SER E 307 3.62 -1.14 -44.85
N SER E 308 4.47 -1.91 -44.16
CA SER E 308 4.79 -3.26 -44.59
C SER E 308 4.81 -4.29 -43.46
N ASP E 309 4.50 -3.91 -42.23
CA ASP E 309 4.50 -4.82 -41.11
C ASP E 309 3.07 -5.14 -40.69
N LEU E 310 2.86 -6.34 -40.19
CA LEU E 310 1.54 -6.75 -39.73
C LEU E 310 1.13 -5.94 -38.51
N ILE E 311 -0.13 -5.53 -38.48
CA ILE E 311 -0.71 -4.81 -37.34
C ILE E 311 -1.69 -5.74 -36.64
N VAL E 312 -1.45 -6.00 -35.36
CA VAL E 312 -2.11 -7.07 -34.62
C VAL E 312 -2.82 -6.47 -33.41
N PHE E 313 -4.02 -6.99 -33.12
CA PHE E 313 -4.74 -6.66 -31.89
C PHE E 313 -5.29 -7.95 -31.28
N ASP E 314 -5.62 -7.88 -30.00
CA ASP E 314 -6.20 -9.02 -29.30
C ASP E 314 -7.61 -9.32 -29.82
N LEU E 315 -7.92 -10.61 -29.97
CA LEU E 315 -9.27 -11.06 -30.31
C LEU E 315 -9.98 -11.56 -29.07
N PHE E 316 -9.41 -12.53 -28.38
CA PHE E 316 -10.04 -13.14 -27.22
C PHE E 316 -9.87 -12.23 -26.01
N LYS E 317 -10.97 -12.01 -25.28
CA LYS E 317 -11.02 -11.05 -24.18
C LYS E 317 -11.82 -11.65 -23.04
N LYS E 318 -11.73 -11.02 -21.88
CA LYS E 318 -12.55 -11.40 -20.73
C LYS E 318 -13.89 -10.67 -20.76
N GLN E 319 -14.86 -11.23 -20.06
CA GLN E 319 -16.20 -10.66 -20.07
C GLN E 319 -16.18 -9.24 -19.54
N ASP E 320 -16.67 -8.31 -20.34
CA ASP E 320 -16.60 -6.87 -20.06
C ASP E 320 -17.97 -6.39 -19.57
N ILE E 321 -18.24 -6.66 -18.29
CA ILE E 321 -19.52 -6.31 -17.67
C ILE E 321 -19.54 -4.83 -17.33
N SER E 322 -20.69 -4.21 -17.54
CA SER E 322 -20.89 -2.79 -17.26
C SER E 322 -21.65 -2.68 -15.94
N PHE E 323 -20.92 -2.35 -14.86
CA PHE E 323 -21.52 -2.30 -13.53
C PHE E 323 -22.24 -0.98 -13.33
N ILE E 324 -23.54 -1.07 -13.05
CA ILE E 324 -24.43 0.10 -13.12
C ILE E 324 -24.49 0.86 -11.80
N ASN E 325 -24.47 0.18 -10.66
CA ASN E 325 -24.72 0.86 -9.38
C ASN E 325 -23.64 0.60 -8.33
N CYS F 2 -40.42 -15.68 -22.58
CA CYS F 2 -40.87 -16.83 -23.33
C CYS F 2 -39.99 -18.05 -23.09
N THR F 3 -38.76 -17.87 -22.59
CA THR F 3 -37.94 -19.00 -22.15
C THR F 3 -37.30 -18.67 -20.80
N SER F 4 -37.57 -19.49 -19.79
CA SER F 4 -37.04 -19.26 -18.45
C SER F 4 -36.30 -20.49 -17.94
N ILE F 5 -35.18 -20.29 -17.22
CA ILE F 5 -34.37 -21.40 -16.73
C ILE F 5 -33.85 -21.11 -15.32
N LEU F 6 -33.59 -22.20 -14.58
CA LEU F 6 -32.79 -22.19 -13.35
C LEU F 6 -31.52 -23.00 -13.60
N TYR F 7 -30.36 -22.37 -13.39
CA TYR F 7 -29.06 -22.95 -13.72
C TYR F 7 -28.21 -23.00 -12.47
N SER F 8 -27.66 -24.19 -12.17
CA SER F 8 -27.07 -24.50 -10.85
C SER F 8 -25.64 -25.02 -10.96
N PRO F 9 -24.71 -24.25 -11.54
CA PRO F 9 -23.34 -24.77 -11.66
C PRO F 9 -22.60 -24.84 -10.34
N LYS F 10 -22.81 -23.85 -9.47
CA LYS F 10 -22.19 -23.75 -8.15
C LYS F 10 -23.08 -22.82 -7.33
N ASP F 11 -23.03 -21.52 -7.61
CA ASP F 11 -24.14 -20.65 -7.28
C ASP F 11 -25.35 -21.00 -8.17
N HIS F 12 -26.47 -20.32 -7.94
CA HIS F 12 -27.72 -20.61 -8.63
C HIS F 12 -28.19 -19.37 -9.36
N TYR F 13 -28.55 -19.51 -10.63
CA TYR F 13 -28.92 -18.40 -11.49
C TYR F 13 -30.31 -18.64 -12.07
N PHE F 14 -31.14 -17.60 -11.99
CA PHE F 14 -32.53 -17.65 -12.42
C PHE F 14 -32.74 -16.52 -13.42
N GLY F 15 -33.39 -16.79 -14.54
CA GLY F 15 -33.58 -15.74 -15.52
C GLY F 15 -34.40 -16.18 -16.72
N ARG F 16 -34.44 -15.31 -17.73
CA ARG F 16 -35.34 -15.58 -18.85
C ARG F 16 -34.97 -14.71 -20.04
N ASN F 17 -35.30 -15.23 -21.23
CA ASN F 17 -35.51 -14.41 -22.41
C ASN F 17 -36.94 -13.89 -22.36
N LEU F 18 -37.12 -12.64 -22.76
CA LEU F 18 -38.46 -12.12 -22.96
C LEU F 18 -38.59 -11.80 -24.43
N ASP F 19 -39.40 -12.60 -25.15
CA ASP F 19 -39.58 -12.45 -26.59
C ASP F 19 -40.99 -11.92 -26.87
N TYR F 20 -41.09 -10.80 -27.57
CA TYR F 20 -42.42 -10.29 -27.88
C TYR F 20 -42.29 -9.26 -28.99
N GLU F 21 -43.45 -8.78 -29.45
CA GLU F 21 -43.48 -7.74 -30.48
C GLU F 21 -43.90 -6.38 -29.94
N ILE F 22 -44.48 -6.32 -28.75
CA ILE F 22 -44.84 -5.06 -28.09
C ILE F 22 -44.01 -4.93 -26.82
N ALA F 23 -43.59 -3.71 -26.52
CA ALA F 23 -42.85 -3.43 -25.30
C ALA F 23 -43.78 -2.76 -24.29
N TYR F 24 -43.48 -2.98 -23.01
CA TYR F 24 -44.35 -2.49 -21.93
C TYR F 24 -43.59 -1.56 -20.98
N GLY F 25 -42.67 -0.76 -21.51
CA GLY F 25 -41.89 0.15 -20.67
C GLY F 25 -41.10 -0.53 -19.57
N GLN F 26 -40.50 -1.67 -19.85
CA GLN F 26 -39.80 -2.41 -18.82
C GLN F 26 -38.54 -1.67 -18.37
N LYS F 27 -38.24 -1.76 -17.07
CA LYS F 27 -37.02 -1.23 -16.47
C LYS F 27 -36.53 -2.23 -15.44
N VAL F 28 -35.29 -2.03 -14.97
CA VAL F 28 -34.84 -2.71 -13.76
C VAL F 28 -35.48 -2.02 -12.57
N VAL F 29 -36.06 -2.79 -11.66
CA VAL F 29 -36.77 -2.24 -10.50
C VAL F 29 -36.40 -3.04 -9.27
N ILE F 30 -35.89 -2.35 -8.25
CA ILE F 30 -35.72 -2.89 -6.90
C ILE F 30 -36.89 -2.42 -6.05
N THR F 31 -37.56 -3.36 -5.40
CA THR F 31 -38.61 -3.03 -4.45
C THR F 31 -38.06 -3.20 -3.05
N PRO F 32 -37.80 -2.13 -2.31
CA PRO F 32 -37.19 -2.26 -0.98
C PRO F 32 -38.16 -2.84 0.04
N ARG F 33 -37.63 -3.15 1.23
CA ARG F 33 -38.37 -3.91 2.23
C ARG F 33 -39.63 -3.19 2.70
N ASN F 34 -39.68 -1.87 2.60
CA ASN F 34 -40.78 -1.12 3.18
C ASN F 34 -41.62 -0.41 2.13
N TYR F 35 -41.50 -0.82 0.86
CA TYR F 35 -42.51 -0.43 -0.12
C TYR F 35 -43.84 -1.06 0.30
N GLU F 36 -44.92 -0.29 0.20
CA GLU F 36 -46.22 -0.76 0.66
C GLU F 36 -46.96 -1.39 -0.52
N PHE F 37 -47.10 -2.71 -0.48
CA PHE F 37 -47.88 -3.43 -1.49
C PHE F 37 -49.37 -3.32 -1.15
N LYS F 38 -50.15 -2.79 -2.07
CA LYS F 38 -51.60 -2.71 -1.92
C LYS F 38 -52.24 -3.78 -2.83
N PHE F 39 -52.17 -5.03 -2.37
CA PHE F 39 -52.77 -6.14 -3.11
C PHE F 39 -54.28 -5.94 -3.27
N ALA F 40 -54.84 -6.60 -4.30
CA ALA F 40 -56.22 -6.33 -4.70
C ALA F 40 -57.23 -6.95 -3.73
N ASN F 41 -56.92 -8.12 -3.17
CA ASN F 41 -57.90 -8.83 -2.35
C ASN F 41 -57.24 -9.47 -1.14
N LEU F 42 -56.13 -8.90 -0.70
CA LEU F 42 -55.34 -9.42 0.41
C LEU F 42 -54.87 -8.23 1.24
N PRO F 43 -54.58 -8.46 2.52
CA PRO F 43 -54.10 -7.35 3.36
C PRO F 43 -52.79 -6.79 2.84
N ALA F 44 -52.63 -5.47 2.99
CA ALA F 44 -51.40 -4.84 2.54
C ALA F 44 -50.22 -5.26 3.43
N GLU F 45 -49.04 -5.30 2.84
CA GLU F 45 -47.81 -5.64 3.56
C GLU F 45 -46.86 -4.47 3.42
N LYS F 46 -46.66 -3.74 4.51
CA LYS F 46 -45.75 -2.61 4.54
C LYS F 46 -44.34 -2.99 4.95
N SER F 47 -44.11 -4.25 5.34
CA SER F 47 -42.77 -4.74 5.61
C SER F 47 -42.67 -6.18 5.10
N HIS F 48 -41.64 -6.46 4.31
CA HIS F 48 -41.54 -7.70 3.55
C HIS F 48 -40.12 -7.84 3.03
N TYR F 49 -39.86 -8.95 2.33
CA TYR F 49 -38.57 -9.14 1.69
C TYR F 49 -38.39 -8.14 0.54
N ALA F 50 -37.16 -7.69 0.35
CA ALA F 50 -36.82 -6.89 -0.81
C ALA F 50 -36.61 -7.79 -2.03
N MET F 51 -36.60 -7.17 -3.21
CA MET F 51 -36.59 -7.95 -4.44
C MET F 51 -36.10 -7.07 -5.57
N ILE F 52 -35.58 -7.73 -6.61
CA ILE F 52 -35.04 -7.05 -7.79
C ILE F 52 -35.40 -7.86 -9.03
N GLY F 53 -35.80 -7.17 -10.09
CA GLY F 53 -36.11 -7.85 -11.33
C GLY F 53 -36.42 -6.85 -12.42
N ILE F 54 -37.08 -7.34 -13.47
CA ILE F 54 -37.53 -6.52 -14.58
C ILE F 54 -39.02 -6.28 -14.39
N ALA F 55 -39.45 -5.02 -14.49
CA ALA F 55 -40.84 -4.69 -14.26
C ALA F 55 -41.25 -3.47 -15.07
N ALA F 56 -42.53 -3.36 -15.38
CA ALA F 56 -43.10 -2.06 -15.71
C ALA F 56 -43.49 -1.37 -14.41
N VAL F 57 -43.54 -0.03 -14.45
CA VAL F 57 -43.97 0.77 -13.30
C VAL F 57 -45.16 1.60 -13.75
N ALA F 58 -46.29 1.43 -13.05
CA ALA F 58 -47.47 2.23 -13.31
C ALA F 58 -48.07 2.63 -11.98
N ASN F 59 -48.38 3.93 -11.83
CA ASN F 59 -48.97 4.44 -10.59
C ASN F 59 -48.19 3.94 -9.38
N ASN F 60 -46.88 4.08 -9.47
CA ASN F 60 -45.96 3.71 -8.39
C ASN F 60 -46.18 2.27 -7.92
N THR F 61 -46.53 1.37 -8.85
CA THR F 61 -46.63 -0.05 -8.56
C THR F 61 -45.71 -0.83 -9.48
N PRO F 62 -44.89 -1.75 -8.95
CA PRO F 62 -44.05 -2.58 -9.81
C PRO F 62 -44.83 -3.79 -10.32
N LEU F 63 -44.90 -3.92 -11.64
CA LEU F 63 -45.58 -5.00 -12.32
C LEU F 63 -44.48 -5.86 -12.94
N TYR F 64 -44.05 -6.89 -12.21
CA TYR F 64 -42.86 -7.64 -12.56
C TYR F 64 -43.13 -8.65 -13.66
N CYS F 65 -42.18 -8.77 -14.59
CA CYS F 65 -42.12 -9.95 -15.47
C CYS F 65 -41.28 -11.08 -14.91
N ASP F 66 -40.21 -10.76 -14.20
CA ASP F 66 -39.36 -11.75 -13.54
C ASP F 66 -38.53 -11.05 -12.49
N ALA F 67 -38.23 -11.77 -11.40
CA ALA F 67 -37.53 -11.15 -10.28
C ALA F 67 -37.08 -12.23 -9.30
N ILE F 68 -36.21 -11.82 -8.37
CA ILE F 68 -35.77 -12.65 -7.27
C ILE F 68 -35.83 -11.81 -5.99
N ASN F 69 -35.81 -12.46 -4.84
CA ASN F 69 -35.78 -11.70 -3.60
C ASN F 69 -34.49 -11.97 -2.82
N GLU F 70 -34.33 -11.21 -1.72
CA GLU F 70 -33.07 -11.25 -0.98
C GLU F 70 -32.83 -12.59 -0.31
N LYS F 71 -33.83 -13.47 -0.26
CA LYS F 71 -33.66 -14.80 0.31
C LYS F 71 -33.27 -15.85 -0.72
N GLY F 72 -33.19 -15.51 -2.00
CA GLY F 72 -32.83 -16.50 -3.00
C GLY F 72 -33.98 -17.25 -3.64
N LEU F 73 -35.17 -16.67 -3.65
CA LEU F 73 -36.32 -17.20 -4.36
C LEU F 73 -36.50 -16.41 -5.66
N GLY F 74 -36.87 -17.09 -6.73
CA GLY F 74 -37.11 -16.44 -8.00
C GLY F 74 -38.44 -16.86 -8.61
N VAL F 75 -39.05 -15.94 -9.34
CA VAL F 75 -40.30 -16.20 -10.04
C VAL F 75 -40.25 -15.48 -11.39
N ALA F 76 -40.65 -16.19 -12.46
CA ALA F 76 -40.74 -15.58 -13.79
C ALA F 76 -42.13 -15.86 -14.35
N GLY F 77 -42.71 -14.85 -15.00
CA GLY F 77 -44.00 -14.98 -15.65
C GLY F 77 -43.86 -15.05 -17.15
N LEU F 78 -44.51 -16.06 -17.75
CA LEU F 78 -44.42 -16.30 -19.19
C LEU F 78 -45.82 -16.42 -19.78
N SER F 79 -45.97 -15.96 -21.02
CA SER F 79 -47.25 -16.05 -21.71
C SER F 79 -47.79 -17.48 -21.69
N PHE F 80 -49.10 -17.57 -21.44
CA PHE F 80 -49.87 -18.82 -21.43
C PHE F 80 -51.16 -18.64 -22.23
N ALA F 81 -51.11 -17.75 -23.21
CA ALA F 81 -52.29 -17.40 -24.00
C ALA F 81 -52.90 -18.63 -24.66
N GLY F 82 -54.23 -18.74 -24.59
CA GLY F 82 -54.95 -19.86 -25.13
C GLY F 82 -55.03 -21.09 -24.25
N GLN F 83 -54.25 -21.15 -23.18
CA GLN F 83 -54.23 -22.26 -22.25
C GLN F 83 -54.71 -21.88 -20.86
N GLY F 84 -54.39 -20.66 -20.40
CA GLY F 84 -54.67 -20.28 -19.03
C GLY F 84 -56.10 -19.81 -18.83
N LYS F 85 -56.53 -19.85 -17.57
CA LYS F 85 -57.83 -19.32 -17.18
C LYS F 85 -57.68 -18.73 -15.79
N TYR F 86 -58.21 -17.53 -15.59
CA TYR F 86 -58.31 -16.91 -14.27
C TYR F 86 -59.76 -17.02 -13.78
N PHE F 87 -59.95 -16.91 -12.46
CA PHE F 87 -61.27 -17.19 -11.90
C PHE F 87 -61.77 -16.06 -11.01
N PRO F 88 -63.08 -15.90 -10.89
CA PRO F 88 -63.60 -14.79 -10.05
C PRO F 88 -63.18 -14.93 -8.60
N VAL F 89 -63.03 -13.78 -7.94
CA VAL F 89 -62.73 -13.75 -6.51
C VAL F 89 -63.82 -14.52 -5.76
N VAL F 90 -63.40 -15.40 -4.84
CA VAL F 90 -64.32 -16.21 -4.06
C VAL F 90 -63.89 -16.21 -2.60
N GLU F 91 -64.87 -16.37 -1.69
CA GLU F 91 -64.58 -16.21 -0.26
C GLU F 91 -63.80 -17.39 0.29
N ASP F 92 -63.96 -18.57 -0.29
CA ASP F 92 -63.32 -19.76 0.25
C ASP F 92 -61.79 -19.81 0.04
N LYS F 93 -61.19 -18.82 -0.61
CA LYS F 93 -59.84 -18.97 -1.12
C LYS F 93 -58.99 -17.73 -0.86
N LYS F 94 -57.68 -17.94 -0.91
CA LYS F 94 -56.71 -16.85 -0.93
C LYS F 94 -56.58 -16.36 -2.37
N ASN F 95 -57.16 -15.19 -2.66
CA ASN F 95 -57.24 -14.67 -4.02
C ASN F 95 -56.04 -13.77 -4.33
N ILE F 96 -55.23 -14.17 -5.31
CA ILE F 96 -54.07 -13.41 -5.78
C ILE F 96 -54.30 -13.03 -7.25
N ALA F 97 -54.13 -11.76 -7.57
CA ALA F 97 -54.35 -11.35 -8.95
C ALA F 97 -53.12 -11.68 -9.78
N SER F 98 -53.36 -12.02 -11.06
CA SER F 98 -52.25 -12.48 -11.89
C SER F 98 -51.13 -11.46 -11.97
N PHE F 99 -51.46 -10.17 -12.08
CA PHE F 99 -50.42 -9.16 -12.22
C PHE F 99 -49.60 -8.97 -10.94
N GLU F 100 -50.09 -9.43 -9.80
CA GLU F 100 -49.38 -9.27 -8.54
C GLU F 100 -48.81 -10.59 -8.01
N PHE F 101 -48.89 -11.68 -8.78
CA PHE F 101 -48.44 -12.97 -8.29
C PHE F 101 -46.95 -12.98 -7.95
N ILE F 102 -46.13 -12.39 -8.82
CA ILE F 102 -44.69 -12.38 -8.56
C ILE F 102 -44.36 -11.56 -7.32
N SER F 103 -44.93 -10.35 -7.22
CA SER F 103 -44.76 -9.49 -6.05
C SER F 103 -45.14 -10.21 -4.76
N TYR F 104 -46.33 -10.83 -4.74
CA TYR F 104 -46.80 -11.44 -3.51
C TYR F 104 -45.90 -12.58 -3.07
N ILE F 105 -45.59 -13.50 -4.00
CA ILE F 105 -44.77 -14.67 -3.66
C ILE F 105 -43.39 -14.24 -3.17
N LEU F 106 -42.78 -13.25 -3.83
CA LEU F 106 -41.43 -12.84 -3.46
C LEU F 106 -41.42 -12.04 -2.16
N ALA F 107 -42.50 -11.32 -1.87
CA ALA F 107 -42.55 -10.55 -0.64
C ALA F 107 -42.72 -11.42 0.58
N THR F 108 -43.25 -12.63 0.42
CA THR F 108 -43.76 -13.44 1.52
C THR F 108 -42.94 -14.69 1.82
N TYR F 109 -42.37 -15.34 0.81
CA TYR F 109 -41.81 -16.66 0.99
C TYR F 109 -40.34 -16.67 0.61
N GLU F 110 -39.64 -17.73 1.02
CA GLU F 110 -38.22 -17.88 0.81
C GLU F 110 -37.82 -19.08 -0.02
N THR F 111 -38.63 -20.14 -0.02
CA THR F 111 -38.22 -21.39 -0.64
C THR F 111 -39.34 -21.95 -1.50
N VAL F 112 -38.95 -22.79 -2.45
CA VAL F 112 -39.91 -23.46 -3.32
C VAL F 112 -40.85 -24.34 -2.50
N ASP F 113 -40.29 -25.08 -1.54
CA ASP F 113 -41.12 -25.90 -0.65
C ASP F 113 -42.17 -25.05 0.06
N GLN F 114 -41.80 -23.85 0.49
CA GLN F 114 -42.76 -22.97 1.16
C GLN F 114 -43.87 -22.54 0.21
N VAL F 115 -43.50 -22.13 -1.00
CA VAL F 115 -44.49 -21.75 -2.01
C VAL F 115 -45.44 -22.92 -2.28
N LYS F 116 -44.89 -24.13 -2.41
CA LYS F 116 -45.74 -25.27 -2.70
C LYS F 116 -46.73 -25.51 -1.55
N GLU F 117 -46.27 -25.34 -0.31
CA GLU F 117 -47.16 -25.56 0.84
C GLU F 117 -48.28 -24.53 0.91
N ASN F 118 -48.02 -23.29 0.49
CA ASN F 118 -48.96 -22.18 0.69
C ASN F 118 -49.86 -21.92 -0.50
N LEU F 119 -49.69 -22.66 -1.60
CA LEU F 119 -50.54 -22.49 -2.76
C LEU F 119 -51.78 -23.38 -2.72
N THR F 120 -51.85 -24.32 -1.77
CA THR F 120 -52.92 -25.30 -1.77
C THR F 120 -54.31 -24.69 -1.71
N ASP F 121 -54.46 -23.48 -1.18
CA ASP F 121 -55.77 -22.85 -1.02
C ASP F 121 -55.92 -21.60 -1.89
N VAL F 122 -55.10 -21.46 -2.93
CA VAL F 122 -55.01 -20.20 -3.64
C VAL F 122 -55.84 -20.23 -4.91
N ASN F 123 -56.38 -19.05 -5.27
CA ASN F 123 -57.09 -18.84 -6.52
C ASN F 123 -56.42 -17.68 -7.26
N ILE F 124 -56.00 -17.91 -8.49
CA ILE F 124 -55.49 -16.83 -9.32
C ILE F 124 -56.70 -16.12 -9.91
N SER F 125 -56.90 -14.87 -9.52
CA SER F 125 -58.14 -14.16 -9.78
C SER F 125 -58.08 -13.45 -11.12
N ASP F 126 -59.26 -13.11 -11.64
CA ASP F 126 -59.41 -12.40 -12.89
C ASP F 126 -59.34 -10.89 -12.74
N VAL F 127 -58.86 -10.39 -11.60
CA VAL F 127 -58.78 -8.95 -11.40
C VAL F 127 -57.62 -8.37 -12.22
N SER F 128 -57.87 -7.23 -12.87
CA SER F 128 -56.86 -6.56 -13.69
C SER F 128 -56.33 -5.33 -12.96
N PHE F 129 -55.10 -4.94 -13.31
CA PHE F 129 -54.45 -3.81 -12.66
C PHE F 129 -55.26 -2.53 -12.83
N SER F 130 -55.80 -2.30 -14.02
CA SER F 130 -56.65 -1.15 -14.28
C SER F 130 -57.54 -1.46 -15.47
N LYS F 131 -58.47 -0.54 -15.75
CA LYS F 131 -59.35 -0.70 -16.91
C LYS F 131 -58.56 -0.71 -18.20
N ASN F 132 -57.53 0.12 -18.29
CA ASN F 132 -56.68 0.18 -19.47
C ASN F 132 -55.58 -0.90 -19.48
N THR F 133 -55.57 -1.80 -18.51
CA THR F 133 -54.53 -2.84 -18.40
C THR F 133 -55.19 -4.17 -18.05
N PRO F 134 -55.79 -4.85 -19.04
CA PRO F 134 -56.41 -6.16 -18.76
C PRO F 134 -55.35 -7.20 -18.43
N ALA F 135 -55.77 -8.21 -17.67
CA ALA F 135 -54.82 -9.20 -17.16
C ALA F 135 -54.35 -10.12 -18.29
N SER F 136 -53.09 -9.99 -18.71
CA SER F 136 -52.58 -10.92 -19.69
C SER F 136 -52.44 -12.30 -19.07
N GLU F 137 -52.54 -13.33 -19.91
CA GLU F 137 -52.57 -14.70 -19.42
C GLU F 137 -51.15 -15.23 -19.23
N LEU F 138 -50.85 -15.69 -18.02
CA LEU F 138 -49.51 -16.06 -17.63
C LEU F 138 -49.51 -17.43 -16.96
N HIS F 139 -48.37 -18.08 -16.99
CA HIS F 139 -48.01 -19.11 -16.02
C HIS F 139 -46.61 -18.79 -15.53
N TRP F 140 -46.17 -19.48 -14.46
CA TRP F 140 -44.98 -19.05 -13.74
C TRP F 140 -44.02 -20.20 -13.49
N LEU F 141 -42.73 -19.88 -13.53
CA LEU F 141 -41.68 -20.77 -13.03
C LEU F 141 -41.17 -20.20 -11.71
N VAL F 142 -41.05 -21.07 -10.69
CA VAL F 142 -40.54 -20.70 -9.37
C VAL F 142 -39.34 -21.58 -9.07
N GLY F 143 -38.21 -20.96 -8.73
CA GLY F 143 -37.00 -21.70 -8.41
C GLY F 143 -36.27 -21.06 -7.25
N ASP F 144 -35.32 -21.81 -6.69
CA ASP F 144 -34.59 -21.31 -5.53
C ASP F 144 -33.21 -21.98 -5.46
N LYS F 145 -32.49 -21.67 -4.38
CA LYS F 145 -31.09 -22.07 -4.23
C LYS F 145 -30.92 -23.55 -3.94
N THR F 146 -32.00 -24.31 -3.71
CA THR F 146 -31.85 -25.75 -3.68
C THR F 146 -31.61 -26.34 -5.07
N GLY F 147 -31.74 -25.54 -6.13
CA GLY F 147 -31.63 -26.08 -7.48
C GLY F 147 -32.87 -26.79 -7.99
N LYS F 148 -34.00 -26.63 -7.32
CA LYS F 148 -35.25 -27.24 -7.72
C LYS F 148 -36.26 -26.16 -8.09
N SER F 149 -37.25 -26.54 -8.89
CA SER F 149 -38.21 -25.56 -9.36
C SER F 149 -39.60 -26.18 -9.48
N ILE F 150 -40.61 -25.32 -9.62
CA ILE F 150 -41.99 -25.76 -9.77
C ILE F 150 -42.62 -24.92 -10.87
N VAL F 151 -43.68 -25.45 -11.46
CA VAL F 151 -44.45 -24.73 -12.46
C VAL F 151 -45.84 -24.50 -11.89
N VAL F 152 -46.31 -23.26 -11.97
CA VAL F 152 -47.61 -22.87 -11.44
C VAL F 152 -48.49 -22.48 -12.62
N GLU F 153 -49.58 -23.23 -12.84
CA GLU F 153 -50.42 -23.01 -14.00
C GLU F 153 -51.88 -22.97 -13.54
N SER F 154 -52.59 -21.93 -13.93
CA SER F 154 -54.04 -21.86 -13.74
C SER F 154 -54.71 -22.05 -15.09
N ASP F 155 -55.47 -23.14 -15.22
CA ASP F 155 -56.14 -23.46 -16.49
C ASP F 155 -57.61 -23.80 -16.27
N GLU F 156 -58.29 -24.37 -17.27
CA GLU F 156 -59.74 -24.58 -17.18
C GLU F 156 -60.12 -25.47 -16.01
N LYS F 157 -59.19 -26.28 -15.52
CA LYS F 157 -59.43 -27.19 -14.41
C LYS F 157 -58.92 -26.65 -13.07
N GLY F 158 -58.57 -25.37 -13.02
CA GLY F 158 -58.13 -24.77 -11.77
C GLY F 158 -56.63 -24.59 -11.69
N LEU F 159 -56.16 -24.43 -10.45
CA LEU F 159 -54.74 -24.19 -10.17
C LEU F 159 -53.99 -25.51 -10.00
N HIS F 160 -52.84 -25.62 -10.65
CA HIS F 160 -51.96 -26.78 -10.52
C HIS F 160 -50.55 -26.32 -10.20
N VAL F 161 -49.82 -27.17 -9.47
CA VAL F 161 -48.43 -26.92 -9.12
C VAL F 161 -47.67 -28.21 -9.41
N TYR F 162 -46.73 -28.15 -10.35
CA TYR F 162 -45.94 -29.30 -10.77
C TYR F 162 -44.49 -29.14 -10.36
N ASP F 163 -43.91 -30.20 -9.81
CA ASP F 163 -42.45 -30.24 -9.72
C ASP F 163 -41.85 -30.24 -11.13
N ASN F 164 -40.76 -29.50 -11.30
CA ASN F 164 -40.17 -29.36 -12.63
C ASN F 164 -38.82 -30.05 -12.69
N PRO F 165 -38.73 -31.26 -13.25
CA PRO F 165 -37.44 -31.97 -13.27
C PRO F 165 -36.44 -31.43 -14.27
N VAL F 166 -36.80 -30.49 -15.14
CA VAL F 166 -35.87 -30.00 -16.15
C VAL F 166 -35.51 -28.53 -15.95
N ASN F 167 -36.13 -27.87 -14.97
CA ASN F 167 -35.73 -26.52 -14.55
C ASN F 167 -35.85 -25.52 -15.70
N ALA F 168 -36.88 -25.67 -16.53
CA ALA F 168 -37.10 -24.77 -17.67
C ALA F 168 -38.60 -24.64 -17.93
N LEU F 169 -38.97 -23.57 -18.63
CA LEU F 169 -40.37 -23.34 -18.98
C LEU F 169 -40.45 -22.40 -20.19
N THR F 170 -41.43 -22.65 -21.08
CA THR F 170 -41.70 -21.74 -22.19
C THR F 170 -43.18 -21.35 -22.12
N ASN F 171 -43.94 -21.55 -23.18
CA ASN F 171 -45.34 -21.12 -23.26
C ASN F 171 -46.23 -22.36 -23.29
N ALA F 172 -47.19 -22.45 -24.22
CA ALA F 172 -48.07 -23.59 -24.35
C ALA F 172 -47.33 -24.81 -24.93
N PRO F 173 -47.85 -26.04 -24.71
CA PRO F 173 -49.11 -26.41 -24.05
C PRO F 173 -48.94 -26.58 -22.55
N LEU F 174 -49.90 -27.28 -21.94
CA LEU F 174 -49.86 -27.53 -20.50
C LEU F 174 -48.60 -28.28 -20.13
N PHE F 175 -48.10 -28.00 -18.93
CA PHE F 175 -46.78 -28.51 -18.56
C PHE F 175 -46.65 -30.04 -18.61
N PRO F 176 -47.63 -30.84 -18.18
CA PRO F 176 -47.46 -32.30 -18.34
C PRO F 176 -47.25 -32.72 -19.78
N GLN F 177 -47.85 -32.01 -20.74
CA GLN F 177 -47.66 -32.30 -22.15
C GLN F 177 -46.25 -31.94 -22.60
N GLN F 178 -45.75 -30.79 -22.13
CA GLN F 178 -44.38 -30.40 -22.40
C GLN F 178 -43.41 -31.49 -21.96
N LEU F 179 -43.57 -31.97 -20.72
CA LEU F 179 -42.69 -33.01 -20.18
C LEU F 179 -42.76 -34.27 -21.04
N THR F 180 -43.97 -34.68 -21.39
CA THR F 180 -44.13 -35.91 -22.16
C THR F 180 -43.43 -35.83 -23.50
N ASN F 181 -43.60 -34.70 -24.20
CA ASN F 181 -42.94 -34.46 -25.48
C ASN F 181 -41.43 -34.64 -25.41
N LEU F 182 -40.79 -34.37 -24.25
CA LEU F 182 -39.33 -34.56 -24.14
C LEU F 182 -38.90 -36.00 -24.42
N ALA F 183 -39.73 -36.98 -24.04
CA ALA F 183 -39.34 -38.36 -24.30
C ALA F 183 -39.21 -38.65 -25.79
N ASN F 184 -39.83 -37.85 -26.64
CA ASN F 184 -39.67 -38.03 -28.08
C ASN F 184 -38.25 -37.78 -28.56
N TYR F 185 -37.41 -37.15 -27.73
CA TYR F 185 -36.05 -36.81 -28.12
C TYR F 185 -35.02 -37.63 -27.37
N ALA F 186 -35.43 -38.77 -26.79
CA ALA F 186 -34.56 -39.55 -25.91
C ALA F 186 -33.33 -40.09 -26.63
N ALA F 187 -33.36 -40.22 -27.97
CA ALA F 187 -32.22 -40.71 -28.72
C ALA F 187 -31.18 -39.63 -29.07
N VAL F 188 -31.47 -38.35 -28.79
CA VAL F 188 -30.54 -37.27 -29.09
C VAL F 188 -29.32 -37.35 -28.19
N VAL F 189 -28.13 -37.16 -28.79
CA VAL F 189 -26.88 -37.12 -28.02
C VAL F 189 -26.01 -36.01 -28.57
N PRO F 190 -25.16 -35.42 -27.71
CA PRO F 190 -24.29 -34.35 -28.20
C PRO F 190 -23.22 -34.83 -29.17
N GLY F 191 -22.90 -36.12 -29.17
CA GLY F 191 -21.82 -36.64 -30.01
C GLY F 191 -22.33 -37.37 -31.22
N GLN F 192 -21.71 -38.49 -31.52
CA GLN F 192 -22.09 -39.35 -32.63
C GLN F 192 -22.80 -40.57 -32.09
N PRO F 193 -23.98 -40.93 -32.59
CA PRO F 193 -24.60 -42.17 -32.12
C PRO F 193 -23.85 -43.39 -32.65
N ASN F 194 -23.97 -44.50 -31.94
CA ASN F 194 -23.54 -45.79 -32.48
C ASN F 194 -24.57 -46.26 -33.50
N ASN F 195 -24.09 -46.89 -34.58
CA ASN F 195 -24.99 -47.25 -35.67
C ASN F 195 -25.70 -48.56 -35.34
N ASP F 196 -26.83 -48.44 -34.66
CA ASP F 196 -27.78 -49.54 -34.55
C ASP F 196 -28.98 -49.34 -35.48
N PHE F 197 -28.88 -48.33 -36.36
CA PHE F 197 -29.90 -48.04 -37.36
C PHE F 197 -29.88 -49.07 -38.50
N LEU F 198 -28.73 -49.23 -39.13
CA LEU F 198 -28.52 -50.19 -40.21
C LEU F 198 -27.30 -51.01 -39.84
N PRO F 199 -27.43 -51.97 -38.92
CA PRO F 199 -26.28 -52.82 -38.55
C PRO F 199 -25.70 -53.52 -39.77
N GLY F 200 -24.37 -53.58 -39.81
CA GLY F 200 -23.67 -54.19 -40.92
C GLY F 200 -23.43 -53.27 -42.09
N VAL F 201 -23.95 -52.05 -42.06
CA VAL F 201 -23.69 -51.04 -43.08
C VAL F 201 -22.76 -49.98 -42.47
N ASP F 202 -21.75 -49.57 -43.23
CA ASP F 202 -20.90 -48.47 -42.77
C ASP F 202 -21.52 -47.13 -43.13
N LEU F 203 -22.01 -46.40 -42.12
CA LEU F 203 -22.56 -45.06 -42.33
C LEU F 203 -21.47 -44.04 -42.05
N LYS F 204 -21.07 -43.30 -43.08
CA LYS F 204 -20.07 -42.26 -42.93
C LYS F 204 -20.64 -41.11 -42.09
N MET F 205 -20.08 -40.91 -40.91
CA MET F 205 -20.49 -39.79 -40.07
C MET F 205 -19.82 -38.52 -40.63
N TYR F 206 -20.47 -37.94 -41.64
CA TYR F 206 -19.89 -36.86 -42.45
C TYR F 206 -19.77 -35.53 -41.69
N SER F 207 -20.43 -35.39 -40.54
CA SER F 207 -20.41 -34.16 -39.77
C SER F 207 -20.27 -34.50 -38.29
N ARG F 208 -19.65 -33.59 -37.54
CA ARG F 208 -19.70 -33.67 -36.08
C ARG F 208 -21.15 -33.53 -35.60
N SER F 209 -21.44 -34.17 -34.46
CA SER F 209 -22.69 -33.99 -33.73
C SER F 209 -23.91 -34.41 -34.57
N LEU F 210 -23.80 -35.52 -35.32
CA LEU F 210 -25.00 -36.04 -35.95
C LEU F 210 -26.03 -36.49 -34.92
N GLY F 211 -25.63 -36.63 -33.66
CA GLY F 211 -26.57 -36.95 -32.62
C GLY F 211 -27.59 -35.86 -32.33
N THR F 212 -27.32 -34.63 -32.78
CA THR F 212 -28.26 -33.52 -32.60
C THR F 212 -29.00 -33.15 -33.89
N HIS F 213 -28.90 -33.99 -34.92
CA HIS F 213 -29.55 -33.68 -36.20
C HIS F 213 -31.06 -33.49 -36.05
N HIS F 214 -31.68 -34.12 -35.06
CA HIS F 214 -33.13 -34.00 -34.88
C HIS F 214 -33.50 -33.06 -33.72
N LEU F 215 -32.55 -32.27 -33.24
CA LEU F 215 -32.83 -31.33 -32.14
C LEU F 215 -33.60 -30.12 -32.69
N PRO F 216 -34.69 -29.71 -32.04
CA PRO F 216 -35.54 -28.65 -32.63
C PRO F 216 -34.88 -27.27 -32.60
N GLY F 217 -35.04 -26.52 -33.68
CA GLY F 217 -34.51 -25.16 -33.74
C GLY F 217 -35.55 -24.09 -34.02
N GLY F 218 -36.82 -24.48 -33.97
CA GLY F 218 -37.87 -23.54 -34.28
C GLY F 218 -38.06 -22.48 -33.20
N MET F 219 -38.84 -21.48 -33.55
CA MET F 219 -39.16 -20.37 -32.67
C MET F 219 -40.39 -20.66 -31.82
N ASP F 220 -41.13 -21.72 -32.14
CA ASP F 220 -42.36 -22.04 -31.43
C ASP F 220 -42.05 -22.55 -30.01
N SER F 221 -43.11 -22.68 -29.21
CA SER F 221 -42.96 -22.93 -27.78
C SER F 221 -42.35 -24.30 -27.48
N GLU F 222 -42.84 -25.37 -28.15
CA GLU F 222 -42.25 -26.68 -27.88
C GLU F 222 -40.81 -26.75 -28.32
N SER F 223 -40.50 -26.18 -29.49
CA SER F 223 -39.14 -26.31 -30.02
C SER F 223 -38.14 -25.69 -29.06
N ARG F 224 -38.45 -24.49 -28.55
CA ARG F 224 -37.54 -23.82 -27.63
C ARG F 224 -37.42 -24.57 -26.31
N PHE F 225 -38.53 -25.16 -25.83
CA PHE F 225 -38.48 -25.92 -24.58
C PHE F 225 -37.53 -27.09 -24.69
N VAL F 226 -37.67 -27.90 -25.76
CA VAL F 226 -36.82 -29.08 -25.92
C VAL F 226 -35.35 -28.68 -26.02
N LYS F 227 -35.07 -27.69 -26.85
CA LYS F 227 -33.66 -27.30 -27.04
C LYS F 227 -33.08 -26.67 -25.78
N VAL F 228 -33.84 -25.85 -25.07
CA VAL F 228 -33.22 -25.23 -23.89
C VAL F 228 -33.01 -26.27 -22.79
N CYS F 229 -33.91 -27.26 -22.67
CA CYS F 229 -33.70 -28.31 -21.69
C CYS F 229 -32.36 -29.01 -21.95
N PHE F 230 -32.06 -29.25 -23.23
CA PHE F 230 -30.83 -29.92 -23.64
C PHE F 230 -29.60 -29.05 -23.36
N ALA F 231 -29.65 -27.78 -23.77
CA ALA F 231 -28.52 -26.88 -23.53
C ALA F 231 -28.28 -26.67 -22.04
N LEU F 232 -29.35 -26.56 -21.26
CA LEU F 232 -29.20 -26.37 -19.82
C LEU F 232 -28.61 -27.62 -19.17
N ASN F 233 -29.09 -28.81 -19.56
CA ASN F 233 -28.61 -30.05 -18.97
C ASN F 233 -27.10 -30.25 -19.21
N HIS F 234 -26.63 -29.91 -20.41
CA HIS F 234 -25.26 -30.21 -20.82
C HIS F 234 -24.30 -29.06 -20.59
N ALA F 235 -24.75 -27.96 -19.98
CA ALA F 235 -23.91 -26.78 -19.82
C ALA F 235 -22.84 -27.03 -18.74
N PRO F 236 -21.72 -26.29 -18.78
CA PRO F 236 -20.64 -26.55 -17.83
C PRO F 236 -21.07 -26.33 -16.38
N LYS F 237 -20.43 -27.07 -15.47
CA LYS F 237 -20.65 -26.96 -14.03
C LYS F 237 -19.36 -26.52 -13.33
N ASP F 238 -19.47 -26.28 -12.03
CA ASP F 238 -18.33 -25.99 -11.14
C ASP F 238 -17.49 -24.81 -11.67
N SER F 239 -18.12 -23.65 -11.63
CA SER F 239 -17.58 -22.47 -12.29
C SER F 239 -17.79 -21.25 -11.43
N ASP F 240 -16.90 -20.26 -11.62
CA ASP F 240 -16.91 -19.01 -10.88
C ASP F 240 -18.05 -18.12 -11.38
N GLU F 241 -18.11 -16.90 -10.85
CA GLU F 241 -19.23 -16.00 -11.14
C GLU F 241 -19.30 -15.64 -12.62
N VAL F 242 -18.21 -15.05 -13.15
CA VAL F 242 -18.27 -14.54 -14.51
C VAL F 242 -18.45 -15.66 -15.52
N GLU F 243 -17.76 -16.78 -15.31
CA GLU F 243 -17.89 -17.89 -16.25
C GLU F 243 -19.30 -18.48 -16.19
N SER F 244 -19.88 -18.55 -14.99
CA SER F 244 -21.25 -19.04 -14.84
C SER F 244 -22.26 -18.15 -15.56
N VAL F 245 -22.10 -16.82 -15.41
CA VAL F 245 -23.00 -15.88 -16.06
C VAL F 245 -22.85 -15.94 -17.57
N THR F 246 -21.61 -16.05 -18.05
CA THR F 246 -21.37 -16.16 -19.48
C THR F 246 -22.08 -17.40 -20.06
N ASN F 247 -21.97 -18.55 -19.40
CA ASN F 247 -22.61 -19.75 -19.92
C ASN F 247 -24.13 -19.62 -19.88
N PHE F 248 -24.67 -18.98 -18.83
CA PHE F 248 -26.10 -18.76 -18.73
C PHE F 248 -26.62 -18.00 -19.94
N PHE F 249 -25.95 -16.90 -20.32
CA PHE F 249 -26.40 -16.15 -21.48
C PHE F 249 -26.30 -16.97 -22.76
N HIS F 250 -25.30 -17.86 -22.87
CA HIS F 250 -25.17 -18.66 -24.08
C HIS F 250 -26.29 -19.70 -24.18
N ILE F 251 -26.70 -20.26 -23.04
CA ILE F 251 -27.83 -21.20 -23.03
C ILE F 251 -29.06 -20.54 -23.63
N LEU F 252 -29.41 -19.36 -23.12
CA LEU F 252 -30.61 -18.68 -23.59
C LEU F 252 -30.44 -18.14 -25.00
N GLN F 253 -29.20 -17.79 -25.41
CA GLN F 253 -29.00 -17.36 -26.79
C GLN F 253 -29.26 -18.47 -27.79
N SER F 254 -29.03 -19.73 -27.40
CA SER F 254 -29.29 -20.84 -28.31
C SER F 254 -30.77 -20.95 -28.68
N VAL F 255 -31.68 -20.36 -27.89
CA VAL F 255 -33.09 -20.34 -28.25
C VAL F 255 -33.60 -18.91 -28.45
N GLU F 256 -32.71 -18.01 -28.89
CA GLU F 256 -33.17 -16.65 -29.06
C GLU F 256 -33.99 -16.52 -30.33
N GLN F 257 -34.87 -15.52 -30.36
CA GLN F 257 -35.74 -15.25 -31.51
C GLN F 257 -35.19 -14.03 -32.23
N VAL F 258 -34.56 -14.24 -33.37
CA VAL F 258 -34.04 -13.18 -34.22
C VAL F 258 -35.19 -12.53 -34.97
N LYS F 259 -35.10 -11.20 -35.19
CA LYS F 259 -36.14 -10.51 -35.96
C LYS F 259 -36.30 -11.12 -37.34
N GLY F 260 -37.54 -11.45 -37.71
CA GLY F 260 -37.84 -12.02 -39.01
C GLY F 260 -38.25 -13.48 -38.96
N MET F 261 -37.85 -14.22 -37.94
CA MET F 261 -38.09 -15.65 -37.89
C MET F 261 -39.44 -16.03 -37.27
N ASP F 262 -40.05 -15.15 -36.48
CA ASP F 262 -41.30 -15.44 -35.77
C ASP F 262 -42.29 -14.32 -36.12
N GLU F 263 -43.12 -14.55 -37.13
CA GLU F 263 -43.99 -13.51 -37.66
C GLU F 263 -45.36 -13.67 -37.02
N VAL F 264 -45.82 -12.62 -36.33
CA VAL F 264 -47.06 -12.66 -35.58
C VAL F 264 -48.11 -11.73 -36.15
N GLY F 265 -47.78 -11.00 -37.21
CA GLY F 265 -48.70 -10.15 -37.93
C GLY F 265 -48.02 -9.68 -39.19
N PRO F 266 -48.73 -8.90 -40.02
CA PRO F 266 -48.10 -8.31 -41.21
C PRO F 266 -46.87 -7.48 -40.90
N ASN F 267 -45.69 -8.00 -41.23
CA ASN F 267 -44.42 -7.33 -40.97
C ASN F 267 -44.24 -6.99 -39.49
N ILE F 268 -44.77 -7.82 -38.61
CA ILE F 268 -44.64 -7.66 -37.17
C ILE F 268 -44.06 -8.96 -36.62
N PHE F 269 -42.99 -8.84 -35.83
CA PHE F 269 -42.22 -10.01 -35.42
C PHE F 269 -42.07 -10.08 -33.90
N GLU F 270 -42.19 -11.29 -33.37
CA GLU F 270 -41.80 -11.55 -31.99
C GLU F 270 -40.29 -11.79 -31.97
N TYR F 271 -39.56 -11.08 -31.11
CA TYR F 271 -38.11 -11.24 -31.02
C TYR F 271 -37.68 -11.09 -29.58
N THR F 272 -36.43 -11.51 -29.29
CA THR F 272 -35.93 -11.54 -27.93
C THR F 272 -35.58 -10.11 -27.51
N MET F 273 -36.43 -9.51 -26.70
CA MET F 273 -36.26 -8.10 -26.33
C MET F 273 -35.15 -7.93 -25.30
N TYR F 274 -35.07 -8.81 -24.32
CA TYR F 274 -34.00 -8.73 -23.33
C TYR F 274 -33.80 -10.10 -22.72
N THR F 275 -32.64 -10.26 -22.07
CA THR F 275 -32.27 -11.48 -21.36
C THR F 275 -31.82 -11.09 -19.97
N SER F 276 -32.42 -11.70 -18.96
CA SER F 276 -32.07 -11.44 -17.58
C SER F 276 -31.47 -12.70 -16.94
N CYS F 277 -30.53 -12.48 -16.02
CA CYS F 277 -29.81 -13.54 -15.35
C CYS F 277 -29.59 -13.08 -13.92
N MET F 278 -30.11 -13.82 -12.95
CA MET F 278 -30.24 -13.28 -11.60
C MET F 278 -29.58 -14.25 -10.63
N ASN F 279 -28.47 -13.83 -10.01
CA ASN F 279 -27.76 -14.68 -9.05
C ASN F 279 -28.52 -14.73 -7.73
N LEU F 280 -29.03 -15.93 -7.37
CA LEU F 280 -29.89 -16.06 -6.21
C LEU F 280 -29.14 -15.85 -4.89
N GLU F 281 -27.90 -16.33 -4.80
CA GLU F 281 -27.14 -16.19 -3.54
C GLU F 281 -26.70 -14.74 -3.30
N LYS F 282 -26.38 -14.00 -4.36
CA LYS F 282 -25.77 -12.68 -4.22
C LYS F 282 -26.70 -11.52 -4.52
N GLY F 283 -27.89 -11.76 -5.07
CA GLY F 283 -28.80 -10.66 -5.35
C GLY F 283 -28.40 -9.74 -6.48
N ILE F 284 -27.67 -10.24 -7.47
CA ILE F 284 -27.24 -9.45 -8.63
C ILE F 284 -28.07 -9.85 -9.85
N LEU F 285 -28.52 -8.84 -10.59
CA LEU F 285 -29.24 -9.01 -11.85
C LEU F 285 -28.31 -8.60 -12.98
N TYR F 286 -28.05 -9.53 -13.91
CA TYR F 286 -27.32 -9.23 -15.14
C TYR F 286 -28.31 -9.22 -16.29
N PHE F 287 -28.10 -8.32 -17.25
CA PHE F 287 -29.04 -8.21 -18.36
C PHE F 287 -28.35 -7.72 -19.62
N ASN F 288 -28.89 -8.13 -20.77
CA ASN F 288 -28.62 -7.40 -22.00
C ASN F 288 -29.94 -7.32 -22.77
N CYS F 289 -29.89 -6.79 -23.98
CA CYS F 289 -31.11 -6.60 -24.73
C CYS F 289 -30.81 -6.73 -26.21
N TYR F 290 -31.85 -6.67 -27.04
CA TYR F 290 -31.65 -6.91 -28.46
C TYR F 290 -30.66 -5.91 -29.05
N ASP F 291 -30.72 -4.65 -28.60
CA ASP F 291 -29.86 -3.60 -29.17
C ASP F 291 -28.48 -3.50 -28.52
N ASP F 292 -28.24 -4.13 -27.37
CA ASP F 292 -26.95 -4.02 -26.68
C ASP F 292 -26.51 -5.40 -26.20
N SER F 293 -25.46 -5.96 -26.79
CA SER F 293 -25.04 -7.29 -26.37
C SER F 293 -24.09 -7.28 -25.17
N ARG F 294 -23.53 -6.11 -24.81
CA ARG F 294 -22.77 -6.03 -23.57
C ARG F 294 -23.66 -6.32 -22.36
N ILE F 295 -23.13 -7.09 -21.41
CA ILE F 295 -23.87 -7.44 -20.20
C ILE F 295 -23.73 -6.32 -19.18
N SER F 296 -24.85 -5.93 -18.58
CA SER F 296 -24.88 -4.98 -17.48
C SER F 296 -25.27 -5.68 -16.19
N ALA F 297 -24.92 -5.06 -15.06
CA ALA F 297 -25.18 -5.66 -13.76
C ALA F 297 -25.64 -4.62 -12.75
N VAL F 298 -26.68 -4.96 -11.97
CA VAL F 298 -27.18 -4.15 -10.86
C VAL F 298 -27.20 -5.03 -9.62
N ASP F 299 -26.51 -4.61 -8.55
CA ASP F 299 -26.46 -5.37 -7.31
C ASP F 299 -27.48 -4.79 -6.34
N MET F 300 -28.42 -5.64 -5.90
CA MET F 300 -29.46 -5.20 -4.98
C MET F 300 -28.86 -4.72 -3.67
N ASN F 301 -27.84 -5.43 -3.18
CA ASN F 301 -27.32 -5.20 -1.85
C ASN F 301 -26.43 -3.97 -1.77
N LYS F 302 -26.26 -3.25 -2.87
CA LYS F 302 -25.58 -1.96 -2.86
C LYS F 302 -26.57 -0.79 -2.77
N GLU F 303 -27.85 -1.08 -2.55
CA GLU F 303 -28.86 -0.04 -2.35
C GLU F 303 -29.37 -0.09 -0.91
N ASP F 304 -30.18 0.92 -0.56
CA ASP F 304 -30.76 1.02 0.78
C ASP F 304 -32.00 0.14 0.83
N LEU F 305 -31.82 -1.11 1.23
CA LEU F 305 -32.92 -2.08 1.22
C LEU F 305 -34.01 -1.75 2.23
N SER F 306 -33.81 -0.76 3.08
CA SER F 306 -34.83 -0.40 4.05
C SER F 306 -35.61 0.86 3.68
N SER F 307 -35.39 1.41 2.50
CA SER F 307 -36.20 2.54 2.05
C SER F 307 -37.62 2.04 1.73
N SER F 308 -38.41 2.90 1.11
CA SER F 308 -39.77 2.53 0.73
C SER F 308 -40.13 3.00 -0.67
N ASP F 309 -39.20 3.64 -1.37
CA ASP F 309 -39.43 4.06 -2.74
C ASP F 309 -38.81 3.04 -3.69
N LEU F 310 -39.47 2.85 -4.83
CA LEU F 310 -38.89 2.02 -5.89
C LEU F 310 -37.61 2.65 -6.39
N ILE F 311 -36.61 1.80 -6.66
CA ILE F 311 -35.32 2.21 -7.21
C ILE F 311 -35.23 1.64 -8.62
N VAL F 312 -35.08 2.51 -9.61
CA VAL F 312 -35.28 2.15 -11.01
C VAL F 312 -34.00 2.42 -11.79
N PHE F 313 -33.71 1.54 -12.76
CA PHE F 313 -32.61 1.73 -13.70
C PHE F 313 -33.05 1.36 -15.10
N ASP F 314 -32.37 1.94 -16.08
CA ASP F 314 -32.65 1.66 -17.48
C ASP F 314 -32.32 0.21 -17.82
N LEU F 315 -33.20 -0.41 -18.61
CA LEU F 315 -32.98 -1.76 -19.10
C LEU F 315 -32.53 -1.78 -20.56
N PHE F 316 -33.24 -1.09 -21.44
CA PHE F 316 -32.91 -1.07 -22.85
C PHE F 316 -31.87 0.02 -23.14
N LYS F 317 -30.84 -0.35 -23.92
CA LYS F 317 -29.69 0.52 -24.18
C LYS F 317 -29.30 0.46 -25.65
N LYS F 318 -28.48 1.42 -26.06
CA LYS F 318 -27.88 1.38 -27.39
C LYS F 318 -26.68 0.45 -27.39
N GLN F 319 -26.34 -0.06 -28.58
CA GLN F 319 -25.17 -0.93 -28.71
C GLN F 319 -23.91 -0.24 -28.22
N ASP F 320 -23.20 -0.88 -27.29
CA ASP F 320 -22.08 -0.30 -26.57
C ASP F 320 -20.78 -0.91 -27.10
N ILE F 321 -20.31 -0.38 -28.23
CA ILE F 321 -19.17 -0.95 -28.96
C ILE F 321 -17.85 -0.46 -28.37
N SER F 322 -16.91 -1.39 -28.17
CA SER F 322 -15.55 -1.07 -27.74
C SER F 322 -14.68 -0.80 -28.98
N PHE F 323 -14.40 0.47 -29.24
CA PHE F 323 -13.57 0.85 -30.38
C PHE F 323 -12.10 0.71 -30.03
N ILE F 324 -11.39 -0.11 -30.78
CA ILE F 324 -10.10 -0.65 -30.33
C ILE F 324 -8.93 0.23 -30.76
N ASN F 325 -8.85 0.56 -32.05
CA ASN F 325 -7.67 1.26 -32.56
C ASN F 325 -8.00 2.74 -32.70
N HIS F 326 -8.24 3.35 -31.54
CA HIS F 326 -8.69 4.74 -31.46
C HIS F 326 -7.55 5.74 -31.68
N HIS F 327 -6.30 5.33 -31.42
CA HIS F 327 -5.12 6.20 -31.57
C HIS F 327 -5.23 7.47 -30.74
N HIS F 328 -5.76 7.37 -29.52
CA HIS F 328 -5.75 8.54 -28.65
C HIS F 328 -4.38 8.78 -28.03
N HIS F 329 -3.55 7.74 -27.95
CA HIS F 329 -2.19 7.78 -27.40
C HIS F 329 -2.17 8.55 -26.06
N HIS F 330 -2.85 7.94 -25.08
CA HIS F 330 -2.97 8.54 -23.76
C HIS F 330 -1.66 8.49 -22.98
N CYS G 2 -12.07 -10.41 32.23
CA CYS G 2 -12.11 -11.48 33.23
C CYS G 2 -11.08 -12.58 33.08
N THR G 3 -10.74 -13.08 34.24
CA THR G 3 -9.60 -13.96 34.46
C THR G 3 -10.05 -14.98 35.48
N SER G 4 -9.98 -16.26 35.13
CA SER G 4 -10.37 -17.33 36.05
C SER G 4 -9.20 -18.26 36.28
N ILE G 5 -9.05 -18.77 37.52
CA ILE G 5 -7.94 -19.65 37.89
C ILE G 5 -8.39 -20.78 38.81
N LEU G 6 -7.66 -21.90 38.74
CA LEU G 6 -7.71 -22.96 39.73
C LEU G 6 -6.35 -23.04 40.41
N TYR G 7 -6.35 -22.85 41.73
CA TYR G 7 -5.15 -22.74 42.56
C TYR G 7 -5.14 -23.93 43.52
N SER G 8 -4.02 -24.63 43.61
CA SER G 8 -3.95 -25.93 44.29
C SER G 8 -2.82 -26.00 45.31
N PRO G 9 -2.80 -25.09 46.31
CA PRO G 9 -1.69 -25.15 47.27
C PRO G 9 -1.77 -26.33 48.22
N LYS G 10 -2.99 -26.79 48.54
CA LYS G 10 -3.24 -27.85 49.52
C LYS G 10 -4.69 -28.25 49.42
N ASP G 11 -5.60 -27.42 49.94
CA ASP G 11 -6.95 -27.38 49.42
C ASP G 11 -6.91 -26.78 47.99
N HIS G 12 -8.04 -26.85 47.29
CA HIS G 12 -8.12 -26.36 45.92
C HIS G 12 -9.10 -25.20 45.85
N TYR G 13 -8.66 -24.09 45.25
CA TYR G 13 -9.42 -22.85 45.21
C TYR G 13 -9.70 -22.46 43.76
N PHE G 14 -10.97 -22.16 43.47
CA PHE G 14 -11.45 -21.86 42.13
C PHE G 14 -12.14 -20.51 42.17
N GLY G 15 -11.84 -19.63 41.22
CA GLY G 15 -12.41 -18.29 41.25
C GLY G 15 -12.06 -17.46 40.04
N ARG G 16 -12.35 -16.15 40.14
CA ARG G 16 -12.16 -15.27 38.97
C ARG G 16 -12.26 -13.81 39.38
N ASN G 17 -11.67 -12.96 38.52
CA ASN G 17 -12.00 -11.54 38.44
C ASN G 17 -13.12 -11.37 37.44
N LEU G 18 -14.09 -10.52 37.75
CA LEU G 18 -15.09 -10.14 36.76
C LEU G 18 -14.84 -8.69 36.39
N ASP G 19 -14.39 -8.47 35.15
CA ASP G 19 -14.04 -7.15 34.64
C ASP G 19 -15.09 -6.73 33.62
N TYR G 20 -15.79 -5.64 33.87
CA TYR G 20 -16.74 -5.17 32.87
C TYR G 20 -17.11 -3.73 33.18
N GLU G 21 -17.89 -3.14 32.27
CA GLU G 21 -18.36 -1.77 32.45
C GLU G 21 -19.83 -1.68 32.81
N ILE G 22 -20.59 -2.77 32.63
CA ILE G 22 -22.02 -2.83 32.96
C ILE G 22 -22.24 -3.88 34.04
N ALA G 23 -23.06 -3.55 35.04
CA ALA G 23 -23.41 -4.49 36.10
C ALA G 23 -24.72 -5.19 35.76
N TYR G 24 -24.87 -6.42 36.27
CA TYR G 24 -26.02 -7.26 35.95
C TYR G 24 -26.73 -7.76 37.20
N GLY G 25 -26.68 -6.99 38.30
CA GLY G 25 -27.39 -7.35 39.51
C GLY G 25 -26.82 -8.52 40.29
N GLN G 26 -25.53 -8.83 40.12
CA GLN G 26 -24.97 -10.02 40.72
C GLN G 26 -25.04 -9.99 42.24
N LYS G 27 -25.27 -11.16 42.82
CA LYS G 27 -25.30 -11.38 44.27
C LYS G 27 -24.68 -12.74 44.53
N VAL G 28 -24.33 -13.01 45.79
CA VAL G 28 -24.00 -14.36 46.20
C VAL G 28 -25.28 -15.18 46.29
N VAL G 29 -25.31 -16.34 45.62
CA VAL G 29 -26.51 -17.17 45.52
C VAL G 29 -26.16 -18.62 45.82
N ILE G 30 -26.77 -19.17 46.87
CA ILE G 30 -26.73 -20.61 47.15
C ILE G 30 -27.99 -21.23 46.57
N THR G 31 -27.81 -22.28 45.78
CA THR G 31 -28.93 -23.02 45.20
C THR G 31 -28.99 -24.39 45.86
N PRO G 32 -29.99 -24.69 46.66
CA PRO G 32 -30.00 -25.93 47.44
C PRO G 32 -30.40 -27.13 46.58
N ARG G 33 -30.31 -28.32 47.21
CA ARG G 33 -30.45 -29.57 46.46
C ARG G 33 -31.83 -29.73 45.83
N ASN G 34 -32.86 -29.11 46.41
CA ASN G 34 -34.22 -29.37 45.95
C ASN G 34 -34.84 -28.18 45.24
N TYR G 35 -34.07 -27.12 44.98
CA TYR G 35 -34.51 -26.14 43.99
C TYR G 35 -34.67 -26.86 42.65
N GLU G 36 -35.78 -26.60 41.97
CA GLU G 36 -36.07 -27.31 40.73
C GLU G 36 -35.61 -26.48 39.54
N PHE G 37 -34.68 -27.03 38.77
CA PHE G 37 -34.19 -26.39 37.55
C PHE G 37 -35.13 -26.68 36.39
N LYS G 38 -35.66 -25.62 35.78
CA LYS G 38 -36.47 -25.77 34.58
C LYS G 38 -35.59 -25.49 33.35
N PHE G 39 -34.85 -26.52 32.94
CA PHE G 39 -33.96 -26.39 31.79
C PHE G 39 -34.76 -26.26 30.49
N ALA G 40 -34.13 -25.64 29.49
CA ALA G 40 -34.86 -25.26 28.28
C ALA G 40 -35.23 -26.45 27.41
N ASN G 41 -34.30 -27.40 27.23
CA ASN G 41 -34.55 -28.56 26.36
C ASN G 41 -34.02 -29.85 26.98
N LEU G 42 -34.04 -29.91 28.30
CA LEU G 42 -33.65 -31.09 29.08
C LEU G 42 -34.75 -31.32 30.12
N PRO G 43 -34.83 -32.52 30.69
CA PRO G 43 -35.82 -32.75 31.76
C PRO G 43 -35.49 -31.91 32.97
N ALA G 44 -36.53 -31.52 33.71
CA ALA G 44 -36.34 -30.80 34.95
C ALA G 44 -35.73 -31.71 36.01
N GLU G 45 -34.91 -31.13 36.87
CA GLU G 45 -34.21 -31.87 37.91
C GLU G 45 -34.57 -31.25 39.25
N LYS G 46 -35.42 -31.94 40.02
CA LYS G 46 -35.88 -31.47 41.32
C LYS G 46 -34.97 -31.88 42.46
N SER G 47 -33.97 -32.72 42.20
CA SER G 47 -33.08 -33.25 43.21
C SER G 47 -31.68 -33.36 42.59
N HIS G 48 -30.71 -32.68 43.18
CA HIS G 48 -29.41 -32.49 42.52
C HIS G 48 -28.42 -31.93 43.55
N TYR G 49 -27.16 -31.79 43.12
CA TYR G 49 -26.14 -31.26 44.02
C TYR G 49 -26.42 -29.79 44.34
N ALA G 50 -26.07 -29.38 45.56
CA ALA G 50 -26.16 -27.97 45.90
C ALA G 50 -24.93 -27.23 45.39
N MET G 51 -25.11 -25.95 45.09
CA MET G 51 -24.01 -25.12 44.58
C MET G 51 -24.05 -23.74 45.22
N ILE G 52 -22.88 -23.07 45.22
CA ILE G 52 -22.74 -21.69 45.68
C ILE G 52 -21.89 -20.92 44.67
N GLY G 53 -22.27 -19.69 44.39
CA GLY G 53 -21.50 -18.87 43.47
C GLY G 53 -22.07 -17.47 43.38
N ILE G 54 -21.57 -16.72 42.39
CA ILE G 54 -22.05 -15.38 42.07
C ILE G 54 -23.03 -15.48 40.92
N ALA G 55 -24.20 -14.87 41.06
CA ALA G 55 -25.22 -15.02 40.05
C ALA G 55 -26.13 -13.80 40.01
N ALA G 56 -26.67 -13.52 38.83
CA ALA G 56 -27.88 -12.74 38.72
C ALA G 56 -29.07 -13.64 39.02
N VAL G 57 -30.11 -13.08 39.61
CA VAL G 57 -31.36 -13.81 39.86
C VAL G 57 -32.46 -13.12 39.07
N ALA G 58 -33.11 -13.86 38.17
CA ALA G 58 -34.23 -13.35 37.40
C ALA G 58 -35.32 -14.41 37.40
N ASN G 59 -36.56 -13.99 37.71
CA ASN G 59 -37.69 -14.90 37.76
C ASN G 59 -37.35 -16.16 38.55
N ASN G 60 -36.80 -15.95 39.75
CA ASN G 60 -36.40 -17.03 40.66
C ASN G 60 -35.55 -18.09 39.97
N THR G 61 -34.66 -17.65 39.06
CA THR G 61 -33.71 -18.53 38.40
C THR G 61 -32.30 -18.01 38.62
N PRO G 62 -31.38 -18.85 39.13
CA PRO G 62 -29.99 -18.39 39.30
C PRO G 62 -29.27 -18.44 37.95
N LEU G 63 -28.74 -17.29 37.54
CA LEU G 63 -27.99 -17.13 36.29
C LEU G 63 -26.52 -16.92 36.68
N TYR G 64 -25.78 -18.01 36.77
CA TYR G 64 -24.47 -17.97 37.43
C TYR G 64 -23.38 -17.43 36.51
N CYS G 65 -22.49 -16.62 37.10
CA CYS G 65 -21.24 -16.17 36.48
C CYS G 65 -20.10 -17.14 36.75
N ASP G 66 -20.06 -17.70 37.95
CA ASP G 66 -19.08 -18.67 38.42
C ASP G 66 -19.63 -19.29 39.71
N ALA G 67 -19.33 -20.58 39.91
CA ALA G 67 -19.88 -21.30 41.05
C ALA G 67 -19.14 -22.61 41.23
N ILE G 68 -19.35 -23.22 42.40
CA ILE G 68 -18.87 -24.55 42.75
C ILE G 68 -20.00 -25.32 43.40
N ASN G 69 -19.95 -26.65 43.32
CA ASN G 69 -20.97 -27.48 43.95
C ASN G 69 -20.39 -28.18 45.18
N GLU G 70 -21.26 -28.86 45.93
CA GLU G 70 -20.86 -29.49 47.18
C GLU G 70 -19.89 -30.65 47.01
N LYS G 71 -19.65 -31.11 45.80
CA LYS G 71 -18.70 -32.20 45.58
C LYS G 71 -17.33 -31.73 45.11
N GLY G 72 -17.12 -30.42 44.95
CA GLY G 72 -15.81 -29.90 44.62
C GLY G 72 -15.55 -29.72 43.14
N LEU G 73 -16.60 -29.48 42.35
CA LEU G 73 -16.47 -29.13 40.94
C LEU G 73 -16.81 -27.65 40.78
N GLY G 74 -16.09 -26.96 39.91
CA GLY G 74 -16.30 -25.55 39.69
C GLY G 74 -16.35 -25.21 38.22
N VAL G 75 -17.14 -24.18 37.90
CA VAL G 75 -17.28 -23.69 36.53
C VAL G 75 -17.35 -22.17 36.58
N ALA G 76 -16.64 -21.53 35.66
CA ALA G 76 -16.69 -20.09 35.49
C ALA G 76 -17.00 -19.79 34.04
N GLY G 77 -17.87 -18.81 33.82
CA GLY G 77 -18.19 -18.34 32.48
C GLY G 77 -17.47 -17.04 32.23
N LEU G 78 -16.81 -16.95 31.08
CA LEU G 78 -16.05 -15.78 30.69
C LEU G 78 -16.43 -15.38 29.28
N SER G 79 -16.41 -14.06 29.03
CA SER G 79 -16.79 -13.54 27.72
C SER G 79 -15.95 -14.17 26.61
N PHE G 80 -16.60 -14.44 25.48
CA PHE G 80 -15.97 -15.00 24.29
C PHE G 80 -16.44 -14.24 23.05
N ALA G 81 -16.80 -12.97 23.24
CA ALA G 81 -17.35 -12.14 22.17
C ALA G 81 -16.42 -12.13 20.95
N GLY G 82 -17.00 -12.40 19.78
CA GLY G 82 -16.26 -12.43 18.52
C GLY G 82 -15.60 -13.75 18.19
N GLN G 83 -15.55 -14.68 19.13
CA GLN G 83 -15.03 -16.03 18.90
C GLN G 83 -16.11 -17.11 18.97
N GLY G 84 -17.08 -16.98 19.86
CA GLY G 84 -18.02 -18.05 20.09
C GLY G 84 -19.12 -18.11 19.04
N LYS G 85 -19.78 -19.27 19.00
CA LYS G 85 -20.99 -19.48 18.21
C LYS G 85 -21.86 -20.49 18.94
N TYR G 86 -23.14 -20.19 19.08
CA TYR G 86 -24.09 -21.17 19.58
C TYR G 86 -24.93 -21.65 18.41
N PHE G 87 -25.59 -22.80 18.59
CA PHE G 87 -26.21 -23.49 17.48
C PHE G 87 -27.67 -23.81 17.76
N PRO G 88 -28.48 -23.98 16.72
CA PRO G 88 -29.90 -24.30 16.93
C PRO G 88 -30.07 -25.64 17.63
N VAL G 89 -31.17 -25.76 18.38
CA VAL G 89 -31.50 -27.03 19.01
C VAL G 89 -31.58 -28.11 17.94
N VAL G 90 -30.97 -29.27 18.23
CA VAL G 90 -30.90 -30.38 17.31
C VAL G 90 -31.26 -31.67 18.06
N GLU G 91 -32.05 -32.53 17.41
CA GLU G 91 -32.59 -33.69 18.11
C GLU G 91 -31.56 -34.80 18.32
N ASP G 92 -30.47 -34.77 17.56
CA ASP G 92 -29.42 -35.79 17.67
C ASP G 92 -28.43 -35.51 18.81
N LYS G 93 -28.75 -34.62 19.75
CA LYS G 93 -27.77 -34.19 20.75
C LYS G 93 -28.48 -33.73 22.01
N LYS G 94 -27.70 -33.67 23.10
CA LYS G 94 -28.12 -33.05 24.35
C LYS G 94 -27.89 -31.55 24.25
N ASN G 95 -28.97 -30.77 24.22
CA ASN G 95 -28.88 -29.32 23.99
C ASN G 95 -28.86 -28.59 25.32
N ILE G 96 -27.77 -27.88 25.61
CA ILE G 96 -27.66 -27.06 26.82
C ILE G 96 -27.56 -25.61 26.39
N ALA G 97 -28.52 -24.78 26.82
CA ALA G 97 -28.45 -23.36 26.53
C ALA G 97 -27.25 -22.75 27.24
N SER G 98 -26.70 -21.69 26.65
CA SER G 98 -25.48 -21.10 27.21
C SER G 98 -25.70 -20.57 28.62
N PHE G 99 -26.87 -19.97 28.89
CA PHE G 99 -27.09 -19.34 30.19
C PHE G 99 -27.25 -20.36 31.32
N GLU G 100 -27.54 -21.62 31.01
CA GLU G 100 -27.76 -22.63 32.04
C GLU G 100 -26.60 -23.61 32.16
N PHE G 101 -25.51 -23.40 31.40
CA PHE G 101 -24.42 -24.37 31.38
C PHE G 101 -23.82 -24.58 32.76
N ILE G 102 -23.46 -23.50 33.46
CA ILE G 102 -22.90 -23.66 34.79
C ILE G 102 -23.88 -24.41 35.68
N SER G 103 -25.15 -24.00 35.67
CA SER G 103 -26.16 -24.65 36.50
C SER G 103 -26.24 -26.15 36.21
N TYR G 104 -26.34 -26.52 34.93
CA TYR G 104 -26.56 -27.90 34.57
C TYR G 104 -25.35 -28.76 34.95
N ILE G 105 -24.14 -28.31 34.60
CA ILE G 105 -22.93 -29.07 34.91
C ILE G 105 -22.81 -29.26 36.42
N LEU G 106 -22.99 -28.18 37.19
CA LEU G 106 -22.80 -28.30 38.64
C LEU G 106 -23.92 -29.11 39.30
N ALA G 107 -25.12 -29.06 38.74
CA ALA G 107 -26.21 -29.84 39.33
C ALA G 107 -26.02 -31.33 39.10
N THR G 108 -25.30 -31.70 38.03
CA THR G 108 -25.30 -33.05 37.50
C THR G 108 -23.99 -33.82 37.73
N TYR G 109 -22.83 -33.17 37.70
CA TYR G 109 -21.56 -33.89 37.68
C TYR G 109 -20.70 -33.53 38.89
N GLU G 110 -19.67 -34.35 39.09
CA GLU G 110 -18.77 -34.26 40.23
C GLU G 110 -17.33 -33.94 39.89
N THR G 111 -16.84 -34.37 38.71
CA THR G 111 -15.41 -34.28 38.39
C THR G 111 -15.21 -33.79 36.95
N VAL G 112 -14.02 -33.22 36.72
CA VAL G 112 -13.66 -32.76 35.36
C VAL G 112 -13.70 -33.92 34.38
N ASP G 113 -13.14 -35.06 34.78
CA ASP G 113 -13.11 -36.23 33.89
C ASP G 113 -14.53 -36.68 33.55
N GLN G 114 -15.43 -36.60 34.53
CA GLN G 114 -16.83 -36.92 34.27
C GLN G 114 -17.45 -35.93 33.29
N VAL G 115 -17.18 -34.64 33.46
CA VAL G 115 -17.71 -33.63 32.53
C VAL G 115 -17.21 -33.91 31.12
N LYS G 116 -15.93 -34.26 30.98
CA LYS G 116 -15.36 -34.51 29.67
C LYS G 116 -16.02 -35.72 29.00
N GLU G 117 -16.23 -36.81 29.75
CA GLU G 117 -16.89 -37.97 29.16
C GLU G 117 -18.31 -37.65 28.73
N ASN G 118 -18.96 -36.65 29.35
CA ASN G 118 -20.36 -36.41 29.07
C ASN G 118 -20.62 -35.22 28.15
N LEU G 119 -19.59 -34.47 27.76
CA LEU G 119 -19.84 -33.41 26.78
C LEU G 119 -19.78 -33.93 25.35
N THR G 120 -19.50 -35.21 25.15
CA THR G 120 -19.28 -35.71 23.79
C THR G 120 -20.52 -35.58 22.92
N ASP G 121 -21.72 -35.65 23.50
CA ASP G 121 -22.96 -35.58 22.74
C ASP G 121 -23.67 -34.24 22.89
N VAL G 122 -22.97 -33.19 23.36
CA VAL G 122 -23.62 -31.95 23.75
C VAL G 122 -23.54 -30.94 22.63
N ASN G 123 -24.61 -30.17 22.47
CA ASN G 123 -24.67 -28.97 21.67
C ASN G 123 -25.01 -27.79 22.58
N ILE G 124 -24.23 -26.72 22.49
CA ILE G 124 -24.52 -25.49 23.23
C ILE G 124 -25.45 -24.66 22.37
N SER G 125 -26.72 -24.58 22.77
CA SER G 125 -27.77 -24.07 21.90
C SER G 125 -27.85 -22.55 21.97
N ASP G 126 -28.57 -21.96 21.01
CA ASP G 126 -28.69 -20.52 20.91
C ASP G 126 -29.90 -19.97 21.67
N VAL G 127 -30.46 -20.73 22.61
CA VAL G 127 -31.65 -20.30 23.33
C VAL G 127 -31.28 -19.22 24.34
N SER G 128 -32.07 -18.14 24.39
CA SER G 128 -31.87 -17.06 25.34
C SER G 128 -32.86 -17.13 26.50
N PHE G 129 -32.47 -16.53 27.63
CA PHE G 129 -33.30 -16.58 28.84
C PHE G 129 -34.65 -15.91 28.64
N SER G 130 -34.65 -14.71 28.04
CA SER G 130 -35.87 -14.01 27.68
C SER G 130 -35.73 -13.47 26.27
N LYS G 131 -36.86 -13.01 25.72
CA LYS G 131 -36.78 -12.14 24.56
C LYS G 131 -36.07 -10.83 24.92
N ASN G 132 -35.96 -10.51 26.22
CA ASN G 132 -35.33 -9.30 26.71
C ASN G 132 -33.92 -9.52 27.25
N THR G 133 -33.45 -10.77 27.31
CA THR G 133 -32.10 -11.11 27.79
C THR G 133 -31.42 -12.02 26.78
N PRO G 134 -30.88 -11.46 25.69
CA PRO G 134 -30.26 -12.30 24.66
C PRO G 134 -28.96 -12.92 25.16
N ALA G 135 -28.55 -13.98 24.47
CA ALA G 135 -27.54 -14.90 25.02
C ALA G 135 -26.14 -14.33 24.78
N SER G 136 -25.50 -13.84 25.84
CA SER G 136 -24.16 -13.31 25.69
C SER G 136 -23.17 -14.44 25.41
N GLU G 137 -22.13 -14.13 24.63
CA GLU G 137 -21.18 -15.14 24.17
C GLU G 137 -20.18 -15.49 25.28
N LEU G 138 -20.10 -16.79 25.60
CA LEU G 138 -19.30 -17.25 26.73
C LEU G 138 -18.40 -18.42 26.33
N HIS G 139 -17.32 -18.59 27.09
CA HIS G 139 -16.66 -19.89 27.17
C HIS G 139 -16.34 -20.13 28.64
N TRP G 140 -15.98 -21.38 28.99
CA TRP G 140 -15.96 -21.78 30.40
C TRP G 140 -14.66 -22.49 30.77
N LEU G 141 -14.18 -22.20 31.97
CA LEU G 141 -13.19 -23.00 32.65
C LEU G 141 -13.88 -23.94 33.65
N VAL G 142 -13.45 -25.20 33.69
CA VAL G 142 -14.02 -26.21 34.58
C VAL G 142 -12.87 -26.83 35.37
N GLY G 143 -12.96 -26.80 36.70
CA GLY G 143 -11.90 -27.31 37.56
C GLY G 143 -12.46 -28.17 38.68
N ASP G 144 -11.57 -28.95 39.30
CA ASP G 144 -11.98 -29.77 40.43
C ASP G 144 -10.78 -30.06 41.35
N LYS G 145 -11.00 -30.91 42.35
CA LYS G 145 -10.00 -31.20 43.38
C LYS G 145 -8.88 -32.12 42.90
N THR G 146 -8.92 -32.61 41.66
CA THR G 146 -7.70 -33.24 41.15
C THR G 146 -6.63 -32.20 40.79
N GLY G 147 -6.93 -30.90 40.89
CA GLY G 147 -6.02 -29.86 40.45
C GLY G 147 -5.89 -29.71 38.94
N LYS G 148 -6.76 -30.36 38.18
CA LYS G 148 -6.76 -30.27 36.73
C LYS G 148 -8.01 -29.53 36.28
N SER G 149 -7.94 -28.98 35.06
CA SER G 149 -9.03 -28.20 34.53
C SER G 149 -9.17 -28.46 33.04
N ILE G 150 -10.34 -28.09 32.50
CA ILE G 150 -10.61 -28.14 31.07
C ILE G 150 -11.21 -26.82 30.65
N VAL G 151 -11.08 -26.52 29.35
CA VAL G 151 -11.70 -25.35 28.74
C VAL G 151 -12.75 -25.86 27.77
N VAL G 152 -13.94 -25.25 27.84
CA VAL G 152 -15.08 -25.62 27.00
C VAL G 152 -15.38 -24.43 26.10
N GLU G 153 -15.25 -24.61 24.79
CA GLU G 153 -15.44 -23.55 23.81
C GLU G 153 -16.34 -24.03 22.69
N SER G 154 -17.38 -23.26 22.39
CA SER G 154 -18.24 -23.50 21.24
C SER G 154 -17.97 -22.39 20.25
N ASP G 155 -17.42 -22.73 19.08
CA ASP G 155 -17.11 -21.73 18.05
C ASP G 155 -17.67 -22.19 16.71
N GLU G 156 -17.17 -21.58 15.64
CA GLU G 156 -17.74 -21.82 14.31
C GLU G 156 -17.65 -23.28 13.92
N LYS G 157 -16.65 -24.00 14.41
CA LYS G 157 -16.44 -25.40 14.07
C LYS G 157 -17.06 -26.37 15.08
N GLY G 158 -17.87 -25.89 16.02
CA GLY G 158 -18.56 -26.75 16.95
C GLY G 158 -18.03 -26.64 18.36
N LEU G 159 -18.36 -27.66 19.16
CA LEU G 159 -17.99 -27.70 20.57
C LEU G 159 -16.63 -28.36 20.71
N HIS G 160 -15.75 -27.76 21.51
CA HIS G 160 -14.42 -28.29 21.78
C HIS G 160 -14.16 -28.34 23.27
N VAL G 161 -13.48 -29.38 23.73
CA VAL G 161 -13.07 -29.51 25.13
C VAL G 161 -11.55 -29.70 25.13
N TYR G 162 -10.84 -28.83 25.83
CA TYR G 162 -9.38 -28.83 25.85
C TYR G 162 -8.90 -29.10 27.27
N ASP G 163 -7.94 -30.00 27.42
CA ASP G 163 -7.21 -30.07 28.68
C ASP G 163 -6.46 -28.76 28.89
N ASN G 164 -6.46 -28.27 30.13
CA ASN G 164 -5.84 -26.96 30.39
C ASN G 164 -4.60 -27.11 31.24
N PRO G 165 -3.39 -27.15 30.65
CA PRO G 165 -2.18 -27.36 31.44
C PRO G 165 -1.79 -26.20 32.35
N VAL G 166 -2.35 -25.01 32.19
CA VAL G 166 -1.95 -23.87 33.02
C VAL G 166 -3.02 -23.43 33.98
N ASN G 167 -4.21 -24.05 33.95
CA ASN G 167 -5.27 -23.84 34.95
C ASN G 167 -5.75 -22.40 35.01
N ALA G 168 -5.78 -21.70 33.86
CA ALA G 168 -6.25 -20.32 33.83
C ALA G 168 -6.95 -20.07 32.50
N LEU G 169 -7.76 -19.03 32.48
CA LEU G 169 -8.51 -18.68 31.28
C LEU G 169 -8.86 -17.21 31.29
N THR G 170 -8.85 -16.57 30.12
CA THR G 170 -9.36 -15.21 30.02
C THR G 170 -10.37 -15.15 28.90
N ASN G 171 -10.17 -14.29 27.91
CA ASN G 171 -11.16 -14.08 26.83
C ASN G 171 -10.60 -14.64 25.53
N ALA G 172 -10.62 -13.90 24.43
CA ALA G 172 -10.13 -14.34 23.13
C ALA G 172 -8.60 -14.30 23.12
N PRO G 173 -7.94 -15.03 22.18
CA PRO G 173 -8.48 -15.83 21.08
C PRO G 173 -8.85 -17.25 21.52
N LEU G 174 -9.03 -18.14 20.54
CA LEU G 174 -9.37 -19.53 20.82
C LEU G 174 -8.30 -20.15 21.68
N PHE G 175 -8.68 -21.11 22.51
CA PHE G 175 -7.74 -21.61 23.53
C PHE G 175 -6.44 -22.19 22.97
N PRO G 176 -6.42 -22.96 21.87
CA PRO G 176 -5.10 -23.41 21.36
C PRO G 176 -4.17 -22.25 21.00
N GLN G 177 -4.70 -21.11 20.57
CA GLN G 177 -3.85 -19.98 20.25
C GLN G 177 -3.30 -19.34 21.51
N GLN G 178 -4.12 -19.27 22.55
CA GLN G 178 -3.62 -18.77 23.83
C GLN G 178 -2.46 -19.62 24.33
N LEU G 179 -2.58 -20.94 24.23
CA LEU G 179 -1.50 -21.84 24.66
C LEU G 179 -0.23 -21.61 23.84
N THR G 180 -0.36 -21.52 22.53
CA THR G 180 0.81 -21.30 21.68
C THR G 180 1.54 -20.03 22.07
N ASN G 181 0.78 -18.94 22.29
CA ASN G 181 1.36 -17.66 22.63
C ASN G 181 2.25 -17.73 23.87
N LEU G 182 1.98 -18.68 24.78
CA LEU G 182 2.75 -18.79 26.02
C LEU G 182 4.22 -19.13 25.76
N ALA G 183 4.51 -19.91 24.71
CA ALA G 183 5.89 -20.24 24.40
C ALA G 183 6.70 -19.01 24.02
N ASN G 184 6.02 -17.94 23.61
CA ASN G 184 6.74 -16.71 23.30
C ASN G 184 7.40 -16.12 24.54
N TYR G 185 6.99 -16.56 25.74
CA TYR G 185 7.52 -16.02 26.98
C TYR G 185 8.41 -17.03 27.71
N ALA G 186 8.90 -18.05 27.01
CA ALA G 186 9.63 -19.16 27.64
C ALA G 186 10.95 -18.73 28.28
N ALA G 187 11.44 -17.53 28.01
CA ALA G 187 12.67 -17.07 28.63
C ALA G 187 12.46 -16.30 29.93
N VAL G 188 11.22 -15.91 30.23
CA VAL G 188 10.92 -15.18 31.48
C VAL G 188 11.30 -16.04 32.67
N VAL G 189 12.00 -15.42 33.63
CA VAL G 189 12.29 -16.06 34.93
C VAL G 189 11.98 -15.06 36.03
N PRO G 190 11.58 -15.51 37.23
CA PRO G 190 11.30 -14.54 38.31
C PRO G 190 12.55 -13.83 38.84
N GLY G 191 13.74 -14.41 38.66
CA GLY G 191 14.95 -13.77 39.14
C GLY G 191 15.75 -13.06 38.05
N GLN G 192 17.07 -13.33 38.01
CA GLN G 192 17.93 -12.73 37.00
C GLN G 192 18.32 -13.80 35.98
N PRO G 193 18.27 -13.50 34.70
CA PRO G 193 18.76 -14.46 33.71
C PRO G 193 20.28 -14.46 33.69
N ASN G 194 20.84 -15.57 33.24
CA ASN G 194 22.26 -15.59 32.95
C ASN G 194 22.47 -14.89 31.61
N ASN G 195 23.57 -14.14 31.50
CA ASN G 195 23.84 -13.36 30.30
C ASN G 195 24.44 -14.28 29.24
N ASP G 196 23.58 -14.90 28.44
CA ASP G 196 23.96 -15.47 27.15
C ASP G 196 23.54 -14.60 25.97
N PHE G 197 23.06 -13.39 26.27
CA PHE G 197 22.69 -12.43 25.25
C PHE G 197 23.93 -11.80 24.62
N LEU G 198 24.84 -11.30 25.45
CA LEU G 198 26.10 -10.74 24.98
C LEU G 198 27.26 -11.37 25.77
N PRO G 199 27.57 -12.64 25.49
CA PRO G 199 28.67 -13.29 26.21
C PRO G 199 29.96 -12.48 26.06
N GLY G 200 30.70 -12.39 27.16
CA GLY G 200 31.91 -11.60 27.18
C GLY G 200 31.72 -10.16 27.59
N VAL G 201 30.48 -9.70 27.73
CA VAL G 201 30.18 -8.33 28.12
C VAL G 201 29.56 -8.36 29.50
N ASP G 202 29.98 -7.45 30.36
CA ASP G 202 29.44 -7.36 31.71
C ASP G 202 28.22 -6.45 31.71
N LEU G 203 27.04 -7.06 31.85
CA LEU G 203 25.78 -6.32 31.92
C LEU G 203 25.40 -6.19 33.39
N LYS G 204 25.43 -4.98 33.91
CA LYS G 204 25.04 -4.76 35.30
C LYS G 204 23.54 -4.96 35.44
N MET G 205 23.15 -5.91 36.28
CA MET G 205 21.74 -6.14 36.56
C MET G 205 21.28 -5.03 37.51
N TYR G 206 20.89 -3.88 36.94
CA TYR G 206 20.60 -2.65 37.70
C TYR G 206 19.31 -2.73 38.53
N SER G 207 18.46 -3.73 38.30
CA SER G 207 17.21 -3.88 39.02
C SER G 207 16.98 -5.34 39.33
N ARG G 208 16.29 -5.60 40.43
CA ARG G 208 15.82 -6.95 40.70
C ARG G 208 14.80 -7.39 39.65
N SER G 209 14.70 -8.71 39.46
CA SER G 209 13.69 -9.32 38.59
C SER G 209 13.76 -8.82 37.15
N LEU G 210 14.98 -8.63 36.63
CA LEU G 210 15.08 -8.30 35.21
C LEU G 210 14.60 -9.44 34.34
N GLY G 211 14.49 -10.66 34.90
CA GLY G 211 13.87 -11.75 34.16
C GLY G 211 12.40 -11.55 33.81
N THR G 212 11.71 -10.64 34.49
CA THR G 212 10.30 -10.39 34.17
C THR G 212 10.13 -9.11 33.35
N HIS G 213 11.22 -8.54 32.83
CA HIS G 213 11.12 -7.28 32.11
C HIS G 213 10.15 -7.36 30.92
N HIS G 214 9.98 -8.53 30.30
CA HIS G 214 9.07 -8.65 29.17
C HIS G 214 7.76 -9.32 29.54
N LEU G 215 7.45 -9.43 30.82
CA LEU G 215 6.17 -9.99 31.24
C LEU G 215 5.05 -9.00 30.92
N PRO G 216 3.96 -9.42 30.29
CA PRO G 216 2.91 -8.47 29.87
C PRO G 216 2.12 -7.89 31.03
N GLY G 217 1.84 -6.58 30.96
CA GLY G 217 1.06 -5.91 31.98
C GLY G 217 -0.19 -5.23 31.46
N GLY G 218 -0.52 -5.50 30.21
CA GLY G 218 -1.66 -4.86 29.60
C GLY G 218 -2.97 -5.38 30.15
N MET G 219 -4.02 -4.67 29.78
CA MET G 219 -5.39 -5.01 30.17
C MET G 219 -6.07 -5.92 29.17
N ASP G 220 -5.43 -6.19 28.02
CA ASP G 220 -6.03 -7.03 27.00
C ASP G 220 -5.97 -8.51 27.40
N SER G 221 -6.69 -9.32 26.63
CA SER G 221 -6.95 -10.72 26.99
C SER G 221 -5.67 -11.55 27.04
N GLU G 222 -4.82 -11.45 26.01
CA GLU G 222 -3.59 -12.23 25.97
C GLU G 222 -2.66 -11.81 27.11
N SER G 223 -2.51 -10.49 27.32
CA SER G 223 -1.61 -10.01 28.36
C SER G 223 -2.01 -10.55 29.73
N ARG G 224 -3.31 -10.49 30.05
CA ARG G 224 -3.74 -10.98 31.36
C ARG G 224 -3.55 -12.48 31.47
N PHE G 225 -3.73 -13.23 30.36
CA PHE G 225 -3.53 -14.67 30.41
C PHE G 225 -2.08 -15.00 30.72
N VAL G 226 -1.15 -14.39 29.99
CA VAL G 226 0.27 -14.71 30.20
C VAL G 226 0.70 -14.37 31.63
N LYS G 227 0.31 -13.21 32.12
CA LYS G 227 0.81 -12.84 33.45
C LYS G 227 0.15 -13.68 34.55
N VAL G 228 -1.15 -13.94 34.45
CA VAL G 228 -1.78 -14.72 35.52
C VAL G 228 -1.25 -16.16 35.52
N CYS G 229 -0.93 -16.71 34.35
CA CYS G 229 -0.35 -18.06 34.31
C CYS G 229 0.97 -18.09 35.08
N PHE G 230 1.81 -17.09 34.86
CA PHE G 230 3.06 -16.95 35.59
C PHE G 230 2.80 -16.81 37.10
N ALA G 231 1.91 -15.89 37.49
CA ALA G 231 1.70 -15.62 38.91
C ALA G 231 1.12 -16.83 39.62
N LEU G 232 0.20 -17.54 38.96
CA LEU G 232 -0.40 -18.77 39.49
C LEU G 232 0.64 -19.88 39.62
N ASN G 233 1.49 -20.04 38.60
CA ASN G 233 2.49 -21.09 38.64
C ASN G 233 3.50 -20.88 39.78
N HIS G 234 3.87 -19.63 40.06
CA HIS G 234 4.94 -19.37 41.02
C HIS G 234 4.43 -19.03 42.43
N ALA G 235 3.12 -19.04 42.65
CA ALA G 235 2.59 -18.68 43.96
C ALA G 235 2.92 -19.76 44.99
N PRO G 236 2.83 -19.44 46.29
CA PRO G 236 3.26 -20.40 47.32
C PRO G 236 2.38 -21.63 47.38
N LYS G 237 2.93 -22.68 48.00
CA LYS G 237 2.28 -23.96 48.16
C LYS G 237 2.28 -24.37 49.62
N ASP G 238 1.49 -25.40 49.92
CA ASP G 238 1.47 -26.06 51.24
C ASP G 238 1.15 -25.06 52.36
N SER G 239 -0.04 -24.48 52.27
CA SER G 239 -0.43 -23.38 53.13
C SER G 239 -1.83 -23.63 53.67
N ASP G 240 -2.09 -23.13 54.88
CA ASP G 240 -3.38 -23.30 55.52
C ASP G 240 -4.41 -22.37 54.88
N GLU G 241 -5.63 -22.39 55.41
CA GLU G 241 -6.77 -21.79 54.71
C GLU G 241 -6.58 -20.30 54.47
N VAL G 242 -6.34 -19.52 55.53
CA VAL G 242 -6.32 -18.07 55.37
C VAL G 242 -5.14 -17.63 54.49
N GLU G 243 -3.99 -18.27 54.65
CA GLU G 243 -2.82 -17.93 53.84
C GLU G 243 -3.07 -18.23 52.37
N SER G 244 -3.75 -19.35 52.09
CA SER G 244 -4.05 -19.75 50.71
C SER G 244 -5.00 -18.76 50.06
N VAL G 245 -6.07 -18.38 50.77
CA VAL G 245 -7.04 -17.42 50.23
C VAL G 245 -6.37 -16.09 49.97
N THR G 246 -5.51 -15.65 50.89
CA THR G 246 -4.82 -14.37 50.75
C THR G 246 -3.94 -14.35 49.49
N ASN G 247 -3.19 -15.43 49.26
CA ASN G 247 -2.38 -15.51 48.05
C ASN G 247 -3.26 -15.56 46.80
N PHE G 248 -4.41 -16.23 46.88
CA PHE G 248 -5.30 -16.33 45.74
C PHE G 248 -5.77 -14.95 45.30
N PHE G 249 -6.14 -14.10 46.26
CA PHE G 249 -6.53 -12.75 45.90
C PHE G 249 -5.36 -11.97 45.31
N HIS G 250 -4.14 -12.19 45.82
CA HIS G 250 -3.00 -11.43 45.28
C HIS G 250 -2.69 -11.84 43.84
N ILE G 251 -2.84 -13.12 43.52
CA ILE G 251 -2.68 -13.57 42.14
C ILE G 251 -3.60 -12.80 41.21
N LEU G 252 -4.89 -12.71 41.58
CA LEU G 252 -5.84 -12.03 40.69
C LEU G 252 -5.68 -10.51 40.72
N GLN G 253 -5.25 -9.93 41.85
CA GLN G 253 -4.94 -8.51 41.89
C GLN G 253 -3.85 -8.13 40.89
N SER G 254 -2.91 -9.04 40.62
CA SER G 254 -1.81 -8.72 39.71
C SER G 254 -2.29 -8.47 38.30
N VAL G 255 -3.49 -8.91 37.94
CA VAL G 255 -4.06 -8.66 36.62
C VAL G 255 -5.38 -7.91 36.71
N GLU G 256 -5.60 -7.17 37.80
CA GLU G 256 -6.84 -6.43 37.93
C GLU G 256 -6.86 -5.25 36.96
N GLN G 257 -8.07 -4.82 36.62
CA GLN G 257 -8.26 -3.68 35.74
C GLN G 257 -8.70 -2.48 36.58
N VAL G 258 -7.84 -1.49 36.64
CA VAL G 258 -8.11 -0.24 37.34
C VAL G 258 -8.94 0.67 36.44
N LYS G 259 -9.86 1.41 37.03
CA LYS G 259 -10.67 2.35 36.26
C LYS G 259 -9.77 3.35 35.55
N GLY G 260 -9.94 3.46 34.22
CA GLY G 260 -9.20 4.37 33.38
C GLY G 260 -8.24 3.69 32.40
N MET G 261 -7.82 2.46 32.70
CA MET G 261 -6.80 1.77 31.91
C MET G 261 -7.38 0.99 30.74
N ASP G 262 -8.66 0.63 30.77
CA ASP G 262 -9.32 -0.16 29.70
C ASP G 262 -10.56 0.59 29.22
N GLU G 263 -10.39 1.39 28.17
CA GLU G 263 -11.44 2.23 27.63
C GLU G 263 -12.23 1.47 26.58
N VAL G 264 -13.52 1.31 26.82
CA VAL G 264 -14.40 0.56 25.93
C VAL G 264 -15.46 1.44 25.30
N GLY G 265 -15.58 2.69 25.73
CA GLY G 265 -16.42 3.67 25.09
C GLY G 265 -16.00 5.06 25.51
N PRO G 266 -16.65 6.08 24.96
CA PRO G 266 -16.32 7.46 25.36
C PRO G 266 -16.48 7.66 26.85
N ASN G 267 -15.35 7.69 27.56
CA ASN G 267 -15.33 7.82 29.02
C ASN G 267 -16.07 6.67 29.71
N ILE G 268 -16.00 5.47 29.13
CA ILE G 268 -16.57 4.27 29.73
C ILE G 268 -15.45 3.23 29.84
N PHE G 269 -15.32 2.62 31.00
CA PHE G 269 -14.16 1.79 31.29
C PHE G 269 -14.57 0.42 31.81
N GLU G 270 -13.91 -0.62 31.30
CA GLU G 270 -14.01 -1.96 31.87
C GLU G 270 -13.06 -2.02 33.06
N TYR G 271 -13.59 -2.38 34.24
CA TYR G 271 -12.78 -2.46 35.45
C TYR G 271 -13.19 -3.69 36.23
N THR G 272 -12.39 -4.05 37.22
CA THR G 272 -12.61 -5.29 37.98
C THR G 272 -13.71 -5.05 39.01
N MET G 273 -14.92 -5.52 38.70
CA MET G 273 -16.05 -5.25 39.59
C MET G 273 -16.02 -6.10 40.86
N TYR G 274 -15.62 -7.36 40.75
CA TYR G 274 -15.54 -8.23 41.91
C TYR G 274 -14.53 -9.32 41.67
N THR G 275 -14.07 -9.91 42.78
CA THR G 275 -13.14 -11.03 42.78
C THR G 275 -13.70 -12.11 43.69
N SER G 276 -13.83 -13.34 43.16
CA SER G 276 -14.36 -14.47 43.91
C SER G 276 -13.32 -15.57 44.08
N CYS G 277 -13.39 -16.27 45.22
CA CYS G 277 -12.43 -17.33 45.57
C CYS G 277 -13.19 -18.41 46.31
N MET G 278 -13.29 -19.60 45.72
CA MET G 278 -14.18 -20.65 46.23
C MET G 278 -13.37 -21.89 46.59
N ASN G 279 -13.40 -22.25 47.87
CA ASN G 279 -12.73 -23.46 48.37
C ASN G 279 -13.55 -24.70 48.00
N LEU G 280 -12.96 -25.57 47.18
CA LEU G 280 -13.68 -26.73 46.63
C LEU G 280 -13.94 -27.78 47.71
N GLU G 281 -12.98 -28.01 48.60
CA GLU G 281 -13.15 -29.00 49.66
C GLU G 281 -14.22 -28.57 50.65
N LYS G 282 -14.23 -27.30 51.05
CA LYS G 282 -15.03 -26.82 52.16
C LYS G 282 -16.29 -26.08 51.76
N GLY G 283 -16.48 -25.81 50.46
CA GLY G 283 -17.69 -25.14 50.02
C GLY G 283 -17.84 -23.72 50.51
N ILE G 284 -16.73 -22.98 50.69
CA ILE G 284 -16.76 -21.61 51.18
C ILE G 284 -16.45 -20.66 50.03
N LEU G 285 -17.26 -19.59 49.89
CA LEU G 285 -17.02 -18.55 48.90
C LEU G 285 -16.48 -17.29 49.59
N TYR G 286 -15.28 -16.86 49.19
CA TYR G 286 -14.69 -15.59 49.62
C TYR G 286 -14.80 -14.57 48.49
N PHE G 287 -15.04 -13.31 48.83
CA PHE G 287 -15.22 -12.30 47.79
C PHE G 287 -14.85 -10.90 48.29
N ASN G 288 -14.50 -10.04 47.32
CA ASN G 288 -14.51 -8.60 47.53
C ASN G 288 -14.89 -7.96 46.19
N CYS G 289 -14.94 -6.63 46.16
CA CYS G 289 -15.37 -5.91 44.98
C CYS G 289 -14.54 -4.65 44.84
N TYR G 290 -14.81 -3.89 43.77
CA TYR G 290 -14.00 -2.70 43.54
C TYR G 290 -14.10 -1.72 44.71
N ASP G 291 -15.28 -1.60 45.28
CA ASP G 291 -15.51 -0.57 46.29
C ASP G 291 -15.16 -1.03 47.70
N ASP G 292 -14.90 -2.32 47.91
CA ASP G 292 -14.61 -2.84 49.25
C ASP G 292 -13.47 -3.85 49.15
N SER G 293 -12.29 -3.50 49.68
CA SER G 293 -11.18 -4.46 49.64
C SER G 293 -11.24 -5.48 50.75
N ARG G 294 -12.01 -5.24 51.82
CA ARG G 294 -12.16 -6.26 52.85
C ARG G 294 -12.81 -7.52 52.28
N ILE G 295 -12.29 -8.68 52.68
CA ILE G 295 -12.76 -9.97 52.20
C ILE G 295 -13.93 -10.45 53.05
N SER G 296 -15.02 -10.85 52.38
CA SER G 296 -16.19 -11.46 52.99
C SER G 296 -16.25 -12.94 52.64
N ALA G 297 -16.98 -13.70 53.47
CA ALA G 297 -17.04 -15.15 53.30
C ALA G 297 -18.45 -15.65 53.59
N VAL G 298 -18.95 -16.54 52.72
CA VAL G 298 -20.23 -17.23 52.87
C VAL G 298 -19.97 -18.72 52.79
N ASP G 299 -20.31 -19.45 53.86
CA ASP G 299 -20.11 -20.90 53.92
C ASP G 299 -21.43 -21.58 53.56
N MET G 300 -21.41 -22.29 52.44
CA MET G 300 -22.60 -23.00 51.94
C MET G 300 -23.11 -24.01 52.95
N ASN G 301 -22.21 -24.70 53.66
CA ASN G 301 -22.60 -25.78 54.56
C ASN G 301 -23.20 -25.30 55.88
N LYS G 302 -23.23 -23.98 56.13
CA LYS G 302 -23.97 -23.45 57.26
C LYS G 302 -25.42 -23.14 56.90
N GLU G 303 -25.88 -23.55 55.72
CA GLU G 303 -27.26 -23.37 55.33
C GLU G 303 -27.95 -24.72 55.23
N ASP G 304 -29.27 -24.66 55.10
CA ASP G 304 -30.08 -25.87 54.94
C ASP G 304 -30.04 -26.27 53.48
N LEU G 305 -29.19 -27.24 53.16
CA LEU G 305 -28.97 -27.65 51.78
C LEU G 305 -30.05 -28.58 51.25
N SER G 306 -31.04 -28.94 52.05
CA SER G 306 -32.15 -29.75 51.58
C SER G 306 -33.39 -28.92 51.28
N SER G 307 -33.31 -27.60 51.41
CA SER G 307 -34.41 -26.71 51.06
C SER G 307 -34.57 -26.65 49.55
N SER G 308 -35.49 -25.80 49.09
CA SER G 308 -35.76 -25.64 47.66
C SER G 308 -35.80 -24.18 47.23
N ASP G 309 -35.41 -23.25 48.09
CA ASP G 309 -35.44 -21.84 47.75
C ASP G 309 -34.03 -21.27 47.66
N LEU G 310 -33.84 -20.33 46.75
CA LEU G 310 -32.56 -19.65 46.63
C LEU G 310 -32.26 -18.87 47.90
N ILE G 311 -30.99 -18.88 48.31
CA ILE G 311 -30.50 -18.17 49.48
C ILE G 311 -29.50 -17.14 48.96
N VAL G 312 -29.83 -15.86 49.03
CA VAL G 312 -29.03 -14.81 48.39
C VAL G 312 -28.45 -13.87 49.45
N PHE G 313 -27.23 -13.41 49.19
CA PHE G 313 -26.54 -12.42 50.02
C PHE G 313 -25.96 -11.32 49.14
N ASP G 314 -25.78 -10.15 49.73
CA ASP G 314 -25.21 -9.02 49.00
C ASP G 314 -23.77 -9.30 48.58
N LEU G 315 -23.43 -8.92 47.35
CA LEU G 315 -22.06 -8.99 46.86
C LEU G 315 -21.37 -7.62 46.94
N PHE G 316 -21.94 -6.61 46.30
CA PHE G 316 -21.33 -5.29 46.24
C PHE G 316 -21.60 -4.54 47.54
N LYS G 317 -20.52 -4.07 48.19
CA LYS G 317 -20.57 -3.40 49.49
C LYS G 317 -19.73 -2.13 49.45
N LYS G 318 -19.86 -1.35 50.51
CA LYS G 318 -19.10 -0.12 50.70
C LYS G 318 -17.74 -0.42 51.31
N GLN G 319 -16.80 0.50 51.07
CA GLN G 319 -15.47 0.36 51.64
C GLN G 319 -15.57 0.27 53.16
N ASP G 320 -15.00 -0.79 53.72
CA ASP G 320 -15.16 -1.11 55.14
C ASP G 320 -13.86 -0.75 55.86
N ILE G 321 -13.68 0.54 56.12
CA ILE G 321 -12.44 1.05 56.70
C ILE G 321 -12.44 0.82 58.22
N SER G 322 -11.34 0.27 58.73
CA SER G 322 -11.17 0.06 60.16
C SER G 322 -10.46 1.28 60.74
N PHE G 323 -11.19 2.10 61.49
CA PHE G 323 -10.63 3.31 62.06
C PHE G 323 -9.98 2.98 63.40
N ILE G 324 -8.68 3.23 63.49
CA ILE G 324 -7.85 2.72 64.58
C ILE G 324 -7.87 3.64 65.79
N ASN G 325 -7.68 4.95 65.62
CA ASN G 325 -7.59 5.86 66.76
C ASN G 325 -8.86 6.69 66.86
N HIS G 326 -9.98 6.01 67.09
CA HIS G 326 -11.28 6.66 67.14
C HIS G 326 -11.49 7.44 68.42
N HIS G 327 -10.77 7.10 69.49
CA HIS G 327 -10.90 7.76 70.79
C HIS G 327 -12.35 7.72 71.30
N HIS G 328 -13.01 6.57 71.10
CA HIS G 328 -14.33 6.37 71.68
C HIS G 328 -14.25 6.06 73.17
N HIS G 329 -13.13 5.53 73.63
CA HIS G 329 -12.88 5.21 75.03
C HIS G 329 -14.03 4.38 75.61
N HIS G 330 -14.38 3.32 74.90
CA HIS G 330 -15.34 2.33 75.42
C HIS G 330 -14.73 1.64 76.63
N HIS G 331 -15.56 1.41 77.65
CA HIS G 331 -15.06 0.75 78.86
C HIS G 331 -15.86 -0.52 79.17
N CYS H 2 9.56 -1.26 45.19
CA CYS H 2 8.69 -0.18 45.67
C CYS H 2 8.39 0.92 44.69
N THR H 3 7.20 1.47 44.91
CA THR H 3 6.52 2.39 44.02
C THR H 3 5.87 3.46 44.87
N SER H 4 6.10 4.73 44.55
CA SER H 4 5.48 5.82 45.29
C SER H 4 4.80 6.76 44.30
N ILE H 5 3.62 7.27 44.68
CA ILE H 5 2.81 8.10 43.80
C ILE H 5 2.26 9.30 44.57
N LEU H 6 1.95 10.37 43.82
CA LEU H 6 1.16 11.51 44.29
C LEU H 6 -0.06 11.68 43.39
N TYR H 7 -1.25 11.50 43.97
CA TYR H 7 -2.54 11.44 43.28
C TYR H 7 -3.39 12.63 43.70
N SER H 8 -3.95 13.36 42.72
CA SER H 8 -4.60 14.66 42.97
C SER H 8 -6.00 14.72 42.39
N PRO H 9 -6.91 13.84 42.82
CA PRO H 9 -8.27 13.87 42.23
C PRO H 9 -9.11 15.06 42.70
N LYS H 10 -8.95 15.47 43.96
CA LYS H 10 -9.65 16.60 44.56
C LYS H 10 -8.81 17.07 45.74
N ASP H 11 -8.87 16.31 46.83
CA ASP H 11 -7.77 16.31 47.79
C ASP H 11 -6.52 15.69 47.15
N HIS H 12 -5.45 15.58 47.93
CA HIS H 12 -4.17 15.11 47.45
C HIS H 12 -3.67 13.98 48.33
N TYR H 13 -3.32 12.86 47.71
CA TYR H 13 -2.94 11.65 48.44
C TYR H 13 -1.55 11.21 48.01
N PHE H 14 -0.75 10.82 49.00
CA PHE H 14 0.67 10.54 48.84
C PHE H 14 0.98 9.23 49.54
N GLY H 15 1.62 8.30 48.86
CA GLY H 15 2.00 7.05 49.52
C GLY H 15 2.77 6.11 48.63
N ARG H 16 2.78 4.83 49.01
CA ARG H 16 3.71 3.91 48.38
C ARG H 16 3.35 2.47 48.70
N ASN H 17 3.71 1.58 47.76
CA ASN H 17 3.97 0.18 48.04
C ASN H 17 5.38 0.05 48.61
N LEU H 18 5.55 -0.84 49.57
CA LEU H 18 6.89 -1.19 50.03
C LEU H 18 7.08 -2.67 49.76
N ASP H 19 7.98 -2.99 48.82
CA ASP H 19 8.19 -4.35 48.36
C ASP H 19 9.57 -4.80 48.82
N TYR H 20 9.65 -5.93 49.52
CA TYR H 20 10.96 -6.39 49.98
C TYR H 20 10.81 -7.81 50.52
N GLU H 21 11.94 -8.42 50.85
CA GLU H 21 11.95 -9.78 51.37
C GLU H 21 12.31 -9.82 52.85
N ILE H 22 12.62 -8.67 53.44
CA ILE H 22 13.09 -8.54 54.81
C ILE H 22 12.29 -7.44 55.48
N ALA H 23 11.71 -7.72 56.64
CA ALA H 23 10.94 -6.71 57.37
C ALA H 23 11.81 -6.00 58.38
N TYR H 24 11.48 -4.75 58.66
CA TYR H 24 12.28 -3.92 59.55
C TYR H 24 11.47 -3.45 60.77
N GLY H 25 10.48 -4.25 61.17
CA GLY H 25 9.64 -3.91 62.31
C GLY H 25 8.91 -2.59 62.16
N GLN H 26 8.46 -2.26 60.95
CA GLN H 26 7.77 -0.99 60.73
C GLN H 26 6.43 -0.97 61.46
N LYS H 27 6.01 0.24 61.83
CA LYS H 27 4.70 0.45 62.45
C LYS H 27 4.24 1.84 62.05
N VAL H 28 2.98 2.16 62.34
CA VAL H 28 2.47 3.52 62.16
C VAL H 28 2.99 4.37 63.31
N VAL H 29 3.56 5.54 62.99
CA VAL H 29 4.21 6.39 63.98
C VAL H 29 3.84 7.84 63.72
N ILE H 30 3.27 8.50 64.74
CA ILE H 30 3.04 9.94 64.71
C ILE H 30 4.15 10.61 65.53
N THR H 31 4.71 11.68 64.99
CA THR H 31 5.75 12.43 65.70
C THR H 31 5.18 13.80 66.05
N PRO H 32 4.97 14.11 67.33
CA PRO H 32 4.36 15.39 67.71
C PRO H 32 5.37 16.53 67.61
N ARG H 33 4.83 17.76 67.69
CA ARG H 33 5.63 18.96 67.47
C ARG H 33 6.83 19.05 68.40
N ASN H 34 6.74 18.50 69.61
CA ASN H 34 7.74 18.76 70.63
C ASN H 34 8.58 17.53 70.98
N TYR H 35 8.42 16.44 70.25
CA TYR H 35 9.49 15.44 70.18
C TYR H 35 10.74 16.14 69.68
N GLU H 36 11.88 15.89 70.32
CA GLU H 36 13.09 16.61 69.98
C GLU H 36 13.96 15.72 69.10
N PHE H 37 14.37 16.25 67.96
CA PHE H 37 15.19 15.52 67.00
C PHE H 37 16.65 15.77 67.32
N LYS H 38 17.40 14.70 67.58
CA LYS H 38 18.84 14.78 67.81
C LYS H 38 19.55 14.36 66.52
N PHE H 39 19.66 15.31 65.60
CA PHE H 39 20.25 15.06 64.29
C PHE H 39 21.76 14.82 64.41
N ALA H 40 22.34 14.31 63.32
CA ALA H 40 23.72 13.88 63.36
C ALA H 40 24.69 15.05 63.24
N ASN H 41 24.43 15.98 62.33
CA ASN H 41 25.33 17.11 62.12
C ASN H 41 24.54 18.39 61.93
N LEU H 42 23.37 18.47 62.54
CA LEU H 42 22.55 19.66 62.49
C LEU H 42 22.06 20.02 63.89
N PRO H 43 21.80 21.30 64.15
CA PRO H 43 21.27 21.69 65.46
C PRO H 43 19.95 20.99 65.75
N ALA H 44 19.86 20.40 66.95
CA ALA H 44 18.60 19.82 67.38
C ALA H 44 17.50 20.87 67.34
N GLU H 45 16.32 20.46 66.90
CA GLU H 45 15.15 21.34 66.87
C GLU H 45 14.09 20.70 67.77
N LYS H 46 13.85 21.30 68.93
CA LYS H 46 12.89 20.76 69.89
C LYS H 46 11.45 21.18 69.60
N SER H 47 11.24 22.06 68.62
CA SER H 47 9.91 22.49 68.20
C SER H 47 9.86 22.51 66.68
N HIS H 48 8.81 21.95 66.12
CA HIS H 48 8.76 21.70 64.68
C HIS H 48 7.36 21.22 64.28
N TYR H 49 7.21 20.92 63.00
CA TYR H 49 5.94 20.41 62.48
C TYR H 49 5.74 18.96 62.93
N ALA H 50 4.48 18.56 63.09
CA ALA H 50 4.18 17.18 63.44
C ALA H 50 3.98 16.35 62.16
N MET H 51 4.15 15.04 62.28
CA MET H 51 4.15 14.22 61.08
C MET H 51 3.60 12.82 61.40
N ILE H 52 3.12 12.14 60.37
CA ILE H 52 2.61 10.78 60.51
C ILE H 52 3.07 9.97 59.30
N GLY H 53 3.46 8.72 59.56
CA GLY H 53 3.91 7.86 58.49
C GLY H 53 4.24 6.48 59.01
N ILE H 54 4.89 5.70 58.14
CA ILE H 54 5.37 4.36 58.48
C ILE H 54 6.84 4.46 58.84
N ALA H 55 7.24 3.78 59.91
CA ALA H 55 8.61 3.94 60.38
C ALA H 55 9.00 2.79 61.27
N ALA H 56 10.30 2.50 61.28
CA ALA H 56 10.90 1.68 62.32
C ALA H 56 11.26 2.58 63.49
N VAL H 57 11.25 2.00 64.69
CA VAL H 57 11.60 2.76 65.90
C VAL H 57 12.72 2.02 66.61
N ALA H 58 13.84 2.71 66.84
CA ALA H 58 14.94 2.14 67.59
C ALA H 58 15.51 3.23 68.49
N ASN H 59 15.76 2.88 69.76
CA ASN H 59 16.25 3.83 70.76
C ASN H 59 15.44 5.13 70.71
N ASN H 60 14.11 4.97 70.73
CA ASN H 60 13.17 6.09 70.71
C ASN H 60 13.39 7.02 69.52
N THR H 61 13.84 6.48 68.38
CA THR H 61 14.04 7.28 67.19
C THR H 61 13.15 6.79 66.05
N PRO H 62 12.37 7.67 65.42
CA PRO H 62 11.55 7.26 64.28
C PRO H 62 12.38 7.24 63.01
N LEU H 63 12.54 6.07 62.42
CA LEU H 63 13.26 5.90 61.15
C LEU H 63 12.21 5.73 60.05
N TYR H 64 11.87 6.83 59.38
CA TYR H 64 10.71 6.85 58.49
C TYR H 64 11.04 6.25 57.12
N CYS H 65 10.10 5.44 56.62
CA CYS H 65 10.10 5.02 55.22
C CYS H 65 9.33 5.99 54.35
N ASP H 66 8.23 6.52 54.87
CA ASP H 66 7.37 7.47 54.17
C ASP H 66 6.49 8.16 55.20
N ALA H 67 6.16 9.42 54.95
CA ALA H 67 5.40 10.18 55.93
C ALA H 67 4.93 11.49 55.31
N ILE H 68 3.98 12.15 55.99
CA ILE H 68 3.55 13.49 55.65
C ILE H 68 3.57 14.32 56.93
N ASN H 69 3.54 15.64 56.77
CA ASN H 69 3.49 16.54 57.92
C ASN H 69 2.15 17.29 57.96
N GLU H 70 1.93 18.01 59.06
CA GLU H 70 0.66 18.68 59.28
C GLU H 70 0.40 19.84 58.32
N LYS H 71 1.42 20.26 57.53
CA LYS H 71 1.26 21.36 56.59
C LYS H 71 0.97 20.91 55.16
N GLY H 72 1.01 19.62 54.88
CA GLY H 72 0.66 19.12 53.56
C GLY H 72 1.83 18.71 52.69
N LEU H 73 2.93 18.26 53.26
CA LEU H 73 4.12 17.87 52.52
C LEU H 73 4.43 16.41 52.84
N GLY H 74 4.86 15.66 51.83
CA GLY H 74 5.20 14.27 52.02
C GLY H 74 6.54 13.93 51.41
N VAL H 75 7.17 12.89 51.95
CA VAL H 75 8.46 12.40 51.47
C VAL H 75 8.45 10.89 51.64
N ALA H 76 8.88 10.16 50.60
CA ALA H 76 9.03 8.71 50.68
C ALA H 76 10.44 8.31 50.29
N GLY H 77 10.97 7.29 50.97
CA GLY H 77 12.28 6.75 50.67
C GLY H 77 12.17 5.39 49.99
N LEU H 78 12.84 5.27 48.84
CA LEU H 78 12.85 4.04 48.08
C LEU H 78 14.29 3.60 47.81
N SER H 79 14.49 2.29 47.73
CA SER H 79 15.84 1.78 47.52
C SER H 79 16.43 2.29 46.20
N PHE H 80 17.73 2.57 46.23
CA PHE H 80 18.49 3.10 45.11
C PHE H 80 19.82 2.37 45.02
N ALA H 81 19.84 1.11 45.47
CA ALA H 81 21.03 0.31 45.50
C ALA H 81 21.66 0.21 44.11
N GLY H 82 22.99 0.30 44.07
CA GLY H 82 23.72 0.29 42.82
C GLY H 82 23.77 1.62 42.11
N GLN H 83 22.94 2.60 42.49
CA GLN H 83 22.95 3.91 41.87
C GLN H 83 23.41 5.02 42.79
N GLY H 84 23.10 4.93 44.09
CA GLY H 84 23.30 6.05 44.99
C GLY H 84 24.71 6.13 45.55
N LYS H 85 25.07 7.35 45.96
CA LYS H 85 26.31 7.58 46.69
C LYS H 85 26.07 8.63 47.77
N TYR H 86 26.47 8.32 48.99
CA TYR H 86 26.53 9.29 50.08
C TYR H 86 27.96 9.78 50.24
N PHE H 87 28.12 10.90 50.93
CA PHE H 87 29.44 11.49 51.02
C PHE H 87 29.85 11.82 52.45
N PRO H 88 31.16 11.80 52.75
CA PRO H 88 31.63 12.26 54.07
C PRO H 88 31.10 13.62 54.47
N VAL H 89 31.04 13.88 55.78
CA VAL H 89 30.58 15.18 56.25
C VAL H 89 31.58 16.25 55.80
N VAL H 90 31.06 17.40 55.38
CA VAL H 90 31.89 18.51 54.90
C VAL H 90 31.46 19.80 55.57
N GLU H 91 32.45 20.66 55.88
CA GLU H 91 32.17 21.89 56.62
C GLU H 91 31.40 22.91 55.79
N ASP H 92 31.56 22.88 54.46
CA ASP H 92 30.98 23.91 53.61
C ASP H 92 29.48 23.72 53.37
N LYS H 93 28.87 22.65 53.88
CA LYS H 93 27.51 22.31 53.51
C LYS H 93 26.71 21.77 54.69
N LYS H 94 25.39 21.84 54.56
CA LYS H 94 24.44 21.30 55.54
C LYS H 94 24.32 19.79 55.35
N ASN H 95 24.70 19.03 56.39
CA ASN H 95 24.89 17.58 56.28
C ASN H 95 23.71 16.84 56.88
N ILE H 96 22.84 16.32 56.02
CA ILE H 96 21.70 15.50 56.43
C ILE H 96 22.05 14.05 56.16
N ALA H 97 22.02 13.22 57.21
CA ALA H 97 22.29 11.82 56.98
C ALA H 97 21.09 11.14 56.32
N SER H 98 21.36 9.99 55.70
CA SER H 98 20.35 9.36 54.84
C SER H 98 19.13 8.91 55.65
N PHE H 99 19.36 8.30 56.81
CA PHE H 99 18.25 7.80 57.63
C PHE H 99 17.38 8.90 58.20
N GLU H 100 17.86 10.15 58.28
CA GLU H 100 17.09 11.22 58.90
C GLU H 100 16.54 12.21 57.88
N PHE H 101 16.67 11.92 56.58
CA PHE H 101 16.24 12.87 55.56
C PHE H 101 14.75 13.17 55.66
N ILE H 102 13.91 12.12 55.78
CA ILE H 102 12.47 12.34 55.85
C ILE H 102 12.11 13.14 57.10
N SER H 103 12.71 12.80 58.25
CA SER H 103 12.48 13.53 59.48
C SER H 103 12.77 15.01 59.32
N TYR H 104 14.00 15.34 58.91
CA TYR H 104 14.40 16.75 58.82
C TYR H 104 13.50 17.52 57.88
N ILE H 105 13.27 17.00 56.68
CA ILE H 105 12.52 17.73 55.67
C ILE H 105 11.09 17.99 56.14
N LEU H 106 10.46 16.98 56.74
CA LEU H 106 9.08 17.15 57.16
C LEU H 106 8.97 18.04 58.40
N ALA H 107 9.98 18.01 59.26
CA ALA H 107 9.97 18.83 60.48
C ALA H 107 10.14 20.31 60.17
N THR H 108 10.85 20.65 59.09
CA THR H 108 11.30 22.01 58.83
C THR H 108 10.52 22.74 57.76
N TYR H 109 9.98 22.05 56.77
CA TYR H 109 9.50 22.72 55.56
C TYR H 109 8.03 22.43 55.29
N GLU H 110 7.43 23.27 54.46
CA GLU H 110 6.01 23.25 54.17
C GLU H 110 5.66 22.83 52.76
N THR H 111 6.45 23.24 51.76
CA THR H 111 6.06 23.05 50.37
C THR H 111 7.24 22.49 49.57
N VAL H 112 6.90 21.98 48.38
CA VAL H 112 7.92 21.45 47.48
C VAL H 112 8.87 22.57 47.07
N ASP H 113 8.32 23.72 46.66
CA ASP H 113 9.14 24.84 46.23
C ASP H 113 10.13 25.26 47.31
N GLN H 114 9.72 25.16 48.56
CA GLN H 114 10.60 25.56 49.64
C GLN H 114 11.67 24.52 49.92
N VAL H 115 11.35 23.23 49.72
CA VAL H 115 12.37 22.19 49.76
C VAL H 115 13.35 22.35 48.60
N LYS H 116 12.84 22.68 47.41
CA LYS H 116 13.72 22.92 46.27
C LYS H 116 14.71 24.05 46.56
N GLU H 117 14.21 25.20 47.01
CA GLU H 117 15.08 26.34 47.28
C GLU H 117 16.12 26.04 48.35
N ASN H 118 15.83 25.10 49.25
CA ASN H 118 16.65 24.85 50.44
C ASN H 118 17.59 23.66 50.32
N LEU H 119 17.52 22.89 49.25
CA LEU H 119 18.45 21.78 49.09
C LEU H 119 19.75 22.18 48.41
N THR H 120 19.84 23.43 47.94
CA THR H 120 21.02 23.87 47.21
C THR H 120 22.30 23.82 48.05
N ASP H 121 22.17 23.89 49.37
CA ASP H 121 23.33 23.90 50.26
C ASP H 121 23.68 22.51 50.80
N VAL H 122 22.96 21.47 50.38
CA VAL H 122 22.84 20.24 51.17
C VAL H 122 23.79 19.17 50.66
N ASN H 123 24.35 18.40 51.60
CA ASN H 123 25.11 17.19 51.34
C ASN H 123 24.41 16.04 52.07
N ILE H 124 24.06 14.98 51.34
CA ILE H 124 23.56 13.76 51.97
C ILE H 124 24.76 12.97 52.45
N SER H 125 24.93 12.88 53.77
CA SER H 125 26.13 12.33 54.37
C SER H 125 26.05 10.82 54.54
N ASP H 126 27.22 10.21 54.74
CA ASP H 126 27.33 8.77 54.87
C ASP H 126 27.18 8.29 56.31
N VAL H 127 26.63 9.13 57.20
CA VAL H 127 26.44 8.72 58.58
C VAL H 127 25.36 7.65 58.65
N SER H 128 25.63 6.59 59.40
CA SER H 128 24.66 5.52 59.62
C SER H 128 24.10 5.63 61.03
N PHE H 129 23.20 4.70 61.37
CA PHE H 129 22.51 4.69 62.65
C PHE H 129 23.19 3.77 63.67
N SER H 130 23.95 2.77 63.22
CA SER H 130 24.64 1.85 64.13
C SER H 130 25.95 1.34 63.54
N ALA H 135 23.88 2.06 56.56
CA ALA H 135 23.03 3.10 55.97
C ALA H 135 22.56 2.66 54.58
N SER H 136 21.31 2.21 54.46
CA SER H 136 20.89 1.66 53.17
C SER H 136 20.68 2.77 52.14
N GLU H 137 20.82 2.40 50.88
CA GLU H 137 20.85 3.36 49.79
C GLU H 137 19.43 3.73 49.36
N LEU H 138 19.17 5.03 49.24
CA LEU H 138 17.81 5.52 49.02
C LEU H 138 17.83 6.70 48.08
N HIS H 139 16.69 6.94 47.45
CA HIS H 139 16.36 8.25 46.88
C HIS H 139 14.93 8.57 47.28
N TRP H 140 14.50 9.80 47.03
CA TRP H 140 13.25 10.27 47.64
C TRP H 140 12.34 10.96 46.64
N LEU H 141 11.05 10.68 46.76
CA LEU H 141 9.99 11.46 46.15
C LEU H 141 9.43 12.42 47.21
N VAL H 142 9.28 13.69 46.85
CA VAL H 142 8.72 14.73 47.73
C VAL H 142 7.54 15.37 47.01
N GLY H 143 6.35 15.33 47.63
CA GLY H 143 5.17 15.90 47.04
C GLY H 143 4.41 16.80 48.02
N ASP H 144 3.47 17.58 47.47
CA ASP H 144 2.70 18.50 48.30
C ASP H 144 1.34 18.75 47.66
N LYS H 145 0.58 19.67 48.28
CA LYS H 145 -0.81 19.90 47.90
C LYS H 145 -0.96 20.76 46.64
N THR H 146 0.12 21.32 46.11
CA THR H 146 0.02 21.94 44.79
C THR H 146 -0.15 20.91 43.67
N GLY H 147 0.01 19.63 43.98
CA GLY H 147 -0.07 18.60 42.96
C GLY H 147 1.23 18.33 42.22
N LYS H 148 2.33 18.92 42.66
CA LYS H 148 3.65 18.78 42.04
C LYS H 148 4.59 18.02 42.96
N SER H 149 5.67 17.50 42.39
CA SER H 149 6.60 16.68 43.15
C SER H 149 8.01 16.88 42.60
N ILE H 150 8.99 16.40 43.37
CA ILE H 150 10.40 16.42 42.99
C ILE H 150 11.02 15.08 43.36
N VAL H 151 12.13 14.77 42.71
CA VAL H 151 12.91 13.58 43.00
C VAL H 151 14.28 14.03 43.48
N VAL H 152 14.71 13.48 44.61
CA VAL H 152 15.99 13.83 45.23
C VAL H 152 16.88 12.60 45.18
N GLU H 153 18.03 12.74 44.53
CA GLU H 153 18.94 11.62 44.30
C GLU H 153 20.36 12.09 44.54
N SER H 154 21.08 11.35 45.37
CA SER H 154 22.51 11.54 45.59
C SER H 154 23.25 10.40 44.92
N ASP H 155 24.01 10.72 43.87
CA ASP H 155 24.74 9.69 43.15
C ASP H 155 26.21 10.04 43.04
N GLU H 156 26.94 9.34 42.17
CA GLU H 156 28.38 9.57 42.06
C GLU H 156 28.71 11.01 41.72
N LYS H 157 27.79 11.73 41.05
CA LYS H 157 28.02 13.10 40.65
C LYS H 157 27.47 14.13 41.63
N GLY H 158 27.04 13.70 42.82
CA GLY H 158 26.54 14.61 43.83
C GLY H 158 25.04 14.55 43.99
N LEU H 159 24.48 15.65 44.51
CA LEU H 159 23.07 15.75 44.84
C LEU H 159 22.31 16.41 43.71
N HIS H 160 21.21 15.79 43.28
CA HIS H 160 20.39 16.32 42.20
C HIS H 160 18.93 16.40 42.65
N VAL H 161 18.24 17.41 42.15
CA VAL H 161 16.84 17.62 42.43
C VAL H 161 16.15 17.86 41.10
N TYR H 162 15.16 17.01 40.78
CA TYR H 162 14.48 17.01 39.50
C TYR H 162 13.00 17.30 39.69
N ASP H 163 12.44 18.18 38.86
CA ASP H 163 10.99 18.25 38.76
C ASP H 163 10.45 16.91 38.26
N ASN H 164 9.35 16.44 38.82
CA ASN H 164 8.80 15.15 38.43
C ASN H 164 7.47 15.35 37.70
N PRO H 165 7.43 15.27 36.36
CA PRO H 165 6.19 15.57 35.65
C PRO H 165 5.13 14.47 35.71
N VAL H 166 5.45 13.30 36.26
CA VAL H 166 4.52 12.18 36.26
C VAL H 166 4.15 11.73 37.67
N ASN H 167 4.78 12.31 38.70
CA ASN H 167 4.35 12.15 40.09
C ASN H 167 4.47 10.71 40.58
N ALA H 168 5.50 10.00 40.12
CA ALA H 168 5.75 8.62 40.53
C ALA H 168 7.26 8.37 40.59
N LEU H 169 7.64 7.34 41.34
CA LEU H 169 9.04 6.97 41.47
C LEU H 169 9.14 5.49 41.84
N THR H 170 10.18 4.82 41.33
CA THR H 170 10.45 3.44 41.75
C THR H 170 11.92 3.38 42.19
N ASN H 171 12.73 2.51 41.60
CA ASN H 171 14.11 2.30 42.04
C ASN H 171 15.05 2.78 40.92
N ALA H 172 16.01 1.98 40.48
CA ALA H 172 16.94 2.33 39.42
C ALA H 172 16.24 2.28 38.06
N PRO H 173 16.81 2.93 37.05
CA PRO H 173 18.05 3.72 37.01
C PRO H 173 17.85 5.16 37.47
N LEU H 174 18.82 6.02 37.16
CA LEU H 174 18.73 7.42 37.53
C LEU H 174 17.48 8.04 36.92
N PHE H 175 16.91 9.02 37.64
CA PHE H 175 15.60 9.53 37.25
C PHE H 175 15.52 10.08 35.83
N PRO H 176 16.50 10.84 35.31
CA PRO H 176 16.39 11.28 33.90
C PRO H 176 16.29 10.11 32.93
N GLN H 177 16.96 8.98 33.22
CA GLN H 177 16.82 7.80 32.39
C GLN H 177 15.44 7.20 32.50
N GLN H 178 14.88 7.18 33.71
CA GLN H 178 13.51 6.69 33.87
C GLN H 178 12.56 7.50 33.00
N LEU H 179 12.73 8.83 32.98
CA LEU H 179 11.82 9.68 32.22
C LEU H 179 11.95 9.42 30.72
N THR H 180 13.18 9.30 30.24
CA THR H 180 13.38 9.07 28.82
C THR H 180 12.71 7.78 28.37
N ASN H 181 12.84 6.73 29.19
CA ASN H 181 12.25 5.44 28.86
C ASN H 181 10.72 5.54 28.66
N LEU H 182 10.05 6.48 29.35
CA LEU H 182 8.61 6.61 29.19
C LEU H 182 8.22 6.85 27.74
N ALA H 183 9.04 7.64 27.03
CA ALA H 183 8.72 7.99 25.64
C ALA H 183 8.71 6.78 24.73
N ASN H 184 9.38 5.69 25.12
CA ASN H 184 9.27 4.44 24.38
C ASN H 184 7.86 3.90 24.36
N TYR H 185 6.97 4.38 25.24
CA TYR H 185 5.60 3.86 25.35
C TYR H 185 4.57 4.87 24.85
N ALA H 186 5.00 5.84 24.03
CA ALA H 186 4.14 6.94 23.62
C ALA H 186 2.95 6.49 22.78
N ALA H 187 3.00 5.30 22.17
CA ALA H 187 1.89 4.79 21.37
C ALA H 187 0.84 4.03 22.19
N VAL H 188 1.08 3.78 23.47
CA VAL H 188 0.12 3.05 24.29
C VAL H 188 -1.13 3.91 24.51
N VAL H 189 -2.30 3.27 24.41
CA VAL H 189 -3.58 3.94 24.73
C VAL H 189 -4.47 2.96 25.49
N PRO H 190 -5.38 3.49 26.31
CA PRO H 190 -6.28 2.59 27.05
C PRO H 190 -7.29 1.88 26.19
N GLY H 191 -7.65 2.45 25.04
CA GLY H 191 -8.66 1.83 24.20
C GLY H 191 -8.07 1.08 23.02
N GLN H 192 -8.62 1.31 21.84
CA GLN H 192 -8.14 0.68 20.63
C GLN H 192 -7.43 1.70 19.76
N PRO H 193 -6.23 1.44 19.26
CA PRO H 193 -5.60 2.40 18.35
C PRO H 193 -6.28 2.36 17.01
N ASN H 194 -6.15 3.44 16.26
CA ASN H 194 -6.51 3.41 14.86
C ASN H 194 -5.45 2.62 14.11
N ASN H 195 -5.87 1.90 13.08
CA ASN H 195 -4.90 1.07 12.35
C ASN H 195 -4.18 1.92 11.31
N ASP H 196 -3.09 2.53 11.74
CA ASP H 196 -2.07 3.06 10.83
C ASP H 196 -0.86 2.14 10.74
N PHE H 197 -1.01 0.91 11.25
CA PHE H 197 0.05 -0.09 11.22
C PHE H 197 0.12 -0.77 9.86
N LEU H 198 -1.01 -1.29 9.39
CA LEU H 198 -1.13 -1.86 8.05
C LEU H 198 -2.34 -1.21 7.39
N PRO H 199 -2.20 0.03 6.93
CA PRO H 199 -3.32 0.71 6.25
C PRO H 199 -3.83 -0.11 5.08
N GLY H 200 -5.15 -0.12 4.91
CA GLY H 200 -5.79 -0.91 3.88
C GLY H 200 -6.07 -2.34 4.26
N VAL H 201 -5.68 -2.77 5.45
CA VAL H 201 -5.90 -4.13 5.93
C VAL H 201 -6.83 -4.06 7.13
N ASP H 202 -7.82 -4.95 7.18
CA ASP H 202 -8.77 -4.99 8.28
C ASP H 202 -8.22 -5.90 9.38
N LEU H 203 -7.73 -5.29 10.46
CA LEU H 203 -7.23 -6.07 11.58
C LEU H 203 -8.38 -6.29 12.57
N LYS H 204 -8.75 -7.54 12.77
CA LYS H 204 -9.78 -7.85 13.75
C LYS H 204 -9.24 -7.55 15.14
N MET H 205 -9.84 -6.55 15.79
CA MET H 205 -9.50 -6.20 17.15
C MET H 205 -10.17 -7.20 18.08
N TYR H 206 -9.49 -8.33 18.28
CA TYR H 206 -10.09 -9.50 18.91
C TYR H 206 -10.29 -9.34 20.42
N SER H 207 -9.66 -8.33 21.04
CA SER H 207 -9.76 -8.11 22.47
C SER H 207 -9.93 -6.63 22.71
N ARG H 208 -10.57 -6.28 23.83
CA ARG H 208 -10.58 -4.90 24.27
C ARG H 208 -9.17 -4.47 24.71
N SER H 209 -8.92 -3.17 24.61
CA SER H 209 -7.69 -2.57 25.13
C SER H 209 -6.43 -3.17 24.51
N LEU H 210 -6.48 -3.48 23.21
CA LEU H 210 -5.24 -3.81 22.52
C LEU H 210 -4.26 -2.64 22.55
N GLY H 211 -4.75 -1.43 22.79
CA GLY H 211 -3.88 -0.30 23.03
C GLY H 211 -2.87 -0.49 24.15
N THR H 212 -3.15 -1.39 25.10
CA THR H 212 -2.21 -1.63 26.19
C THR H 212 -1.43 -2.93 26.02
N HIS H 213 -1.43 -3.54 24.83
CA HIS H 213 -0.74 -4.83 24.69
C HIS H 213 0.75 -4.75 25.04
N HIS H 214 1.39 -3.60 24.85
CA HIS H 214 2.81 -3.46 25.17
C HIS H 214 3.07 -2.76 26.50
N LEU H 215 2.06 -2.62 27.33
CA LEU H 215 2.28 -2.02 28.65
C LEU H 215 3.06 -3.00 29.52
N PRO H 216 4.10 -2.54 30.24
CA PRO H 216 4.89 -3.48 31.05
C PRO H 216 4.14 -3.98 32.28
N GLY H 217 4.32 -5.27 32.57
CA GLY H 217 3.78 -5.90 33.77
C GLY H 217 4.81 -6.61 34.61
N GLY H 218 6.10 -6.38 34.32
CA GLY H 218 7.14 -7.00 35.11
C GLY H 218 7.24 -6.44 36.50
N MET H 219 8.01 -7.15 37.33
CA MET H 219 8.29 -6.73 38.69
C MET H 219 9.54 -5.86 38.78
N ASP H 220 10.27 -5.69 37.69
CA ASP H 220 11.47 -4.89 37.74
C ASP H 220 11.11 -3.41 37.85
N SER H 221 12.13 -2.61 38.17
CA SER H 221 11.95 -1.21 38.52
C SER H 221 11.40 -0.39 37.37
N GLU H 222 11.90 -0.62 36.14
CA GLU H 222 11.40 0.19 35.03
C GLU H 222 9.98 -0.19 34.66
N SER H 223 9.66 -1.49 34.67
CA SER H 223 8.31 -1.93 34.32
C SER H 223 7.28 -1.31 35.25
N ARG H 224 7.53 -1.40 36.56
CA ARG H 224 6.59 -0.83 37.53
C ARG H 224 6.47 0.68 37.35
N PHE H 225 7.60 1.37 37.09
CA PHE H 225 7.52 2.80 36.86
C PHE H 225 6.61 3.14 35.70
N VAL H 226 6.80 2.48 34.54
CA VAL H 226 5.99 2.82 33.37
C VAL H 226 4.51 2.55 33.64
N LYS H 227 4.20 1.39 34.19
CA LYS H 227 2.79 1.05 34.38
C LYS H 227 2.12 1.95 35.41
N VAL H 228 2.80 2.25 36.50
CA VAL H 228 2.16 3.08 37.53
C VAL H 228 1.93 4.51 37.01
N CYS H 229 2.88 5.04 36.21
CA CYS H 229 2.65 6.36 35.61
C CYS H 229 1.36 6.35 34.78
N PHE H 230 1.13 5.27 34.02
CA PHE H 230 -0.07 5.14 33.19
C PHE H 230 -1.32 5.00 34.07
N ALA H 231 -1.30 4.10 35.05
CA ALA H 231 -2.47 3.96 35.92
C ALA H 231 -2.78 5.26 36.65
N LEU H 232 -1.75 5.94 37.17
CA LEU H 232 -1.97 7.20 37.88
C LEU H 232 -2.58 8.27 36.96
N ASN H 233 -2.00 8.44 35.76
CA ASN H 233 -2.48 9.46 34.83
C ASN H 233 -3.94 9.26 34.43
N HIS H 234 -4.39 8.01 34.31
CA HIS H 234 -5.73 7.77 33.79
C HIS H 234 -6.76 7.51 34.88
N ALA H 235 -6.37 7.60 36.14
CA ALA H 235 -7.28 7.32 37.25
C ALA H 235 -8.36 8.39 37.34
N PRO H 236 -9.49 8.10 37.99
CA PRO H 236 -10.60 9.08 38.01
C PRO H 236 -10.24 10.32 38.81
N LYS H 237 -10.95 11.41 38.51
CA LYS H 237 -10.80 12.67 39.23
C LYS H 237 -12.14 13.12 39.82
N ASP H 238 -12.08 14.20 40.60
CA ASP H 238 -13.27 14.85 41.19
C ASP H 238 -14.06 13.91 42.08
N SER H 239 -13.37 13.18 42.96
CA SER H 239 -14.00 12.17 43.79
C SER H 239 -13.99 12.58 45.26
N ASP H 240 -14.99 12.08 46.00
CA ASP H 240 -15.06 12.25 47.44
C ASP H 240 -13.93 11.46 48.10
N GLU H 241 -13.86 11.53 49.44
CA GLU H 241 -12.72 10.99 50.17
C GLU H 241 -12.59 9.48 49.97
N VAL H 242 -13.67 8.73 50.22
CA VAL H 242 -13.57 7.27 50.22
C VAL H 242 -13.36 6.76 48.79
N GLU H 243 -14.05 7.37 47.82
CA GLU H 243 -13.84 7.03 46.41
C GLU H 243 -12.37 7.24 46.03
N SER H 244 -11.75 8.29 46.57
CA SER H 244 -10.37 8.63 46.23
C SER H 244 -9.40 7.60 46.80
N VAL H 245 -9.57 7.26 48.08
CA VAL H 245 -8.69 6.30 48.73
C VAL H 245 -8.80 4.95 48.04
N THR H 246 -10.02 4.58 47.63
CA THR H 246 -10.23 3.30 46.96
C THR H 246 -9.44 3.25 45.66
N ASN H 247 -9.60 4.27 44.81
CA ASN H 247 -8.85 4.31 43.56
C ASN H 247 -7.35 4.35 43.79
N PHE H 248 -6.90 5.00 44.87
CA PHE H 248 -5.47 5.08 45.16
C PHE H 248 -4.89 3.70 45.42
N PHE H 249 -5.60 2.87 46.20
CA PHE H 249 -5.10 1.53 46.45
C PHE H 249 -5.13 0.66 45.19
N HIS H 250 -6.11 0.84 44.32
CA HIS H 250 -6.15 0.09 43.07
C HIS H 250 -4.98 0.45 42.16
N ILE H 251 -4.61 1.73 42.10
CA ILE H 251 -3.43 2.14 41.32
C ILE H 251 -2.22 1.33 41.75
N LEU H 252 -1.96 1.27 43.06
CA LEU H 252 -0.76 0.58 43.53
C LEU H 252 -0.91 -0.94 43.49
N GLN H 253 -2.12 -1.48 43.56
CA GLN H 253 -2.21 -2.94 43.42
C GLN H 253 -1.90 -3.40 42.01
N SER H 254 -2.05 -2.52 41.02
CA SER H 254 -1.74 -2.89 39.64
C SER H 254 -0.24 -3.13 39.41
N VAL H 255 0.63 -2.65 40.31
CA VAL H 255 2.06 -2.90 40.24
C VAL H 255 2.54 -3.60 41.50
N GLU H 256 1.65 -4.36 42.14
CA GLU H 256 2.03 -5.11 43.31
C GLU H 256 2.86 -6.34 42.92
N GLN H 257 3.68 -6.79 43.86
CA GLN H 257 4.55 -7.96 43.69
C GLN H 257 3.97 -9.11 44.52
N VAL H 258 3.35 -10.05 43.81
CA VAL H 258 2.87 -11.27 44.44
C VAL H 258 4.07 -12.14 44.83
N LYS H 259 3.93 -12.86 45.94
CA LYS H 259 4.97 -13.81 46.35
C LYS H 259 5.20 -14.84 45.24
N GLY H 260 6.48 -15.02 44.88
CA GLY H 260 6.89 -15.96 43.85
C GLY H 260 7.32 -15.33 42.53
N MET H 261 6.90 -14.10 42.25
CA MET H 261 7.17 -13.45 40.97
C MET H 261 8.51 -12.71 40.91
N ASP H 262 9.09 -12.34 42.06
CA ASP H 262 10.34 -11.59 42.12
C ASP H 262 11.30 -12.33 43.06
N GLU H 263 12.14 -13.18 42.48
CA GLU H 263 13.09 -14.00 43.22
C GLU H 263 14.39 -13.24 43.44
N VAL H 264 14.77 -13.07 44.71
CA VAL H 264 16.00 -12.35 45.06
C VAL H 264 17.06 -13.25 45.70
N GLY H 265 16.73 -14.49 46.00
CA GLY H 265 17.67 -15.45 46.52
C GLY H 265 17.04 -16.82 46.43
N PRO H 266 17.77 -17.87 46.82
CA PRO H 266 17.21 -19.23 46.72
C PRO H 266 15.91 -19.36 47.49
N ASN H 267 14.79 -19.37 46.75
CA ASN H 267 13.45 -19.41 47.32
C ASN H 267 13.23 -18.29 48.34
N ILE H 268 13.74 -17.10 48.03
CA ILE H 268 13.52 -15.88 48.80
C ILE H 268 12.94 -14.84 47.85
N PHE H 269 11.81 -14.22 48.23
CA PHE H 269 11.07 -13.39 47.29
C PHE H 269 10.78 -12.01 47.84
N GLU H 270 10.98 -11.00 47.01
CA GLU H 270 10.55 -9.63 47.27
C GLU H 270 9.06 -9.53 46.97
N TYR H 271 8.26 -9.09 47.94
CA TYR H 271 6.82 -9.00 47.75
C TYR H 271 6.30 -7.72 48.40
N THR H 272 5.08 -7.32 48.04
CA THR H 272 4.54 -6.06 48.55
C THR H 272 4.11 -6.25 50.01
N MET H 273 4.87 -5.66 50.93
CA MET H 273 4.69 -5.93 52.34
C MET H 273 3.56 -5.08 52.91
N TYR H 274 3.47 -3.82 52.48
CA TYR H 274 2.39 -2.94 52.90
C TYR H 274 2.15 -1.87 51.85
N THR H 275 0.99 -1.21 51.95
CA THR H 275 0.62 -0.09 51.11
C THR H 275 0.07 1.05 51.95
N SER H 276 0.61 2.26 51.78
CA SER H 276 0.21 3.42 52.56
C SER H 276 -0.36 4.49 51.65
N CYS H 277 -1.40 5.17 52.14
CA CYS H 277 -2.05 6.24 51.40
C CYS H 277 -2.35 7.36 52.39
N MET H 278 -1.83 8.56 52.13
CA MET H 278 -1.83 9.63 53.13
C MET H 278 -2.47 10.88 52.55
N ASN H 279 -3.59 11.31 53.13
CA ASN H 279 -4.31 12.49 52.68
C ASN H 279 -3.58 13.74 53.19
N LEU H 280 -3.08 14.55 52.25
CA LEU H 280 -2.26 15.71 52.62
C LEU H 280 -3.12 16.79 53.29
N GLU H 281 -4.34 17.00 52.80
CA GLU H 281 -5.21 18.03 53.39
C GLU H 281 -5.66 17.68 54.80
N LYS H 282 -5.84 16.39 55.12
CA LYS H 282 -6.51 15.98 56.34
C LYS H 282 -5.62 15.23 57.32
N GLY H 283 -4.40 14.85 56.93
CA GLY H 283 -3.52 14.20 57.88
C GLY H 283 -3.91 12.80 58.28
N ILE H 284 -4.64 12.07 57.43
CA ILE H 284 -5.03 10.68 57.70
C ILE H 284 -4.14 9.74 56.91
N LEU H 285 -3.66 8.70 57.58
CA LEU H 285 -2.89 7.62 56.96
C LEU H 285 -3.78 6.39 56.84
N TYR H 286 -4.08 5.99 55.61
CA TYR H 286 -4.72 4.71 55.37
C TYR H 286 -3.67 3.70 54.93
N PHE H 287 -3.91 2.44 55.27
CA PHE H 287 -2.94 1.39 54.97
C PHE H 287 -3.61 0.02 54.94
N ASN H 288 -3.00 -0.90 54.19
CA ASN H 288 -3.22 -2.34 54.38
C ASN H 288 -1.88 -3.03 54.18
N CYS H 289 -1.87 -4.36 54.20
CA CYS H 289 -0.61 -5.11 54.09
C CYS H 289 -0.86 -6.39 53.31
N TYR H 290 0.19 -7.21 53.16
CA TYR H 290 0.04 -8.44 52.37
C TYR H 290 -0.98 -9.37 53.00
N ASP H 291 -0.98 -9.46 54.33
CA ASP H 291 -1.81 -10.44 55.01
C ASP H 291 -3.20 -9.94 55.35
N ASP H 292 -3.45 -8.63 55.27
CA ASP H 292 -4.77 -8.07 55.56
C ASP H 292 -5.14 -7.09 54.46
N SER H 293 -6.20 -7.38 53.71
CA SER H 293 -6.57 -6.47 52.62
C SER H 293 -7.56 -5.40 53.05
N ARG H 294 -8.17 -5.53 54.24
CA ARG H 294 -8.97 -4.44 54.78
C ARG H 294 -8.13 -3.20 55.04
N ILE H 295 -8.67 -2.04 54.69
CA ILE H 295 -7.99 -0.76 54.85
C ILE H 295 -8.21 -0.23 56.27
N SER H 296 -7.12 0.06 56.97
CA SER H 296 -7.13 0.68 58.29
C SER H 296 -6.70 2.14 58.19
N ALA H 297 -7.08 2.94 59.20
CA ALA H 297 -6.89 4.38 59.11
C ALA H 297 -6.51 4.96 60.47
N VAL H 298 -5.55 5.89 60.45
CA VAL H 298 -5.12 6.65 61.61
C VAL H 298 -5.21 8.13 61.26
N ASP H 299 -5.86 8.92 62.12
CA ASP H 299 -5.91 10.38 61.95
C ASP H 299 -4.86 11.00 62.86
N MET H 300 -3.98 11.80 62.27
CA MET H 300 -2.97 12.52 63.04
C MET H 300 -3.63 13.54 63.96
N ASN H 301 -4.64 14.25 63.46
CA ASN H 301 -5.27 15.34 64.19
C ASN H 301 -6.20 14.88 65.29
N LYS H 302 -6.49 13.58 65.37
CA LYS H 302 -7.16 13.04 66.55
C LYS H 302 -6.20 12.84 67.71
N GLU H 303 -5.00 13.44 67.68
CA GLU H 303 -4.02 13.25 68.72
C GLU H 303 -3.57 14.60 69.27
N ASP H 304 -2.85 14.54 70.40
CA ASP H 304 -2.30 15.74 71.03
C ASP H 304 -0.99 16.06 70.33
N LEU H 305 -1.08 16.97 69.34
CA LEU H 305 0.10 17.30 68.56
C LEU H 305 1.10 18.17 69.33
N SER H 306 0.68 18.76 70.44
CA SER H 306 1.61 19.52 71.29
C SER H 306 2.46 18.61 72.17
N SER H 307 2.24 17.30 72.16
CA SER H 307 2.92 16.39 73.08
C SER H 307 4.37 16.18 72.65
N SER H 308 5.03 15.19 73.26
CA SER H 308 6.42 14.91 72.92
C SER H 308 6.77 13.42 72.91
N ASP H 309 5.81 12.53 73.17
CA ASP H 309 6.05 11.11 73.02
C ASP H 309 5.68 10.68 71.60
N LEU H 310 6.34 9.62 71.13
CA LEU H 310 5.98 9.04 69.84
C LEU H 310 4.68 8.24 69.98
N ILE H 311 3.67 8.61 69.21
CA ILE H 311 2.39 7.90 69.19
C ILE H 311 2.46 6.81 68.11
N VAL H 312 2.32 5.55 68.53
CA VAL H 312 2.67 4.38 67.72
C VAL H 312 1.47 3.42 67.66
N PHE H 313 1.24 2.83 66.47
CA PHE H 313 0.20 1.82 66.30
C PHE H 313 0.71 0.70 65.39
N ASP H 314 0.01 -0.44 65.44
CA ASP H 314 0.40 -1.60 64.65
C ASP H 314 0.09 -1.37 63.17
N LEU H 315 1.00 -1.84 62.32
CA LEU H 315 0.86 -1.77 60.86
C LEU H 315 0.42 -3.11 60.28
N PHE H 316 1.17 -4.18 60.57
CA PHE H 316 0.89 -5.50 60.03
C PHE H 316 -0.19 -6.19 60.86
N LYS H 317 -1.22 -6.70 60.19
CA LYS H 317 -2.36 -7.33 60.84
C LYS H 317 -2.69 -8.65 60.14
N LYS H 318 -3.47 -9.48 60.82
CA LYS H 318 -3.97 -10.71 60.20
C LYS H 318 -5.18 -10.40 59.30
N GLN H 319 -5.47 -11.34 58.40
CA GLN H 319 -6.56 -11.14 57.44
C GLN H 319 -7.88 -10.97 58.17
N ASP H 320 -8.56 -9.84 57.92
CA ASP H 320 -9.77 -9.46 58.65
C ASP H 320 -11.01 -9.81 57.83
N ILE H 321 -11.38 -11.08 57.88
CA ILE H 321 -12.47 -11.60 57.07
C ILE H 321 -13.80 -11.31 57.76
N SER H 322 -14.74 -10.72 57.01
CA SER H 322 -16.11 -10.49 57.47
C SER H 322 -16.96 -11.71 57.10
N PHE H 323 -17.31 -12.54 58.09
CA PHE H 323 -18.06 -13.77 57.85
C PHE H 323 -19.55 -13.49 57.82
N ILE H 324 -20.20 -13.76 56.68
CA ILE H 324 -21.53 -13.23 56.44
C ILE H 324 -22.63 -14.12 57.06
N ASN H 325 -22.39 -15.41 57.25
CA ASN H 325 -23.46 -16.30 57.68
C ASN H 325 -23.03 -17.37 58.69
C4 WU5 I . 7.13 26.01 0.41
C14 WU5 I . 1.25 21.06 5.14
C5 WU5 I . 6.99 24.55 0.84
C6 WU5 I . 8.18 24.11 1.67
C11 WU5 I . 2.82 22.33 2.98
C7 WU5 I . 5.66 24.44 1.59
C8 WU5 I . 4.48 24.99 0.75
C9 WU5 I . 3.19 24.38 1.37
C10 WU5 I . 3.71 23.47 2.48
C12 WU5 I . 1.42 22.81 3.36
C13 WU5 I . 0.58 21.67 3.92
C3 WU5 I . 8.54 26.51 0.19
C1 WU5 I . 8.86 27.60 -2.00
C15 WU5 I . 1.20 22.02 6.34
C16 WU5 I . 1.85 21.45 7.59
C17 WU5 I . 3.27 21.02 7.30
C18 WU5 I . 3.32 20.02 6.14
C19 WU5 I . 2.68 20.54 4.83
C2 WU5 I . 8.43 27.74 -0.64
C20 WU5 I . 2.60 19.34 3.86
C21 WU5 I . 3.52 21.69 4.20
C22 WU5 I . 4.95 21.28 3.86
C23 WU5 I . 5.79 22.43 3.28
C24 WU5 I . 5.13 23.05 2.05
C25 WU5 I . 5.13 22.07 0.87
O1 WU5 I . 7.83 28.71 -0.27
O2 WU5 I . 1.84 22.44 8.64
C4 WU5 J . 12.67 -24.46 4.20
C14 WU5 J . 12.00 -30.87 -2.13
C5 WU5 J . 13.65 -25.31 3.38
C6 WU5 J . 14.51 -26.16 4.31
C11 WU5 J . 12.56 -28.33 -0.72
C7 WU5 J . 12.82 -26.13 2.38
C8 WU5 J . 11.98 -25.20 1.45
C9 WU5 J . 11.75 -25.98 0.15
C10 WU5 J . 12.29 -27.37 0.45
C12 WU5 J . 11.32 -28.51 -1.59
C13 WU5 J . 11.55 -29.52 -2.71
C3 WU5 J . 13.21 -23.84 5.47
C1 WU5 J . 13.29 -21.38 5.57
C15 WU5 J . 10.86 -31.54 -1.37
C16 WU5 J . 11.24 -32.91 -0.85
C17 WU5 J . 12.47 -32.82 0.02
C18 WU5 J . 13.61 -32.13 -0.72
C19 WU5 J . 13.29 -30.73 -1.28
C2 WU5 J . 12.50 -22.57 5.70
C20 WU5 J . 14.48 -30.28 -2.14
C21 WU5 J . 13.03 -29.69 -0.14
C22 WU5 J . 14.20 -29.52 0.83
C23 WU5 J . 13.89 -28.50 1.95
C24 WU5 J . 13.49 -27.13 1.39
C25 WU5 J . 14.66 -26.45 0.66
O1 WU5 J . 11.29 -22.51 5.84
O2 WU5 J . 10.14 -33.45 -0.07
C4 WU5 K . 19.07 35.31 -34.73
C14 WU5 K . 20.04 32.27 -43.19
C5 WU5 K . 18.18 35.02 -35.93
C6 WU5 K . 17.39 36.27 -36.30
C11 WU5 K . 19.43 32.56 -40.32
C7 WU5 K . 19.06 34.49 -37.07
C8 WU5 K . 19.97 33.33 -36.60
C9 WU5 K . 20.15 32.39 -37.81
C10 WU5 K . 19.67 33.23 -38.97
C12 WU5 K . 20.70 31.87 -40.81
C13 WU5 K . 20.49 31.23 -42.18
C3 WU5 K . 18.48 36.21 -33.66
C1 WU5 K . 18.46 35.40 -31.34
C15 WU5 K . 21.17 33.26 -43.51
C16 WU5 K . 20.77 34.29 -44.54
C17 WU5 K . 19.53 35.03 -44.07
C18 WU5 K . 18.38 34.06 -43.79
C19 WU5 K . 18.73 32.98 -42.74
C2 WU5 K . 19.22 35.99 -32.40
C20 WU5 K . 17.55 31.98 -42.69
C21 WU5 K . 18.96 33.61 -41.33
C22 WU5 K . 17.76 34.41 -40.81
C23 WU5 K . 18.01 35.02 -39.42
C24 WU5 K . 18.43 33.96 -38.40
C25 WU5 K . 17.27 33.00 -38.09
O1 WU5 K . 20.43 36.10 -32.33
O2 WU5 K . 21.86 35.22 -44.74
NI NI L . -9.33 7.92 -25.27
C4 WU5 M . 23.68 11.29 9.76
C14 WU5 M . 29.55 18.06 8.05
C5 WU5 M . 23.84 12.59 8.96
C6 WU5 M . 22.56 13.43 8.99
C11 WU5 M . 28.01 15.52 8.25
C7 WU5 M . 25.09 13.37 9.40
C8 WU5 M . 26.27 12.43 9.76
C9 WU5 M . 27.57 13.22 9.48
C10 WU5 M . 27.08 14.62 9.06
C12 WU5 M . 29.38 15.68 8.90
C13 WU5 M . 30.25 16.70 8.17
C3 WU5 M . 22.75 11.34 10.96
C1 WU5 M . 22.07 8.92 10.85
C15 WU5 M . 29.41 18.73 9.43
C16 WU5 M . 28.73 20.09 9.34
C17 WU5 M . 27.39 19.98 8.65
C18 WU5 M . 27.55 19.33 7.28
C19 WU5 M . 28.20 17.93 7.32
C2 WU5 M . 22.63 10.00 11.64
C20 WU5 M . 28.41 17.48 5.87
C21 WU5 M . 27.31 16.89 8.08
C22 WU5 M . 25.91 16.73 7.48
C23 WU5 M . 25.03 15.73 8.26
C24 WU5 M . 25.72 14.37 8.39
C25 WU5 M . 25.87 13.70 7.01
O1 WU5 M . 23.07 9.79 12.73
O2 WU5 M . 28.58 20.66 10.66
C4 WU5 N . -12.67 -24.41 -38.93
C14 WU5 N . -4.12 -21.92 -41.03
C5 WU5 N . -11.29 -24.20 -38.26
C6 WU5 N . -10.87 -25.45 -37.50
C11 WU5 N . -6.93 -22.05 -40.11
C7 WU5 N . -10.26 -23.76 -39.30
C8 WU5 N . -10.74 -22.56 -40.16
C9 WU5 N . -9.50 -21.74 -40.58
C10 WU5 N . -8.33 -22.64 -40.18
C12 WU5 N . -6.53 -21.34 -41.40
C13 WU5 N . -5.10 -20.80 -41.32
C3 WU5 N . -13.79 -25.00 -38.05
C1 WU5 N . -16.25 -25.85 -38.20
C15 WU5 N . -4.00 -22.88 -42.23
C16 WU5 N . -3.03 -24.00 -41.99
C17 WU5 N . -3.39 -24.76 -40.73
C18 WU5 N . -3.45 -23.80 -39.53
C19 WU5 N . -4.45 -22.65 -39.70
C2 WU5 N . -15.09 -25.14 -38.83
C20 WU5 N . -4.26 -21.69 -38.50
C21 WU5 N . -5.92 -23.16 -39.76
C22 WU5 N . -6.36 -23.95 -38.52
C23 WU5 N . -7.80 -24.48 -38.63
C24 WU5 N . -8.80 -23.34 -38.88
C25 WU5 N . -8.87 -22.39 -37.68
O1 WU5 N . -15.18 -24.70 -39.94
O2 WU5 N . -3.03 -24.91 -43.12
C4 WU5 O . -44.58 -12.69 -22.20
C14 WU5 O . -48.05 -6.87 -16.11
C5 WU5 O . -44.98 -11.21 -22.10
C6 WU5 O . -45.98 -10.84 -23.20
C11 WU5 O . -46.25 -8.48 -17.85
C7 WU5 O . -45.52 -10.92 -20.68
C8 WU5 O . -44.57 -11.48 -19.58
C9 WU5 O . -44.86 -10.67 -18.30
C10 WU5 O . -46.00 -9.73 -18.69
C12 WU5 O . -46.45 -8.81 -16.37
C13 WU5 O . -46.81 -7.57 -15.55
C3 WU5 O . -44.07 -13.18 -23.58
C1 WU5 O . -43.40 -15.24 -24.97
C15 WU5 O . -49.32 -7.70 -15.87
C16 WU5 O . -50.57 -7.05 -16.41
C17 WU5 O . -50.40 -6.70 -17.87
C18 WU5 O . -49.17 -5.83 -18.08
C19 WU5 O . -47.85 -6.46 -17.59
C2 WU5 O . -43.83 -14.68 -23.66
C20 WU5 O . -46.74 -5.41 -17.71
C21 WU5 O . -47.48 -7.74 -18.41
C22 WU5 O . -47.35 -7.48 -19.92
C23 WU5 O . -47.03 -8.76 -20.72
C24 WU5 O . -45.77 -9.46 -20.19
C25 WU5 O . -44.52 -8.60 -20.44
O1 WU5 O . -43.96 -15.38 -22.69
O2 WU5 O . -51.71 -7.91 -16.23
C4 WU5 P . -18.06 -11.39 31.26
C14 WU5 P . -26.41 -14.68 32.38
C5 WU5 P . -19.46 -10.85 31.60
C6 WU5 P . -19.87 -9.75 30.62
C11 WU5 P . -23.67 -13.63 32.77
C7 WU5 P . -20.42 -12.04 31.61
C8 WU5 P . -19.86 -13.24 32.40
C9 WU5 P . -21.08 -14.08 32.83
C10 WU5 P . -22.27 -13.38 32.20
C12 WU5 P . -23.99 -15.12 32.85
C13 WU5 P . -25.42 -15.36 33.30
C3 WU5 P . -17.07 -10.37 30.74
C1 WU5 P . -14.80 -10.20 31.72
C15 WU5 P . -26.43 -15.34 30.99
C16 WU5 P . -27.38 -14.67 30.02
C17 WU5 P . -27.08 -13.19 29.93
C18 WU5 P . -27.15 -12.53 31.31
C19 WU5 P . -26.16 -13.15 32.32
C2 WU5 P . -15.70 -10.93 30.87
C20 WU5 P . -26.43 -12.51 33.70
C21 WU5 P . -24.69 -12.90 31.87
C22 WU5 P . -24.34 -11.41 31.73
C23 WU5 P . -22.89 -11.18 31.27
C24 WU5 P . -21.88 -11.89 32.16
C25 WU5 P . -21.85 -11.26 33.57
O1 WU5 P . -15.39 -11.99 30.41
O2 WU5 P . -27.27 -15.28 28.72
NI NI Q . -16.80 2.89 69.09
C4 WU5 R . 13.24 -0.14 50.22
C14 WU5 R . 15.96 3.36 58.09
C5 WU5 R . 13.40 -0.64 51.66
C6 WU5 R . 14.37 -1.81 51.72
C11 WU5 R . 14.32 2.31 55.85
C7 WU5 R . 13.82 0.56 52.53
C8 WU5 R . 12.85 1.76 52.35
C9 WU5 R . 13.07 2.68 53.57
C10 WU5 R . 14.15 1.96 54.39
C12 WU5 R . 14.53 3.81 56.07
C13 WU5 R . 14.76 4.12 57.54
C3 WU5 R . 13.10 -1.23 49.16
C1 WU5 R . 11.32 -1.40 47.43
C15 WU5 R . 17.26 3.88 57.49
C16 WU5 R . 18.49 3.16 58.01
C17 WU5 R . 18.34 1.68 57.76
C18 WU5 R . 17.08 1.14 58.42
C19 WU5 R . 15.79 1.82 57.93
C2 WU5 R . 12.48 -0.69 47.91
C20 WU5 R . 14.63 1.30 58.82
C21 WU5 R . 15.51 1.50 56.43
C22 WU5 R . 15.32 0.00 56.14
C23 WU5 R . 15.11 -0.30 54.66
C24 WU5 R . 13.92 0.46 54.08
C25 WU5 R . 12.60 -0.06 54.66
O1 WU5 R . 12.85 0.33 47.39
O2 WU5 R . 19.67 3.67 57.36
#